data_3UKL
#
_entry.id   3UKL
#
_cell.length_a   71.440
_cell.length_b   129.200
_cell.length_c   172.820
_cell.angle_alpha   90.07
_cell.angle_beta   84.22
_cell.angle_gamma   82.24
#
_symmetry.space_group_name_H-M   'P 1'
#
loop_
_entity.id
_entity.type
_entity.pdbx_description
1 polymer 'UDP-galactopyranose mutase'
2 non-polymer "URIDINE-5'-DIPHOSPHATE"
3 non-polymer 'FLAVIN-ADENINE DINUCLEOTIDE'
4 non-polymer 'CHLORIDE ION'
5 water water
#
_entity_poly.entity_id   1
_entity_poly.type   'polypeptide(L)'
_entity_poly.pdbx_seq_one_letter_code
;THPDISVDVLVIGAGPTGLGAAKRLNQIDGPSWMIVDSNETPGGLASTDVTPEGFLYDVGGHVIFSHYKYFDDCLDEALP
KEDDWYTHQRISYVRCQGQWVPYPFQNNISMLPKEEQVKCIDGMIDAALEARVANTKPKTFDEWIVRMMGTGIADLFMRP
YNFKVWAVPTTKMQCAWLGERVAAPNLKAVTTNVILGKTAGNWGPNATFRFPARGGTGGIWIAVANTLPKEKTRFGEKGK
VTKVNANNKTVTLQDGTTIGYKKLVSTMAVDFLAEAMNDQELVGLTKQLFYSSTHVIGVGVRGSRPERIGDKCWLYFPED
NCPFYRATIFSNYSPYNQPEASKKLPTMQLADGSRPQSTEAKEGPYWSIMLEVSESSMKPVNQETILADCIQGLVNTEML
KPTDEIVSTYHRRFDHGYPTPTLEREGALTQILPKLQDKDIWSRGRFGSWRYEVGNQDHSFMLGVEAVDNIVNGAVELTL
NYPDFVNGRQNTERRLVDGAQVFAKSKAQL
;
_entity_poly.pdbx_strand_id   A,B,C,D,E,F,G,H
#
# COMPACT_ATOMS: atom_id res chain seq x y z
N THR A 1 23.71 65.40 30.11
CA THR A 1 22.84 64.72 31.06
C THR A 1 23.15 63.21 31.12
N HIS A 2 23.62 62.76 32.27
CA HIS A 2 24.00 61.36 32.45
C HIS A 2 22.82 60.41 32.33
N PRO A 3 23.07 59.21 31.78
CA PRO A 3 22.06 58.16 31.70
C PRO A 3 21.86 57.50 33.05
N ASP A 4 20.75 56.80 33.24
CA ASP A 4 20.50 56.10 34.49
C ASP A 4 21.60 55.07 34.76
N ILE A 5 21.97 54.31 33.74
CA ILE A 5 23.01 53.31 33.86
C ILE A 5 24.09 53.50 32.80
N SER A 6 25.35 53.24 33.18
CA SER A 6 26.46 53.29 32.23
C SER A 6 27.32 52.02 32.31
N VAL A 7 27.39 51.29 31.20
CA VAL A 7 28.25 50.12 31.12
C VAL A 7 29.21 50.26 29.96
N ASP A 8 30.31 49.51 30.00
CA ASP A 8 31.27 49.51 28.90
C ASP A 8 30.68 48.80 27.69
N VAL A 9 30.13 47.62 27.90
CA VAL A 9 29.55 46.83 26.85
C VAL A 9 28.10 46.49 27.20
N LEU A 10 27.17 46.84 26.31
CA LEU A 10 25.77 46.55 26.52
C LEU A 10 25.31 45.46 25.57
N VAL A 11 24.64 44.44 26.10
CA VAL A 11 24.11 43.35 25.29
C VAL A 11 22.60 43.38 25.24
N ILE A 12 22.05 43.59 24.04
CA ILE A 12 20.60 43.56 23.85
C ILE A 12 20.18 42.18 23.37
N GLY A 13 19.32 41.53 24.14
CA GLY A 13 18.82 40.22 23.77
C GLY A 13 19.46 39.09 24.55
N ALA A 14 18.63 38.17 25.04
CA ALA A 14 19.12 37.07 25.86
C ALA A 14 18.77 35.73 25.24
N GLY A 15 18.85 35.68 23.91
CA GLY A 15 18.83 34.42 23.21
C GLY A 15 20.21 33.82 23.32
N PRO A 16 20.48 32.73 22.59
CA PRO A 16 21.82 32.14 22.65
C PRO A 16 22.92 33.15 22.28
N THR A 17 22.68 33.98 21.27
CA THR A 17 23.71 34.94 20.86
C THR A 17 24.07 35.91 21.98
N GLY A 18 23.05 36.51 22.57
CA GLY A 18 23.24 37.43 23.69
C GLY A 18 23.91 36.74 24.87
N LEU A 19 23.40 35.57 25.22
CA LEU A 19 23.92 34.82 26.36
C LEU A 19 25.40 34.48 26.14
N GLY A 20 25.75 34.15 24.92
CA GLY A 20 27.13 33.91 24.57
C GLY A 20 27.95 35.14 24.85
N ALA A 21 27.49 36.28 24.34
CA ALA A 21 28.15 37.56 24.61
C ALA A 21 28.34 37.77 26.11
N ALA A 22 27.27 37.54 26.88
CA ALA A 22 27.33 37.72 28.33
C ALA A 22 28.33 36.77 28.98
N LYS A 23 28.26 35.49 28.60
CA LYS A 23 29.13 34.48 29.21
C LYS A 23 30.62 34.78 29.08
N ARG A 24 31.03 35.31 27.93
CA ARG A 24 32.44 35.68 27.76
C ARG A 24 32.74 37.01 28.45
N LEU A 25 31.77 37.92 28.44
CA LEU A 25 31.91 39.17 29.18
C LEU A 25 32.11 38.86 30.66
N ASN A 26 31.37 37.87 31.13
CA ASN A 26 31.44 37.46 32.52
C ASN A 26 32.72 36.69 32.83
N GLN A 27 33.19 35.91 31.87
CA GLN A 27 34.44 35.16 32.04
C GLN A 27 35.64 36.10 32.10
N ILE A 28 35.71 37.02 31.15
CA ILE A 28 36.81 37.98 31.08
C ILE A 28 36.79 38.87 32.30
N ASP A 29 35.59 39.16 32.79
CA ASP A 29 35.39 39.98 33.96
C ASP A 29 36.31 41.21 33.96
N GLY A 30 36.29 41.93 32.85
CA GLY A 30 37.08 43.14 32.71
C GLY A 30 36.18 44.35 32.59
N PRO A 31 35.81 44.70 31.36
CA PRO A 31 34.89 45.81 31.15
C PRO A 31 33.57 45.57 31.86
N SER A 32 32.87 46.64 32.23
CA SER A 32 31.55 46.51 32.82
C SER A 32 30.56 46.18 31.71
N TRP A 33 29.51 45.46 32.06
CA TRP A 33 28.57 45.00 31.05
C TRP A 33 27.19 44.79 31.64
N MET A 34 26.21 44.54 30.77
CA MET A 34 24.84 44.36 31.19
C MET A 34 24.06 43.73 30.05
N ILE A 35 23.14 42.84 30.38
CA ILE A 35 22.32 42.20 29.36
C ILE A 35 20.84 42.43 29.59
N VAL A 36 20.12 42.89 28.57
CA VAL A 36 18.70 43.11 28.70
C VAL A 36 17.91 42.25 27.71
N ASP A 37 16.65 41.97 28.05
CA ASP A 37 15.75 41.26 27.15
C ASP A 37 14.30 41.53 27.53
N SER A 38 13.45 41.67 26.52
CA SER A 38 12.04 41.99 26.73
C SER A 38 11.29 40.82 27.32
N ASN A 39 11.93 39.66 27.33
CA ASN A 39 11.32 38.44 27.83
C ASN A 39 11.84 38.12 29.22
N GLU A 40 10.94 37.80 30.14
CA GLU A 40 11.33 37.44 31.50
C GLU A 40 12.19 36.19 31.51
N THR A 41 12.01 35.35 30.49
CA THR A 41 12.71 34.08 30.39
C THR A 41 13.69 34.08 29.23
N PRO A 42 14.99 33.96 29.54
CA PRO A 42 16.04 33.97 28.52
C PRO A 42 15.95 32.73 27.63
N GLY A 43 16.47 32.80 26.41
CA GLY A 43 16.42 31.67 25.51
C GLY A 43 16.07 32.03 24.08
N GLY A 44 15.28 33.09 23.91
CA GLY A 44 14.88 33.52 22.58
C GLY A 44 14.19 32.42 21.79
N LEU A 45 14.58 32.30 20.51
CA LEU A 45 13.99 31.29 19.64
C LEU A 45 14.31 29.88 20.12
N ALA A 46 15.27 29.77 21.03
CA ALA A 46 15.67 28.47 21.55
C ALA A 46 14.94 28.14 22.86
N SER A 47 13.79 28.78 23.07
CA SER A 47 13.01 28.56 24.29
C SER A 47 12.00 27.44 24.07
N THR A 48 11.41 26.97 25.17
CA THR A 48 10.38 25.94 25.11
C THR A 48 9.05 26.41 25.69
N ASP A 49 7.97 26.15 24.97
CA ASP A 49 6.63 26.46 25.47
C ASP A 49 5.96 25.21 26.03
N VAL A 50 4.90 25.41 26.80
CA VAL A 50 4.13 24.29 27.32
C VAL A 50 2.65 24.55 27.08
N THR A 51 1.93 23.52 26.64
CA THR A 51 0.48 23.62 26.51
C THR A 51 -0.11 23.45 27.89
N PRO A 52 -1.35 23.92 28.07
CA PRO A 52 -2.05 23.73 29.35
C PRO A 52 -2.20 22.25 29.70
N GLU A 53 -2.01 21.36 28.73
CA GLU A 53 -2.14 19.93 28.97
C GLU A 53 -0.83 19.29 29.42
N GLY A 54 0.25 20.06 29.41
CA GLY A 54 1.53 19.59 29.87
C GLY A 54 2.45 19.08 28.79
N PHE A 55 2.18 19.50 27.55
CA PHE A 55 3.00 19.12 26.40
C PHE A 55 4.00 20.22 26.03
N LEU A 56 5.28 19.90 26.12
CA LEU A 56 6.35 20.84 25.77
C LEU A 56 6.56 20.93 24.26
N TYR A 57 6.96 22.11 23.80
CA TYR A 57 7.33 22.29 22.40
C TYR A 57 8.44 23.32 22.25
N ASP A 58 9.54 22.89 21.64
CA ASP A 58 10.60 23.80 21.24
C ASP A 58 10.08 24.62 20.07
N VAL A 59 10.80 25.69 19.72
CA VAL A 59 10.41 26.49 18.57
C VAL A 59 10.80 25.83 17.24
N GLY A 60 10.28 24.63 17.00
CA GLY A 60 10.49 23.95 15.74
C GLY A 60 11.18 22.60 15.89
N GLY A 61 11.63 22.29 17.09
CA GLY A 61 12.37 21.06 17.32
C GLY A 61 13.85 21.25 17.08
N HIS A 62 14.58 21.55 18.15
CA HIS A 62 15.98 21.94 18.05
C HIS A 62 16.95 20.83 18.42
N VAL A 63 17.85 20.54 17.50
CA VAL A 63 18.85 19.52 17.72
C VAL A 63 20.25 20.14 17.67
N ILE A 64 20.98 19.98 18.76
CA ILE A 64 22.32 20.55 18.88
C ILE A 64 23.41 19.66 18.27
N PHE A 65 24.20 20.23 17.36
CA PHE A 65 25.53 19.69 17.07
C PHE A 65 26.56 20.81 17.24
N SER A 66 27.54 20.57 18.12
CA SER A 66 28.48 21.61 18.51
C SER A 66 29.74 21.64 17.65
N HIS A 67 30.07 22.81 17.12
CA HIS A 67 31.30 23.01 16.39
C HIS A 67 32.37 23.62 17.31
N TYR A 68 31.98 23.97 18.53
CA TYR A 68 32.88 24.71 19.40
C TYR A 68 33.02 24.10 20.79
N LYS A 69 34.25 23.98 21.26
CA LYS A 69 34.49 23.45 22.60
C LYS A 69 33.96 24.43 23.63
N TYR A 70 33.99 25.72 23.29
CA TYR A 70 33.48 26.76 24.17
C TYR A 70 32.00 26.56 24.49
N PHE A 71 31.22 26.34 23.44
CA PHE A 71 29.79 26.03 23.56
C PHE A 71 29.59 24.81 24.47
N ASP A 72 30.39 23.77 24.25
CA ASP A 72 30.30 22.58 25.09
C ASP A 72 30.52 22.92 26.56
N ASP A 73 31.53 23.75 26.83
CA ASP A 73 31.91 24.10 28.19
C ASP A 73 30.75 24.72 28.95
N CYS A 74 30.05 25.63 28.30
CA CYS A 74 28.97 26.35 28.96
C CYS A 74 27.77 25.45 29.22
N LEU A 75 27.51 24.52 28.30
CA LEU A 75 26.42 23.57 28.51
C LEU A 75 26.75 22.62 29.65
N ASP A 76 27.99 22.14 29.69
CA ASP A 76 28.41 21.27 30.78
C ASP A 76 28.28 21.99 32.12
N GLU A 77 28.61 23.28 32.12
CA GLU A 77 28.50 24.08 33.34
C GLU A 77 27.04 24.23 33.76
N ALA A 78 26.17 24.51 32.81
CA ALA A 78 24.76 24.77 33.11
C ALA A 78 24.01 23.50 33.52
N LEU A 79 24.25 22.42 32.80
CA LEU A 79 23.64 21.13 33.10
C LEU A 79 24.72 20.07 33.27
N PRO A 80 25.40 20.07 34.42
CA PRO A 80 26.59 19.27 34.67
C PRO A 80 26.28 17.81 35.01
N LYS A 81 25.06 17.53 35.45
CA LYS A 81 24.70 16.17 35.85
C LYS A 81 24.56 15.25 34.64
N GLU A 82 25.02 14.00 34.80
CA GLU A 82 24.92 13.02 33.73
C GLU A 82 23.48 12.87 33.29
N ASP A 83 22.57 12.84 34.26
CA ASP A 83 21.16 12.60 33.98
C ASP A 83 20.40 13.89 33.64
N ASP A 84 21.12 14.95 33.33
CA ASP A 84 20.49 16.16 32.81
C ASP A 84 20.28 16.02 31.31
N TRP A 85 20.90 15.00 30.74
CA TRP A 85 20.89 14.84 29.29
C TRP A 85 20.54 13.44 28.84
N TYR A 86 19.91 13.36 27.68
CA TYR A 86 19.72 12.11 26.97
C TYR A 86 20.56 12.16 25.71
N THR A 87 21.11 11.03 25.31
CA THR A 87 21.89 10.96 24.08
C THR A 87 21.13 10.14 23.05
N HIS A 88 21.07 10.63 21.82
CA HIS A 88 20.30 9.96 20.78
C HIS A 88 21.08 9.79 19.50
N GLN A 89 20.56 8.95 18.62
CA GLN A 89 21.10 8.77 17.28
C GLN A 89 20.09 9.29 16.28
N ARG A 90 20.54 10.07 15.30
CA ARG A 90 19.64 10.63 14.30
C ARG A 90 18.96 9.58 13.43
N ILE A 91 17.67 9.39 13.62
CA ILE A 91 16.87 8.57 12.72
C ILE A 91 16.04 9.52 11.87
N SER A 92 16.50 9.77 10.65
CA SER A 92 15.85 10.77 9.80
C SER A 92 15.42 10.21 8.46
N TYR A 93 14.23 10.59 8.03
CA TYR A 93 13.68 10.08 6.79
C TYR A 93 12.99 11.19 5.98
N VAL A 94 12.80 10.92 4.70
CA VAL A 94 12.06 11.82 3.82
C VAL A 94 10.85 11.07 3.30
N ARG A 95 9.68 11.69 3.39
CA ARG A 95 8.45 11.06 2.96
C ARG A 95 8.28 11.22 1.45
N CYS A 96 8.53 10.15 0.71
CA CYS A 96 8.36 10.20 -0.74
C CYS A 96 7.57 9.01 -1.27
N GLN A 97 6.43 9.30 -1.90
CA GLN A 97 5.58 8.28 -2.48
C GLN A 97 5.36 7.08 -1.55
N GLY A 98 4.59 7.31 -0.49
CA GLY A 98 4.19 6.26 0.41
C GLY A 98 5.30 5.60 1.21
N GLN A 99 6.55 5.94 0.89
CA GLN A 99 7.69 5.32 1.55
C GLN A 99 8.53 6.33 2.33
N TRP A 100 9.29 5.83 3.31
CA TRP A 100 10.24 6.64 4.07
C TRP A 100 11.63 6.45 3.48
N VAL A 101 12.19 7.50 2.89
CA VAL A 101 13.54 7.45 2.34
C VAL A 101 14.54 8.02 3.33
N PRO A 102 15.53 7.21 3.74
CA PRO A 102 16.51 7.62 4.74
C PRO A 102 17.23 8.90 4.34
N TYR A 103 17.51 9.76 5.31
CA TYR A 103 18.25 11.00 5.09
C TYR A 103 19.75 10.69 4.97
N PRO A 104 20.43 11.35 4.02
CA PRO A 104 19.84 12.31 3.08
C PRO A 104 19.19 11.63 1.88
N PHE A 105 18.15 12.25 1.34
CA PHE A 105 17.41 11.72 0.21
C PHE A 105 18.31 11.38 -0.98
N GLN A 106 19.13 12.35 -1.40
CA GLN A 106 19.97 12.20 -2.58
C GLN A 106 20.96 11.05 -2.48
N ASN A 107 21.15 10.53 -1.27
CA ASN A 107 22.10 9.45 -1.06
C ASN A 107 21.43 8.07 -0.95
N ASN A 108 20.10 8.06 -0.99
CA ASN A 108 19.35 6.83 -0.78
C ASN A 108 18.32 6.57 -1.87
N ILE A 109 18.68 6.86 -3.11
CA ILE A 109 17.78 6.66 -4.24
C ILE A 109 17.24 5.23 -4.27
N SER A 110 18.02 4.29 -3.74
CA SER A 110 17.65 2.88 -3.70
C SER A 110 16.26 2.60 -3.11
N MET A 111 15.81 3.47 -2.21
CA MET A 111 14.53 3.26 -1.53
C MET A 111 13.34 3.79 -2.34
N LEU A 112 13.63 4.32 -3.52
CA LEU A 112 12.57 4.86 -4.37
C LEU A 112 11.98 3.77 -5.27
N PRO A 113 10.82 4.04 -5.85
CA PRO A 113 10.25 3.20 -6.92
C PRO A 113 11.22 3.11 -8.09
N LYS A 114 11.13 2.05 -8.89
CA LYS A 114 12.08 1.84 -9.98
C LYS A 114 12.02 2.94 -11.04
N GLU A 115 10.81 3.28 -11.46
CA GLU A 115 10.63 4.31 -12.48
C GLU A 115 11.32 5.62 -12.06
N GLU A 116 11.26 5.93 -10.77
CA GLU A 116 11.87 7.14 -10.23
C GLU A 116 13.38 7.01 -10.10
N GLN A 117 13.85 5.82 -9.78
CA GLN A 117 15.28 5.55 -9.71
C GLN A 117 15.95 5.89 -11.04
N VAL A 118 15.32 5.47 -12.12
CA VAL A 118 15.83 5.74 -13.46
C VAL A 118 15.97 7.23 -13.71
N LYS A 119 14.88 7.98 -13.50
CA LYS A 119 14.89 9.42 -13.66
C LYS A 119 16.07 10.05 -12.92
N CYS A 120 16.32 9.60 -11.69
CA CYS A 120 17.36 10.18 -10.84
C CYS A 120 18.76 9.77 -11.29
N ILE A 121 18.97 8.47 -11.49
CA ILE A 121 20.29 8.01 -11.91
C ILE A 121 20.66 8.62 -13.26
N ASP A 122 19.66 8.92 -14.08
CA ASP A 122 19.89 9.61 -15.34
C ASP A 122 20.43 11.01 -15.10
N GLY A 123 19.71 11.79 -14.31
CA GLY A 123 20.10 13.15 -13.99
C GLY A 123 21.51 13.22 -13.45
N MET A 124 21.86 12.29 -12.56
CA MET A 124 23.16 12.30 -11.92
C MET A 124 24.27 11.96 -12.90
N ILE A 125 23.97 11.05 -13.83
CA ILE A 125 24.93 10.73 -14.86
C ILE A 125 25.21 11.96 -15.71
N ASP A 126 24.15 12.61 -16.17
CA ASP A 126 24.28 13.86 -16.91
C ASP A 126 25.14 14.86 -16.15
N ALA A 127 24.79 15.08 -14.88
CA ALA A 127 25.48 16.06 -14.06
C ALA A 127 26.94 15.68 -13.80
N ALA A 128 27.19 14.39 -13.58
CA ALA A 128 28.55 13.92 -13.35
C ALA A 128 29.44 14.18 -14.57
N LEU A 129 28.86 14.05 -15.76
CA LEU A 129 29.59 14.28 -16.99
C LEU A 129 29.84 15.77 -17.23
N GLU A 130 28.82 16.59 -17.01
CA GLU A 130 28.95 18.04 -17.13
C GLU A 130 29.94 18.58 -16.11
N ALA A 131 29.92 18.01 -14.92
CA ALA A 131 30.79 18.42 -13.83
C ALA A 131 32.25 18.16 -14.18
N ARG A 132 32.50 17.03 -14.83
CA ARG A 132 33.85 16.62 -15.21
C ARG A 132 34.54 17.69 -16.06
N VAL A 133 33.74 18.64 -16.54
CA VAL A 133 34.20 19.57 -17.55
C VAL A 133 33.92 21.02 -17.16
N ALA A 134 32.97 21.22 -16.25
CA ALA A 134 32.57 22.55 -15.81
C ALA A 134 33.76 23.37 -15.32
N ASN A 135 33.73 24.67 -15.59
CA ASN A 135 34.78 25.57 -15.12
C ASN A 135 34.23 26.85 -14.49
N THR A 136 32.92 27.06 -14.65
CA THR A 136 32.26 28.20 -14.03
C THR A 136 31.66 27.80 -12.69
N LYS A 137 31.07 28.77 -12.00
CA LYS A 137 30.40 28.48 -10.74
C LYS A 137 28.90 28.70 -10.87
N PRO A 138 28.12 27.98 -10.06
CA PRO A 138 26.66 28.11 -10.00
C PRO A 138 26.27 29.51 -9.52
N LYS A 139 25.31 30.12 -10.20
CA LYS A 139 24.87 31.46 -9.85
C LYS A 139 23.79 31.42 -8.78
N THR A 140 23.03 30.33 -8.73
CA THR A 140 21.94 30.22 -7.78
C THR A 140 21.93 28.88 -7.06
N PHE A 141 21.14 28.80 -5.99
CA PHE A 141 20.93 27.55 -5.27
C PHE A 141 20.44 26.51 -6.27
N ASP A 142 19.49 26.89 -7.10
CA ASP A 142 18.92 25.98 -8.08
C ASP A 142 20.00 25.37 -8.97
N GLU A 143 20.78 26.22 -9.65
CA GLU A 143 21.87 25.74 -10.50
C GLU A 143 22.74 24.76 -9.74
N TRP A 144 23.10 25.11 -8.52
CA TRP A 144 23.93 24.24 -7.68
C TRP A 144 23.28 22.87 -7.59
N ILE A 145 21.99 22.85 -7.28
CA ILE A 145 21.26 21.61 -7.12
C ILE A 145 21.36 20.75 -8.36
N VAL A 146 21.00 21.33 -9.50
CA VAL A 146 21.09 20.64 -10.77
C VAL A 146 22.49 20.10 -11.02
N ARG A 147 23.49 20.98 -10.95
CA ARG A 147 24.88 20.60 -11.17
C ARG A 147 25.30 19.43 -10.30
N MET A 148 24.82 19.42 -9.06
CA MET A 148 25.28 18.46 -8.08
C MET A 148 24.43 17.19 -8.01
N MET A 149 23.19 17.28 -8.47
CA MET A 149 22.24 16.18 -8.28
C MET A 149 21.47 15.77 -9.53
N GLY A 150 21.46 16.63 -10.54
CA GLY A 150 20.74 16.34 -11.77
C GLY A 150 19.26 16.67 -11.67
N THR A 151 18.61 16.78 -12.83
CA THR A 151 17.22 17.22 -12.90
C THR A 151 16.27 16.26 -12.20
N GLY A 152 16.60 14.98 -12.24
CA GLY A 152 15.77 13.96 -11.62
C GLY A 152 15.51 14.24 -10.16
N ILE A 153 16.57 14.27 -9.38
CA ILE A 153 16.48 14.52 -7.95
C ILE A 153 16.01 15.95 -7.66
N ALA A 154 16.31 16.87 -8.56
CA ALA A 154 15.90 18.26 -8.39
C ALA A 154 14.38 18.38 -8.41
N ASP A 155 13.75 17.79 -9.42
CA ASP A 155 12.29 17.87 -9.58
C ASP A 155 11.56 17.02 -8.57
N LEU A 156 12.20 15.95 -8.12
CA LEU A 156 11.54 15.01 -7.23
C LEU A 156 11.57 15.47 -5.78
N PHE A 157 12.71 15.99 -5.33
CA PHE A 157 12.88 16.36 -3.93
C PHE A 157 13.36 17.80 -3.71
N MET A 158 14.57 18.10 -4.18
CA MET A 158 15.20 19.39 -3.88
C MET A 158 14.34 20.63 -4.14
N ARG A 159 13.84 20.76 -5.36
CA ARG A 159 13.07 21.95 -5.73
C ARG A 159 11.77 22.13 -4.94
N PRO A 160 10.94 21.08 -4.84
CA PRO A 160 9.68 21.23 -4.11
C PRO A 160 9.91 21.42 -2.62
N TYR A 161 10.78 20.61 -2.03
CA TYR A 161 11.03 20.73 -0.59
C TYR A 161 11.61 22.09 -0.20
N ASN A 162 12.61 22.56 -0.93
CA ASN A 162 13.26 23.81 -0.57
C ASN A 162 12.36 25.03 -0.64
N PHE A 163 11.36 24.99 -1.51
CA PHE A 163 10.36 26.05 -1.51
C PHE A 163 9.48 25.91 -0.28
N LYS A 164 9.17 24.66 0.06
CA LYS A 164 8.26 24.37 1.15
C LYS A 164 8.82 24.85 2.49
N VAL A 165 10.14 24.95 2.57
CA VAL A 165 10.79 25.36 3.80
C VAL A 165 11.23 26.83 3.77
N TRP A 166 11.88 27.24 2.70
CA TRP A 166 12.40 28.60 2.60
C TRP A 166 11.36 29.61 2.18
N ALA A 167 10.22 29.13 1.70
CA ALA A 167 9.14 29.99 1.23
C ALA A 167 9.56 30.86 0.05
N VAL A 168 10.63 30.44 -0.63
CA VAL A 168 11.05 31.07 -1.88
C VAL A 168 11.63 30.02 -2.82
N PRO A 169 11.48 30.23 -4.13
CA PRO A 169 11.98 29.31 -5.16
C PRO A 169 13.49 29.16 -5.07
N THR A 170 14.00 27.97 -5.38
CA THR A 170 15.43 27.71 -5.31
C THR A 170 16.23 28.61 -6.26
N THR A 171 15.53 29.25 -7.19
CA THR A 171 16.21 30.11 -8.16
C THR A 171 16.51 31.47 -7.57
N LYS A 172 15.87 31.76 -6.44
CA LYS A 172 15.98 33.06 -5.80
C LYS A 172 17.04 33.08 -4.70
N MET A 173 17.63 31.93 -4.43
CA MET A 173 18.59 31.81 -3.34
C MET A 173 20.03 31.67 -3.84
N GLN A 174 20.97 32.04 -2.98
CA GLN A 174 22.39 31.97 -3.28
C GLN A 174 22.92 30.55 -3.03
N CYS A 175 24.12 30.24 -3.54
CA CYS A 175 24.65 28.89 -3.47
C CYS A 175 25.76 28.69 -2.43
N ALA A 176 26.22 29.79 -1.81
CA ALA A 176 27.41 29.75 -0.96
C ALA A 176 27.17 29.26 0.45
N TRP A 177 25.90 29.23 0.83
CA TRP A 177 25.53 29.00 2.21
C TRP A 177 25.53 27.53 2.63
N LEU A 178 25.53 26.63 1.64
CA LEU A 178 25.17 25.23 1.90
C LEU A 178 26.35 24.26 2.07
N GLY A 179 27.50 24.75 2.50
CA GLY A 179 28.65 23.90 2.73
C GLY A 179 28.35 22.61 3.48
N GLU A 180 27.76 22.73 4.66
CA GLU A 180 27.49 21.56 5.51
C GLU A 180 26.01 21.28 5.68
N ARG A 181 25.19 21.86 4.81
CA ARG A 181 23.74 21.71 4.89
C ARG A 181 23.23 20.68 3.88
N VAL A 182 23.70 20.80 2.65
CA VAL A 182 23.26 19.93 1.57
C VAL A 182 24.39 19.01 1.12
N ALA A 183 24.08 17.72 1.02
CA ALA A 183 25.05 16.71 0.63
C ALA A 183 25.19 16.62 -0.88
N ALA A 184 26.43 16.63 -1.36
CA ALA A 184 26.69 16.41 -2.79
C ALA A 184 26.92 14.92 -3.07
N PRO A 185 25.94 14.27 -3.72
CA PRO A 185 25.92 12.82 -3.90
C PRO A 185 26.95 12.32 -4.92
N ASN A 186 27.66 11.26 -4.54
CA ASN A 186 28.63 10.62 -5.43
C ASN A 186 27.94 9.59 -6.32
N LEU A 187 28.10 9.75 -7.63
CA LEU A 187 27.40 8.92 -8.61
C LEU A 187 27.59 7.42 -8.37
N LYS A 188 28.84 7.00 -8.20
CA LYS A 188 29.16 5.59 -8.05
C LYS A 188 28.53 4.99 -6.79
N ALA A 189 28.68 5.69 -5.67
CA ALA A 189 28.10 5.24 -4.41
C ALA A 189 26.58 5.13 -4.49
N VAL A 190 25.94 6.09 -5.15
CA VAL A 190 24.49 6.06 -5.33
C VAL A 190 24.01 4.86 -6.14
N THR A 191 24.58 4.67 -7.34
CA THR A 191 24.16 3.56 -8.19
C THR A 191 24.52 2.22 -7.55
N THR A 192 25.65 2.19 -6.84
CA THR A 192 26.06 0.97 -6.16
C THR A 192 25.00 0.57 -5.13
N ASN A 193 24.42 1.56 -4.46
CA ASN A 193 23.35 1.29 -3.50
C ASN A 193 22.03 0.94 -4.17
N VAL A 194 21.77 1.51 -5.33
CA VAL A 194 20.58 1.14 -6.10
C VAL A 194 20.64 -0.32 -6.53
N ILE A 195 21.83 -0.74 -6.95
CA ILE A 195 22.06 -2.12 -7.35
C ILE A 195 21.91 -3.08 -6.18
N LEU A 196 22.58 -2.78 -5.07
CA LEU A 196 22.58 -3.65 -3.90
C LEU A 196 21.31 -3.54 -3.08
N GLY A 197 20.75 -2.34 -2.99
CA GLY A 197 19.59 -2.09 -2.15
C GLY A 197 20.00 -1.71 -0.74
N LYS A 198 21.16 -1.07 -0.62
CA LYS A 198 21.69 -0.63 0.67
C LYS A 198 21.36 0.83 0.95
N THR A 199 21.62 1.26 2.18
CA THR A 199 21.34 2.62 2.60
C THR A 199 22.62 3.37 3.00
N ALA A 200 22.50 4.68 3.15
CA ALA A 200 23.63 5.51 3.55
C ALA A 200 23.13 6.81 4.21
N GLY A 201 22.78 6.71 5.49
CA GLY A 201 22.24 7.85 6.22
C GLY A 201 23.11 8.31 7.37
N ASN A 202 24.42 8.37 7.13
CA ASN A 202 25.38 8.83 8.14
C ASN A 202 25.89 10.22 7.85
N TRP A 203 25.60 10.73 6.65
CA TRP A 203 26.08 12.04 6.24
C TRP A 203 25.46 13.16 7.09
N GLY A 204 26.29 14.12 7.49
CA GLY A 204 25.82 15.25 8.26
C GLY A 204 26.37 15.28 9.67
N PRO A 205 26.35 16.46 10.30
CA PRO A 205 26.79 16.62 11.70
C PRO A 205 25.79 16.03 12.70
N ASN A 206 24.63 15.60 12.22
CA ASN A 206 23.54 15.16 13.09
C ASN A 206 23.65 13.72 13.62
N ALA A 207 24.69 13.00 13.19
CA ALA A 207 24.88 11.60 13.54
C ALA A 207 24.33 11.22 14.92
N THR A 208 24.99 11.71 15.97
CA THR A 208 24.56 11.48 17.34
C THR A 208 24.47 12.81 18.08
N PHE A 209 23.41 13.01 18.86
CA PHE A 209 23.20 14.28 19.56
C PHE A 209 22.63 14.10 20.97
N ARG A 210 22.82 15.11 21.81
CA ARG A 210 22.26 15.08 23.15
C ARG A 210 21.17 16.13 23.33
N PHE A 211 20.15 15.78 24.11
CA PHE A 211 19.00 16.63 24.31
C PHE A 211 18.72 16.72 25.81
N PRO A 212 18.30 17.90 26.30
CA PRO A 212 18.09 18.11 27.73
C PRO A 212 16.98 17.21 28.27
N ALA A 213 17.22 16.56 29.40
CA ALA A 213 16.22 15.69 30.00
C ALA A 213 14.96 16.45 30.38
N ARG A 214 15.12 17.70 30.81
CA ARG A 214 14.00 18.49 31.28
C ARG A 214 13.95 19.91 30.71
N GLY A 215 12.73 20.38 30.45
CA GLY A 215 12.48 21.75 30.06
C GLY A 215 12.77 22.06 28.61
N GLY A 216 12.87 21.03 27.77
CA GLY A 216 13.16 21.22 26.36
C GLY A 216 14.49 21.94 26.20
N THR A 217 14.85 22.31 24.99
CA THR A 217 16.13 23.00 24.80
C THR A 217 16.12 24.29 25.59
N GLY A 218 14.94 24.85 25.83
CA GLY A 218 14.79 26.08 26.56
C GLY A 218 15.45 26.02 27.93
N GLY A 219 15.43 24.82 28.53
CA GLY A 219 16.01 24.60 29.83
C GLY A 219 17.47 24.98 29.84
N ILE A 220 18.18 24.58 28.79
CA ILE A 220 19.60 24.87 28.66
C ILE A 220 19.86 26.34 28.90
N TRP A 221 19.15 27.19 28.16
CA TRP A 221 19.43 28.61 28.17
C TRP A 221 19.02 29.28 29.48
N ILE A 222 18.03 28.71 30.14
CA ILE A 222 17.69 29.16 31.48
C ILE A 222 18.86 28.85 32.41
N ALA A 223 19.38 27.64 32.31
CA ALA A 223 20.50 27.20 33.14
C ALA A 223 21.77 28.02 32.87
N VAL A 224 22.10 28.20 31.60
CA VAL A 224 23.24 29.04 31.25
C VAL A 224 23.07 30.45 31.83
N ALA A 225 21.90 31.03 31.61
CA ALA A 225 21.62 32.38 32.11
C ALA A 225 21.78 32.48 33.63
N ASN A 226 21.45 31.41 34.34
CA ASN A 226 21.55 31.42 35.79
C ASN A 226 22.99 31.51 36.32
N THR A 227 23.96 31.21 35.45
CA THR A 227 25.38 31.30 35.85
C THR A 227 25.87 32.75 35.78
N LEU A 228 25.02 33.62 35.24
CA LEU A 228 25.33 35.05 35.19
C LEU A 228 24.98 35.72 36.52
N PRO A 229 25.68 36.80 36.86
CA PRO A 229 25.36 37.61 38.04
C PRO A 229 24.03 38.34 37.85
N LYS A 230 23.06 38.04 38.71
CA LYS A 230 21.68 38.50 38.50
C LYS A 230 21.57 40.01 38.34
N GLU A 231 22.41 40.75 39.04
CA GLU A 231 22.34 42.20 39.01
C GLU A 231 22.81 42.79 37.69
N LYS A 232 23.39 41.96 36.84
CA LYS A 232 23.86 42.42 35.54
C LYS A 232 22.87 42.07 34.43
N THR A 233 21.77 41.43 34.81
CA THR A 233 20.70 41.12 33.87
C THR A 233 19.46 41.94 34.13
N ARG A 234 18.66 42.14 33.09
CA ARG A 234 17.42 42.88 33.20
C ARG A 234 16.41 42.28 32.23
N PHE A 235 15.68 41.26 32.69
CA PHE A 235 14.78 40.51 31.81
C PHE A 235 13.31 40.78 32.11
N GLY A 236 12.53 40.97 31.05
CA GLY A 236 11.11 41.26 31.17
C GLY A 236 10.75 42.60 30.55
N GLU A 237 9.56 43.10 30.86
CA GLU A 237 9.12 44.37 30.32
C GLU A 237 10.10 45.48 30.69
N LYS A 238 10.78 45.29 31.82
CA LYS A 238 11.76 46.26 32.30
C LYS A 238 13.02 46.26 31.45
N GLY A 239 13.17 45.24 30.60
CA GLY A 239 14.34 45.10 29.78
C GLY A 239 14.09 45.23 28.29
N LYS A 240 12.90 45.68 27.93
CA LYS A 240 12.57 45.89 26.52
C LYS A 240 13.18 47.18 25.98
N VAL A 241 14.01 47.05 24.95
CA VAL A 241 14.59 48.21 24.30
C VAL A 241 13.59 48.83 23.35
N THR A 242 13.46 50.15 23.40
CA THR A 242 12.55 50.87 22.52
C THR A 242 13.30 51.86 21.65
N LYS A 243 14.44 52.34 22.14
CA LYS A 243 15.23 53.31 21.39
C LYS A 243 16.73 53.04 21.44
N VAL A 244 17.38 53.22 20.29
CA VAL A 244 18.84 53.17 20.20
C VAL A 244 19.37 54.46 19.60
N ASN A 245 20.07 55.24 20.41
CA ASN A 245 20.67 56.47 19.94
C ASN A 245 22.16 56.27 19.66
N ALA A 246 22.47 55.88 18.43
CA ALA A 246 23.84 55.54 18.06
C ALA A 246 24.76 56.73 18.18
N ASN A 247 24.22 57.93 18.02
CA ASN A 247 25.03 59.14 18.00
C ASN A 247 25.62 59.51 19.35
N ASN A 248 24.85 59.32 20.42
CA ASN A 248 25.37 59.51 21.76
C ASN A 248 25.33 58.22 22.57
N LYS A 249 25.32 57.10 21.86
CA LYS A 249 25.46 55.77 22.48
C LYS A 249 24.63 55.63 23.75
N THR A 250 23.32 55.79 23.61
CA THR A 250 22.42 55.59 24.75
C THR A 250 21.19 54.81 24.30
N VAL A 251 20.90 53.74 25.01
CA VAL A 251 19.71 52.94 24.75
C VAL A 251 18.60 53.37 25.70
N THR A 252 17.37 53.35 25.20
CA THR A 252 16.22 53.66 26.04
C THR A 252 15.28 52.46 26.14
N LEU A 253 14.83 52.18 27.36
CA LEU A 253 13.96 51.04 27.61
C LEU A 253 12.50 51.46 27.70
N GLN A 254 11.61 50.47 27.63
CA GLN A 254 10.18 50.71 27.69
C GLN A 254 9.80 51.55 28.91
N ASP A 255 10.45 51.30 30.03
CA ASP A 255 10.10 51.99 31.27
C ASP A 255 10.84 53.31 31.45
N GLY A 256 11.42 53.81 30.36
CA GLY A 256 12.04 55.13 30.37
C GLY A 256 13.50 55.13 30.78
N THR A 257 13.97 54.02 31.32
CA THR A 257 15.38 53.88 31.72
C THR A 257 16.33 54.11 30.54
N THR A 258 17.42 54.81 30.80
CA THR A 258 18.42 55.03 29.76
C THR A 258 19.71 54.34 30.17
N ILE A 259 20.36 53.72 29.19
CA ILE A 259 21.62 53.03 29.41
C ILE A 259 22.69 53.58 28.47
N GLY A 260 23.82 53.97 29.03
CA GLY A 260 24.94 54.44 28.24
C GLY A 260 25.93 53.31 28.01
N TYR A 261 26.43 53.20 26.79
CA TYR A 261 27.37 52.15 26.45
C TYR A 261 28.55 52.71 25.67
N LYS A 262 29.66 52.00 25.73
CA LYS A 262 30.81 52.32 24.88
C LYS A 262 30.77 51.42 23.65
N LYS A 263 30.31 50.18 23.84
CA LYS A 263 30.17 49.24 22.74
C LYS A 263 28.84 48.54 22.91
N LEU A 264 28.10 48.43 21.81
CA LEU A 264 26.80 47.76 21.83
C LEU A 264 26.81 46.44 21.06
N VAL A 265 26.34 45.38 21.71
CA VAL A 265 26.14 44.11 21.05
C VAL A 265 24.64 43.89 20.93
N SER A 266 24.11 44.07 19.73
CA SER A 266 22.68 43.95 19.50
C SER A 266 22.33 42.65 18.80
N THR A 267 21.50 41.83 19.44
CA THR A 267 21.12 40.56 18.86
C THR A 267 19.67 40.52 18.45
N MET A 268 19.03 41.68 18.40
CA MET A 268 17.67 41.75 17.87
C MET A 268 17.76 41.74 16.36
N ALA A 269 16.65 41.44 15.69
CA ALA A 269 16.65 41.41 14.24
C ALA A 269 17.18 42.73 13.72
N VAL A 270 18.09 42.68 12.77
CA VAL A 270 18.79 43.90 12.34
C VAL A 270 17.86 44.92 11.69
N ASP A 271 16.74 44.46 11.14
CA ASP A 271 15.78 45.40 10.60
C ASP A 271 15.08 46.18 11.72
N PHE A 272 14.76 45.48 12.81
CA PHE A 272 14.18 46.12 13.98
C PHE A 272 15.15 47.12 14.59
N LEU A 273 16.43 46.79 14.55
CA LEU A 273 17.46 47.65 15.10
C LEU A 273 17.53 48.95 14.33
N ALA A 274 17.60 48.87 13.01
CA ALA A 274 17.64 50.05 12.17
C ALA A 274 16.44 50.92 12.47
N GLU A 275 15.29 50.30 12.65
CA GLU A 275 14.08 51.02 13.00
C GLU A 275 14.27 51.73 14.34
N ALA A 276 14.79 51.00 15.32
CA ALA A 276 14.99 51.54 16.66
C ALA A 276 16.05 52.64 16.69
N MET A 277 16.84 52.72 15.63
CA MET A 277 17.87 53.75 15.53
C MET A 277 17.31 54.97 14.81
N ASN A 278 16.13 54.81 14.22
CA ASN A 278 15.59 55.82 13.32
C ASN A 278 16.63 56.22 12.29
N ASP A 279 17.49 55.28 11.93
CA ASP A 279 18.49 55.49 10.88
C ASP A 279 17.90 55.12 9.53
N GLN A 280 17.48 56.13 8.78
CA GLN A 280 16.77 55.90 7.52
C GLN A 280 17.57 55.04 6.54
N GLU A 281 18.84 55.35 6.38
CA GLU A 281 19.70 54.63 5.45
C GLU A 281 19.74 53.13 5.77
N LEU A 282 19.97 52.80 7.03
CA LEU A 282 20.00 51.40 7.45
C LEU A 282 18.66 50.74 7.27
N VAL A 283 17.59 51.46 7.59
CA VAL A 283 16.26 50.93 7.39
C VAL A 283 16.10 50.50 5.93
N GLY A 284 16.50 51.38 5.03
CA GLY A 284 16.42 51.10 3.60
C GLY A 284 17.26 49.90 3.19
N LEU A 285 18.45 49.80 3.74
CA LEU A 285 19.33 48.67 3.49
C LEU A 285 18.73 47.37 4.04
N THR A 286 18.29 47.38 5.29
CA THR A 286 17.72 46.19 5.91
C THR A 286 16.50 45.67 5.15
N LYS A 287 15.74 46.57 4.55
CA LYS A 287 14.55 46.17 3.79
C LYS A 287 14.92 45.38 2.53
N GLN A 288 16.20 45.40 2.16
CA GLN A 288 16.66 44.59 1.05
C GLN A 288 16.82 43.13 1.48
N LEU A 289 16.85 42.89 2.80
CA LEU A 289 16.91 41.54 3.33
C LEU A 289 15.55 40.87 3.20
N PHE A 290 15.54 39.55 3.31
CA PHE A 290 14.31 38.78 3.18
C PHE A 290 14.28 37.67 4.24
N TYR A 291 13.11 37.42 4.81
CA TYR A 291 12.99 36.35 5.79
C TYR A 291 11.66 35.62 5.65
N SER A 292 11.58 34.44 6.24
CA SER A 292 10.33 33.70 6.27
C SER A 292 9.85 33.58 7.72
N SER A 293 8.53 33.59 7.90
CA SER A 293 7.95 33.35 9.22
C SER A 293 7.75 31.86 9.41
N THR A 294 7.77 31.41 10.66
CA THR A 294 7.60 29.99 10.93
C THR A 294 6.40 29.74 11.81
N HIS A 295 5.53 28.83 11.38
CA HIS A 295 4.44 28.34 12.22
C HIS A 295 4.88 27.06 12.90
N VAL A 296 4.86 27.05 14.23
CA VAL A 296 5.14 25.80 14.94
C VAL A 296 3.86 25.16 15.43
N ILE A 297 3.62 23.91 15.03
CA ILE A 297 2.41 23.21 15.43
C ILE A 297 2.74 22.01 16.32
N GLY A 298 2.06 21.93 17.47
CA GLY A 298 2.26 20.84 18.40
C GLY A 298 1.01 20.00 18.56
N VAL A 299 1.15 18.69 18.44
CA VAL A 299 0.02 17.79 18.57
C VAL A 299 0.30 16.71 19.60
N GLY A 300 -0.43 16.75 20.70
CA GLY A 300 -0.34 15.71 21.71
C GLY A 300 -1.34 14.62 21.38
N VAL A 301 -0.91 13.37 21.47
CA VAL A 301 -1.78 12.28 21.11
C VAL A 301 -1.70 11.11 22.10
N ARG A 302 -2.86 10.55 22.43
CA ARG A 302 -2.94 9.48 23.40
C ARG A 302 -2.56 8.11 22.82
N GLY A 303 -1.78 7.36 23.59
CA GLY A 303 -1.43 6.00 23.21
C GLY A 303 0.06 5.71 23.33
N SER A 304 0.40 4.43 23.36
CA SER A 304 1.79 4.03 23.30
C SER A 304 2.34 4.48 21.96
N ARG A 305 3.64 4.74 21.92
CA ARG A 305 4.27 5.16 20.67
C ARG A 305 4.04 4.10 19.60
N PRO A 306 3.26 4.45 18.57
CA PRO A 306 2.94 3.51 17.47
C PRO A 306 4.21 2.92 16.86
N GLU A 307 4.18 1.63 16.57
CA GLU A 307 5.34 0.96 16.00
C GLU A 307 5.68 1.55 14.63
N ARG A 308 4.66 2.01 13.92
CA ARG A 308 4.85 2.65 12.62
C ARG A 308 5.73 3.89 12.75
N ILE A 309 5.59 4.61 13.87
CA ILE A 309 6.42 5.77 14.17
C ILE A 309 7.84 5.35 14.54
N GLY A 310 7.95 4.37 15.43
CA GLY A 310 9.24 3.88 15.86
C GLY A 310 10.08 4.95 16.55
N ASP A 311 11.39 4.86 16.39
CA ASP A 311 12.30 5.83 17.00
C ASP A 311 12.73 6.93 16.02
N LYS A 312 11.87 7.23 15.06
CA LYS A 312 12.11 8.33 14.13
C LYS A 312 12.25 9.64 14.90
N CYS A 313 13.24 10.44 14.53
CA CYS A 313 13.46 11.73 15.17
C CYS A 313 12.78 12.87 14.43
N TRP A 314 13.30 13.22 13.25
CA TRP A 314 12.63 14.22 12.42
C TRP A 314 12.47 13.76 10.97
N LEU A 315 11.40 14.20 10.34
CA LEU A 315 10.98 13.70 9.04
C LEU A 315 10.73 14.85 8.06
N TYR A 316 11.17 14.67 6.82
CA TYR A 316 11.03 15.70 5.79
C TYR A 316 9.89 15.40 4.81
N PHE A 317 9.08 16.40 4.52
CA PHE A 317 7.91 16.20 3.67
C PHE A 317 7.91 17.13 2.45
N PRO A 318 8.49 16.67 1.34
CA PRO A 318 8.56 17.45 0.11
C PRO A 318 7.26 17.45 -0.70
N GLU A 319 6.44 16.39 -0.55
CA GLU A 319 5.20 16.27 -1.31
C GLU A 319 4.16 17.27 -0.85
N ASP A 320 3.06 17.39 -1.60
CA ASP A 320 2.08 18.44 -1.34
C ASP A 320 0.83 17.95 -0.63
N ASN A 321 0.89 16.79 0.01
CA ASN A 321 -0.25 16.27 0.77
C ASN A 321 -0.26 16.75 2.22
N CYS A 322 0.63 17.68 2.55
CA CYS A 322 0.72 18.23 3.89
C CYS A 322 1.42 19.59 3.84
N PRO A 323 0.96 20.55 4.66
CA PRO A 323 1.48 21.92 4.61
C PRO A 323 2.84 22.06 5.26
N PHE A 324 3.20 21.14 6.14
CA PHE A 324 4.47 21.22 6.86
C PHE A 324 5.65 20.62 6.09
N TYR A 325 6.82 21.21 6.27
CA TYR A 325 8.04 20.70 5.63
C TYR A 325 8.80 19.70 6.51
N ARG A 326 8.55 19.76 7.81
CA ARG A 326 9.23 18.87 8.74
C ARG A 326 8.36 18.53 9.94
N ALA A 327 8.50 17.30 10.43
CA ALA A 327 7.81 16.86 11.63
C ALA A 327 8.82 16.24 12.57
N THR A 328 8.63 16.43 13.87
CA THR A 328 9.49 15.82 14.86
C THR A 328 8.67 15.00 15.83
N ILE A 329 9.09 13.77 16.09
CA ILE A 329 8.47 12.98 17.14
C ILE A 329 9.10 13.43 18.45
N PHE A 330 8.67 14.59 18.92
CA PHE A 330 9.30 15.26 20.06
C PHE A 330 9.22 14.44 21.33
N SER A 331 8.21 13.58 21.40
CA SER A 331 8.05 12.67 22.52
C SER A 331 9.20 11.68 22.63
N ASN A 332 9.96 11.53 21.55
CA ASN A 332 11.10 10.63 21.56
C ASN A 332 12.35 11.22 22.23
N TYR A 333 12.43 12.54 22.27
CA TYR A 333 13.64 13.21 22.76
C TYR A 333 13.80 13.08 24.27
N SER A 334 12.68 13.19 24.98
CA SER A 334 12.68 13.03 26.42
C SER A 334 11.31 12.65 26.91
N PRO A 335 11.25 11.73 27.88
CA PRO A 335 9.97 11.31 28.46
C PRO A 335 9.28 12.46 29.18
N TYR A 336 9.99 13.54 29.45
CA TYR A 336 9.42 14.68 30.17
C TYR A 336 8.95 15.81 29.27
N ASN A 337 8.83 15.54 27.96
CA ASN A 337 8.28 16.51 27.03
C ASN A 337 6.75 16.41 26.94
N GLN A 338 6.20 15.39 27.61
CA GLN A 338 4.77 15.18 27.65
C GLN A 338 4.42 14.56 29.00
N PRO A 339 3.14 14.60 29.39
CA PRO A 339 2.74 14.11 30.71
C PRO A 339 3.02 12.62 30.89
N GLU A 340 3.11 12.19 32.14
CA GLU A 340 3.28 10.77 32.46
C GLU A 340 2.02 10.01 32.09
N ALA A 341 2.12 8.69 32.02
CA ALA A 341 0.98 7.85 31.67
C ALA A 341 -0.18 8.02 32.66
N SER A 342 0.15 8.24 33.93
CA SER A 342 -0.87 8.31 34.98
C SER A 342 -1.75 9.56 34.88
N LYS A 343 -1.27 10.59 34.20
CA LYS A 343 -2.04 11.82 34.06
C LYS A 343 -3.27 11.59 33.21
N LYS A 344 -4.40 12.10 33.66
CA LYS A 344 -5.66 11.92 32.94
C LYS A 344 -6.02 13.17 32.13
N LEU A 345 -6.29 12.96 30.84
CA LEU A 345 -6.66 14.04 29.94
C LEU A 345 -7.82 13.66 29.05
N PRO A 346 -8.74 14.60 28.80
CA PRO A 346 -9.85 14.35 27.88
C PRO A 346 -9.38 14.47 26.44
N THR A 347 -9.96 13.68 25.56
CA THR A 347 -9.64 13.77 24.13
C THR A 347 -10.35 14.96 23.51
N MET A 348 -9.60 15.80 22.81
CA MET A 348 -10.18 17.00 22.22
C MET A 348 -10.83 16.69 20.89
N GLN A 349 -10.16 15.89 20.08
CA GLN A 349 -10.65 15.51 18.76
C GLN A 349 -9.90 14.29 18.25
N LEU A 350 -10.44 13.67 17.20
CA LEU A 350 -9.74 12.58 16.54
C LEU A 350 -8.92 13.15 15.40
N ALA A 351 -7.96 12.38 14.90
CA ALA A 351 -7.07 12.88 13.86
C ALA A 351 -7.85 13.25 12.59
N ASP A 352 -9.01 12.64 12.41
CA ASP A 352 -9.83 12.90 11.23
C ASP A 352 -10.67 14.15 11.40
N GLY A 353 -10.60 14.76 12.59
CA GLY A 353 -11.30 16.00 12.85
C GLY A 353 -12.66 15.83 13.49
N SER A 354 -13.06 14.59 13.75
CA SER A 354 -14.35 14.33 14.34
C SER A 354 -14.31 14.43 15.87
N ARG A 355 -15.49 14.55 16.48
CA ARG A 355 -15.59 14.53 17.93
C ARG A 355 -15.22 13.15 18.43
N PRO A 356 -14.64 13.08 19.64
CA PRO A 356 -14.30 11.79 20.25
C PRO A 356 -15.55 11.11 20.80
N GLN A 357 -15.54 9.79 20.87
CA GLN A 357 -16.68 9.05 21.36
C GLN A 357 -16.80 9.21 22.86
N SER A 358 -15.72 9.65 23.49
CA SER A 358 -15.71 9.88 24.92
C SER A 358 -14.95 11.16 25.28
N THR A 359 -15.57 12.01 26.09
CA THR A 359 -14.95 13.27 26.50
C THR A 359 -14.48 13.21 27.94
N GLU A 360 -14.47 12.00 28.50
CA GLU A 360 -13.99 11.84 29.87
C GLU A 360 -12.47 11.80 29.86
N ALA A 361 -11.87 12.28 30.94
CA ALA A 361 -10.42 12.27 31.07
C ALA A 361 -9.91 10.87 31.33
N LYS A 362 -9.19 10.30 30.36
CA LYS A 362 -8.61 8.98 30.51
C LYS A 362 -7.11 9.09 30.73
N GLU A 363 -6.47 7.97 30.99
CA GLU A 363 -5.03 7.95 31.19
C GLU A 363 -4.26 7.89 29.87
N GLY A 364 -2.94 7.95 29.98
CA GLY A 364 -2.07 7.85 28.83
C GLY A 364 -1.71 6.40 28.55
N PRO A 365 -0.45 6.15 28.16
CA PRO A 365 0.60 7.16 28.01
C PRO A 365 0.38 8.04 26.79
N TYR A 366 1.33 8.94 26.53
CA TYR A 366 1.19 9.91 25.46
C TYR A 366 2.44 9.99 24.59
N TRP A 367 2.24 10.38 23.33
CA TRP A 367 3.34 10.78 22.46
C TRP A 367 3.03 12.13 21.80
N SER A 368 4.03 12.75 21.18
CA SER A 368 3.87 14.13 20.73
C SER A 368 4.55 14.39 19.39
N ILE A 369 3.85 15.10 18.52
CA ILE A 369 4.38 15.44 17.21
C ILE A 369 4.52 16.95 17.08
N MET A 370 5.65 17.40 16.55
CA MET A 370 5.87 18.81 16.32
C MET A 370 6.05 19.10 14.84
N LEU A 371 5.34 20.10 14.33
CA LEU A 371 5.36 20.43 12.91
C LEU A 371 5.89 21.84 12.65
N GLU A 372 6.36 22.06 11.43
CA GLU A 372 6.79 23.39 11.00
C GLU A 372 6.19 23.74 9.64
N VAL A 373 5.67 24.95 9.54
CA VAL A 373 5.14 25.44 8.27
C VAL A 373 5.71 26.84 8.03
N SER A 374 6.23 27.07 6.82
CA SER A 374 6.84 28.34 6.51
C SER A 374 5.85 29.30 5.88
N GLU A 375 6.10 30.60 6.04
CA GLU A 375 5.26 31.65 5.47
C GLU A 375 6.15 32.77 4.93
N SER A 376 5.74 33.34 3.80
CA SER A 376 6.43 34.50 3.25
C SER A 376 5.51 35.22 2.27
N SER A 377 5.97 36.36 1.76
CA SER A 377 5.19 37.11 0.79
C SER A 377 4.97 36.28 -0.49
N MET A 378 5.81 35.26 -0.66
CA MET A 378 5.69 34.36 -1.81
C MET A 378 4.91 33.09 -1.45
N LYS A 379 4.67 32.87 -0.17
CA LYS A 379 3.95 31.70 0.29
C LYS A 379 3.12 32.02 1.52
N PRO A 380 1.89 32.51 1.30
CA PRO A 380 1.01 32.88 2.41
C PRO A 380 0.43 31.66 3.07
N VAL A 381 0.06 31.76 4.35
CA VAL A 381 -0.63 30.67 5.03
C VAL A 381 -1.81 31.21 5.84
N ASN A 382 -2.91 30.47 5.84
CA ASN A 382 -4.09 30.85 6.59
C ASN A 382 -3.99 30.37 8.02
N GLN A 383 -3.80 31.31 8.94
CA GLN A 383 -3.60 30.97 10.35
C GLN A 383 -4.76 30.16 10.94
N GLU A 384 -5.99 30.53 10.56
CA GLU A 384 -7.16 29.93 11.20
C GLU A 384 -7.48 28.53 10.71
N THR A 385 -6.79 28.07 9.67
CA THR A 385 -7.00 26.71 9.16
C THR A 385 -5.73 25.86 9.21
N ILE A 386 -4.60 26.51 9.44
CA ILE A 386 -3.32 25.81 9.39
C ILE A 386 -3.22 24.62 10.36
N LEU A 387 -3.74 24.78 11.57
CA LEU A 387 -3.72 23.70 12.55
C LEU A 387 -4.49 22.49 12.03
N ALA A 388 -5.70 22.74 11.55
CA ALA A 388 -6.55 21.68 11.00
C ALA A 388 -5.87 21.05 9.78
N ASP A 389 -5.31 21.90 8.93
CA ASP A 389 -4.63 21.43 7.74
C ASP A 389 -3.43 20.54 8.10
N CYS A 390 -2.70 20.94 9.14
CA CYS A 390 -1.57 20.15 9.60
C CYS A 390 -2.00 18.78 10.10
N ILE A 391 -3.09 18.75 10.86
CA ILE A 391 -3.58 17.48 11.40
C ILE A 391 -4.03 16.55 10.28
N GLN A 392 -4.68 17.11 9.26
CA GLN A 392 -5.03 16.33 8.08
C GLN A 392 -3.77 15.78 7.41
N GLY A 393 -2.77 16.64 7.27
CA GLY A 393 -1.50 16.23 6.69
C GLY A 393 -0.88 15.06 7.42
N LEU A 394 -1.09 15.02 8.73
CA LEU A 394 -0.59 13.91 9.54
C LEU A 394 -1.34 12.62 9.20
N VAL A 395 -2.58 12.76 8.76
CA VAL A 395 -3.38 11.62 8.35
C VAL A 395 -2.94 11.15 6.96
N ASN A 396 -2.84 12.10 6.04
CA ASN A 396 -2.46 11.80 4.67
C ASN A 396 -1.09 11.13 4.57
N THR A 397 -0.19 11.50 5.46
CA THR A 397 1.17 10.95 5.47
C THR A 397 1.25 9.75 6.38
N GLU A 398 0.10 9.31 6.89
CA GLU A 398 0.01 8.15 7.77
C GLU A 398 0.84 8.30 9.05
N MET A 399 1.06 9.55 9.45
CA MET A 399 1.67 9.84 10.74
C MET A 399 0.65 9.54 11.83
N LEU A 400 -0.62 9.79 11.53
CA LEU A 400 -1.71 9.55 12.46
C LEU A 400 -2.81 8.75 11.76
N LYS A 401 -3.39 7.80 12.49
CA LYS A 401 -4.60 7.13 12.03
C LYS A 401 -5.77 8.07 12.31
N PRO A 402 -6.77 8.07 11.42
CA PRO A 402 -7.92 8.96 11.61
C PRO A 402 -8.59 8.74 12.97
N THR A 403 -8.30 7.62 13.62
CA THR A 403 -8.90 7.29 14.91
C THR A 403 -8.06 7.80 16.09
N ASP A 404 -6.77 8.05 15.85
CA ASP A 404 -5.88 8.51 16.91
C ASP A 404 -6.50 9.67 17.69
N GLU A 405 -6.41 9.60 19.02
CA GLU A 405 -7.02 10.61 19.88
C GLU A 405 -6.06 11.76 20.17
N ILE A 406 -6.44 12.96 19.75
CA ILE A 406 -5.63 14.13 20.01
C ILE A 406 -5.98 14.76 21.35
N VAL A 407 -4.98 14.87 22.22
CA VAL A 407 -5.17 15.33 23.59
C VAL A 407 -4.84 16.80 23.80
N SER A 408 -3.88 17.31 23.04
CA SER A 408 -3.47 18.70 23.17
C SER A 408 -3.06 19.27 21.82
N THR A 409 -3.21 20.58 21.65
CA THR A 409 -2.78 21.25 20.43
C THR A 409 -1.99 22.51 20.76
N TYR A 410 -1.05 22.83 19.86
CA TYR A 410 -0.20 23.99 20.04
C TYR A 410 0.00 24.66 18.70
N HIS A 411 -0.06 25.98 18.69
CA HIS A 411 0.21 26.74 17.47
C HIS A 411 0.70 28.14 17.81
N ARG A 412 1.86 28.49 17.26
CA ARG A 412 2.42 29.81 17.46
C ARG A 412 3.21 30.26 16.23
N ARG A 413 2.99 31.50 15.82
CA ARG A 413 3.63 32.04 14.64
C ARG A 413 4.78 32.97 15.00
N PHE A 414 5.98 32.62 14.56
CA PHE A 414 7.15 33.44 14.80
C PHE A 414 7.45 34.27 13.55
N ASP A 415 7.27 35.59 13.65
CA ASP A 415 7.42 36.44 12.48
C ASP A 415 8.78 36.25 11.81
N HIS A 416 9.85 36.44 12.58
CA HIS A 416 11.19 36.16 12.08
C HIS A 416 11.58 34.72 12.40
N GLY A 417 11.44 33.84 11.41
CA GLY A 417 11.74 32.44 11.61
C GLY A 417 13.07 32.06 11.00
N TYR A 418 13.20 32.29 9.69
CA TYR A 418 14.41 31.97 8.96
C TYR A 418 14.93 33.19 8.21
N PRO A 419 16.22 33.46 8.34
CA PRO A 419 16.86 34.46 7.47
C PRO A 419 17.15 33.83 6.12
N THR A 420 16.46 34.29 5.08
CA THR A 420 16.57 33.69 3.76
C THR A 420 17.88 34.04 3.05
N PRO A 421 18.68 33.02 2.73
CA PRO A 421 19.93 33.22 1.98
C PRO A 421 19.63 33.57 0.53
N THR A 422 19.04 34.73 0.30
CA THR A 422 18.69 35.17 -1.04
C THR A 422 19.92 35.59 -1.82
N LEU A 423 19.75 35.80 -3.12
CA LEU A 423 20.83 36.31 -3.95
C LEU A 423 21.26 37.69 -3.49
N GLU A 424 20.29 38.46 -2.99
CA GLU A 424 20.51 39.85 -2.61
C GLU A 424 21.14 40.01 -1.23
N ARG A 425 21.11 38.95 -0.43
CA ARG A 425 21.49 39.02 0.98
C ARG A 425 22.84 39.68 1.27
N GLU A 426 23.89 39.16 0.65
CA GLU A 426 25.24 39.65 0.94
C GLU A 426 25.49 41.11 0.49
N GLY A 427 24.88 41.49 -0.62
CA GLY A 427 24.95 42.86 -1.07
C GLY A 427 24.46 43.83 -0.01
N ALA A 428 23.41 43.44 0.72
CA ALA A 428 22.89 44.26 1.80
C ALA A 428 23.73 44.16 3.07
N LEU A 429 24.06 42.94 3.47
CA LEU A 429 24.79 42.72 4.71
C LEU A 429 26.19 43.33 4.70
N THR A 430 26.88 43.26 3.57
CA THR A 430 28.23 43.82 3.48
C THR A 430 28.22 45.35 3.55
N GLN A 431 27.03 45.93 3.60
CA GLN A 431 26.88 47.36 3.85
C GLN A 431 26.38 47.57 5.26
N ILE A 432 25.26 46.91 5.58
CA ILE A 432 24.62 47.04 6.88
C ILE A 432 25.61 46.86 8.03
N LEU A 433 26.23 45.67 8.10
CA LEU A 433 27.06 45.31 9.23
C LEU A 433 28.26 46.24 9.45
N PRO A 434 29.01 46.55 8.39
CA PRO A 434 30.15 47.47 8.58
C PRO A 434 29.69 48.86 9.00
N LYS A 435 28.57 49.31 8.45
CA LYS A 435 28.07 50.64 8.80
C LYS A 435 27.66 50.69 10.27
N LEU A 436 27.08 49.60 10.75
CA LEU A 436 26.70 49.49 12.16
C LEU A 436 27.94 49.46 13.03
N GLN A 437 28.99 48.78 12.57
CA GLN A 437 30.18 48.63 13.37
C GLN A 437 30.93 49.96 13.46
N ASP A 438 30.87 50.76 12.41
CA ASP A 438 31.48 52.08 12.44
C ASP A 438 30.88 52.93 13.56
N LYS A 439 29.75 52.49 14.09
CA LYS A 439 29.07 53.18 15.18
C LYS A 439 29.27 52.45 16.50
N ASP A 440 30.22 51.52 16.51
CA ASP A 440 30.50 50.69 17.69
C ASP A 440 29.32 49.80 18.06
N ILE A 441 28.60 49.34 17.04
CA ILE A 441 27.48 48.45 17.26
C ILE A 441 27.71 47.11 16.56
N TRP A 442 27.98 46.08 17.35
CA TRP A 442 28.11 44.73 16.81
C TRP A 442 26.74 44.08 16.75
N SER A 443 26.15 44.05 15.55
CA SER A 443 24.86 43.41 15.34
C SER A 443 25.12 41.96 14.94
N ARG A 444 24.64 41.03 15.77
CA ARG A 444 25.01 39.63 15.62
C ARG A 444 23.87 38.70 16.00
N GLY A 445 23.75 37.58 15.29
CA GLY A 445 22.76 36.57 15.62
C GLY A 445 22.04 36.04 14.39
N ARG A 446 21.10 35.13 14.61
CA ARG A 446 20.31 34.56 13.51
C ARG A 446 19.65 35.67 12.70
N PHE A 447 19.20 36.72 13.38
CA PHE A 447 18.66 37.89 12.69
C PHE A 447 19.43 39.17 13.02
N GLY A 448 20.37 39.06 13.95
CA GLY A 448 21.26 40.16 14.24
C GLY A 448 22.23 40.33 13.08
N SER A 449 22.72 39.21 12.55
CA SER A 449 23.60 39.22 11.39
C SER A 449 23.05 38.46 10.18
N TRP A 450 21.93 37.76 10.37
CA TRP A 450 21.11 37.31 9.25
C TRP A 450 21.73 36.25 8.35
N ARG A 451 22.68 35.46 8.87
CA ARG A 451 23.33 34.45 8.05
C ARG A 451 23.06 33.02 8.50
N TYR A 452 22.12 32.38 7.81
CA TYR A 452 21.65 31.05 8.16
C TYR A 452 22.75 29.99 8.33
N GLU A 453 23.73 29.96 7.41
CA GLU A 453 24.79 28.93 7.47
C GLU A 453 25.42 28.90 8.84
N VAL A 454 25.21 29.97 9.58
CA VAL A 454 25.90 30.16 10.82
C VAL A 454 24.86 30.65 11.83
N GLY A 455 23.66 30.10 11.69
CA GLY A 455 22.50 30.50 12.48
C GLY A 455 21.94 29.46 13.44
N ASN A 456 22.69 28.39 13.71
CA ASN A 456 22.28 27.43 14.74
C ASN A 456 22.62 27.97 16.13
N GLN A 457 22.16 27.29 17.18
CA GLN A 457 22.36 27.78 18.54
C GLN A 457 23.84 27.96 18.88
N ASP A 458 24.65 26.95 18.60
CA ASP A 458 26.08 27.07 18.89
C ASP A 458 26.68 28.21 18.09
N HIS A 459 26.34 28.29 16.81
CA HIS A 459 26.81 29.37 15.96
C HIS A 459 26.46 30.72 16.57
N SER A 460 25.20 30.87 16.96
CA SER A 460 24.71 32.12 17.51
C SER A 460 25.41 32.44 18.82
N PHE A 461 25.40 31.48 19.74
CA PHE A 461 26.14 31.63 20.99
C PHE A 461 27.52 32.20 20.69
N MET A 462 28.23 31.53 19.78
CA MET A 462 29.60 31.91 19.45
C MET A 462 29.74 33.26 18.75
N LEU A 463 28.72 33.65 18.00
CA LEU A 463 28.69 34.97 17.38
C LEU A 463 28.80 36.03 18.47
N GLY A 464 28.08 35.80 19.57
CA GLY A 464 28.11 36.70 20.70
C GLY A 464 29.45 36.66 21.41
N VAL A 465 29.93 35.44 21.69
CA VAL A 465 31.23 35.23 22.29
C VAL A 465 32.34 35.90 21.49
N GLU A 466 32.33 35.67 20.18
CA GLU A 466 33.37 36.25 19.33
C GLU A 466 33.19 37.75 19.18
N ALA A 467 31.95 38.22 19.24
CA ALA A 467 31.70 39.66 19.19
C ALA A 467 32.42 40.30 20.36
N VAL A 468 32.11 39.83 21.56
CA VAL A 468 32.77 40.33 22.75
C VAL A 468 34.28 40.16 22.67
N ASP A 469 34.72 39.02 22.14
CA ASP A 469 36.14 38.72 22.06
C ASP A 469 36.84 39.67 21.10
N ASN A 470 36.11 40.11 20.09
CA ASN A 470 36.62 41.13 19.19
C ASN A 470 36.70 42.49 19.90
N ILE A 471 35.64 42.83 20.61
CA ILE A 471 35.57 44.09 21.34
C ILE A 471 36.71 44.23 22.36
N VAL A 472 36.97 43.15 23.11
CA VAL A 472 37.92 43.20 24.21
C VAL A 472 39.34 42.77 23.84
N ASN A 473 39.47 41.61 23.21
CA ASN A 473 40.79 41.04 22.94
C ASN A 473 41.29 41.13 21.50
N GLY A 474 40.53 41.81 20.64
CA GLY A 474 40.93 42.00 19.26
C GLY A 474 40.80 40.75 18.41
N ALA A 475 40.05 39.77 18.90
CA ALA A 475 39.81 38.54 18.18
C ALA A 475 39.13 38.78 16.84
N VAL A 476 39.50 38.00 15.82
CA VAL A 476 38.78 38.06 14.56
C VAL A 476 37.46 37.32 14.69
N GLU A 477 36.40 37.90 14.14
CA GLU A 477 35.08 37.28 14.19
C GLU A 477 34.98 36.27 13.06
N LEU A 478 35.42 35.05 13.36
CA LEU A 478 35.53 34.00 12.38
C LEU A 478 34.18 33.46 11.96
N THR A 479 33.31 33.24 12.95
CA THR A 479 32.00 32.65 12.69
C THR A 479 31.15 33.55 11.81
N LEU A 480 31.28 34.86 12.02
CA LEU A 480 30.51 35.84 11.26
C LEU A 480 30.92 35.89 9.79
N ASN A 481 32.22 35.93 9.53
CA ASN A 481 32.73 36.18 8.18
C ASN A 481 33.22 34.94 7.42
N TYR A 482 33.40 33.83 8.12
CA TYR A 482 33.96 32.63 7.50
C TYR A 482 33.25 31.38 7.98
N PRO A 483 31.96 31.25 7.63
CA PRO A 483 31.18 30.07 8.02
C PRO A 483 31.89 28.77 7.69
N ASP A 484 32.40 28.63 6.47
CA ASP A 484 33.07 27.40 6.07
C ASP A 484 34.29 27.11 6.94
N PHE A 485 34.99 28.16 7.37
CA PHE A 485 36.15 27.99 8.23
C PHE A 485 35.77 27.31 9.55
N VAL A 486 34.86 27.92 10.29
CA VAL A 486 34.49 27.40 11.60
C VAL A 486 33.77 26.05 11.50
N ASN A 487 32.96 25.88 10.46
CA ASN A 487 32.21 24.66 10.28
C ASN A 487 33.07 23.48 9.85
N GLY A 488 34.20 23.78 9.23
CA GLY A 488 35.06 22.73 8.70
C GLY A 488 36.17 22.32 9.65
N ARG A 489 36.15 22.84 10.87
CA ARG A 489 37.20 22.52 11.82
C ARG A 489 36.65 22.23 13.21
N GLN A 490 37.52 21.72 14.07
CA GLN A 490 37.19 21.59 15.48
C GLN A 490 37.75 22.79 16.20
N ASN A 491 36.86 23.63 16.73
CA ASN A 491 37.27 24.85 17.39
C ASN A 491 37.53 24.61 18.88
N THR A 492 38.77 24.30 19.20
CA THR A 492 39.14 23.82 20.52
C THR A 492 39.87 24.86 21.37
N GLU A 493 40.29 25.96 20.74
CA GLU A 493 41.16 26.93 21.39
C GLU A 493 40.48 27.75 22.49
N ARG A 494 39.28 28.25 22.22
CA ARG A 494 38.62 29.11 23.18
C ARG A 494 37.83 28.28 24.19
N ARG A 495 38.07 28.53 25.48
CA ARG A 495 37.44 27.74 26.53
C ARG A 495 36.79 28.64 27.58
N LEU A 496 35.94 28.05 28.41
CA LEU A 496 35.29 28.80 29.49
C LEU A 496 36.33 29.22 30.52
N VAL A 497 37.46 28.52 30.50
CA VAL A 497 38.60 28.88 31.33
C VAL A 497 39.87 28.93 30.50
N ASP A 498 40.27 30.14 30.14
CA ASP A 498 41.48 30.35 29.35
C ASP A 498 42.64 30.67 30.29
N GLY A 499 43.85 30.67 29.74
CA GLY A 499 45.03 30.92 30.53
C GLY A 499 44.89 32.18 31.38
N ALA A 500 44.24 33.19 30.81
CA ALA A 500 44.05 34.45 31.50
C ALA A 500 43.46 34.24 32.89
N GLN A 501 42.41 33.43 32.99
CA GLN A 501 41.78 33.19 34.28
C GLN A 501 42.61 32.27 35.17
N VAL A 502 43.40 31.40 34.56
CA VAL A 502 44.26 30.50 35.30
C VAL A 502 45.41 31.24 35.97
N PHE A 503 46.03 32.14 35.23
CA PHE A 503 47.16 32.91 35.73
C PHE A 503 46.73 33.92 36.80
N ALA A 504 45.54 34.48 36.62
CA ALA A 504 44.98 35.43 37.58
C ALA A 504 44.64 34.74 38.90
N LYS A 505 44.11 33.52 38.79
CA LYS A 505 43.76 32.73 39.96
C LYS A 505 45.01 32.40 40.76
N SER A 506 46.09 32.06 40.04
CA SER A 506 47.34 31.66 40.68
C SER A 506 48.08 32.83 41.30
N LYS A 507 47.88 34.02 40.74
CA LYS A 507 48.49 35.22 41.28
C LYS A 507 47.79 35.67 42.57
N ALA A 508 46.51 35.32 42.69
CA ALA A 508 45.71 35.67 43.87
C ALA A 508 45.93 34.66 44.99
N GLN A 509 46.44 33.48 44.65
CA GLN A 509 46.68 32.43 45.63
C GLN A 509 47.91 32.73 46.49
N LEU A 510 48.93 33.32 45.88
CA LEU A 510 50.16 33.66 46.58
C LEU A 510 49.90 34.52 47.81
N THR B 1 60.09 -20.97 -73.87
CA THR B 1 59.34 -22.23 -73.77
C THR B 1 57.95 -22.00 -73.16
N HIS B 2 56.92 -22.18 -73.99
CA HIS B 2 55.53 -21.94 -73.57
C HIS B 2 55.08 -22.84 -72.43
N PRO B 3 54.20 -22.31 -71.56
CA PRO B 3 53.59 -23.10 -70.48
C PRO B 3 52.46 -23.96 -71.03
N ASP B 4 52.11 -25.04 -70.33
CA ASP B 4 51.04 -25.92 -70.78
C ASP B 4 49.74 -25.15 -70.98
N ILE B 5 49.47 -24.21 -70.08
CA ILE B 5 48.26 -23.39 -70.13
C ILE B 5 48.59 -21.91 -70.00
N SER B 6 47.84 -21.06 -70.70
CA SER B 6 48.00 -19.62 -70.55
C SER B 6 46.66 -18.91 -70.48
N VAL B 7 46.44 -18.19 -69.38
CA VAL B 7 45.23 -17.41 -69.20
C VAL B 7 45.56 -15.97 -68.81
N ASP B 8 44.64 -15.06 -69.09
CA ASP B 8 44.81 -13.66 -68.67
C ASP B 8 44.86 -13.52 -67.14
N VAL B 9 43.90 -14.16 -66.46
CA VAL B 9 43.78 -14.07 -65.01
C VAL B 9 43.71 -15.47 -64.38
N LEU B 10 44.69 -15.80 -63.55
CA LEU B 10 44.71 -17.09 -62.86
C LEU B 10 44.29 -16.92 -61.41
N VAL B 11 43.33 -17.74 -60.96
CA VAL B 11 42.87 -17.69 -59.59
C VAL B 11 43.31 -18.94 -58.82
N ILE B 12 44.11 -18.75 -57.78
CA ILE B 12 44.51 -19.86 -56.93
C ILE B 12 43.62 -19.91 -55.70
N GLY B 13 42.95 -21.06 -55.52
CA GLY B 13 42.07 -21.25 -54.39
C GLY B 13 40.62 -21.12 -54.77
N ALA B 14 39.80 -22.06 -54.33
CA ALA B 14 38.38 -22.05 -54.66
C ALA B 14 37.53 -22.03 -53.40
N GLY B 15 38.04 -21.40 -52.35
CA GLY B 15 37.21 -21.03 -51.22
C GLY B 15 36.39 -19.83 -51.65
N PRO B 16 35.67 -19.19 -50.72
CA PRO B 16 34.82 -18.06 -51.11
C PRO B 16 35.56 -16.96 -51.88
N THR B 17 36.77 -16.60 -51.45
CA THR B 17 37.48 -15.51 -52.12
C THR B 17 37.75 -15.86 -53.57
N GLY B 18 38.36 -17.02 -53.80
CA GLY B 18 38.65 -17.51 -55.14
C GLY B 18 37.41 -17.61 -56.00
N LEU B 19 36.36 -18.21 -55.46
CA LEU B 19 35.11 -18.37 -56.18
C LEU B 19 34.48 -17.03 -56.51
N GLY B 20 34.68 -16.05 -55.64
CA GLY B 20 34.23 -14.69 -55.89
C GLY B 20 34.91 -14.13 -57.12
N ALA B 21 36.22 -14.29 -57.19
CA ALA B 21 36.95 -13.87 -58.38
C ALA B 21 36.37 -14.55 -59.60
N ALA B 22 36.16 -15.86 -59.48
CA ALA B 22 35.67 -16.67 -60.60
C ALA B 22 34.32 -16.17 -61.11
N LYS B 23 33.39 -15.97 -60.20
CA LYS B 23 32.04 -15.55 -60.57
C LYS B 23 32.04 -14.23 -61.32
N ARG B 24 32.88 -13.29 -60.90
CA ARG B 24 32.94 -12.01 -61.62
C ARG B 24 33.72 -12.11 -62.94
N LEU B 25 34.83 -12.85 -62.95
CA LEU B 25 35.54 -13.18 -64.19
C LEU B 25 34.58 -13.85 -65.17
N ASN B 26 33.79 -14.79 -64.65
CA ASN B 26 32.84 -15.51 -65.47
C ASN B 26 31.66 -14.65 -65.91
N GLN B 27 31.32 -13.65 -65.09
CA GLN B 27 30.25 -12.71 -65.44
C GLN B 27 30.71 -11.75 -66.52
N ILE B 28 31.82 -11.08 -66.28
CA ILE B 28 32.37 -10.14 -67.25
C ILE B 28 32.62 -10.86 -68.58
N ASP B 29 33.10 -12.09 -68.50
CA ASP B 29 33.39 -12.92 -69.67
C ASP B 29 34.24 -12.17 -70.68
N GLY B 30 35.26 -11.49 -70.18
CA GLY B 30 36.18 -10.78 -71.05
C GLY B 30 37.49 -11.53 -71.15
N PRO B 31 38.45 -11.19 -70.28
CA PRO B 31 39.74 -11.88 -70.30
C PRO B 31 39.55 -13.38 -70.06
N SER B 32 40.54 -14.16 -70.48
CA SER B 32 40.53 -15.59 -70.25
C SER B 32 40.94 -15.81 -68.80
N TRP B 33 40.46 -16.89 -68.21
CA TRP B 33 40.74 -17.15 -66.81
C TRP B 33 40.61 -18.62 -66.46
N MET B 34 41.03 -18.95 -65.26
CA MET B 34 41.08 -20.34 -64.82
C MET B 34 41.25 -20.33 -63.31
N ILE B 35 40.68 -21.32 -62.63
CA ILE B 35 40.76 -21.39 -61.17
C ILE B 35 41.21 -22.77 -60.69
N VAL B 36 42.21 -22.81 -59.83
CA VAL B 36 42.74 -24.08 -59.34
C VAL B 36 42.64 -24.19 -57.83
N ASP B 37 42.54 -25.42 -57.33
CA ASP B 37 42.51 -25.70 -55.91
C ASP B 37 42.97 -27.12 -55.64
N SER B 38 43.73 -27.29 -54.58
CA SER B 38 44.27 -28.60 -54.22
C SER B 38 43.19 -29.54 -53.70
N ASN B 39 42.01 -28.99 -53.45
CA ASN B 39 40.91 -29.78 -52.91
C ASN B 39 39.93 -30.12 -54.01
N GLU B 40 39.50 -31.38 -54.06
CA GLU B 40 38.50 -31.81 -55.04
C GLU B 40 37.20 -31.07 -54.84
N THR B 41 36.99 -30.57 -53.62
CA THR B 41 35.75 -29.89 -53.28
C THR B 41 36.02 -28.43 -52.98
N PRO B 42 35.37 -27.54 -53.72
CA PRO B 42 35.50 -26.10 -53.47
C PRO B 42 34.82 -25.72 -52.16
N GLY B 43 35.26 -24.62 -51.55
CA GLY B 43 34.63 -24.15 -50.32
C GLY B 43 35.63 -23.68 -49.28
N GLY B 44 36.84 -24.24 -49.32
CA GLY B 44 37.89 -23.85 -48.39
C GLY B 44 37.50 -24.00 -46.94
N LEU B 45 37.66 -22.93 -46.17
CA LEU B 45 37.31 -22.96 -44.76
C LEU B 45 35.80 -22.88 -44.56
N ALA B 46 35.07 -22.65 -45.64
CA ALA B 46 33.61 -22.57 -45.55
C ALA B 46 32.95 -23.84 -46.04
N SER B 47 33.65 -24.97 -45.89
CA SER B 47 33.09 -26.25 -46.30
C SER B 47 32.69 -27.12 -45.11
N THR B 48 31.99 -28.21 -45.41
CA THR B 48 31.38 -29.03 -44.37
C THR B 48 31.93 -30.46 -44.38
N ASP B 49 32.17 -30.99 -43.18
CA ASP B 49 32.56 -32.39 -43.03
C ASP B 49 31.39 -33.22 -42.52
N VAL B 50 31.51 -34.53 -42.66
CA VAL B 50 30.48 -35.43 -42.17
C VAL B 50 31.13 -36.59 -41.45
N THR B 51 30.64 -36.89 -40.25
CA THR B 51 31.11 -38.06 -39.52
C THR B 51 30.53 -39.31 -40.16
N PRO B 52 31.20 -40.45 -39.97
CA PRO B 52 30.65 -41.72 -40.46
C PRO B 52 29.22 -41.94 -40.00
N GLU B 53 28.86 -41.37 -38.85
CA GLU B 53 27.52 -41.56 -38.30
C GLU B 53 26.48 -40.63 -38.93
N GLY B 54 26.93 -39.73 -39.80
CA GLY B 54 26.02 -38.86 -40.51
C GLY B 54 25.77 -37.50 -39.88
N PHE B 55 26.70 -37.06 -39.02
CA PHE B 55 26.62 -35.73 -38.42
C PHE B 55 27.52 -34.74 -39.15
N LEU B 56 26.91 -33.65 -39.65
CA LEU B 56 27.65 -32.62 -40.36
C LEU B 56 28.31 -31.64 -39.41
N TYR B 57 29.46 -31.12 -39.81
CA TYR B 57 30.09 -30.03 -39.07
C TYR B 57 30.76 -29.02 -39.99
N ASP B 58 30.32 -27.77 -39.92
CA ASP B 58 30.99 -26.67 -40.60
C ASP B 58 32.36 -26.49 -39.96
N VAL B 59 33.17 -25.62 -40.53
CA VAL B 59 34.45 -25.33 -39.90
C VAL B 59 34.26 -24.30 -38.78
N GLY B 60 33.49 -24.66 -37.77
CA GLY B 60 33.30 -23.83 -36.60
C GLY B 60 31.90 -23.24 -36.43
N GLY B 61 30.99 -23.58 -37.33
CA GLY B 61 29.65 -23.04 -37.25
C GLY B 61 29.55 -21.67 -37.90
N HIS B 62 29.22 -21.67 -39.19
CA HIS B 62 29.25 -20.45 -39.97
C HIS B 62 27.86 -19.86 -40.17
N VAL B 63 27.73 -18.58 -39.82
CA VAL B 63 26.48 -17.86 -39.98
C VAL B 63 26.68 -16.72 -40.96
N ILE B 64 25.77 -16.61 -41.92
CA ILE B 64 25.91 -15.62 -42.98
C ILE B 64 25.14 -14.33 -42.73
N PHE B 65 25.88 -13.22 -42.60
N PHE B 65 25.89 -13.23 -42.69
CA PHE B 65 25.28 -11.90 -42.75
CA PHE B 65 25.31 -11.88 -42.71
C PHE B 65 25.95 -11.23 -43.93
C PHE B 65 25.93 -11.07 -43.84
N SER B 66 25.13 -10.74 -44.86
CA SER B 66 25.65 -10.14 -46.07
C SER B 66 25.67 -8.61 -46.05
N HIS B 67 26.80 -8.04 -46.45
CA HIS B 67 26.91 -6.60 -46.60
C HIS B 67 26.80 -6.21 -48.07
N TYR B 68 26.65 -7.20 -48.94
CA TYR B 68 26.72 -6.95 -50.38
C TYR B 68 25.57 -7.59 -51.13
N LYS B 69 24.91 -6.81 -51.97
CA LYS B 69 23.85 -7.37 -52.81
C LYS B 69 24.43 -8.42 -53.77
N TYR B 70 25.65 -8.17 -54.25
CA TYR B 70 26.29 -9.08 -55.21
C TYR B 70 26.43 -10.49 -54.64
N PHE B 71 26.91 -10.56 -53.41
CA PHE B 71 26.98 -11.82 -52.68
C PHE B 71 25.62 -12.49 -52.66
N ASP B 72 24.59 -11.74 -52.29
CA ASP B 72 23.24 -12.27 -52.24
C ASP B 72 22.85 -12.85 -53.59
N ASP B 73 23.09 -12.09 -54.66
CA ASP B 73 22.79 -12.56 -56.00
C ASP B 73 23.36 -13.95 -56.31
N CYS B 74 24.62 -14.16 -55.95
CA CYS B 74 25.27 -15.42 -56.27
C CYS B 74 24.74 -16.57 -55.42
N LEU B 75 24.37 -16.28 -54.18
CA LEU B 75 23.76 -17.32 -53.34
C LEU B 75 22.40 -17.68 -53.92
N ASP B 76 21.63 -16.66 -54.28
CA ASP B 76 20.29 -16.92 -54.83
C ASP B 76 20.40 -17.78 -56.09
N GLU B 77 21.40 -17.51 -56.92
CA GLU B 77 21.61 -18.26 -58.15
C GLU B 77 21.89 -19.73 -57.85
N ALA B 78 22.77 -19.99 -56.90
CA ALA B 78 23.22 -21.35 -56.62
C ALA B 78 22.16 -22.16 -55.87
N LEU B 79 21.42 -21.50 -54.98
CA LEU B 79 20.36 -22.13 -54.21
C LEU B 79 19.07 -21.33 -54.33
N PRO B 80 18.44 -21.38 -55.51
CA PRO B 80 17.32 -20.52 -55.88
C PRO B 80 16.00 -20.91 -55.24
N LYS B 81 15.87 -22.16 -54.82
CA LYS B 81 14.62 -22.66 -54.26
C LYS B 81 14.35 -22.15 -52.85
N GLU B 82 13.11 -21.78 -52.59
CA GLU B 82 12.69 -21.29 -51.28
C GLU B 82 13.14 -22.25 -50.19
N ASP B 83 12.91 -23.54 -50.41
CA ASP B 83 13.24 -24.56 -49.43
C ASP B 83 14.71 -24.99 -49.46
N ASP B 84 15.57 -24.20 -50.08
CA ASP B 84 17.01 -24.47 -50.04
C ASP B 84 17.59 -23.82 -48.80
N TRP B 85 16.81 -22.93 -48.18
CA TRP B 85 17.29 -22.14 -47.05
C TRP B 85 16.40 -22.21 -45.83
N TYR B 86 17.00 -22.03 -44.66
CA TYR B 86 16.27 -21.81 -43.43
C TYR B 86 16.63 -20.43 -42.92
N THR B 87 15.66 -19.69 -42.42
CA THR B 87 15.94 -18.37 -41.87
C THR B 87 15.72 -18.38 -40.36
N HIS B 88 16.71 -17.90 -39.63
CA HIS B 88 16.69 -17.97 -38.17
C HIS B 88 16.93 -16.61 -37.52
N GLN B 89 16.63 -16.54 -36.24
CA GLN B 89 16.92 -15.38 -35.42
C GLN B 89 18.10 -15.73 -34.54
N ARG B 90 18.99 -14.78 -34.31
CA ARG B 90 20.12 -15.03 -33.42
C ARG B 90 19.72 -15.14 -31.95
N ILE B 91 19.74 -16.36 -31.43
CA ILE B 91 19.62 -16.58 -30.00
C ILE B 91 21.03 -16.84 -29.46
N SER B 92 21.67 -15.80 -28.95
CA SER B 92 23.04 -15.92 -28.49
C SER B 92 23.18 -15.56 -27.02
N TYR B 93 23.96 -16.34 -26.29
CA TYR B 93 24.20 -16.07 -24.87
C TYR B 93 25.68 -16.23 -24.51
N VAL B 94 26.07 -15.63 -23.39
CA VAL B 94 27.40 -15.81 -22.84
C VAL B 94 27.28 -16.51 -21.51
N ARG B 95 28.09 -17.55 -21.29
CA ARG B 95 28.03 -18.31 -20.05
C ARG B 95 28.89 -17.67 -18.98
N CYS B 96 28.24 -17.04 -18.00
CA CYS B 96 28.95 -16.43 -16.89
C CYS B 96 28.29 -16.76 -15.56
N GLN B 97 29.04 -17.39 -14.68
CA GLN B 97 28.57 -17.74 -13.35
C GLN B 97 27.18 -18.37 -13.34
N GLY B 98 27.10 -19.60 -13.87
CA GLY B 98 25.89 -20.38 -13.83
C GLY B 98 24.71 -19.88 -14.64
N GLN B 99 24.81 -18.67 -15.17
CA GLN B 99 23.69 -18.07 -15.89
C GLN B 99 24.00 -17.79 -17.35
N TRP B 100 22.95 -17.66 -18.16
CA TRP B 100 23.11 -17.29 -19.57
C TRP B 100 22.85 -15.80 -19.78
N VAL B 101 23.93 -15.04 -19.96
CA VAL B 101 23.85 -13.62 -20.26
C VAL B 101 23.68 -13.38 -21.75
N PRO B 102 22.55 -12.78 -22.16
CA PRO B 102 22.24 -12.53 -23.58
C PRO B 102 23.34 -11.72 -24.26
N TYR B 103 23.60 -12.04 -25.53
CA TYR B 103 24.60 -11.31 -26.33
C TYR B 103 24.02 -9.97 -26.80
N PRO B 104 24.83 -8.90 -26.73
CA PRO B 104 26.21 -8.89 -26.24
C PRO B 104 26.29 -8.78 -24.71
N PHE B 105 27.33 -9.37 -24.14
CA PHE B 105 27.56 -9.34 -22.69
C PHE B 105 27.50 -7.92 -22.13
N GLN B 106 28.27 -7.02 -22.71
CA GLN B 106 28.42 -5.67 -22.18
C GLN B 106 27.11 -4.87 -22.18
N ASN B 107 26.10 -5.36 -22.90
CA ASN B 107 24.83 -4.67 -22.98
C ASN B 107 23.76 -5.25 -22.06
N ASN B 108 24.12 -6.31 -21.36
CA ASN B 108 23.16 -7.02 -20.51
C ASN B 108 23.69 -7.32 -19.11
N ILE B 109 24.32 -6.32 -18.49
CA ILE B 109 24.85 -6.46 -17.14
C ILE B 109 23.76 -6.85 -16.16
N SER B 110 22.51 -6.50 -16.48
CA SER B 110 21.37 -6.78 -15.62
C SER B 110 21.19 -8.27 -15.28
N MET B 111 21.75 -9.15 -16.11
CA MET B 111 21.59 -10.59 -15.92
C MET B 111 22.68 -11.20 -15.05
N LEU B 112 23.60 -10.37 -14.56
CA LEU B 112 24.67 -10.84 -13.69
C LEU B 112 24.24 -10.81 -12.22
N PRO B 113 25.00 -11.51 -11.36
CA PRO B 113 24.86 -11.39 -9.91
C PRO B 113 25.00 -9.94 -9.47
N LYS B 114 24.38 -9.58 -8.35
CA LYS B 114 24.43 -8.19 -7.87
C LYS B 114 25.85 -7.70 -7.63
N GLU B 115 26.65 -8.48 -6.91
CA GLU B 115 28.04 -8.10 -6.63
C GLU B 115 28.82 -7.80 -7.91
N GLU B 116 28.54 -8.54 -8.97
CA GLU B 116 29.23 -8.36 -10.24
C GLU B 116 28.69 -7.15 -11.00
N GLN B 117 27.39 -6.91 -10.90
CA GLN B 117 26.80 -5.73 -11.50
C GLN B 117 27.53 -4.47 -11.02
N VAL B 118 27.72 -4.38 -9.71
CA VAL B 118 28.42 -3.26 -9.10
C VAL B 118 29.79 -3.05 -9.74
N LYS B 119 30.61 -4.09 -9.76
CA LYS B 119 31.94 -4.01 -10.36
C LYS B 119 31.88 -3.45 -11.77
N CYS B 120 30.85 -3.81 -12.51
CA CYS B 120 30.73 -3.45 -13.92
C CYS B 120 30.23 -2.03 -14.10
N ILE B 121 29.16 -1.68 -13.40
CA ILE B 121 28.60 -0.34 -13.49
C ILE B 121 29.63 0.68 -13.03
N ASP B 122 30.41 0.33 -12.00
CA ASP B 122 31.49 1.19 -11.55
C ASP B 122 32.49 1.42 -12.67
N GLY B 123 32.99 0.33 -13.25
CA GLY B 123 33.95 0.41 -14.34
C GLY B 123 33.49 1.36 -15.43
N MET B 124 32.25 1.21 -15.87
CA MET B 124 31.70 2.05 -16.93
C MET B 124 31.60 3.52 -16.53
N ILE B 125 31.20 3.78 -15.29
CA ILE B 125 31.12 5.15 -14.81
C ILE B 125 32.48 5.83 -14.95
N ASP B 126 33.51 5.18 -14.45
CA ASP B 126 34.87 5.70 -14.60
C ASP B 126 35.19 5.97 -16.06
N ALA B 127 35.03 4.95 -16.90
CA ALA B 127 35.35 5.07 -18.31
C ALA B 127 34.57 6.20 -18.98
N ALA B 128 33.28 6.31 -18.63
CA ALA B 128 32.42 7.34 -19.21
C ALA B 128 32.86 8.75 -18.84
N LEU B 129 33.43 8.90 -17.65
CA LEU B 129 33.93 10.20 -17.20
C LEU B 129 35.25 10.55 -17.87
N GLU B 130 36.11 9.55 -18.08
CA GLU B 130 37.39 9.76 -18.73
C GLU B 130 37.20 9.96 -20.23
N ALA B 131 36.17 9.32 -20.78
CA ALA B 131 35.84 9.47 -22.19
C ALA B 131 35.38 10.89 -22.50
N ARG B 132 34.69 11.49 -21.54
CA ARG B 132 34.16 12.86 -21.70
C ARG B 132 35.29 13.86 -21.90
N VAL B 133 36.52 13.42 -21.65
CA VAL B 133 37.65 14.32 -21.60
C VAL B 133 38.81 13.84 -22.47
N ALA B 134 38.77 12.56 -22.84
CA ALA B 134 39.84 11.95 -23.63
C ALA B 134 40.02 12.63 -24.99
N ASN B 135 41.28 12.80 -25.40
CA ASN B 135 41.59 13.39 -26.70
C ASN B 135 42.58 12.55 -27.52
N THR B 136 43.10 11.49 -26.91
CA THR B 136 44.02 10.58 -27.60
C THR B 136 43.28 9.33 -28.06
N LYS B 137 43.99 8.47 -28.78
CA LYS B 137 43.40 7.24 -29.26
C LYS B 137 44.05 6.03 -28.60
N PRO B 138 43.24 4.98 -28.35
CA PRO B 138 43.74 3.74 -27.75
C PRO B 138 44.88 3.16 -28.58
N LYS B 139 45.91 2.67 -27.90
CA LYS B 139 47.06 2.08 -28.60
C LYS B 139 46.89 0.57 -28.79
N THR B 140 46.06 -0.05 -27.95
CA THR B 140 45.84 -1.48 -28.05
C THR B 140 44.37 -1.86 -27.89
N PHE B 141 44.06 -3.10 -28.23
CA PHE B 141 42.72 -3.66 -28.05
C PHE B 141 42.31 -3.52 -26.59
N ASP B 142 43.24 -3.84 -25.70
CA ASP B 142 42.99 -3.80 -24.26
C ASP B 142 42.61 -2.40 -23.76
N GLU B 143 43.38 -1.40 -24.17
CA GLU B 143 43.04 -0.01 -23.85
C GLU B 143 41.66 0.34 -24.37
N TRP B 144 41.40 0.01 -25.63
CA TRP B 144 40.09 0.28 -26.22
C TRP B 144 39.01 -0.30 -25.33
N ILE B 145 39.21 -1.54 -24.90
CA ILE B 145 38.24 -2.21 -24.04
C ILE B 145 38.02 -1.43 -22.75
N VAL B 146 39.11 -1.12 -22.05
CA VAL B 146 39.02 -0.36 -20.82
C VAL B 146 38.29 0.97 -21.03
N ARG B 147 38.72 1.73 -22.03
CA ARG B 147 38.11 3.02 -22.36
C ARG B 147 36.60 2.91 -22.59
N MET B 148 36.18 1.83 -23.25
CA MET B 148 34.81 1.72 -23.72
C MET B 148 33.88 1.00 -22.76
N MET B 149 34.44 0.15 -21.89
CA MET B 149 33.62 -0.70 -21.03
C MET B 149 34.00 -0.63 -19.55
N GLY B 150 35.23 -0.25 -19.27
CA GLY B 150 35.69 -0.17 -17.89
C GLY B 150 36.31 -1.47 -17.40
N THR B 151 37.10 -1.37 -16.35
CA THR B 151 37.86 -2.50 -15.83
C THR B 151 36.96 -3.64 -15.38
N GLY B 152 35.77 -3.30 -14.90
CA GLY B 152 34.85 -4.31 -14.41
C GLY B 152 34.55 -5.33 -15.48
N ILE B 153 34.04 -4.86 -16.61
CA ILE B 153 33.70 -5.72 -17.74
C ILE B 153 34.96 -6.30 -18.38
N ALA B 154 36.04 -5.52 -18.38
CA ALA B 154 37.31 -6.00 -18.94
C ALA B 154 37.78 -7.28 -18.25
N ASP B 155 37.83 -7.25 -16.91
CA ASP B 155 38.31 -8.40 -16.15
C ASP B 155 37.29 -9.54 -16.13
N LEU B 156 36.01 -9.20 -16.13
CA LEU B 156 34.96 -10.21 -16.02
C LEU B 156 34.79 -11.01 -17.30
N PHE B 157 34.77 -10.31 -18.44
CA PHE B 157 34.47 -10.95 -19.71
C PHE B 157 35.50 -10.72 -20.81
N MET B 158 35.66 -9.45 -21.21
CA MET B 158 36.45 -9.12 -22.39
C MET B 158 37.85 -9.73 -22.39
N ARG B 159 38.61 -9.48 -21.33
CA ARG B 159 40.01 -9.91 -21.29
C ARG B 159 40.16 -11.43 -21.33
N PRO B 160 39.46 -12.15 -20.44
CA PRO B 160 39.58 -13.61 -20.48
C PRO B 160 39.01 -14.22 -21.75
N TYR B 161 37.87 -13.73 -22.23
CA TYR B 161 37.28 -14.32 -23.43
C TYR B 161 38.14 -14.14 -24.67
N ASN B 162 38.65 -12.92 -24.86
CA ASN B 162 39.41 -12.63 -26.06
C ASN B 162 40.71 -13.42 -26.15
N PHE B 163 41.30 -13.74 -25.01
CA PHE B 163 42.48 -14.58 -25.04
C PHE B 163 42.07 -16.01 -25.38
N LYS B 164 40.87 -16.38 -24.94
CA LYS B 164 40.39 -17.73 -25.11
C LYS B 164 40.01 -18.01 -26.56
N VAL B 165 39.88 -16.96 -27.36
CA VAL B 165 39.54 -17.11 -28.77
C VAL B 165 40.68 -16.70 -29.72
N TRP B 166 41.31 -15.56 -29.46
CA TRP B 166 42.41 -15.07 -30.31
C TRP B 166 43.73 -15.78 -29.98
N ALA B 167 43.78 -16.43 -28.82
CA ALA B 167 44.99 -17.09 -28.37
C ALA B 167 46.14 -16.10 -28.18
N VAL B 168 45.80 -14.84 -27.96
CA VAL B 168 46.77 -13.81 -27.57
C VAL B 168 46.12 -12.80 -26.61
N PRO B 169 46.91 -12.29 -25.66
CA PRO B 169 46.38 -11.32 -24.71
C PRO B 169 45.85 -10.09 -25.44
N THR B 170 44.84 -9.44 -24.89
CA THR B 170 44.23 -8.28 -25.54
C THR B 170 45.23 -7.14 -25.72
N THR B 171 46.34 -7.19 -25.00
CA THR B 171 47.31 -6.11 -25.02
C THR B 171 48.24 -6.22 -26.22
N LYS B 172 48.13 -7.33 -26.95
CA LYS B 172 48.99 -7.59 -28.11
C LYS B 172 48.25 -7.35 -29.42
N MET B 173 46.99 -6.94 -29.33
CA MET B 173 46.19 -6.70 -30.51
C MET B 173 45.95 -5.21 -30.76
N GLN B 174 45.53 -4.89 -31.98
CA GLN B 174 45.27 -3.52 -32.41
C GLN B 174 43.80 -3.16 -32.21
N CYS B 175 43.47 -1.87 -32.22
CA CYS B 175 42.11 -1.42 -31.91
C CYS B 175 41.24 -1.16 -33.14
N ALA B 176 41.89 -1.02 -34.29
CA ALA B 176 41.23 -0.52 -35.52
C ALA B 176 40.23 -1.48 -36.17
N TRP B 177 40.28 -2.74 -35.78
CA TRP B 177 39.58 -3.79 -36.50
C TRP B 177 38.13 -4.00 -36.08
N LEU B 178 37.76 -3.43 -34.92
CA LEU B 178 36.53 -3.87 -34.26
C LEU B 178 35.30 -2.98 -34.44
N GLY B 179 35.24 -2.24 -35.54
CA GLY B 179 34.08 -1.41 -35.82
C GLY B 179 32.74 -2.08 -35.55
N GLU B 180 32.50 -3.22 -36.21
CA GLU B 180 31.21 -3.89 -36.11
C GLU B 180 31.28 -5.22 -35.35
N ARG B 181 32.40 -5.45 -34.68
CA ARG B 181 32.61 -6.70 -33.96
C ARG B 181 32.28 -6.55 -32.47
N VAL B 182 32.80 -5.49 -31.87
CA VAL B 182 32.64 -5.26 -30.43
C VAL B 182 31.72 -4.06 -30.15
N ALA B 183 30.67 -4.31 -29.37
CA ALA B 183 29.68 -3.28 -29.05
C ALA B 183 30.18 -2.34 -27.96
N ALA B 184 30.14 -1.04 -28.23
CA ALA B 184 30.46 -0.05 -27.22
C ALA B 184 29.19 0.27 -26.44
N PRO B 185 29.17 -0.07 -25.14
CA PRO B 185 27.98 0.09 -24.30
C PRO B 185 27.73 1.53 -23.83
N ASN B 186 26.47 1.91 -23.79
CA ASN B 186 26.05 3.22 -23.31
C ASN B 186 25.70 3.18 -21.82
N LEU B 187 26.39 3.96 -21.01
CA LEU B 187 26.25 3.91 -19.55
C LEU B 187 24.81 4.05 -19.07
N LYS B 188 24.09 5.05 -19.57
CA LYS B 188 22.72 5.27 -19.15
C LYS B 188 21.85 4.05 -19.46
N ALA B 189 21.95 3.53 -20.68
CA ALA B 189 21.13 2.39 -21.11
C ALA B 189 21.41 1.14 -20.30
N VAL B 190 22.69 0.91 -20.01
CA VAL B 190 23.11 -0.26 -19.22
C VAL B 190 22.52 -0.21 -17.81
N THR B 191 22.68 0.91 -17.12
CA THR B 191 22.19 1.05 -15.76
C THR B 191 20.66 1.09 -15.70
N THR B 192 20.02 1.66 -16.72
CA THR B 192 18.57 1.65 -16.78
C THR B 192 18.07 0.20 -16.83
N ASN B 193 18.78 -0.65 -17.57
CA ASN B 193 18.43 -2.06 -17.65
C ASN B 193 18.70 -2.81 -16.35
N VAL B 194 19.77 -2.45 -15.66
CA VAL B 194 20.09 -3.03 -14.36
C VAL B 194 18.98 -2.73 -13.36
N ILE B 195 18.48 -1.50 -13.41
CA ILE B 195 17.40 -1.06 -12.53
C ILE B 195 16.10 -1.78 -12.86
N LEU B 196 15.76 -1.83 -14.15
CA LEU B 196 14.49 -2.40 -14.57
C LEU B 196 14.49 -3.93 -14.67
N GLY B 197 15.65 -4.50 -14.98
CA GLY B 197 15.77 -5.93 -15.16
C GLY B 197 15.41 -6.36 -16.58
N LYS B 198 15.68 -5.48 -17.54
CA LYS B 198 15.40 -5.75 -18.94
C LYS B 198 16.65 -6.18 -19.70
N THR B 199 16.45 -6.72 -20.90
CA THR B 199 17.56 -7.19 -21.72
C THR B 199 17.75 -6.33 -22.96
N ALA B 200 18.80 -6.61 -23.72
CA ALA B 200 19.08 -5.87 -24.96
C ALA B 200 20.05 -6.66 -25.83
N GLY B 201 19.51 -7.63 -26.57
CA GLY B 201 20.33 -8.49 -27.41
C GLY B 201 20.00 -8.38 -28.89
N ASN B 202 19.94 -7.14 -29.38
CA ASN B 202 19.64 -6.89 -30.79
C ASN B 202 20.84 -6.32 -31.54
N TRP B 203 21.86 -5.92 -30.78
CA TRP B 203 23.06 -5.31 -31.37
C TRP B 203 23.83 -6.30 -32.24
N GLY B 204 24.27 -5.83 -33.40
CA GLY B 204 25.08 -6.66 -34.29
C GLY B 204 24.36 -6.99 -35.58
N PRO B 205 25.12 -7.40 -36.61
CA PRO B 205 24.59 -7.79 -37.91
C PRO B 205 23.94 -9.19 -37.92
N ASN B 206 24.00 -9.90 -36.79
CA ASN B 206 23.53 -11.28 -36.72
C ASN B 206 22.06 -11.46 -36.38
N ALA B 207 21.35 -10.35 -36.17
CA ALA B 207 19.93 -10.37 -35.81
C ALA B 207 19.18 -11.54 -36.46
N THR B 208 19.00 -11.45 -37.78
CA THR B 208 18.33 -12.50 -38.53
C THR B 208 19.24 -12.96 -39.66
N PHE B 209 19.48 -14.28 -39.73
CA PHE B 209 20.39 -14.85 -40.73
C PHE B 209 19.81 -16.07 -41.41
N ARG B 210 20.32 -16.41 -42.59
CA ARG B 210 19.89 -17.63 -43.27
C ARG B 210 20.98 -18.69 -43.33
N PHE B 211 20.56 -19.94 -43.52
CA PHE B 211 21.46 -21.08 -43.48
C PHE B 211 20.93 -22.17 -44.41
N PRO B 212 21.82 -22.77 -45.22
CA PRO B 212 21.46 -23.75 -46.24
C PRO B 212 20.77 -24.98 -45.66
N ALA B 213 19.71 -25.43 -46.30
CA ALA B 213 18.92 -26.56 -45.83
C ALA B 213 19.73 -27.86 -45.81
N ARG B 214 20.60 -28.02 -46.80
CA ARG B 214 21.37 -29.25 -46.94
C ARG B 214 22.84 -28.98 -47.19
N GLY B 215 23.69 -29.87 -46.66
CA GLY B 215 25.10 -29.84 -46.94
C GLY B 215 25.95 -28.86 -46.16
N GLY B 216 25.35 -28.19 -45.17
CA GLY B 216 26.08 -27.21 -44.39
C GLY B 216 26.41 -26.01 -45.26
N THR B 217 27.21 -25.08 -44.75
CA THR B 217 27.55 -23.91 -45.55
C THR B 217 28.36 -24.34 -46.77
N GLY B 218 29.05 -25.46 -46.64
CA GLY B 218 29.81 -26.02 -47.75
C GLY B 218 28.95 -26.32 -48.96
N GLY B 219 27.66 -26.53 -48.73
CA GLY B 219 26.73 -26.81 -49.81
C GLY B 219 26.55 -25.60 -50.68
N ILE B 220 26.64 -24.42 -50.08
CA ILE B 220 26.55 -23.16 -50.81
C ILE B 220 27.65 -23.04 -51.84
N TRP B 221 28.89 -23.25 -51.39
CA TRP B 221 30.07 -23.06 -52.24
C TRP B 221 30.26 -24.14 -53.29
N ILE B 222 29.69 -25.33 -53.03
CA ILE B 222 29.66 -26.37 -54.04
C ILE B 222 28.67 -25.96 -55.13
N ALA B 223 27.51 -25.46 -54.70
CA ALA B 223 26.49 -25.00 -55.63
C ALA B 223 27.01 -23.83 -56.46
N VAL B 224 27.62 -22.85 -55.81
CA VAL B 224 28.16 -21.69 -56.50
C VAL B 224 29.20 -22.10 -57.55
N ALA B 225 30.09 -23.01 -57.16
CA ALA B 225 31.13 -23.47 -58.08
C ALA B 225 30.54 -24.19 -59.29
N ASN B 226 29.37 -24.80 -59.12
CA ASN B 226 28.71 -25.51 -60.21
C ASN B 226 28.19 -24.60 -61.33
N THR B 227 28.07 -23.30 -61.04
CA THR B 227 27.62 -22.36 -62.05
C THR B 227 28.79 -21.89 -62.93
N LEU B 228 29.99 -22.37 -62.59
CA LEU B 228 31.18 -22.05 -63.37
C LEU B 228 31.37 -23.03 -64.51
N PRO B 229 32.00 -22.58 -65.60
CA PRO B 229 32.36 -23.52 -66.67
C PRO B 229 33.36 -24.53 -66.15
N LYS B 230 32.93 -25.78 -66.03
CA LYS B 230 33.74 -26.83 -65.42
C LYS B 230 35.15 -26.87 -66.00
N GLU B 231 35.25 -26.68 -67.32
CA GLU B 231 36.54 -26.80 -68.01
C GLU B 231 37.52 -25.71 -67.60
N LYS B 232 37.01 -24.65 -66.99
CA LYS B 232 37.88 -23.56 -66.53
C LYS B 232 38.32 -23.77 -65.09
N THR B 233 37.85 -24.87 -64.48
CA THR B 233 38.27 -25.22 -63.13
C THR B 233 39.22 -26.40 -63.12
N ARG B 234 40.03 -26.48 -62.07
CA ARG B 234 40.99 -27.56 -61.92
C ARG B 234 41.14 -27.87 -60.43
N PHE B 235 40.23 -28.69 -59.91
CA PHE B 235 40.16 -28.96 -58.48
C PHE B 235 40.65 -30.37 -58.14
N GLY B 236 41.46 -30.46 -57.09
CA GLY B 236 41.98 -31.73 -56.64
C GLY B 236 43.49 -31.74 -56.65
N GLU B 237 44.06 -32.93 -56.61
CA GLU B 237 45.51 -33.08 -56.64
C GLU B 237 46.08 -32.46 -57.91
N LYS B 238 45.29 -32.48 -58.97
CA LYS B 238 45.71 -31.92 -60.26
C LYS B 238 45.80 -30.40 -60.21
N GLY B 239 45.21 -29.80 -59.17
CA GLY B 239 45.13 -28.35 -59.07
C GLY B 239 45.96 -27.76 -57.96
N LYS B 240 46.75 -28.59 -57.31
CA LYS B 240 47.62 -28.13 -56.22
C LYS B 240 48.80 -27.32 -56.74
N VAL B 241 48.86 -26.05 -56.34
CA VAL B 241 49.98 -25.19 -56.71
C VAL B 241 51.18 -25.49 -55.83
N THR B 242 52.34 -25.69 -56.43
CA THR B 242 53.55 -26.00 -55.67
C THR B 242 54.59 -24.90 -55.84
N LYS B 243 54.48 -24.17 -56.95
CA LYS B 243 55.46 -23.14 -57.26
C LYS B 243 54.86 -21.94 -57.98
N VAL B 244 55.26 -20.74 -57.55
CA VAL B 244 54.86 -19.52 -58.23
C VAL B 244 56.10 -18.76 -58.66
N ASN B 245 56.25 -18.57 -59.97
CA ASN B 245 57.40 -17.86 -60.50
C ASN B 245 56.98 -16.45 -60.90
N ALA B 246 57.07 -15.52 -59.95
CA ALA B 246 56.59 -14.16 -60.16
C ALA B 246 57.33 -13.47 -61.30
N ASN B 247 58.62 -13.74 -61.43
CA ASN B 247 59.44 -13.08 -62.44
C ASN B 247 59.01 -13.34 -63.89
N ASN B 248 58.65 -14.58 -64.21
CA ASN B 248 58.12 -14.86 -65.55
C ASN B 248 56.65 -15.25 -65.57
N LYS B 249 55.96 -14.93 -64.47
CA LYS B 249 54.51 -15.11 -64.37
C LYS B 249 54.01 -16.49 -64.77
N THR B 250 54.61 -17.53 -64.19
CA THR B 250 54.11 -18.89 -64.41
C THR B 250 53.98 -19.65 -63.09
N VAL B 251 52.88 -20.36 -62.95
CA VAL B 251 52.64 -21.21 -61.80
C VAL B 251 52.87 -22.67 -62.19
N THR B 252 53.41 -23.44 -61.26
CA THR B 252 53.59 -24.87 -61.48
C THR B 252 52.72 -25.67 -60.54
N LEU B 253 52.03 -26.68 -61.06
CA LEU B 253 51.17 -27.51 -60.24
C LEU B 253 51.89 -28.77 -59.75
N GLN B 254 51.22 -29.52 -58.89
CA GLN B 254 51.76 -30.75 -58.33
C GLN B 254 52.12 -31.71 -59.45
N ASP B 255 51.24 -31.82 -60.45
CA ASP B 255 51.44 -32.81 -61.51
C ASP B 255 52.38 -32.30 -62.61
N GLY B 256 53.05 -31.19 -62.35
CA GLY B 256 54.05 -30.66 -63.27
C GLY B 256 53.50 -29.64 -64.26
N THR B 257 52.17 -29.58 -64.37
CA THR B 257 51.53 -28.63 -65.26
C THR B 257 52.00 -27.20 -65.00
N THR B 258 52.27 -26.47 -66.06
CA THR B 258 52.66 -25.06 -65.94
C THR B 258 51.56 -24.16 -66.49
N ILE B 259 51.27 -23.09 -65.76
CA ILE B 259 50.24 -22.14 -66.16
C ILE B 259 50.81 -20.73 -66.22
N GLY B 260 50.72 -20.10 -67.39
CA GLY B 260 51.16 -18.73 -67.52
C GLY B 260 49.99 -17.79 -67.28
N TYR B 261 50.26 -16.64 -66.68
CA TYR B 261 49.21 -15.67 -66.38
C TYR B 261 49.68 -14.25 -66.64
N LYS B 262 48.73 -13.35 -66.83
CA LYS B 262 49.05 -11.93 -66.91
C LYS B 262 48.79 -11.30 -65.55
N LYS B 263 47.69 -11.70 -64.91
CA LYS B 263 47.36 -11.24 -63.57
C LYS B 263 47.06 -12.44 -62.69
N LEU B 264 47.67 -12.46 -61.50
CA LEU B 264 47.43 -13.53 -60.55
C LEU B 264 46.60 -13.07 -59.36
N VAL B 265 45.49 -13.76 -59.11
CA VAL B 265 44.71 -13.57 -57.89
C VAL B 265 44.95 -14.77 -56.98
N SER B 266 45.71 -14.56 -55.92
CA SER B 266 46.10 -15.64 -55.02
C SER B 266 45.34 -15.58 -53.70
N THR B 267 44.58 -16.64 -53.40
CA THR B 267 43.79 -16.67 -52.17
C THR B 267 44.33 -17.67 -51.16
N MET B 268 45.48 -18.25 -51.44
CA MET B 268 46.14 -19.08 -50.44
C MET B 268 46.73 -18.19 -49.36
N ALA B 269 47.07 -18.78 -48.22
CA ALA B 269 47.68 -18.00 -47.14
C ALA B 269 48.95 -17.31 -47.65
N VAL B 270 49.00 -15.99 -47.47
CA VAL B 270 50.06 -15.18 -48.05
C VAL B 270 51.45 -15.64 -47.60
N ASP B 271 51.53 -16.27 -46.43
CA ASP B 271 52.79 -16.82 -45.98
C ASP B 271 53.18 -18.03 -46.85
N PHE B 272 52.21 -18.90 -47.14
CA PHE B 272 52.44 -20.02 -48.05
C PHE B 272 52.83 -19.52 -49.44
N LEU B 273 52.19 -18.44 -49.87
CA LEU B 273 52.49 -17.85 -51.16
C LEU B 273 53.96 -17.44 -51.26
N ALA B 274 54.41 -16.66 -50.27
CA ALA B 274 55.80 -16.24 -50.23
C ALA B 274 56.70 -17.47 -50.32
N GLU B 275 56.34 -18.52 -49.60
CA GLU B 275 57.11 -19.75 -49.60
C GLU B 275 57.17 -20.31 -51.02
N ALA B 276 56.02 -20.31 -51.69
CA ALA B 276 55.90 -20.90 -53.01
C ALA B 276 56.61 -20.05 -54.07
N MET B 277 56.85 -18.78 -53.76
CA MET B 277 57.56 -17.90 -54.67
C MET B 277 59.07 -18.05 -54.51
N ASN B 278 59.49 -18.63 -53.39
CA ASN B 278 60.90 -18.67 -53.02
C ASN B 278 61.45 -17.26 -52.89
N ASP B 279 60.58 -16.33 -52.51
CA ASP B 279 60.96 -14.94 -52.33
C ASP B 279 61.33 -14.69 -50.88
N GLN B 280 62.64 -14.64 -50.60
CA GLN B 280 63.14 -14.51 -49.24
C GLN B 280 62.60 -13.28 -48.52
N GLU B 281 62.60 -12.15 -49.20
CA GLU B 281 62.10 -10.92 -48.61
C GLU B 281 60.67 -11.10 -48.09
N LEU B 282 59.80 -11.59 -48.95
CA LEU B 282 58.39 -11.74 -48.59
C LEU B 282 58.19 -12.77 -47.49
N VAL B 283 58.95 -13.85 -47.53
CA VAL B 283 58.86 -14.87 -46.49
C VAL B 283 59.15 -14.25 -45.13
N GLY B 284 60.20 -13.44 -45.07
CA GLY B 284 60.55 -12.75 -43.85
C GLY B 284 59.43 -11.83 -43.41
N LEU B 285 58.88 -11.09 -44.36
CA LEU B 285 57.79 -10.17 -44.08
C LEU B 285 56.57 -10.92 -43.56
N THR B 286 56.19 -11.99 -44.24
CA THR B 286 55.01 -12.74 -43.84
C THR B 286 55.17 -13.39 -42.46
N LYS B 287 56.41 -13.64 -42.07
CA LYS B 287 56.67 -14.24 -40.75
C LYS B 287 56.42 -13.25 -39.60
N GLN B 288 56.24 -11.98 -39.95
CA GLN B 288 55.92 -10.95 -38.96
C GLN B 288 54.43 -10.94 -38.67
N LEU B 289 53.66 -11.67 -39.49
CA LEU B 289 52.23 -11.85 -39.25
C LEU B 289 52.03 -12.90 -38.16
N PHE B 290 50.79 -13.01 -37.67
CA PHE B 290 50.48 -13.96 -36.62
C PHE B 290 49.09 -14.53 -36.82
N TYR B 291 48.94 -15.82 -36.55
CA TYR B 291 47.64 -16.47 -36.69
C TYR B 291 47.42 -17.53 -35.63
N SER B 292 46.16 -17.86 -35.38
CA SER B 292 45.80 -18.90 -34.45
C SER B 292 45.20 -20.09 -35.19
N SER B 293 45.54 -21.29 -34.74
CA SER B 293 44.93 -22.50 -35.28
C SER B 293 43.60 -22.73 -34.58
N THR B 294 42.69 -23.43 -35.25
CA THR B 294 41.36 -23.67 -34.72
C THR B 294 41.04 -25.16 -34.68
N HIS B 295 40.68 -25.65 -33.49
CA HIS B 295 40.20 -27.02 -33.34
C HIS B 295 38.67 -27.01 -33.41
N VAL B 296 38.12 -27.73 -34.36
CA VAL B 296 36.67 -27.89 -34.42
C VAL B 296 36.27 -29.26 -33.87
N ILE B 297 35.45 -29.25 -32.82
CA ILE B 297 35.02 -30.48 -32.16
C ILE B 297 33.52 -30.66 -32.33
N GLY B 298 33.12 -31.81 -32.85
CA GLY B 298 31.72 -32.10 -33.04
C GLY B 298 31.25 -33.18 -32.08
N VAL B 299 30.06 -33.00 -31.53
CA VAL B 299 29.48 -34.00 -30.64
C VAL B 299 28.02 -34.30 -31.00
N GLY B 300 27.79 -35.50 -31.51
CA GLY B 300 26.45 -35.97 -31.82
C GLY B 300 25.89 -36.68 -30.60
N VAL B 301 24.69 -36.31 -30.20
CA VAL B 301 24.08 -36.85 -28.99
C VAL B 301 22.64 -37.29 -29.26
N ARG B 302 22.25 -38.40 -28.63
CA ARG B 302 20.90 -38.94 -28.80
C ARG B 302 19.90 -38.26 -27.87
N GLY B 303 18.71 -38.03 -28.38
CA GLY B 303 17.62 -37.51 -27.57
C GLY B 303 16.92 -36.34 -28.22
N SER B 304 15.68 -36.09 -27.82
CA SER B 304 14.98 -34.88 -28.24
C SER B 304 15.74 -33.68 -27.69
N ARG B 305 15.71 -32.57 -28.42
CA ARG B 305 16.44 -31.39 -28.01
C ARG B 305 16.03 -30.97 -26.60
N PRO B 306 16.97 -31.05 -25.64
CA PRO B 306 16.69 -30.67 -24.25
C PRO B 306 16.10 -29.27 -24.19
N GLU B 307 15.14 -29.05 -23.29
CA GLU B 307 14.54 -27.73 -23.16
C GLU B 307 15.58 -26.75 -22.61
N ARG B 308 16.56 -27.29 -21.88
CA ARG B 308 17.62 -26.49 -21.31
C ARG B 308 18.47 -25.85 -22.40
N ILE B 309 18.58 -26.55 -23.53
CA ILE B 309 19.29 -26.02 -24.70
C ILE B 309 18.40 -25.04 -25.45
N GLY B 310 17.15 -25.43 -25.68
CA GLY B 310 16.20 -24.56 -26.36
C GLY B 310 16.62 -24.23 -27.77
N ASP B 311 16.27 -23.03 -28.23
CA ASP B 311 16.62 -22.60 -29.58
C ASP B 311 17.90 -21.75 -29.61
N LYS B 312 18.77 -21.97 -28.63
CA LYS B 312 20.07 -21.31 -28.61
C LYS B 312 20.85 -21.64 -29.89
N CYS B 313 21.44 -20.61 -30.50
CA CYS B 313 22.24 -20.81 -31.70
C CYS B 313 23.72 -20.99 -31.36
N TRP B 314 24.38 -19.91 -30.94
CA TRP B 314 25.77 -20.04 -30.51
C TRP B 314 26.03 -19.39 -29.17
N LEU B 315 26.96 -19.98 -28.41
CA LEU B 315 27.17 -19.63 -27.01
C LEU B 315 28.64 -19.31 -26.72
N TYR B 316 28.88 -18.26 -25.95
CA TYR B 316 30.25 -17.83 -25.65
C TYR B 316 30.68 -18.25 -24.24
N PHE B 317 31.90 -18.76 -24.12
CA PHE B 317 32.40 -19.29 -22.86
C PHE B 317 33.71 -18.65 -22.40
N PRO B 318 33.61 -17.52 -21.69
CA PRO B 318 34.76 -16.80 -21.13
C PRO B 318 35.44 -17.50 -19.96
N GLU B 319 34.69 -18.29 -19.19
CA GLU B 319 35.23 -18.91 -17.98
C GLU B 319 36.15 -20.10 -18.28
N ASP B 320 36.89 -20.54 -17.27
CA ASP B 320 37.93 -21.56 -17.46
C ASP B 320 37.48 -22.98 -17.11
N ASN B 321 36.16 -23.21 -17.06
CA ASN B 321 35.63 -24.53 -16.78
C ASN B 321 35.45 -25.35 -18.07
N CYS B 322 35.88 -24.78 -19.18
CA CYS B 322 35.86 -25.48 -20.47
C CYS B 322 36.91 -24.87 -21.38
N PRO B 323 37.49 -25.68 -22.27
CA PRO B 323 38.58 -25.22 -23.13
C PRO B 323 38.10 -24.43 -24.33
N PHE B 324 36.83 -24.62 -24.71
CA PHE B 324 36.29 -24.00 -25.92
C PHE B 324 35.72 -22.61 -25.66
N TYR B 325 35.90 -21.71 -26.63
CA TYR B 325 35.42 -20.34 -26.49
C TYR B 325 34.00 -20.19 -27.01
N ARG B 326 33.57 -21.14 -27.85
CA ARG B 326 32.23 -21.07 -28.43
C ARG B 326 31.61 -22.45 -28.67
N ALA B 327 30.29 -22.49 -28.65
CA ALA B 327 29.55 -23.70 -28.91
C ALA B 327 28.34 -23.37 -29.76
N THR B 328 27.99 -24.26 -30.68
CA THR B 328 26.85 -24.03 -31.54
C THR B 328 25.93 -25.22 -31.50
N ILE B 329 24.64 -24.97 -31.27
CA ILE B 329 23.65 -26.04 -31.36
C ILE B 329 23.35 -26.24 -32.84
N PHE B 330 24.31 -26.83 -33.54
CA PHE B 330 24.28 -26.94 -34.99
C PHE B 330 23.00 -27.63 -35.48
N SER B 331 22.48 -28.53 -34.67
CA SER B 331 21.26 -29.25 -35.02
C SER B 331 20.07 -28.30 -35.16
N ASN B 332 20.20 -27.10 -34.62
CA ASN B 332 19.12 -26.13 -34.70
C ASN B 332 19.00 -25.45 -36.05
N TYR B 333 20.09 -25.41 -36.81
CA TYR B 333 20.11 -24.68 -38.08
C TYR B 333 19.35 -25.41 -39.17
N SER B 334 19.53 -26.72 -39.22
CA SER B 334 18.86 -27.54 -40.23
C SER B 334 18.60 -28.95 -39.71
N PRO B 335 17.43 -29.51 -40.03
CA PRO B 335 17.15 -30.89 -39.63
C PRO B 335 18.06 -31.87 -40.36
N TYR B 336 18.73 -31.37 -41.38
CA TYR B 336 19.57 -32.21 -42.22
C TYR B 336 21.05 -32.14 -41.86
N ASN B 337 21.35 -31.59 -40.68
CA ASN B 337 22.73 -31.55 -40.20
C ASN B 337 23.07 -32.78 -39.36
N GLN B 338 22.04 -33.61 -39.12
CA GLN B 338 22.20 -34.85 -38.37
C GLN B 338 21.16 -35.85 -38.88
N PRO B 339 21.37 -37.15 -38.58
CA PRO B 339 20.47 -38.20 -39.06
C PRO B 339 19.03 -37.98 -38.65
N GLU B 340 18.11 -38.64 -39.35
CA GLU B 340 16.70 -38.63 -38.96
C GLU B 340 16.54 -39.47 -37.70
N ALA B 341 15.38 -39.38 -37.06
CA ALA B 341 15.14 -40.13 -35.84
C ALA B 341 15.10 -41.64 -36.09
N SER B 342 14.67 -42.02 -37.28
CA SER B 342 14.52 -43.44 -37.62
C SER B 342 15.87 -44.17 -37.77
N LYS B 343 16.94 -43.41 -37.96
CA LYS B 343 18.26 -44.01 -38.09
C LYS B 343 18.71 -44.59 -36.75
N LYS B 344 19.23 -45.81 -36.78
CA LYS B 344 19.74 -46.44 -35.56
C LYS B 344 21.25 -46.31 -35.43
N LEU B 345 21.70 -45.92 -34.24
CA LEU B 345 23.12 -45.76 -33.98
C LEU B 345 23.43 -46.26 -32.57
N PRO B 346 24.61 -46.87 -32.40
CA PRO B 346 25.05 -47.31 -31.07
C PRO B 346 25.68 -46.15 -30.28
N THR B 347 25.52 -46.16 -28.96
CA THR B 347 26.12 -45.14 -28.13
C THR B 347 27.61 -45.41 -27.97
N MET B 348 28.42 -44.40 -28.21
CA MET B 348 29.86 -44.55 -28.10
C MET B 348 30.31 -44.37 -26.65
N GLN B 349 29.70 -43.41 -25.97
CA GLN B 349 30.01 -43.14 -24.58
C GLN B 349 28.96 -42.22 -23.98
N LEU B 350 29.03 -42.04 -22.66
CA LEU B 350 28.20 -41.06 -21.98
C LEU B 350 29.02 -39.80 -21.79
N ALA B 351 28.33 -38.68 -21.61
CA ALA B 351 29.01 -37.39 -21.46
C ALA B 351 30.08 -37.44 -20.38
N ASP B 352 29.86 -38.25 -19.34
CA ASP B 352 30.79 -38.31 -18.21
C ASP B 352 32.03 -39.14 -18.52
N GLY B 353 32.06 -39.71 -19.72
CA GLY B 353 33.25 -40.42 -20.18
C GLY B 353 33.19 -41.92 -19.97
N SER B 354 32.16 -42.38 -19.27
CA SER B 354 32.01 -43.81 -18.98
C SER B 354 31.36 -44.55 -20.14
N ARG B 355 31.36 -45.88 -20.07
CA ARG B 355 30.79 -46.69 -21.14
C ARG B 355 29.27 -46.79 -21.10
N PRO B 356 28.66 -46.95 -22.28
CA PRO B 356 27.20 -47.02 -22.40
C PRO B 356 26.69 -48.32 -21.81
N GLN B 357 25.54 -48.26 -21.14
CA GLN B 357 24.97 -49.45 -20.52
C GLN B 357 24.55 -50.46 -21.60
N SER B 358 24.51 -50.00 -22.85
CA SER B 358 24.06 -50.82 -23.95
C SER B 358 24.72 -50.41 -25.26
N THR B 359 25.34 -51.37 -25.95
CA THR B 359 26.04 -51.08 -27.20
C THR B 359 25.25 -51.54 -28.42
N GLU B 360 23.94 -51.69 -28.26
CA GLU B 360 23.08 -51.98 -29.39
C GLU B 360 22.73 -50.68 -30.09
N ALA B 361 22.41 -50.77 -31.38
CA ALA B 361 22.05 -49.60 -32.15
C ALA B 361 20.58 -49.21 -31.96
N LYS B 362 20.35 -48.14 -31.22
CA LYS B 362 18.99 -47.64 -30.99
C LYS B 362 18.67 -46.45 -31.89
N GLU B 363 17.40 -46.05 -31.88
CA GLU B 363 16.96 -44.94 -32.70
C GLU B 363 17.28 -43.59 -32.06
N GLY B 364 16.94 -42.53 -32.79
CA GLY B 364 17.10 -41.18 -32.28
C GLY B 364 15.84 -40.71 -31.56
N PRO B 365 15.46 -39.44 -31.76
CA PRO B 365 16.13 -38.47 -32.63
C PRO B 365 17.48 -38.01 -32.07
N TYR B 366 18.11 -37.06 -32.75
CA TYR B 366 19.44 -36.60 -32.39
C TYR B 366 19.55 -35.08 -32.42
N TRP B 367 20.49 -34.56 -31.65
CA TRP B 367 20.84 -33.14 -31.71
C TRP B 367 22.37 -33.03 -31.74
N SER B 368 22.89 -31.87 -32.12
CA SER B 368 24.32 -31.76 -32.40
C SER B 368 24.95 -30.52 -31.79
N ILE B 369 26.15 -30.70 -31.24
CA ILE B 369 26.91 -29.59 -30.68
C ILE B 369 28.26 -29.46 -31.39
N MET B 370 28.61 -28.21 -31.73
CA MET B 370 29.88 -27.93 -32.37
C MET B 370 30.71 -26.96 -31.53
N LEU B 371 31.94 -27.35 -31.21
CA LEU B 371 32.81 -26.55 -30.36
C LEU B 371 33.98 -25.99 -31.14
N GLU B 372 34.59 -24.94 -30.59
CA GLU B 372 35.80 -24.35 -31.15
C GLU B 372 36.83 -24.13 -30.05
N VAL B 373 38.07 -24.49 -30.33
CA VAL B 373 39.15 -24.30 -29.38
C VAL B 373 40.33 -23.71 -30.14
N SER B 374 40.86 -22.59 -29.65
CA SER B 374 41.96 -21.91 -30.34
C SER B 374 43.33 -22.40 -29.88
N GLU B 375 44.31 -22.31 -30.78
CA GLU B 375 45.67 -22.72 -30.48
C GLU B 375 46.66 -21.71 -31.06
N SER B 376 47.75 -21.48 -30.34
CA SER B 376 48.81 -20.60 -30.84
C SER B 376 50.11 -20.87 -30.09
N SER B 377 51.18 -20.21 -30.50
CA SER B 377 52.45 -20.30 -29.78
C SER B 377 52.31 -19.74 -28.37
N MET B 378 51.22 -19.02 -28.11
CA MET B 378 50.95 -18.45 -26.79
C MET B 378 49.90 -19.25 -26.03
N LYS B 379 49.32 -20.24 -26.69
CA LYS B 379 48.29 -21.07 -26.07
C LYS B 379 48.26 -22.44 -26.71
N PRO B 380 49.19 -23.31 -26.32
CA PRO B 380 49.25 -24.66 -26.90
C PRO B 380 48.05 -25.49 -26.47
N VAL B 381 47.72 -26.51 -27.24
CA VAL B 381 46.66 -27.46 -26.87
C VAL B 381 47.06 -28.90 -27.16
N ASN B 382 46.71 -29.79 -26.26
CA ASN B 382 46.98 -31.21 -26.43
C ASN B 382 45.91 -31.88 -27.27
N GLN B 383 46.26 -32.24 -28.50
CA GLN B 383 45.30 -32.82 -29.43
C GLN B 383 44.67 -34.11 -28.94
N GLU B 384 45.46 -34.95 -28.27
CA GLU B 384 44.98 -36.27 -27.87
C GLU B 384 44.06 -36.25 -26.65
N THR B 385 43.98 -35.09 -25.98
CA THR B 385 43.06 -34.96 -24.86
C THR B 385 41.94 -33.97 -25.14
N ILE B 386 42.13 -33.10 -26.12
CA ILE B 386 41.20 -32.01 -26.36
C ILE B 386 39.75 -32.47 -26.54
N LEU B 387 39.54 -33.52 -27.32
CA LEU B 387 38.17 -34.01 -27.53
C LEU B 387 37.52 -34.33 -26.19
N ALA B 388 38.23 -35.09 -25.37
CA ALA B 388 37.72 -35.47 -24.06
C ALA B 388 37.49 -34.23 -23.20
N ASP B 389 38.50 -33.37 -23.12
CA ASP B 389 38.39 -32.15 -22.31
C ASP B 389 37.17 -31.33 -22.72
N CYS B 390 36.89 -31.30 -24.02
CA CYS B 390 35.73 -30.59 -24.53
C CYS B 390 34.43 -31.20 -24.01
N ILE B 391 34.35 -32.52 -24.07
CA ILE B 391 33.14 -33.20 -23.60
C ILE B 391 32.93 -32.93 -22.11
N GLN B 392 34.01 -32.99 -21.33
CA GLN B 392 33.94 -32.64 -19.93
C GLN B 392 33.43 -31.21 -19.77
N GLY B 393 34.01 -30.30 -20.54
CA GLY B 393 33.57 -28.91 -20.52
C GLY B 393 32.09 -28.80 -20.75
N LEU B 394 31.55 -29.67 -21.61
CA LEU B 394 30.13 -29.65 -21.89
C LEU B 394 29.36 -30.03 -20.63
N VAL B 395 29.94 -30.92 -19.84
CA VAL B 395 29.35 -31.31 -18.57
C VAL B 395 29.38 -30.15 -17.58
N ASN B 396 30.58 -29.59 -17.38
CA ASN B 396 30.78 -28.50 -16.42
C ASN B 396 29.89 -27.28 -16.69
N THR B 397 29.56 -27.06 -17.95
CA THR B 397 28.75 -25.92 -18.32
C THR B 397 27.29 -26.32 -18.38
N GLU B 398 27.02 -27.57 -18.03
CA GLU B 398 25.66 -28.10 -18.02
C GLU B 398 25.03 -28.10 -19.42
N MET B 399 25.89 -28.16 -20.43
CA MET B 399 25.42 -28.33 -21.80
C MET B 399 24.97 -29.78 -21.95
N LEU B 400 25.69 -30.69 -21.31
CA LEU B 400 25.35 -32.11 -21.33
C LEU B 400 25.23 -32.66 -19.92
N LYS B 401 24.23 -33.50 -19.70
CA LYS B 401 24.13 -34.27 -18.47
C LYS B 401 25.14 -35.39 -18.53
N PRO B 402 25.73 -35.77 -17.39
CA PRO B 402 26.70 -36.86 -17.40
C PRO B 402 26.13 -38.15 -17.99
N THR B 403 24.80 -38.21 -18.11
CA THR B 403 24.13 -39.40 -18.59
C THR B 403 23.79 -39.34 -20.08
N ASP B 404 23.87 -38.14 -20.65
CA ASP B 404 23.60 -37.96 -22.08
C ASP B 404 24.44 -38.93 -22.92
N GLU B 405 23.81 -39.56 -23.90
CA GLU B 405 24.47 -40.56 -24.74
C GLU B 405 25.13 -39.93 -25.97
N ILE B 406 26.45 -40.06 -26.05
CA ILE B 406 27.16 -39.56 -27.23
C ILE B 406 27.14 -40.61 -28.34
N VAL B 407 26.65 -40.20 -29.50
CA VAL B 407 26.51 -41.11 -30.63
C VAL B 407 27.63 -40.97 -31.66
N SER B 408 28.15 -39.75 -31.81
CA SER B 408 29.20 -39.48 -32.78
C SER B 408 30.17 -38.43 -32.25
N THR B 409 31.43 -38.52 -32.67
CA THR B 409 32.39 -37.47 -32.35
C THR B 409 33.16 -37.02 -33.58
N TYR B 410 33.55 -35.75 -33.57
CA TYR B 410 34.31 -35.15 -34.66
C TYR B 410 35.41 -34.26 -34.09
N HIS B 411 36.60 -34.36 -34.68
CA HIS B 411 37.69 -33.47 -34.31
C HIS B 411 38.65 -33.26 -35.47
N ARG B 412 38.90 -32.00 -35.79
CA ARG B 412 39.83 -31.65 -36.86
C ARG B 412 40.51 -30.34 -36.52
N ARG B 413 41.82 -30.27 -36.75
CA ARG B 413 42.59 -29.06 -36.49
C ARG B 413 42.91 -28.34 -37.80
N PHE B 414 42.56 -27.06 -37.85
CA PHE B 414 42.89 -26.23 -39.01
C PHE B 414 44.04 -25.30 -38.65
N ASP B 415 45.19 -25.49 -39.29
CA ASP B 415 46.39 -24.72 -38.96
C ASP B 415 46.14 -23.22 -39.00
N HIS B 416 45.71 -22.73 -40.18
CA HIS B 416 45.38 -21.32 -40.34
C HIS B 416 43.89 -21.11 -40.10
N GLY B 417 43.54 -20.71 -38.89
CA GLY B 417 42.14 -20.52 -38.53
C GLY B 417 41.73 -19.06 -38.47
N TYR B 418 42.40 -18.31 -37.61
CA TYR B 418 42.13 -16.89 -37.48
C TYR B 418 43.36 -16.08 -37.83
N PRO B 419 43.19 -15.05 -38.67
CA PRO B 419 44.25 -14.07 -38.88
C PRO B 419 44.26 -13.07 -37.72
N THR B 420 45.27 -13.16 -36.86
CA THR B 420 45.31 -12.34 -35.66
C THR B 420 45.59 -10.87 -35.97
N PRO B 421 44.66 -9.98 -35.59
CA PRO B 421 44.86 -8.54 -35.77
C PRO B 421 45.85 -8.00 -34.74
N THR B 422 47.10 -8.45 -34.80
CA THR B 422 48.11 -8.01 -33.86
C THR B 422 48.52 -6.56 -34.15
N LEU B 423 49.23 -5.96 -33.20
CA LEU B 423 49.74 -4.62 -33.38
C LEU B 423 50.62 -4.55 -34.62
N GLU B 424 51.39 -5.61 -34.83
CA GLU B 424 52.39 -5.65 -35.90
C GLU B 424 51.79 -5.85 -37.28
N ARG B 425 50.55 -6.32 -37.33
CA ARG B 425 49.91 -6.71 -38.59
C ARG B 425 50.11 -5.72 -39.72
N GLU B 426 49.48 -4.56 -39.59
CA GLU B 426 49.49 -3.55 -40.65
C GLU B 426 50.90 -3.17 -41.12
N GLY B 427 51.84 -3.11 -40.17
CA GLY B 427 53.22 -2.83 -40.52
C GLY B 427 53.73 -3.82 -41.55
N ALA B 428 53.32 -5.07 -41.40
CA ALA B 428 53.71 -6.11 -42.33
C ALA B 428 52.90 -6.04 -43.64
N LEU B 429 51.58 -6.02 -43.51
CA LEU B 429 50.70 -6.03 -44.68
C LEU B 429 50.97 -4.88 -45.64
N THR B 430 51.19 -3.69 -45.10
CA THR B 430 51.43 -2.51 -45.94
C THR B 430 52.77 -2.59 -46.65
N GLN B 431 53.48 -3.68 -46.42
CA GLN B 431 54.70 -3.96 -47.18
C GLN B 431 54.48 -5.14 -48.10
N ILE B 432 53.99 -6.24 -47.52
CA ILE B 432 53.71 -7.48 -48.25
C ILE B 432 52.80 -7.29 -49.47
N LEU B 433 51.61 -6.75 -49.24
CA LEU B 433 50.63 -6.62 -50.31
C LEU B 433 51.09 -5.74 -51.48
N PRO B 434 51.60 -4.53 -51.20
CA PRO B 434 52.03 -3.65 -52.28
C PRO B 434 53.13 -4.28 -53.12
N LYS B 435 54.12 -4.88 -52.45
CA LYS B 435 55.21 -5.55 -53.15
C LYS B 435 54.68 -6.68 -54.04
N LEU B 436 53.66 -7.38 -53.56
CA LEU B 436 53.02 -8.43 -54.35
C LEU B 436 52.29 -7.81 -55.54
N GLN B 437 51.71 -6.64 -55.34
CA GLN B 437 50.92 -6.01 -56.39
C GLN B 437 51.81 -5.50 -57.51
N ASP B 438 53.04 -5.12 -57.16
CA ASP B 438 54.01 -4.66 -58.13
C ASP B 438 54.45 -5.81 -59.04
N LYS B 439 54.11 -7.03 -58.62
CA LYS B 439 54.38 -8.21 -59.43
C LYS B 439 53.09 -8.69 -60.11
N ASP B 440 52.10 -7.81 -60.17
CA ASP B 440 50.77 -8.15 -60.70
C ASP B 440 50.14 -9.31 -59.96
N ILE B 441 50.35 -9.36 -58.65
CA ILE B 441 49.77 -10.41 -57.83
C ILE B 441 48.82 -9.81 -56.80
N TRP B 442 47.53 -10.10 -56.96
CA TRP B 442 46.52 -9.69 -56.00
C TRP B 442 46.34 -10.80 -54.98
N SER B 443 46.95 -10.65 -53.81
CA SER B 443 46.76 -11.58 -52.73
C SER B 443 45.57 -11.10 -51.90
N ARG B 444 44.52 -11.92 -51.86
CA ARG B 444 43.27 -11.54 -51.22
C ARG B 444 42.62 -12.73 -50.52
N GLY B 445 41.99 -12.47 -49.39
CA GLY B 445 41.28 -13.49 -48.65
C GLY B 445 41.55 -13.45 -47.15
N ARG B 446 40.94 -14.37 -46.41
CA ARG B 446 41.09 -14.40 -44.96
C ARG B 446 42.56 -14.52 -44.60
N PHE B 447 43.29 -15.30 -45.38
CA PHE B 447 44.74 -15.38 -45.19
C PHE B 447 45.49 -14.88 -46.42
N GLY B 448 44.74 -14.63 -47.49
CA GLY B 448 45.31 -14.01 -48.67
C GLY B 448 45.73 -12.59 -48.34
N SER B 449 44.86 -11.87 -47.65
CA SER B 449 45.16 -10.49 -47.25
C SER B 449 45.15 -10.32 -45.73
N TRP B 450 44.68 -11.34 -45.01
CA TRP B 450 44.98 -11.45 -43.59
C TRP B 450 44.24 -10.45 -42.69
N ARG B 451 43.19 -9.82 -43.19
CA ARG B 451 42.47 -8.86 -42.37
C ARG B 451 41.11 -9.38 -41.89
N TYR B 452 41.06 -9.77 -40.62
CA TYR B 452 39.87 -10.33 -40.00
C TYR B 452 38.62 -9.45 -40.11
N GLU B 453 38.77 -8.13 -39.96
CA GLU B 453 37.63 -7.21 -39.99
C GLU B 453 36.81 -7.43 -41.24
N VAL B 454 37.41 -8.11 -42.19
CA VAL B 454 36.85 -8.21 -43.51
C VAL B 454 37.13 -9.65 -43.96
N GLY B 455 36.97 -10.56 -43.00
CA GLY B 455 37.34 -11.95 -43.18
C GLY B 455 36.18 -12.93 -43.16
N ASN B 456 34.96 -12.41 -43.22
CA ASN B 456 33.79 -13.28 -43.33
C ASN B 456 33.60 -13.78 -44.76
N GLN B 457 32.74 -14.77 -44.92
CA GLN B 457 32.49 -15.36 -46.23
C GLN B 457 32.12 -14.32 -47.29
N ASP B 458 31.21 -13.40 -46.96
CA ASP B 458 30.82 -12.38 -47.93
C ASP B 458 31.95 -11.39 -48.18
N HIS B 459 32.67 -11.02 -47.13
CA HIS B 459 33.85 -10.16 -47.27
C HIS B 459 34.84 -10.82 -48.23
N SER B 460 35.15 -12.08 -47.96
CA SER B 460 36.12 -12.83 -48.76
C SER B 460 35.66 -12.96 -50.21
N PHE B 461 34.42 -13.40 -50.40
CA PHE B 461 33.86 -13.55 -51.73
C PHE B 461 34.09 -12.24 -52.47
N MET B 462 33.81 -11.13 -51.79
CA MET B 462 33.92 -9.83 -52.43
C MET B 462 35.37 -9.42 -52.65
N LEU B 463 36.25 -9.80 -51.73
CA LEU B 463 37.65 -9.49 -51.91
C LEU B 463 38.11 -10.01 -53.26
N GLY B 464 37.55 -11.15 -53.66
CA GLY B 464 37.88 -11.76 -54.93
C GLY B 464 37.19 -11.04 -56.07
N VAL B 465 35.90 -10.82 -55.93
CA VAL B 465 35.14 -10.06 -56.91
C VAL B 465 35.83 -8.72 -57.19
N GLU B 466 36.14 -8.00 -56.12
CA GLU B 466 36.73 -6.67 -56.24
C GLU B 466 38.15 -6.70 -56.78
N ALA B 467 38.88 -7.79 -56.55
CA ALA B 467 40.22 -7.92 -57.11
C ALA B 467 40.08 -7.99 -58.62
N VAL B 468 39.17 -8.84 -59.08
CA VAL B 468 38.94 -8.96 -60.51
C VAL B 468 38.46 -7.62 -61.06
N ASP B 469 37.46 -7.04 -60.41
CA ASP B 469 36.90 -5.77 -60.83
C ASP B 469 37.97 -4.66 -60.92
N ASN B 470 39.02 -4.78 -60.11
CA ASN B 470 40.11 -3.82 -60.17
C ASN B 470 41.00 -4.13 -61.37
N ILE B 471 41.26 -5.44 -61.56
CA ILE B 471 42.09 -5.90 -62.65
C ILE B 471 41.50 -5.57 -64.01
N VAL B 472 40.17 -5.65 -64.11
CA VAL B 472 39.49 -5.52 -65.39
C VAL B 472 38.92 -4.12 -65.63
N ASN B 473 38.12 -3.63 -64.68
CA ASN B 473 37.38 -2.38 -64.85
C ASN B 473 37.95 -1.20 -64.08
N GLY B 474 39.08 -1.39 -63.42
CA GLY B 474 39.71 -0.32 -62.67
C GLY B 474 38.91 0.15 -61.48
N ALA B 475 38.09 -0.75 -60.92
CA ALA B 475 37.36 -0.45 -59.70
C ALA B 475 38.31 -0.38 -58.52
N VAL B 476 37.96 0.41 -57.52
CA VAL B 476 38.79 0.49 -56.32
C VAL B 476 38.45 -0.67 -55.40
N GLU B 477 39.47 -1.25 -54.80
CA GLU B 477 39.29 -2.36 -53.87
C GLU B 477 38.91 -1.81 -52.51
N LEU B 478 37.61 -1.56 -52.33
CA LEU B 478 37.07 -0.94 -51.12
C LEU B 478 37.13 -1.85 -49.91
N THR B 479 36.74 -3.12 -50.09
CA THR B 479 36.70 -4.07 -48.99
C THR B 479 38.08 -4.35 -48.41
N LEU B 480 39.10 -4.37 -49.25
CA LEU B 480 40.46 -4.63 -48.79
C LEU B 480 41.01 -3.47 -47.95
N ASN B 481 40.80 -2.25 -48.43
CA ASN B 481 41.46 -1.09 -47.85
C ASN B 481 40.59 -0.23 -46.92
N TYR B 482 39.28 -0.46 -46.97
CA TYR B 482 38.37 0.37 -46.19
C TYR B 482 37.25 -0.45 -45.56
N PRO B 483 37.61 -1.35 -44.64
CA PRO B 483 36.63 -2.23 -44.00
C PRO B 483 35.44 -1.43 -43.48
N ASP B 484 35.70 -0.37 -42.73
CA ASP B 484 34.64 0.37 -42.08
C ASP B 484 33.68 0.99 -43.09
N PHE B 485 34.19 1.31 -44.28
CA PHE B 485 33.35 1.87 -45.34
C PHE B 485 32.35 0.85 -45.89
N VAL B 486 32.83 -0.34 -46.21
CA VAL B 486 31.97 -1.38 -46.77
C VAL B 486 31.03 -1.95 -45.73
N ASN B 487 31.49 -2.04 -44.48
CA ASN B 487 30.68 -2.59 -43.39
C ASN B 487 29.59 -1.63 -42.91
N GLY B 488 29.81 -0.35 -43.12
CA GLY B 488 28.88 0.65 -42.62
C GLY B 488 27.82 1.07 -43.63
N ARG B 489 27.77 0.38 -44.77
CA ARG B 489 26.82 0.74 -45.82
C ARG B 489 26.13 -0.48 -46.40
N GLN B 490 25.10 -0.24 -47.19
CA GLN B 490 24.49 -1.27 -48.00
C GLN B 490 25.09 -1.24 -49.39
N ASN B 491 25.92 -2.23 -49.69
CA ASN B 491 26.62 -2.30 -50.96
C ASN B 491 25.74 -2.92 -52.04
N THR B 492 25.00 -2.07 -52.73
CA THR B 492 23.93 -2.53 -53.63
C THR B 492 24.24 -2.34 -55.10
N GLU B 493 25.32 -1.63 -55.41
CA GLU B 493 25.60 -1.21 -56.78
C GLU B 493 26.05 -2.38 -57.68
N ARG B 494 26.97 -3.20 -57.21
CA ARG B 494 27.46 -4.30 -58.03
C ARG B 494 26.49 -5.48 -57.98
N ARG B 495 26.13 -6.00 -59.15
CA ARG B 495 25.17 -7.10 -59.24
C ARG B 495 25.66 -8.25 -60.13
N LEU B 496 25.08 -9.43 -59.95
CA LEU B 496 25.43 -10.58 -60.78
C LEU B 496 25.05 -10.32 -62.23
N VAL B 497 24.10 -9.42 -62.44
CA VAL B 497 23.82 -8.90 -63.78
C VAL B 497 23.92 -7.38 -63.79
N ASP B 498 25.05 -6.86 -64.29
CA ASP B 498 25.23 -5.42 -64.44
C ASP B 498 24.71 -4.94 -65.79
N GLY B 499 24.63 -3.62 -65.96
CA GLY B 499 24.20 -3.05 -67.22
C GLY B 499 25.00 -3.60 -68.38
N ALA B 500 26.30 -3.80 -68.18
CA ALA B 500 27.16 -4.34 -69.22
C ALA B 500 26.55 -5.57 -69.90
N GLN B 501 26.10 -6.52 -69.07
CA GLN B 501 25.54 -7.76 -69.59
C GLN B 501 24.16 -7.56 -70.23
N VAL B 502 23.36 -6.66 -69.65
CA VAL B 502 22.06 -6.32 -70.20
C VAL B 502 22.19 -5.73 -71.61
N PHE B 503 23.08 -4.75 -71.77
CA PHE B 503 23.27 -4.06 -73.05
C PHE B 503 23.86 -4.97 -74.13
N ALA B 504 24.72 -5.89 -73.73
CA ALA B 504 25.33 -6.83 -74.68
C ALA B 504 24.31 -7.85 -75.13
N LYS B 505 23.39 -8.19 -74.22
CA LYS B 505 22.34 -9.16 -74.50
C LYS B 505 21.34 -8.59 -75.50
N SER B 506 21.01 -7.31 -75.32
CA SER B 506 20.07 -6.64 -76.21
C SER B 506 20.69 -6.33 -77.57
N LYS B 507 22.01 -6.22 -77.62
CA LYS B 507 22.72 -5.96 -78.87
C LYS B 507 22.79 -7.22 -79.72
N ALA B 508 22.78 -8.37 -79.06
CA ALA B 508 22.80 -9.68 -79.73
C ALA B 508 21.40 -10.11 -80.14
N GLN B 509 20.39 -9.43 -79.61
CA GLN B 509 18.99 -9.73 -79.91
C GLN B 509 18.60 -9.23 -81.31
N LEU B 510 19.02 -8.00 -81.65
CA LEU B 510 18.77 -7.48 -82.98
C LEU B 510 19.91 -7.79 -83.95
N THR C 1 -11.06 -30.83 21.80
CA THR C 1 -10.11 -29.88 21.23
C THR C 1 -10.72 -29.11 20.05
N HIS C 2 -10.82 -27.80 20.19
CA HIS C 2 -11.42 -26.94 19.17
C HIS C 2 -10.59 -26.85 17.90
N PRO C 3 -11.27 -26.80 16.74
CA PRO C 3 -10.63 -26.62 15.43
C PRO C 3 -10.19 -25.18 15.22
N ASP C 4 -9.22 -24.97 14.34
CA ASP C 4 -8.73 -23.62 14.05
C ASP C 4 -9.86 -22.72 13.58
N ILE C 5 -10.75 -23.26 12.76
CA ILE C 5 -11.89 -22.50 12.27
C ILE C 5 -13.18 -23.30 12.38
N SER C 6 -14.28 -22.60 12.66
CA SER C 6 -15.59 -23.22 12.71
C SER C 6 -16.62 -22.42 11.93
N VAL C 7 -17.31 -23.09 11.02
CA VAL C 7 -18.41 -22.48 10.28
C VAL C 7 -19.60 -23.41 10.28
N ASP C 8 -20.79 -22.87 10.06
CA ASP C 8 -21.99 -23.68 9.97
C ASP C 8 -21.96 -24.52 8.71
N VAL C 9 -21.59 -23.89 7.60
CA VAL C 9 -21.52 -24.58 6.32
C VAL C 9 -20.15 -24.40 5.68
N LEU C 10 -19.46 -25.50 5.44
CA LEU C 10 -18.17 -25.46 4.76
C LEU C 10 -18.32 -25.91 3.31
N VAL C 11 -17.71 -25.15 2.41
CA VAL C 11 -17.79 -25.44 0.99
C VAL C 11 -16.41 -25.78 0.45
N ILE C 12 -16.23 -27.03 0.00
CA ILE C 12 -14.96 -27.44 -0.60
C ILE C 12 -15.06 -27.38 -2.12
N GLY C 13 -14.17 -26.59 -2.71
CA GLY C 13 -14.13 -26.43 -4.15
C GLY C 13 -14.78 -25.15 -4.64
N ALA C 14 -14.07 -24.40 -5.46
CA ALA C 14 -14.59 -23.15 -6.00
C ALA C 14 -14.72 -23.16 -7.52
N GLY C 15 -15.16 -24.29 -8.06
CA GLY C 15 -15.63 -24.31 -9.42
C GLY C 15 -17.03 -23.72 -9.42
N PRO C 16 -17.76 -23.88 -10.54
CA PRO C 16 -19.13 -23.35 -10.61
C PRO C 16 -20.07 -23.90 -9.51
N THR C 17 -19.96 -25.17 -9.15
CA THR C 17 -20.85 -25.73 -8.13
C THR C 17 -20.61 -25.08 -6.76
N GLY C 18 -19.36 -25.09 -6.30
CA GLY C 18 -19.02 -24.47 -5.04
C GLY C 18 -19.35 -23.00 -5.01
N LEU C 19 -19.06 -22.30 -6.10
CA LEU C 19 -19.37 -20.88 -6.18
C LEU C 19 -20.87 -20.66 -6.07
N GLY C 20 -21.65 -21.61 -6.58
CA GLY C 20 -23.09 -21.56 -6.41
C GLY C 20 -23.50 -21.65 -4.95
N ALA C 21 -22.92 -22.61 -4.25
CA ALA C 21 -23.14 -22.72 -2.82
C ALA C 21 -22.80 -21.39 -2.16
N ALA C 22 -21.62 -20.88 -2.46
CA ALA C 22 -21.16 -19.62 -1.87
C ALA C 22 -22.13 -18.48 -2.12
N LYS C 23 -22.52 -18.29 -3.37
CA LYS C 23 -23.40 -17.19 -3.73
C LYS C 23 -24.74 -17.22 -2.98
N ARG C 24 -25.31 -18.41 -2.81
CA ARG C 24 -26.57 -18.52 -2.06
C ARG C 24 -26.35 -18.40 -0.57
N LEU C 25 -25.26 -18.98 -0.08
CA LEU C 25 -24.88 -18.79 1.32
C LEU C 25 -24.70 -17.32 1.60
N ASN C 26 -24.05 -16.62 0.68
CA ASN C 26 -23.78 -15.19 0.85
C ASN C 26 -25.05 -14.36 0.75
N GLN C 27 -25.92 -14.75 -0.18
CA GLN C 27 -27.22 -14.09 -0.34
C GLN C 27 -28.04 -14.21 0.93
N ILE C 28 -28.21 -15.44 1.40
CA ILE C 28 -29.00 -15.72 2.59
C ILE C 28 -28.43 -14.98 3.79
N ASP C 29 -27.10 -14.88 3.83
CA ASP C 29 -26.39 -14.26 4.95
C ASP C 29 -26.96 -14.65 6.31
N GLY C 30 -27.23 -15.95 6.47
CA GLY C 30 -27.70 -16.49 7.74
C GLY C 30 -26.61 -17.24 8.47
N PRO C 31 -26.51 -18.56 8.22
CA PRO C 31 -25.45 -19.37 8.83
C PRO C 31 -24.09 -18.84 8.41
N SER C 32 -23.08 -19.07 9.25
CA SER C 32 -21.71 -18.73 8.89
C SER C 32 -21.22 -19.75 7.87
N TRP C 33 -20.34 -19.31 6.98
CA TRP C 33 -19.83 -20.19 5.93
C TRP C 33 -18.43 -19.80 5.46
N MET C 34 -17.83 -20.67 4.67
CA MET C 34 -16.46 -20.49 4.22
C MET C 34 -16.25 -21.41 3.01
N ILE C 35 -15.50 -20.94 2.03
CA ILE C 35 -15.25 -21.77 0.86
C ILE C 35 -13.75 -21.91 0.61
N VAL C 36 -13.31 -23.11 0.31
CA VAL C 36 -11.88 -23.38 0.08
C VAL C 36 -11.64 -24.02 -1.28
N ASP C 37 -10.44 -23.87 -1.80
CA ASP C 37 -10.05 -24.49 -3.06
C ASP C 37 -8.53 -24.55 -3.16
N SER C 38 -8.01 -25.68 -3.64
CA SER C 38 -6.57 -25.86 -3.77
C SER C 38 -5.97 -24.94 -4.82
N ASN C 39 -6.84 -24.35 -5.64
CA ASN C 39 -6.40 -23.48 -6.71
C ASN C 39 -6.51 -22.00 -6.36
N GLU C 40 -5.44 -21.24 -6.58
CA GLU C 40 -5.45 -19.81 -6.28
C GLU C 40 -6.50 -19.08 -7.10
N THR C 41 -6.84 -19.64 -8.24
CA THR C 41 -7.86 -19.06 -9.11
C THR C 41 -9.11 -19.92 -9.15
N PRO C 42 -10.26 -19.35 -8.74
CA PRO C 42 -11.52 -20.09 -8.78
C PRO C 42 -11.96 -20.29 -10.22
N GLY C 43 -12.75 -21.33 -10.46
CA GLY C 43 -13.23 -21.60 -11.80
C GLY C 43 -13.33 -23.09 -12.09
N GLY C 44 -12.44 -23.85 -11.48
CA GLY C 44 -12.41 -25.30 -11.66
C GLY C 44 -12.22 -25.72 -13.11
N LEU C 45 -13.05 -26.64 -13.56
CA LEU C 45 -13.00 -27.11 -14.95
C LEU C 45 -13.51 -26.05 -15.93
N ALA C 46 -14.02 -24.94 -15.41
CA ALA C 46 -14.50 -23.86 -16.25
C ALA C 46 -13.52 -22.71 -16.28
N SER C 47 -12.26 -23.01 -15.94
CA SER C 47 -11.20 -22.01 -15.98
C SER C 47 -10.60 -21.92 -17.37
N THR C 48 -9.85 -20.84 -17.60
CA THR C 48 -9.15 -20.66 -18.86
C THR C 48 -7.64 -20.63 -18.66
N ASP C 49 -6.91 -21.30 -19.55
CA ASP C 49 -5.46 -21.25 -19.52
C ASP C 49 -4.93 -20.34 -20.62
N VAL C 50 -3.66 -19.98 -20.50
CA VAL C 50 -3.00 -19.17 -21.52
C VAL C 50 -1.64 -19.75 -21.86
N THR C 51 -1.37 -19.90 -23.15
CA THR C 51 -0.05 -20.33 -23.61
C THR C 51 0.90 -19.15 -23.48
N PRO C 52 2.21 -19.43 -23.33
CA PRO C 52 3.17 -18.35 -23.25
C PRO C 52 3.10 -17.42 -24.48
N GLU C 53 2.51 -17.89 -25.57
CA GLU C 53 2.38 -17.08 -26.78
C GLU C 53 1.16 -16.17 -26.73
N GLY C 54 0.36 -16.31 -25.67
CA GLY C 54 -0.80 -15.46 -25.47
C GLY C 54 -2.08 -16.01 -26.08
N PHE C 55 -2.14 -17.32 -26.20
CA PHE C 55 -3.34 -18.00 -26.67
C PHE C 55 -4.13 -18.54 -25.49
N LEU C 56 -5.42 -18.19 -25.43
CA LEU C 56 -6.32 -18.66 -24.38
C LEU C 56 -6.99 -19.96 -24.76
N TYR C 57 -7.15 -20.83 -23.77
CA TYR C 57 -7.90 -22.07 -24.00
C TYR C 57 -8.75 -22.43 -22.80
N ASP C 58 -10.05 -22.58 -23.06
CA ASP C 58 -10.98 -23.09 -22.07
C ASP C 58 -10.67 -24.57 -21.88
N VAL C 59 -11.26 -25.19 -20.87
CA VAL C 59 -11.04 -26.62 -20.68
C VAL C 59 -11.95 -27.43 -21.60
N GLY C 60 -11.75 -27.25 -22.91
CA GLY C 60 -12.50 -28.00 -23.90
C GLY C 60 -13.44 -27.15 -24.75
N GLY C 61 -13.50 -25.87 -24.46
CA GLY C 61 -14.42 -24.99 -25.16
C GLY C 61 -15.82 -25.10 -24.61
N HIS C 62 -16.18 -24.17 -23.73
CA HIS C 62 -17.44 -24.22 -22.99
C HIS C 62 -18.45 -23.21 -23.50
N VAL C 63 -19.61 -23.72 -23.91
CA VAL C 63 -20.69 -22.87 -24.39
C VAL C 63 -21.87 -22.92 -23.42
N ILE C 64 -22.18 -21.77 -22.84
CA ILE C 64 -23.24 -21.68 -21.85
C ILE C 64 -24.64 -21.59 -22.49
N PHE C 65 -25.57 -22.38 -21.97
CA PHE C 65 -27.00 -22.11 -22.13
C PHE C 65 -27.66 -22.27 -20.78
N SER C 66 -28.32 -21.21 -20.32
CA SER C 66 -28.86 -21.21 -18.96
C SER C 66 -30.27 -21.74 -18.87
N HIS C 67 -30.50 -22.64 -17.92
CA HIS C 67 -31.85 -23.12 -17.61
C HIS C 67 -32.43 -22.36 -16.42
N TYR C 68 -31.61 -21.56 -15.75
CA TYR C 68 -32.02 -20.93 -14.50
C TYR C 68 -31.88 -19.42 -14.50
N LYS C 69 -32.89 -18.73 -14.01
CA LYS C 69 -32.83 -17.28 -13.90
C LYS C 69 -31.80 -16.88 -12.85
N TYR C 70 -31.61 -17.73 -11.84
CA TYR C 70 -30.64 -17.46 -10.79
C TYR C 70 -29.22 -17.37 -11.35
N PHE C 71 -28.86 -18.36 -12.15
CA PHE C 71 -27.59 -18.39 -12.86
C PHE C 71 -27.41 -17.09 -13.61
N ASP C 72 -28.43 -16.70 -14.38
CA ASP C 72 -28.40 -15.45 -15.12
C ASP C 72 -28.07 -14.27 -14.21
N ASP C 73 -28.80 -14.15 -13.11
CA ASP C 73 -28.60 -13.06 -12.15
C ASP C 73 -27.15 -12.93 -11.73
N CYS C 74 -26.51 -14.05 -11.42
CA CYS C 74 -25.14 -14.01 -10.94
C CYS C 74 -24.15 -13.61 -12.04
N LEU C 75 -24.41 -14.04 -13.28
CA LEU C 75 -23.54 -13.64 -14.38
C LEU C 75 -23.72 -12.16 -14.65
N ASP C 76 -24.96 -11.70 -14.58
CA ASP C 76 -25.24 -10.29 -14.84
C ASP C 76 -24.59 -9.41 -13.79
N GLU C 77 -24.53 -9.90 -12.55
CA GLU C 77 -23.87 -9.18 -11.48
C GLU C 77 -22.35 -9.11 -11.68
N ALA C 78 -21.76 -10.22 -12.14
CA ALA C 78 -20.31 -10.32 -12.27
C ALA C 78 -19.79 -9.58 -13.51
N LEU C 79 -20.49 -9.76 -14.62
CA LEU C 79 -20.16 -9.08 -15.87
C LEU C 79 -21.39 -8.34 -16.36
N PRO C 80 -21.70 -7.20 -15.73
CA PRO C 80 -22.90 -6.39 -15.97
C PRO C 80 -22.84 -5.58 -17.24
N LYS C 81 -21.64 -5.12 -17.62
CA LYS C 81 -21.48 -4.29 -18.81
C LYS C 81 -21.83 -5.07 -20.07
N GLU C 82 -22.54 -4.40 -20.99
CA GLU C 82 -22.87 -4.96 -22.29
C GLU C 82 -21.64 -5.50 -23.01
N ASP C 83 -20.58 -4.69 -23.05
CA ASP C 83 -19.38 -5.01 -23.79
C ASP C 83 -18.47 -5.96 -23.02
N ASP C 84 -19.04 -6.64 -22.03
CA ASP C 84 -18.30 -7.68 -21.33
C ASP C 84 -18.52 -9.00 -22.07
N TRP C 85 -19.43 -8.97 -23.02
CA TRP C 85 -19.90 -10.21 -23.65
C TRP C 85 -20.07 -10.10 -25.15
N TYR C 86 -19.78 -11.19 -25.84
CA TYR C 86 -20.11 -11.32 -27.26
C TYR C 86 -21.28 -12.26 -27.43
N THR C 87 -22.20 -11.93 -28.32
CA THR C 87 -23.33 -12.82 -28.59
C THR C 87 -23.13 -13.51 -29.93
N HIS C 88 -23.33 -14.82 -29.95
CA HIS C 88 -23.08 -15.62 -31.15
C HIS C 88 -24.23 -16.53 -31.53
N GLN C 89 -24.23 -16.97 -32.79
CA GLN C 89 -25.16 -17.99 -33.26
C GLN C 89 -24.40 -19.32 -33.37
N ARG C 90 -25.02 -20.42 -32.95
CA ARG C 90 -24.38 -21.73 -33.03
C ARG C 90 -24.21 -22.24 -34.45
N ILE C 91 -22.99 -22.17 -34.96
CA ILE C 91 -22.66 -22.78 -36.25
C ILE C 91 -21.93 -24.09 -35.97
N SER C 92 -22.67 -25.21 -36.08
CA SER C 92 -22.10 -26.50 -35.73
C SER C 92 -22.29 -27.53 -36.84
N TYR C 93 -21.21 -28.25 -37.16
CA TYR C 93 -21.26 -29.27 -38.18
C TYR C 93 -20.62 -30.58 -37.71
N VAL C 94 -20.92 -31.65 -38.44
CA VAL C 94 -20.28 -32.95 -38.20
C VAL C 94 -19.54 -33.35 -39.47
N ARG C 95 -18.26 -33.70 -39.31
CA ARG C 95 -17.43 -34.08 -40.44
C ARG C 95 -17.71 -35.52 -40.87
N CYS C 96 -18.32 -35.69 -42.05
CA CYS C 96 -18.62 -37.02 -42.56
C CYS C 96 -18.34 -37.14 -44.05
N GLN C 97 -17.41 -38.03 -44.39
CA GLN C 97 -17.06 -38.30 -45.78
C GLN C 97 -16.87 -37.03 -46.59
N GLY C 98 -15.86 -36.25 -46.23
CA GLY C 98 -15.47 -35.07 -46.97
C GLY C 98 -16.38 -33.87 -46.86
N GLN C 99 -17.55 -34.05 -46.25
CA GLN C 99 -18.52 -32.98 -46.17
C GLN C 99 -18.82 -32.55 -44.74
N TRP C 100 -19.31 -31.33 -44.58
CA TRP C 100 -19.74 -30.82 -43.28
C TRP C 100 -21.26 -30.97 -43.14
N VAL C 101 -21.69 -31.91 -42.30
CA VAL C 101 -23.11 -32.12 -42.07
C VAL C 101 -23.58 -31.28 -40.88
N PRO C 102 -24.52 -30.36 -41.13
CA PRO C 102 -25.08 -29.49 -40.08
C PRO C 102 -25.59 -30.28 -38.87
N TYR C 103 -25.40 -29.72 -37.69
CA TYR C 103 -25.88 -30.32 -36.45
C TYR C 103 -27.36 -30.02 -36.26
N PRO C 104 -28.13 -31.02 -35.82
CA PRO C 104 -27.67 -32.37 -35.51
C PRO C 104 -27.58 -33.26 -36.75
N PHE C 105 -26.65 -34.21 -36.72
CA PHE C 105 -26.42 -35.11 -37.84
C PHE C 105 -27.69 -35.85 -38.26
N GLN C 106 -28.40 -36.41 -37.29
CA GLN C 106 -29.58 -37.23 -37.56
C GLN C 106 -30.73 -36.47 -38.20
N ASN C 107 -30.66 -35.13 -38.16
CA ASN C 107 -31.71 -34.28 -38.73
C ASN C 107 -31.34 -33.68 -40.09
N ASN C 108 -30.14 -34.02 -40.57
CA ASN C 108 -29.64 -33.46 -41.81
C ASN C 108 -29.06 -34.53 -42.74
N ILE C 109 -29.77 -35.65 -42.88
CA ILE C 109 -29.32 -36.74 -43.75
C ILE C 109 -29.13 -36.24 -45.18
N SER C 110 -29.87 -35.19 -45.52
CA SER C 110 -29.84 -34.60 -46.87
C SER C 110 -28.45 -34.22 -47.37
N MET C 111 -27.54 -33.90 -46.45
CA MET C 111 -26.19 -33.47 -46.83
C MET C 111 -25.25 -34.65 -47.06
N LEU C 112 -25.74 -35.86 -46.86
CA LEU C 112 -24.92 -37.05 -47.04
C LEU C 112 -24.91 -37.48 -48.50
N PRO C 113 -23.94 -38.34 -48.87
CA PRO C 113 -23.92 -38.97 -50.19
C PRO C 113 -25.18 -39.80 -50.40
N LYS C 114 -25.56 -40.01 -51.65
CA LYS C 114 -26.80 -40.74 -51.95
C LYS C 114 -26.82 -42.17 -51.40
N GLU C 115 -25.75 -42.91 -51.64
CA GLU C 115 -25.68 -44.28 -51.14
C GLU C 115 -25.92 -44.34 -49.63
N GLU C 116 -25.36 -43.38 -48.90
CA GLU C 116 -25.50 -43.34 -47.44
C GLU C 116 -26.91 -42.92 -47.03
N GLN C 117 -27.50 -42.00 -47.77
CA GLN C 117 -28.88 -41.57 -47.51
C GLN C 117 -29.81 -42.78 -47.47
N VAL C 118 -29.69 -43.63 -48.48
CA VAL C 118 -30.46 -44.86 -48.54
C VAL C 118 -30.35 -45.64 -47.23
N LYS C 119 -29.12 -46.02 -46.88
CA LYS C 119 -28.86 -46.75 -45.63
C LYS C 119 -29.57 -46.10 -44.44
N CYS C 120 -29.48 -44.78 -44.35
CA CYS C 120 -30.04 -44.04 -43.22
C CYS C 120 -31.56 -44.03 -43.23
N ILE C 121 -32.17 -43.64 -44.35
CA ILE C 121 -33.62 -43.58 -44.43
C ILE C 121 -34.22 -44.97 -44.26
N ASP C 122 -33.46 -46.00 -44.63
CA ASP C 122 -33.91 -47.36 -44.42
C ASP C 122 -34.01 -47.68 -42.94
N GLY C 123 -32.91 -47.44 -42.21
CA GLY C 123 -32.89 -47.67 -40.78
C GLY C 123 -34.04 -46.98 -40.08
N MET C 124 -34.31 -45.74 -40.48
CA MET C 124 -35.36 -44.96 -39.84
C MET C 124 -36.75 -45.48 -40.12
N ILE C 125 -36.99 -45.94 -41.34
CA ILE C 125 -38.27 -46.54 -41.67
C ILE C 125 -38.51 -47.76 -40.80
N ASP C 126 -37.50 -48.61 -40.66
CA ASP C 126 -37.59 -49.78 -39.80
C ASP C 126 -37.92 -49.38 -38.38
N ALA C 127 -37.12 -48.46 -37.85
CA ALA C 127 -37.27 -48.00 -36.48
C ALA C 127 -38.64 -47.40 -36.21
N ALA C 128 -39.11 -46.56 -37.13
CA ALA C 128 -40.41 -45.91 -36.98
C ALA C 128 -41.53 -46.94 -36.95
N LEU C 129 -41.38 -48.01 -37.72
CA LEU C 129 -42.39 -49.07 -37.79
C LEU C 129 -42.44 -49.93 -36.52
N GLU C 130 -41.26 -50.27 -35.99
CA GLU C 130 -41.16 -51.02 -34.74
C GLU C 130 -41.60 -50.15 -33.58
N ALA C 131 -41.30 -48.85 -33.67
CA ALA C 131 -41.66 -47.90 -32.63
C ALA C 131 -43.18 -47.76 -32.53
N ARG C 132 -43.86 -47.89 -33.66
CA ARG C 132 -45.31 -47.76 -33.70
C ARG C 132 -45.96 -48.83 -32.85
N VAL C 133 -45.17 -49.83 -32.48
CA VAL C 133 -45.69 -51.03 -31.85
C VAL C 133 -44.98 -51.38 -30.54
N ALA C 134 -43.79 -50.81 -30.34
CA ALA C 134 -42.99 -51.09 -29.14
C ALA C 134 -43.76 -50.81 -27.85
N ASN C 135 -43.50 -51.63 -26.83
CA ASN C 135 -44.13 -51.45 -25.52
C ASN C 135 -43.16 -51.63 -24.36
N THR C 136 -41.89 -51.84 -24.68
CA THR C 136 -40.85 -51.96 -23.67
C THR C 136 -39.93 -50.76 -23.76
N LYS C 137 -39.05 -50.61 -22.77
CA LYS C 137 -38.08 -49.52 -22.79
C LYS C 137 -36.70 -50.04 -23.14
N PRO C 138 -35.89 -49.19 -23.79
CA PRO C 138 -34.51 -49.54 -24.13
C PRO C 138 -33.69 -49.77 -22.88
N LYS C 139 -32.89 -50.84 -22.87
CA LYS C 139 -32.07 -51.16 -21.70
C LYS C 139 -30.73 -50.41 -21.72
N THR C 140 -30.26 -50.05 -22.91
CA THR C 140 -28.98 -49.37 -23.05
C THR C 140 -29.05 -48.17 -23.99
N PHE C 141 -28.05 -47.30 -23.92
CA PHE C 141 -27.91 -46.17 -24.84
C PHE C 141 -27.99 -46.65 -26.29
N ASP C 142 -27.23 -47.72 -26.59
CA ASP C 142 -27.21 -48.27 -27.93
C ASP C 142 -28.60 -48.67 -28.43
N GLU C 143 -29.36 -49.38 -27.61
CA GLU C 143 -30.72 -49.77 -27.98
C GLU C 143 -31.56 -48.54 -28.29
N TRP C 144 -31.45 -47.53 -27.44
CA TRP C 144 -32.16 -46.27 -27.64
C TRP C 144 -31.81 -45.69 -29.00
N ILE C 145 -30.51 -45.67 -29.29
CA ILE C 145 -30.02 -45.16 -30.57
C ILE C 145 -30.68 -45.87 -31.75
N VAL C 146 -30.59 -47.20 -31.76
CA VAL C 146 -31.21 -48.00 -32.79
C VAL C 146 -32.72 -47.74 -32.88
N ARG C 147 -33.39 -47.77 -31.74
CA ARG C 147 -34.84 -47.55 -31.68
C ARG C 147 -35.24 -46.21 -32.25
N MET C 148 -34.42 -45.20 -32.02
CA MET C 148 -34.79 -43.83 -32.35
C MET C 148 -34.28 -43.36 -33.72
N MET C 149 -33.24 -44.01 -34.24
CA MET C 149 -32.58 -43.55 -35.46
C MET C 149 -32.36 -44.64 -36.51
N GLY C 150 -32.38 -45.90 -36.09
CA GLY C 150 -32.16 -47.01 -37.00
C GLY C 150 -30.68 -47.38 -37.16
N THR C 151 -30.45 -48.61 -37.59
CA THR C 151 -29.09 -49.13 -37.74
C THR C 151 -28.21 -48.28 -38.67
N GLY C 152 -28.85 -47.62 -39.63
CA GLY C 152 -28.12 -46.81 -40.60
C GLY C 152 -27.33 -45.71 -39.93
N ILE C 153 -28.05 -44.80 -39.29
CA ILE C 153 -27.43 -43.69 -38.58
C ILE C 153 -26.60 -44.20 -37.41
N ALA C 154 -27.00 -45.33 -36.85
CA ALA C 154 -26.29 -45.92 -35.73
C ALA C 154 -24.84 -46.23 -36.09
N ASP C 155 -24.66 -46.92 -37.22
CA ASP C 155 -23.34 -47.34 -37.67
C ASP C 155 -22.56 -46.20 -38.31
N LEU C 156 -23.26 -45.29 -38.96
CA LEU C 156 -22.61 -44.19 -39.66
C LEU C 156 -22.05 -43.13 -38.72
N PHE C 157 -22.82 -42.75 -37.70
CA PHE C 157 -22.43 -41.66 -36.81
C PHE C 157 -22.49 -41.95 -35.31
N MET C 158 -23.68 -42.29 -34.82
CA MET C 158 -23.92 -42.42 -33.39
C MET C 158 -22.94 -43.33 -32.65
N ARG C 159 -22.83 -44.57 -33.11
CA ARG C 159 -21.98 -45.57 -32.45
C ARG C 159 -20.49 -45.23 -32.45
N PRO C 160 -19.93 -44.89 -33.63
CA PRO C 160 -18.51 -44.52 -33.67
C PRO C 160 -18.24 -43.23 -32.91
N TYR C 161 -19.08 -42.21 -33.12
CA TYR C 161 -18.84 -40.94 -32.47
C TYR C 161 -18.91 -41.06 -30.95
N ASN C 162 -19.94 -41.73 -30.44
CA ASN C 162 -20.11 -41.81 -29.01
C ASN C 162 -18.98 -42.54 -28.28
N PHE C 163 -18.41 -43.55 -28.92
CA PHE C 163 -17.25 -44.21 -28.32
C PHE C 163 -16.09 -43.25 -28.33
N LYS C 164 -16.04 -42.42 -29.35
CA LYS C 164 -14.92 -41.52 -29.55
C LYS C 164 -14.93 -40.42 -28.49
N VAL C 165 -16.10 -40.12 -27.95
CA VAL C 165 -16.24 -39.09 -26.92
C VAL C 165 -16.35 -39.68 -25.51
N TRP C 166 -17.17 -40.71 -25.34
CA TRP C 166 -17.39 -41.29 -24.01
C TRP C 166 -16.31 -42.27 -23.61
N ALA C 167 -15.53 -42.75 -24.57
CA ALA C 167 -14.46 -43.70 -24.30
C ALA C 167 -15.00 -45.03 -23.77
N VAL C 168 -16.28 -45.26 -24.00
CA VAL C 168 -16.92 -46.56 -23.75
C VAL C 168 -17.97 -46.83 -24.82
N PRO C 169 -18.17 -48.10 -25.16
CA PRO C 169 -19.15 -48.47 -26.20
C PRO C 169 -20.56 -48.06 -25.79
N THR C 170 -21.38 -47.73 -26.77
CA THR C 170 -22.75 -47.29 -26.49
C THR C 170 -23.56 -48.34 -25.75
N THR C 171 -23.12 -49.60 -25.84
CA THR C 171 -23.84 -50.69 -25.19
C THR C 171 -23.57 -50.74 -23.70
N LYS C 172 -22.61 -49.95 -23.24
CA LYS C 172 -22.20 -49.96 -21.85
C LYS C 172 -22.81 -48.81 -21.06
N MET C 173 -23.57 -47.97 -21.76
CA MET C 173 -24.17 -46.77 -21.16
C MET C 173 -25.67 -46.90 -20.96
N GLN C 174 -26.20 -46.09 -20.05
CA GLN C 174 -27.64 -46.07 -19.77
C GLN C 174 -28.37 -45.17 -20.77
N CYS C 175 -29.71 -45.24 -20.80
CA CYS C 175 -30.49 -44.45 -21.77
C CYS C 175 -31.18 -43.22 -21.17
N ALA C 176 -31.23 -43.13 -19.85
CA ALA C 176 -32.05 -42.12 -19.15
C ALA C 176 -31.49 -40.70 -19.16
N TRP C 177 -30.21 -40.58 -19.48
CA TRP C 177 -29.52 -39.30 -19.33
C TRP C 177 -29.78 -38.31 -20.47
N LEU C 178 -30.26 -38.80 -21.60
CA LEU C 178 -30.18 -38.01 -22.84
C LEU C 178 -31.43 -37.25 -23.27
N GLY C 179 -32.27 -36.86 -22.32
CA GLY C 179 -33.45 -36.07 -22.63
C GLY C 179 -33.20 -34.88 -23.55
N GLU C 180 -32.21 -34.04 -23.22
CA GLU C 180 -31.94 -32.83 -23.98
C GLU C 180 -30.55 -32.82 -24.64
N ARG C 181 -29.96 -34.01 -24.79
CA ARG C 181 -28.63 -34.12 -25.39
C ARG C 181 -28.69 -34.67 -26.81
N VAL C 182 -29.45 -35.74 -27.00
CA VAL C 182 -29.55 -36.41 -28.29
C VAL C 182 -30.93 -36.20 -28.93
N ALA C 183 -30.93 -35.71 -30.16
CA ALA C 183 -32.16 -35.42 -30.88
C ALA C 183 -32.82 -36.66 -31.46
N ALA C 184 -34.12 -36.82 -31.20
CA ALA C 184 -34.88 -37.92 -31.78
C ALA C 184 -35.49 -37.51 -33.13
N PRO C 185 -34.93 -38.02 -34.23
CA PRO C 185 -35.31 -37.58 -35.58
C PRO C 185 -36.69 -38.08 -36.02
N ASN C 186 -37.47 -37.17 -36.60
CA ASN C 186 -38.77 -37.49 -37.16
C ASN C 186 -38.65 -37.99 -38.60
N LEU C 187 -39.18 -39.19 -38.87
CA LEU C 187 -39.04 -39.82 -40.18
C LEU C 187 -39.48 -38.93 -41.34
N LYS C 188 -40.68 -38.38 -41.24
CA LYS C 188 -41.24 -37.56 -42.31
C LYS C 188 -40.39 -36.32 -42.57
N ALA C 189 -40.05 -35.61 -41.49
CA ALA C 189 -39.25 -34.39 -41.61
C ALA C 189 -37.89 -34.67 -42.25
N VAL C 190 -37.29 -35.79 -41.89
CA VAL C 190 -35.98 -36.17 -42.43
C VAL C 190 -36.04 -36.47 -43.92
N THR C 191 -36.97 -37.34 -44.31
CA THR C 191 -37.11 -37.71 -45.71
C THR C 191 -37.51 -36.49 -46.54
N THR C 192 -38.36 -35.63 -45.98
CA THR C 192 -38.76 -34.42 -46.65
C THR C 192 -37.55 -33.56 -46.98
N ASN C 193 -36.62 -33.46 -46.04
CA ASN C 193 -35.38 -32.73 -46.27
C ASN C 193 -34.47 -33.40 -47.29
N VAL C 194 -34.47 -34.73 -47.31
CA VAL C 194 -33.68 -35.46 -48.30
C VAL C 194 -34.20 -35.19 -49.69
N ILE C 195 -35.53 -35.17 -49.82
CA ILE C 195 -36.17 -34.89 -51.10
C ILE C 195 -35.90 -33.46 -51.55
N LEU C 196 -36.07 -32.52 -50.63
CA LEU C 196 -35.92 -31.10 -50.96
C LEU C 196 -34.47 -30.64 -51.05
N GLY C 197 -33.63 -31.17 -50.18
CA GLY C 197 -32.24 -30.74 -50.10
C GLY C 197 -32.07 -29.61 -49.10
N LYS C 198 -32.99 -29.52 -48.15
CA LYS C 198 -32.96 -28.49 -47.13
C LYS C 198 -32.25 -28.95 -45.85
N THR C 199 -32.02 -28.01 -44.94
CA THR C 199 -31.34 -28.31 -43.68
C THR C 199 -32.24 -28.02 -42.48
N ALA C 200 -31.80 -28.47 -41.30
CA ALA C 200 -32.56 -28.27 -40.07
C ALA C 200 -31.64 -28.34 -38.85
N GLY C 201 -30.91 -27.26 -38.60
CA GLY C 201 -29.95 -27.24 -37.52
C GLY C 201 -30.31 -26.26 -36.41
N ASN C 202 -31.58 -26.28 -36.00
CA ASN C 202 -32.05 -25.40 -34.93
C ASN C 202 -32.30 -26.17 -33.63
N TRP C 203 -32.29 -27.50 -33.72
CA TRP C 203 -32.55 -28.35 -32.57
C TRP C 203 -31.46 -28.21 -31.51
N GLY C 204 -31.87 -28.13 -30.25
CA GLY C 204 -30.94 -28.02 -29.14
C GLY C 204 -30.99 -26.67 -28.47
N PRO C 205 -30.55 -26.62 -27.21
CA PRO C 205 -30.51 -25.37 -26.43
C PRO C 205 -29.41 -24.40 -26.88
N ASN C 206 -28.55 -24.83 -27.81
CA ASN C 206 -27.38 -24.04 -28.19
C ASN C 206 -27.61 -22.96 -29.25
N ALA C 207 -28.86 -22.83 -29.70
CA ALA C 207 -29.23 -21.92 -30.79
C ALA C 207 -28.38 -20.64 -30.85
N THR C 208 -28.58 -19.77 -29.87
CA THR C 208 -27.78 -18.57 -29.74
C THR C 208 -27.21 -18.49 -28.33
N PHE C 209 -25.92 -18.23 -28.22
CA PHE C 209 -25.27 -18.14 -26.92
C PHE C 209 -24.42 -16.90 -26.82
N ARG C 210 -23.78 -16.74 -25.66
N ARG C 210 -23.81 -16.70 -25.65
CA ARG C 210 -22.94 -15.58 -25.45
CA ARG C 210 -22.94 -15.56 -25.46
C ARG C 210 -21.67 -15.97 -24.73
C ARG C 210 -21.67 -15.94 -24.71
N PHE C 211 -20.57 -15.30 -25.07
CA PHE C 211 -19.26 -15.67 -24.57
C PHE C 211 -18.56 -14.44 -24.02
N PRO C 212 -17.85 -14.61 -22.90
CA PRO C 212 -17.19 -13.43 -22.31
C PRO C 212 -16.20 -12.79 -23.26
N ALA C 213 -16.15 -11.46 -23.28
CA ALA C 213 -15.23 -10.74 -24.15
C ALA C 213 -13.79 -10.95 -23.73
N ARG C 214 -13.55 -11.12 -22.44
CA ARG C 214 -12.19 -11.27 -21.95
C ARG C 214 -12.03 -12.38 -20.89
N GLY C 215 -10.92 -13.11 -20.99
CA GLY C 215 -10.56 -14.08 -19.98
C GLY C 215 -11.15 -15.45 -20.18
N GLY C 216 -11.81 -15.64 -21.32
CA GLY C 216 -12.50 -16.90 -21.60
C GLY C 216 -13.59 -17.12 -20.56
N THR C 217 -14.23 -18.29 -20.61
CA THR C 217 -15.28 -18.57 -19.63
C THR C 217 -14.72 -18.44 -18.21
N GLY C 218 -13.41 -18.65 -18.06
CA GLY C 218 -12.78 -18.58 -16.76
C GLY C 218 -12.92 -17.21 -16.13
N GLY C 219 -13.05 -16.20 -16.98
CA GLY C 219 -13.21 -14.83 -16.51
C GLY C 219 -14.51 -14.63 -15.76
N ILE C 220 -15.55 -15.33 -16.19
CA ILE C 220 -16.85 -15.30 -15.52
C ILE C 220 -16.70 -15.69 -14.06
N TRP C 221 -16.05 -16.82 -13.81
CA TRP C 221 -15.98 -17.35 -12.46
C TRP C 221 -15.05 -16.56 -11.56
N ILE C 222 -14.06 -15.91 -12.16
CA ILE C 222 -13.20 -15.01 -11.40
C ILE C 222 -14.03 -13.81 -10.94
N ALA C 223 -14.89 -13.32 -11.82
CA ALA C 223 -15.76 -12.17 -11.52
C ALA C 223 -16.81 -12.52 -10.47
N VAL C 224 -17.49 -13.65 -10.66
CA VAL C 224 -18.47 -14.10 -9.70
C VAL C 224 -17.83 -14.24 -8.34
N ALA C 225 -16.72 -14.97 -8.27
CA ALA C 225 -16.00 -15.16 -7.03
C ALA C 225 -15.67 -13.82 -6.35
N ASN C 226 -15.34 -12.81 -7.16
CA ASN C 226 -14.99 -11.50 -6.61
C ASN C 226 -16.13 -10.83 -5.85
N THR C 227 -17.36 -11.25 -6.10
CA THR C 227 -18.51 -10.68 -5.40
C THR C 227 -18.65 -11.26 -3.99
N LEU C 228 -17.84 -12.26 -3.68
CA LEU C 228 -17.86 -12.86 -2.35
C LEU C 228 -16.92 -12.12 -1.40
N PRO C 229 -17.26 -12.10 -0.11
CA PRO C 229 -16.40 -11.53 0.93
C PRO C 229 -15.05 -12.24 0.97
N LYS C 230 -14.00 -11.52 0.59
CA LYS C 230 -12.67 -12.10 0.49
C LYS C 230 -12.30 -12.97 1.68
N GLU C 231 -12.64 -12.50 2.89
CA GLU C 231 -12.24 -13.18 4.10
C GLU C 231 -12.95 -14.52 4.31
N LYS C 232 -13.98 -14.79 3.53
CA LYS C 232 -14.69 -16.06 3.62
C LYS C 232 -14.15 -17.08 2.62
N THR C 233 -13.19 -16.65 1.82
CA THR C 233 -12.54 -17.54 0.87
C THR C 233 -11.12 -17.91 1.30
N ARG C 234 -10.69 -19.09 0.87
CA ARG C 234 -9.35 -19.59 1.15
C ARG C 234 -8.85 -20.37 -0.06
N PHE C 235 -8.28 -19.65 -1.02
CA PHE C 235 -7.89 -20.25 -2.30
C PHE C 235 -6.38 -20.39 -2.43
N GLY C 236 -5.94 -21.58 -2.86
CA GLY C 236 -4.53 -21.84 -3.05
C GLY C 236 -4.07 -23.02 -2.22
N GLU C 237 -2.76 -23.17 -2.09
CA GLU C 237 -2.21 -24.25 -1.31
C GLU C 237 -2.82 -24.21 0.09
N LYS C 238 -3.08 -23.00 0.57
CA LYS C 238 -3.64 -22.81 1.91
C LYS C 238 -5.08 -23.33 2.01
N GLY C 239 -5.67 -23.65 0.87
CA GLY C 239 -7.05 -24.12 0.83
C GLY C 239 -7.20 -25.53 0.28
N LYS C 240 -6.09 -26.27 0.21
CA LYS C 240 -6.14 -27.65 -0.24
C LYS C 240 -6.57 -28.58 0.88
N VAL C 241 -7.67 -29.29 0.67
CA VAL C 241 -8.18 -30.25 1.65
C VAL C 241 -7.41 -31.56 1.50
N THR C 242 -7.07 -32.18 2.63
CA THR C 242 -6.36 -33.45 2.61
C THR C 242 -7.07 -34.53 3.43
N LYS C 243 -7.89 -34.11 4.38
CA LYS C 243 -8.64 -35.04 5.23
C LYS C 243 -10.05 -34.53 5.56
N VAL C 244 -11.02 -35.43 5.47
CA VAL C 244 -12.37 -35.15 5.90
C VAL C 244 -12.78 -36.16 6.97
N ASN C 245 -12.96 -35.69 8.20
CA ASN C 245 -13.35 -36.57 9.29
C ASN C 245 -14.84 -36.48 9.58
N ALA C 246 -15.62 -37.22 8.82
CA ALA C 246 -17.06 -37.12 8.88
C ALA C 246 -17.61 -37.40 10.27
N ASN C 247 -16.87 -38.17 11.06
CA ASN C 247 -17.34 -38.61 12.37
C ASN C 247 -17.38 -37.50 13.40
N ASN C 248 -16.43 -36.58 13.33
CA ASN C 248 -16.47 -35.39 14.18
C ASN C 248 -16.51 -34.10 13.38
N LYS C 249 -16.94 -34.19 12.13
CA LYS C 249 -17.20 -33.02 11.30
C LYS C 249 -16.06 -31.99 11.33
N THR C 250 -14.86 -32.44 11.00
CA THR C 250 -13.72 -31.53 10.87
C THR C 250 -12.91 -31.85 9.63
N VAL C 251 -12.52 -30.82 8.91
CA VAL C 251 -11.71 -30.98 7.72
C VAL C 251 -10.29 -30.52 8.01
N THR C 252 -9.32 -31.19 7.41
CA THR C 252 -7.92 -30.79 7.59
C THR C 252 -7.31 -30.35 6.26
N LEU C 253 -6.67 -29.19 6.28
CA LEU C 253 -6.08 -28.63 5.07
C LEU C 253 -4.62 -29.06 4.92
N GLN C 254 -4.01 -28.69 3.79
CA GLN C 254 -2.63 -29.05 3.52
C GLN C 254 -1.69 -28.49 4.60
N ASP C 255 -1.97 -27.26 5.03
CA ASP C 255 -1.09 -26.57 5.97
C ASP C 255 -1.37 -26.92 7.42
N GLY C 256 -2.18 -27.96 7.64
CA GLY C 256 -2.48 -28.42 8.98
C GLY C 256 -3.71 -27.79 9.62
N THR C 257 -4.19 -26.68 9.04
CA THR C 257 -5.39 -26.01 9.52
C THR C 257 -6.58 -26.97 9.62
N THR C 258 -7.39 -26.80 10.68
CA THR C 258 -8.59 -27.60 10.84
C THR C 258 -9.83 -26.73 10.83
N ILE C 259 -10.84 -27.18 10.10
CA ILE C 259 -12.10 -26.46 10.00
C ILE C 259 -13.25 -27.34 10.47
N GLY C 260 -14.03 -26.83 11.42
CA GLY C 260 -15.21 -27.54 11.87
C GLY C 260 -16.42 -27.07 11.09
N TYR C 261 -17.31 -28.00 10.77
CA TYR C 261 -18.53 -27.65 10.05
C TYR C 261 -19.74 -28.34 10.67
N LYS C 262 -20.92 -27.78 10.43
CA LYS C 262 -22.16 -28.46 10.81
C LYS C 262 -22.70 -29.18 9.58
N LYS C 263 -22.53 -28.56 8.41
CA LYS C 263 -22.92 -29.18 7.16
C LYS C 263 -21.81 -29.02 6.15
N LEU C 264 -21.55 -30.06 5.37
CA LEU C 264 -20.50 -30.01 4.37
C LEU C 264 -21.03 -30.10 2.94
N VAL C 265 -20.68 -29.11 2.14
CA VAL C 265 -20.93 -29.15 0.71
C VAL C 265 -19.61 -29.42 -0.01
N SER C 266 -19.43 -30.65 -0.49
CA SER C 266 -18.21 -31.02 -1.18
C SER C 266 -18.43 -31.10 -2.68
N THR C 267 -17.55 -30.44 -3.43
CA THR C 267 -17.67 -30.43 -4.87
C THR C 267 -16.51 -31.15 -5.56
N MET C 268 -15.56 -31.64 -4.78
CA MET C 268 -14.49 -32.46 -5.34
C MET C 268 -15.09 -33.77 -5.84
N ALA C 269 -14.37 -34.48 -6.69
CA ALA C 269 -14.88 -35.73 -7.23
C ALA C 269 -15.18 -36.69 -6.08
N VAL C 270 -16.33 -37.34 -6.14
CA VAL C 270 -16.82 -38.12 -5.00
C VAL C 270 -15.90 -39.27 -4.61
N ASP C 271 -15.15 -39.79 -5.58
CA ASP C 271 -14.18 -40.84 -5.30
C ASP C 271 -13.00 -40.29 -4.47
N PHE C 272 -12.57 -39.08 -4.79
CA PHE C 272 -11.52 -38.43 -4.00
C PHE C 272 -12.02 -38.12 -2.59
N LEU C 273 -13.28 -37.74 -2.48
CA LEU C 273 -13.88 -37.48 -1.18
C LEU C 273 -13.88 -38.73 -0.33
N ALA C 274 -14.30 -39.85 -0.92
CA ALA C 274 -14.32 -41.13 -0.23
C ALA C 274 -12.91 -41.44 0.26
N GLU C 275 -11.93 -41.18 -0.60
CA GLU C 275 -10.52 -41.35 -0.28
C GLU C 275 -10.17 -40.51 0.94
N ALA C 276 -10.54 -39.24 0.89
CA ALA C 276 -10.14 -38.27 1.91
C ALA C 276 -10.84 -38.52 3.24
N MET C 277 -11.95 -39.25 3.21
CA MET C 277 -12.67 -39.59 4.43
C MET C 277 -12.08 -40.84 5.07
N ASN C 278 -11.33 -41.60 4.28
CA ASN C 278 -10.84 -42.92 4.70
C ASN C 278 -11.99 -43.88 4.95
N ASP C 279 -13.09 -43.65 4.24
CA ASP C 279 -14.28 -44.46 4.40
C ASP C 279 -14.23 -45.60 3.39
N GLN C 280 -13.91 -46.79 3.88
CA GLN C 280 -13.76 -47.96 3.02
C GLN C 280 -15.02 -48.29 2.22
N GLU C 281 -16.17 -48.22 2.88
CA GLU C 281 -17.43 -48.54 2.24
C GLU C 281 -17.68 -47.64 1.05
N LEU C 282 -17.47 -46.34 1.26
CA LEU C 282 -17.68 -45.36 0.21
C LEU C 282 -16.63 -45.43 -0.89
N VAL C 283 -15.40 -45.73 -0.51
CA VAL C 283 -14.36 -45.93 -1.51
C VAL C 283 -14.77 -47.05 -2.46
N GLY C 284 -15.17 -48.18 -1.88
CA GLY C 284 -15.61 -49.31 -2.67
C GLY C 284 -16.77 -48.94 -3.57
N LEU C 285 -17.74 -48.25 -3.01
CA LEU C 285 -18.89 -47.80 -3.78
C LEU C 285 -18.47 -46.90 -4.94
N THR C 286 -17.69 -45.86 -4.65
CA THR C 286 -17.28 -44.92 -5.69
C THR C 286 -16.50 -45.59 -6.79
N LYS C 287 -15.79 -46.67 -6.45
CA LYS C 287 -15.01 -47.39 -7.46
C LYS C 287 -15.90 -48.05 -8.50
N GLN C 288 -17.19 -48.15 -8.20
CA GLN C 288 -18.16 -48.71 -9.15
C GLN C 288 -18.57 -47.68 -10.21
N LEU C 289 -18.23 -46.41 -9.98
CA LEU C 289 -18.46 -45.36 -10.96
C LEU C 289 -17.40 -45.42 -12.05
N PHE C 290 -17.67 -44.74 -13.17
CA PHE C 290 -16.72 -44.74 -14.28
C PHE C 290 -16.59 -43.33 -14.88
N TYR C 291 -15.38 -42.96 -15.26
CA TYR C 291 -15.17 -41.65 -15.86
C TYR C 291 -14.14 -41.72 -16.97
N SER C 292 -14.20 -40.76 -17.89
CA SER C 292 -13.20 -40.64 -18.94
C SER C 292 -12.33 -39.42 -18.70
N SER C 293 -11.06 -39.53 -19.02
CA SER C 293 -10.15 -38.40 -18.92
C SER C 293 -10.23 -37.58 -20.20
N THR C 294 -9.90 -36.30 -20.11
CA THR C 294 -10.00 -35.42 -21.27
C THR C 294 -8.67 -34.74 -21.58
N HIS C 295 -8.19 -34.93 -22.82
CA HIS C 295 -7.05 -34.18 -23.31
C HIS C 295 -7.56 -32.94 -24.05
N VAL C 296 -7.19 -31.76 -23.57
CA VAL C 296 -7.50 -30.54 -24.29
C VAL C 296 -6.28 -30.06 -25.06
N ILE C 297 -6.43 -29.90 -26.37
CA ILE C 297 -5.32 -29.51 -27.23
C ILE C 297 -5.59 -28.16 -27.89
N GLY C 298 -4.61 -27.25 -27.77
CA GLY C 298 -4.72 -25.94 -28.40
C GLY C 298 -3.71 -25.73 -29.51
N VAL C 299 -4.18 -25.23 -30.64
CA VAL C 299 -3.29 -24.94 -31.75
C VAL C 299 -3.48 -23.49 -32.23
N GLY C 300 -2.47 -22.66 -31.97
CA GLY C 300 -2.47 -21.29 -32.44
C GLY C 300 -1.82 -21.22 -33.81
N VAL C 301 -2.52 -20.65 -34.77
CA VAL C 301 -2.04 -20.63 -36.14
C VAL C 301 -2.05 -19.23 -36.73
N ARG C 302 -1.01 -18.91 -37.50
CA ARG C 302 -0.88 -17.60 -38.12
C ARG C 302 -1.68 -17.49 -39.41
N GLY C 303 -2.37 -16.36 -39.57
CA GLY C 303 -3.12 -16.09 -40.78
C GLY C 303 -4.51 -15.55 -40.51
N SER C 304 -5.08 -14.92 -41.52
CA SER C 304 -6.47 -14.49 -41.45
C SER C 304 -7.32 -15.74 -41.37
N ARG C 305 -8.48 -15.63 -40.73
CA ARG C 305 -9.39 -16.77 -40.62
C ARG C 305 -9.73 -17.30 -42.02
N PRO C 306 -9.23 -18.49 -42.35
CA PRO C 306 -9.47 -19.10 -43.66
C PRO C 306 -10.96 -19.14 -43.97
N GLU C 307 -11.34 -18.85 -45.21
CA GLU C 307 -12.75 -18.82 -45.60
C GLU C 307 -13.37 -20.21 -45.46
N ARG C 308 -12.53 -21.23 -45.59
CA ARG C 308 -12.96 -22.62 -45.45
C ARG C 308 -13.45 -22.89 -44.03
N ILE C 309 -12.86 -22.21 -43.05
CA ILE C 309 -13.29 -22.30 -41.66
C ILE C 309 -14.57 -21.49 -41.42
N GLY C 310 -14.61 -20.27 -41.95
CA GLY C 310 -15.77 -19.41 -41.82
C GLY C 310 -16.07 -19.08 -40.37
N ASP C 311 -17.35 -18.94 -40.03
CA ASP C 311 -17.75 -18.64 -38.66
C ASP C 311 -18.23 -19.89 -37.92
N LYS C 312 -17.69 -21.05 -38.31
CA LYS C 312 -17.97 -22.30 -37.62
C LYS C 312 -17.58 -22.16 -36.14
N CYS C 313 -18.42 -22.68 -35.26
CA CYS C 313 -18.14 -22.60 -33.83
C CYS C 313 -17.49 -23.89 -33.34
N TRP C 314 -18.27 -24.97 -33.27
CA TRP C 314 -17.69 -26.26 -32.92
C TRP C 314 -18.07 -27.38 -33.89
N LEU C 315 -17.19 -28.36 -34.01
CA LEU C 315 -17.30 -29.39 -35.04
C LEU C 315 -17.15 -30.79 -34.43
N TYR C 316 -17.93 -31.75 -34.92
CA TYR C 316 -17.86 -33.12 -34.44
C TYR C 316 -17.18 -34.05 -35.45
N PHE C 317 -16.35 -34.96 -34.95
CA PHE C 317 -15.58 -35.86 -35.83
C PHE C 317 -15.74 -37.33 -35.48
N PRO C 318 -16.77 -37.98 -36.04
CA PRO C 318 -17.05 -39.40 -35.80
C PRO C 318 -16.07 -40.33 -36.50
N GLU C 319 -15.53 -39.93 -37.65
CA GLU C 319 -14.61 -40.77 -38.42
C GLU C 319 -13.27 -40.99 -37.72
N ASP C 320 -12.47 -41.91 -38.24
CA ASP C 320 -11.24 -42.33 -37.56
C ASP C 320 -9.96 -41.69 -38.11
N ASN C 321 -10.12 -40.70 -38.99
CA ASN C 321 -8.96 -40.01 -39.54
C ASN C 321 -8.37 -38.95 -38.60
N CYS C 322 -8.91 -38.87 -37.38
CA CYS C 322 -8.41 -37.94 -36.37
C CYS C 322 -8.79 -38.43 -34.98
N PRO C 323 -7.92 -38.17 -34.00
CA PRO C 323 -8.09 -38.68 -32.63
C PRO C 323 -9.15 -37.92 -31.81
N PHE C 324 -9.41 -36.67 -32.19
CA PHE C 324 -10.32 -35.82 -31.43
C PHE C 324 -11.79 -36.04 -31.81
N TYR C 325 -12.69 -35.86 -30.85
CA TYR C 325 -14.13 -36.00 -31.11
C TYR C 325 -14.75 -34.64 -31.38
N ARG C 326 -14.10 -33.58 -30.92
CA ARG C 326 -14.62 -32.24 -31.13
C ARG C 326 -13.51 -31.20 -31.31
N ALA C 327 -13.78 -30.23 -32.19
CA ALA C 327 -12.88 -29.12 -32.41
C ALA C 327 -13.67 -27.81 -32.31
N THR C 328 -13.05 -26.79 -31.74
CA THR C 328 -13.67 -25.48 -31.67
C THR C 328 -12.79 -24.42 -32.31
N ILE C 329 -13.40 -23.55 -33.11
CA ILE C 329 -12.70 -22.38 -33.62
C ILE C 329 -12.76 -21.30 -32.55
N PHE C 330 -11.96 -21.49 -31.52
CA PHE C 330 -12.01 -20.67 -30.32
C PHE C 330 -11.74 -19.21 -30.63
N SER C 331 -10.99 -18.96 -31.70
CA SER C 331 -10.67 -17.60 -32.08
C SER C 331 -11.92 -16.85 -32.55
N ASN C 332 -12.98 -17.59 -32.85
CA ASN C 332 -14.22 -16.97 -33.29
C ASN C 332 -15.07 -16.41 -32.14
N TYR C 333 -14.85 -16.92 -30.93
CA TYR C 333 -15.67 -16.53 -29.79
C TYR C 333 -15.36 -15.11 -29.31
N SER C 334 -14.07 -14.79 -29.21
CA SER C 334 -13.64 -13.45 -28.86
C SER C 334 -12.29 -13.14 -29.46
N PRO C 335 -12.12 -11.93 -30.00
CA PRO C 335 -10.84 -11.51 -30.58
C PRO C 335 -9.74 -11.47 -29.53
N TYR C 336 -10.10 -11.56 -28.26
CA TYR C 336 -9.12 -11.50 -27.18
C TYR C 336 -8.68 -12.88 -26.67
N ASN C 337 -9.07 -13.92 -27.39
CA ASN C 337 -8.61 -15.28 -27.06
C ASN C 337 -7.24 -15.57 -27.66
N GLN C 338 -6.79 -14.66 -28.53
CA GLN C 338 -5.46 -14.76 -29.15
C GLN C 338 -4.83 -13.38 -29.26
N PRO C 339 -3.52 -13.32 -29.49
CA PRO C 339 -2.79 -12.06 -29.64
C PRO C 339 -3.37 -11.16 -30.74
N GLU C 340 -3.04 -9.88 -30.67
CA GLU C 340 -3.41 -8.94 -31.73
C GLU C 340 -2.51 -9.16 -32.95
N ALA C 341 -2.99 -8.77 -34.12
CA ALA C 341 -2.23 -8.96 -35.35
C ALA C 341 -0.84 -8.35 -35.23
N SER C 342 -0.72 -7.23 -34.55
CA SER C 342 0.54 -6.50 -34.44
C SER C 342 1.61 -7.26 -33.64
N LYS C 343 1.18 -8.26 -32.87
CA LYS C 343 2.10 -9.04 -32.06
C LYS C 343 2.93 -9.98 -32.93
N LYS C 344 4.25 -9.98 -32.70
CA LYS C 344 5.16 -10.80 -33.50
C LYS C 344 5.52 -12.11 -32.81
N LEU C 345 5.29 -13.21 -33.52
CA LEU C 345 5.58 -14.54 -32.99
C LEU C 345 6.29 -15.40 -34.03
N PRO C 346 7.29 -16.18 -33.60
CA PRO C 346 7.98 -17.11 -34.50
C PRO C 346 7.15 -18.36 -34.74
N THR C 347 7.21 -18.90 -35.95
CA THR C 347 6.48 -20.12 -36.28
C THR C 347 7.18 -21.33 -35.68
N MET C 348 6.43 -22.17 -34.97
CA MET C 348 7.01 -23.34 -34.31
C MET C 348 7.11 -24.52 -35.26
N GLN C 349 6.11 -24.64 -36.13
CA GLN C 349 6.07 -25.76 -37.06
C GLN C 349 4.95 -25.58 -38.07
N LEU C 350 4.99 -26.34 -39.15
CA LEU C 350 3.91 -26.33 -40.11
C LEU C 350 2.93 -27.43 -39.71
N ALA C 351 1.72 -27.38 -40.26
CA ALA C 351 0.71 -28.36 -39.93
C ALA C 351 1.16 -29.77 -40.32
N ASP C 352 1.96 -29.87 -41.39
CA ASP C 352 2.41 -31.18 -41.86
C ASP C 352 3.47 -31.79 -40.95
N GLY C 353 3.93 -31.01 -39.98
CA GLY C 353 4.90 -31.51 -39.02
C GLY C 353 6.32 -31.08 -39.29
N SER C 354 6.54 -30.39 -40.40
CA SER C 354 7.88 -29.96 -40.79
C SER C 354 8.29 -28.66 -40.14
N ARG C 355 9.60 -28.40 -40.14
CA ARG C 355 10.14 -27.14 -39.68
C ARG C 355 9.67 -26.01 -40.60
N PRO C 356 9.55 -24.79 -40.05
CA PRO C 356 9.19 -23.64 -40.87
C PRO C 356 10.38 -23.17 -41.69
N GLN C 357 10.11 -22.55 -42.84
CA GLN C 357 11.18 -22.02 -43.68
C GLN C 357 11.84 -20.83 -43.00
N SER C 358 11.12 -20.22 -42.05
CA SER C 358 11.63 -19.07 -41.31
C SER C 358 11.24 -19.13 -39.84
N THR C 359 12.21 -18.90 -38.96
CA THR C 359 11.95 -18.88 -37.52
C THR C 359 12.03 -17.46 -36.95
N GLU C 360 11.95 -16.46 -37.82
CA GLU C 360 11.92 -15.09 -37.36
C GLU C 360 10.50 -14.76 -36.91
N ALA C 361 10.40 -13.87 -35.94
CA ALA C 361 9.10 -13.46 -35.41
C ALA C 361 8.36 -12.59 -36.41
N LYS C 362 7.21 -13.08 -36.88
CA LYS C 362 6.40 -12.32 -37.82
C LYS C 362 5.08 -11.88 -37.19
N GLU C 363 4.40 -10.96 -37.85
CA GLU C 363 3.12 -10.46 -37.35
C GLU C 363 2.02 -11.49 -37.59
N GLY C 364 0.83 -11.18 -37.08
CA GLY C 364 -0.34 -12.01 -37.31
C GLY C 364 -1.07 -11.61 -38.58
N PRO C 365 -2.41 -11.57 -38.55
CA PRO C 365 -3.22 -11.91 -37.37
C PRO C 365 -3.21 -13.40 -37.09
N TYR C 366 -3.94 -13.83 -36.07
CA TYR C 366 -3.93 -15.23 -35.66
C TYR C 366 -5.33 -15.79 -35.49
N TRP C 367 -5.45 -17.10 -35.61
CA TRP C 367 -6.67 -17.79 -35.23
C TRP C 367 -6.32 -19.00 -34.38
N SER C 368 -7.32 -19.61 -33.76
CA SER C 368 -7.05 -20.66 -32.77
C SER C 368 -8.03 -21.81 -32.89
N ILE C 369 -7.50 -23.03 -32.80
CA ILE C 369 -8.32 -24.23 -32.82
C ILE C 369 -8.14 -24.97 -31.50
N MET C 370 -9.24 -25.40 -30.90
CA MET C 370 -9.20 -26.15 -29.65
C MET C 370 -9.81 -27.53 -29.83
N LEU C 371 -9.08 -28.56 -29.39
CA LEU C 371 -9.47 -29.94 -29.62
C LEU C 371 -9.73 -30.69 -28.32
N GLU C 372 -10.47 -31.77 -28.41
CA GLU C 372 -10.68 -32.64 -27.25
C GLU C 372 -10.49 -34.10 -27.63
N VAL C 373 -9.75 -34.83 -26.80
CA VAL C 373 -9.57 -36.25 -27.00
C VAL C 373 -9.88 -36.99 -25.69
N SER C 374 -10.74 -37.99 -25.76
CA SER C 374 -11.11 -38.75 -24.56
C SER C 374 -10.15 -39.89 -24.27
N GLU C 375 -10.09 -40.29 -23.01
CA GLU C 375 -9.25 -41.41 -22.58
C GLU C 375 -9.99 -42.20 -21.52
N SER C 376 -9.76 -43.51 -21.51
CA SER C 376 -10.33 -44.38 -20.49
C SER C 376 -9.59 -45.70 -20.48
N SER C 377 -9.96 -46.59 -19.57
CA SER C 377 -9.39 -47.93 -19.52
C SER C 377 -9.74 -48.68 -20.79
N MET C 378 -10.84 -48.30 -21.43
CA MET C 378 -11.27 -48.91 -22.67
C MET C 378 -10.75 -48.18 -23.91
N LYS C 379 -10.06 -47.07 -23.70
CA LYS C 379 -9.51 -46.28 -24.81
C LYS C 379 -8.31 -45.48 -24.36
N PRO C 380 -7.13 -46.11 -24.34
CA PRO C 380 -5.91 -45.43 -23.91
C PRO C 380 -5.43 -44.43 -24.96
N VAL C 381 -4.65 -43.45 -24.54
CA VAL C 381 -4.03 -42.53 -25.48
C VAL C 381 -2.57 -42.26 -25.11
N ASN C 382 -1.73 -42.13 -26.13
CA ASN C 382 -0.32 -41.87 -25.92
C ASN C 382 -0.06 -40.38 -25.82
N GLN C 383 0.25 -39.91 -24.61
CA GLN C 383 0.43 -38.49 -24.37
C GLN C 383 1.52 -37.85 -25.21
N GLU C 384 2.60 -38.58 -25.44
CA GLU C 384 3.76 -38.02 -26.13
C GLU C 384 3.58 -37.93 -27.65
N THR C 385 2.54 -38.56 -28.17
CA THR C 385 2.25 -38.46 -29.59
C THR C 385 0.93 -37.74 -29.89
N ILE C 386 0.08 -37.62 -28.88
CA ILE C 386 -1.27 -37.10 -29.08
C ILE C 386 -1.35 -35.69 -29.69
N LEU C 387 -0.45 -34.80 -29.28
CA LEU C 387 -0.43 -33.47 -29.85
C LEU C 387 -0.14 -33.56 -31.35
N ALA C 388 0.93 -34.27 -31.70
CA ALA C 388 1.28 -34.49 -33.10
C ALA C 388 0.13 -35.12 -33.88
N ASP C 389 -0.43 -36.19 -33.32
CA ASP C 389 -1.56 -36.88 -33.94
C ASP C 389 -2.73 -35.93 -34.18
N CYS C 390 -3.01 -35.09 -33.19
CA CYS C 390 -4.11 -34.13 -33.33
C CYS C 390 -3.86 -33.19 -34.50
N ILE C 391 -2.65 -32.68 -34.60
CA ILE C 391 -2.31 -31.78 -35.69
C ILE C 391 -2.48 -32.46 -37.04
N GLN C 392 -2.00 -33.71 -37.15
CA GLN C 392 -2.19 -34.49 -38.37
C GLN C 392 -3.68 -34.62 -38.69
N GLY C 393 -4.47 -34.92 -37.68
CA GLY C 393 -5.90 -35.04 -37.83
C GLY C 393 -6.51 -33.79 -38.43
N LEU C 394 -5.97 -32.64 -38.03
CA LEU C 394 -6.43 -31.36 -38.54
C LEU C 394 -6.12 -31.22 -40.02
N VAL C 395 -5.01 -31.83 -40.44
CA VAL C 395 -4.65 -31.87 -41.84
C VAL C 395 -5.58 -32.81 -42.62
N ASN C 396 -5.81 -34.00 -42.07
CA ASN C 396 -6.65 -35.01 -42.72
C ASN C 396 -8.09 -34.55 -42.90
N THR C 397 -8.56 -33.74 -41.96
CA THR C 397 -9.93 -33.24 -42.00
C THR C 397 -9.98 -31.90 -42.70
N GLU C 398 -8.85 -31.49 -43.27
CA GLU C 398 -8.76 -30.22 -43.98
C GLU C 398 -9.17 -29.06 -43.08
N MET C 399 -8.79 -29.14 -41.81
CA MET C 399 -8.93 -28.03 -40.88
C MET C 399 -7.73 -27.13 -41.08
N LEU C 400 -6.58 -27.75 -41.34
CA LEU C 400 -5.36 -27.02 -41.62
C LEU C 400 -4.74 -27.51 -42.93
N LYS C 401 -4.24 -26.57 -43.73
CA LYS C 401 -3.41 -26.92 -44.87
C LYS C 401 -2.07 -27.35 -44.31
N PRO C 402 -1.38 -28.26 -44.99
CA PRO C 402 -0.08 -28.72 -44.48
C PRO C 402 0.90 -27.56 -44.33
N THR C 403 0.65 -26.47 -45.07
CA THR C 403 1.54 -25.31 -45.06
C THR C 403 1.21 -24.33 -43.94
N ASP C 404 0.01 -24.41 -43.38
CA ASP C 404 -0.40 -23.51 -42.30
C ASP C 404 0.65 -23.47 -41.18
N GLU C 405 1.00 -22.26 -40.74
CA GLU C 405 2.04 -22.07 -39.74
C GLU C 405 1.48 -22.13 -38.31
N ILE C 406 2.02 -23.04 -37.51
CA ILE C 406 1.57 -23.18 -36.14
C ILE C 406 2.43 -22.37 -35.19
N VAL C 407 1.82 -21.38 -34.54
CA VAL C 407 2.52 -20.43 -33.70
C VAL C 407 2.59 -20.83 -32.22
N SER C 408 1.57 -21.54 -31.76
CA SER C 408 1.51 -21.92 -30.36
C SER C 408 0.82 -23.27 -30.18
N THR C 409 1.29 -24.06 -29.21
CA THR C 409 0.66 -25.34 -28.90
C THR C 409 0.29 -25.43 -27.43
N TYR C 410 -0.85 -26.05 -27.17
CA TYR C 410 -1.34 -26.27 -25.81
C TYR C 410 -1.81 -27.71 -25.66
N HIS C 411 -1.37 -28.37 -24.60
CA HIS C 411 -1.85 -29.70 -24.28
C HIS C 411 -1.94 -29.90 -22.78
N ARG C 412 -3.14 -30.24 -22.31
CA ARG C 412 -3.33 -30.54 -20.90
C ARG C 412 -4.32 -31.68 -20.70
N ARG C 413 -3.95 -32.61 -19.83
CA ARG C 413 -4.80 -33.76 -19.53
C ARG C 413 -5.55 -33.56 -18.22
N PHE C 414 -6.87 -33.69 -18.29
CA PHE C 414 -7.70 -33.60 -17.10
C PHE C 414 -8.20 -34.98 -16.71
N ASP C 415 -7.65 -35.52 -15.63
CA ASP C 415 -7.98 -36.88 -15.20
C ASP C 415 -9.48 -37.13 -15.16
N HIS C 416 -10.19 -36.38 -14.32
CA HIS C 416 -11.65 -36.47 -14.32
C HIS C 416 -12.24 -35.48 -15.33
N GLY C 417 -12.57 -35.96 -16.51
CA GLY C 417 -13.12 -35.10 -17.55
C GLY C 417 -14.62 -35.24 -17.71
N TYR C 418 -15.08 -36.47 -17.91
CA TYR C 418 -16.49 -36.76 -18.04
C TYR C 418 -16.94 -37.84 -17.05
N PRO C 419 -18.03 -37.58 -16.33
CA PRO C 419 -18.69 -38.64 -15.56
C PRO C 419 -19.50 -39.53 -16.51
N THR C 420 -19.08 -40.77 -16.67
CA THR C 420 -19.71 -41.66 -17.64
C THR C 420 -21.06 -42.17 -17.18
N PRO C 421 -22.10 -41.94 -17.98
CA PRO C 421 -23.45 -42.44 -17.68
C PRO C 421 -23.52 -43.94 -17.95
N THR C 422 -22.69 -44.70 -17.27
CA THR C 422 -22.67 -46.15 -17.43
C THR C 422 -23.97 -46.77 -16.90
N LEU C 423 -24.18 -48.03 -17.23
CA LEU C 423 -25.36 -48.75 -16.76
C LEU C 423 -25.32 -48.87 -15.25
N GLU C 424 -24.12 -48.98 -14.71
CA GLU C 424 -23.94 -49.19 -13.28
C GLU C 424 -24.10 -47.92 -12.43
N ARG C 425 -23.95 -46.76 -13.04
CA ARG C 425 -23.91 -45.48 -12.34
C ARG C 425 -24.93 -45.32 -11.20
N GLU C 426 -26.20 -45.28 -11.55
CA GLU C 426 -27.25 -45.03 -10.57
C GLU C 426 -27.25 -46.01 -9.39
N GLY C 427 -27.07 -47.29 -9.68
CA GLY C 427 -26.97 -48.29 -8.64
C GLY C 427 -25.93 -47.89 -7.59
N ALA C 428 -24.89 -47.21 -8.04
CA ALA C 428 -23.83 -46.75 -7.13
C ALA C 428 -24.23 -45.45 -6.46
N LEU C 429 -24.62 -44.47 -7.25
CA LEU C 429 -24.98 -43.15 -6.74
C LEU C 429 -26.13 -43.17 -5.74
N THR C 430 -27.09 -44.08 -5.94
CA THR C 430 -28.23 -44.13 -5.04
C THR C 430 -27.85 -44.70 -3.68
N GLN C 431 -26.63 -45.22 -3.57
CA GLN C 431 -26.07 -45.63 -2.29
C GLN C 431 -25.12 -44.56 -1.78
N ILE C 432 -24.18 -44.16 -2.63
CA ILE C 432 -23.18 -43.17 -2.27
C ILE C 432 -23.75 -41.87 -1.70
N LEU C 433 -24.61 -41.22 -2.46
CA LEU C 433 -25.15 -39.91 -2.10
C LEU C 433 -25.96 -39.89 -0.79
N PRO C 434 -26.89 -40.85 -0.63
CA PRO C 434 -27.64 -40.90 0.63
C PRO C 434 -26.73 -41.20 1.83
N LYS C 435 -25.77 -42.10 1.64
CA LYS C 435 -24.88 -42.46 2.76
C LYS C 435 -24.04 -41.28 3.18
N LEU C 436 -23.65 -40.46 2.20
CA LEU C 436 -22.93 -39.23 2.48
C LEU C 436 -23.81 -38.20 3.17
N GLN C 437 -25.04 -38.06 2.69
CA GLN C 437 -25.97 -37.09 3.27
C GLN C 437 -26.30 -37.43 4.71
N ASP C 438 -26.39 -38.72 5.03
CA ASP C 438 -26.65 -39.16 6.40
C ASP C 438 -25.54 -38.71 7.33
N LYS C 439 -24.43 -38.24 6.74
CA LYS C 439 -23.32 -37.71 7.52
C LYS C 439 -23.28 -36.21 7.40
N ASP C 440 -24.41 -35.62 7.00
CA ASP C 440 -24.49 -34.18 6.79
C ASP C 440 -23.46 -33.71 5.77
N ILE C 441 -23.27 -34.51 4.73
CA ILE C 441 -22.36 -34.15 3.65
C ILE C 441 -23.10 -34.12 2.32
N TRP C 442 -23.24 -32.92 1.75
CA TRP C 442 -23.87 -32.77 0.45
C TRP C 442 -22.82 -32.81 -0.65
N SER C 443 -22.65 -33.97 -1.28
CA SER C 443 -21.69 -34.10 -2.38
C SER C 443 -22.36 -33.76 -3.71
N ARG C 444 -21.90 -32.70 -4.36
CA ARG C 444 -22.61 -32.14 -5.49
C ARG C 444 -21.66 -31.62 -6.56
N GLY C 445 -22.07 -31.70 -7.82
CA GLY C 445 -21.26 -31.23 -8.92
C GLY C 445 -21.07 -32.24 -10.04
N ARG C 446 -20.27 -31.86 -11.05
CA ARG C 446 -20.00 -32.74 -12.19
C ARG C 446 -19.44 -34.07 -11.72
N PHE C 447 -18.48 -34.02 -10.79
CA PHE C 447 -17.97 -35.25 -10.20
C PHE C 447 -18.34 -35.36 -8.72
N GLY C 448 -18.95 -34.31 -8.18
CA GLY C 448 -19.47 -34.36 -6.83
C GLY C 448 -20.64 -35.31 -6.76
N SER C 449 -21.54 -35.19 -7.73
CA SER C 449 -22.72 -36.05 -7.82
C SER C 449 -22.74 -36.87 -9.11
N TRP C 450 -21.78 -36.62 -10.00
CA TRP C 450 -21.45 -37.55 -11.08
C TRP C 450 -22.53 -37.75 -12.14
N ARG C 451 -23.42 -36.78 -12.29
CA ARG C 451 -24.52 -36.92 -13.25
C ARG C 451 -24.40 -35.94 -14.42
N TYR C 452 -23.92 -36.45 -15.54
CA TYR C 452 -23.67 -35.64 -16.74
C TYR C 452 -24.88 -34.85 -17.22
N GLU C 453 -26.07 -35.46 -17.23
CA GLU C 453 -27.29 -34.79 -17.72
C GLU C 453 -27.43 -33.43 -17.10
N VAL C 454 -26.72 -33.26 -15.99
CA VAL C 454 -26.92 -32.11 -15.16
C VAL C 454 -25.52 -31.67 -14.70
N GLY C 455 -24.58 -31.80 -15.63
CA GLY C 455 -23.16 -31.52 -15.40
C GLY C 455 -22.61 -30.28 -16.08
N ASN C 456 -23.49 -29.51 -16.74
CA ASN C 456 -23.06 -28.25 -17.34
C ASN C 456 -22.77 -27.18 -16.27
N GLN C 457 -22.24 -26.04 -16.69
CA GLN C 457 -21.86 -24.99 -15.75
C GLN C 457 -23.05 -24.49 -14.94
N ASP C 458 -24.15 -24.18 -15.62
CA ASP C 458 -25.33 -23.69 -14.92
C ASP C 458 -25.90 -24.76 -13.99
N HIS C 459 -26.03 -25.99 -14.50
CA HIS C 459 -26.47 -27.11 -13.69
C HIS C 459 -25.62 -27.18 -12.42
N SER C 460 -24.30 -27.18 -12.60
CA SER C 460 -23.39 -27.32 -11.49
C SER C 460 -23.59 -26.18 -10.50
N PHE C 461 -23.60 -24.95 -11.03
CA PHE C 461 -23.79 -23.78 -10.20
C PHE C 461 -25.04 -23.94 -9.34
N MET C 462 -26.12 -24.39 -9.97
CA MET C 462 -27.36 -24.57 -9.24
C MET C 462 -27.30 -25.74 -8.26
N LEU C 463 -26.53 -26.77 -8.58
CA LEU C 463 -26.39 -27.89 -7.67
C LEU C 463 -25.82 -27.40 -6.33
N GLY C 464 -24.94 -26.42 -6.40
CA GLY C 464 -24.40 -25.79 -5.21
C GLY C 464 -25.45 -24.92 -4.55
N VAL C 465 -26.14 -24.11 -5.36
CA VAL C 465 -27.20 -23.25 -4.87
C VAL C 465 -28.30 -24.05 -4.17
N GLU C 466 -28.77 -25.10 -4.83
CA GLU C 466 -29.86 -25.90 -4.29
C GLU C 466 -29.41 -26.74 -3.09
N ALA C 467 -28.16 -27.19 -3.10
CA ALA C 467 -27.61 -27.87 -1.92
C ALA C 467 -27.76 -26.98 -0.70
N VAL C 468 -27.22 -25.77 -0.78
CA VAL C 468 -27.32 -24.80 0.30
C VAL C 468 -28.79 -24.51 0.62
N ASP C 469 -29.61 -24.39 -0.40
CA ASP C 469 -31.01 -24.06 -0.20
C ASP C 469 -31.73 -25.19 0.53
N ASN C 470 -31.28 -26.43 0.30
CA ASN C 470 -31.83 -27.58 1.00
C ASN C 470 -31.34 -27.59 2.44
N ILE C 471 -30.06 -27.28 2.63
CA ILE C 471 -29.47 -27.21 3.96
C ILE C 471 -30.12 -26.16 4.87
N VAL C 472 -30.46 -25.01 4.29
CA VAL C 472 -30.96 -23.87 5.07
C VAL C 472 -32.48 -23.73 5.05
N ASN C 473 -33.09 -23.89 3.89
CA ASN C 473 -34.51 -23.58 3.73
C ASN C 473 -35.38 -24.80 3.45
N GLY C 474 -34.78 -25.98 3.50
CA GLY C 474 -35.49 -27.22 3.26
C GLY C 474 -35.93 -27.44 1.81
N ALA C 475 -35.31 -26.71 0.89
CA ALA C 475 -35.68 -26.82 -0.53
C ALA C 475 -35.39 -28.21 -1.06
N VAL C 476 -36.22 -28.69 -1.99
CA VAL C 476 -35.93 -29.96 -2.64
C VAL C 476 -34.85 -29.75 -3.69
N GLU C 477 -33.85 -30.62 -3.69
CA GLU C 477 -32.75 -30.53 -4.65
C GLU C 477 -33.23 -31.11 -5.98
N LEU C 478 -33.88 -30.25 -6.77
CA LEU C 478 -34.52 -30.67 -8.00
C LEU C 478 -33.52 -31.06 -9.09
N THR C 479 -32.51 -30.22 -9.29
CA THR C 479 -31.52 -30.46 -10.32
C THR C 479 -30.76 -31.77 -10.10
N LEU C 480 -30.60 -32.16 -8.85
CA LEU C 480 -29.85 -33.36 -8.54
C LEU C 480 -30.65 -34.61 -8.90
N ASN C 481 -31.93 -34.60 -8.57
CA ASN C 481 -32.75 -35.80 -8.65
C ASN C 481 -33.71 -35.86 -9.84
N TYR C 482 -33.90 -34.72 -10.51
CA TYR C 482 -34.91 -34.64 -11.55
C TYR C 482 -34.44 -33.82 -12.74
N PRO C 483 -33.34 -34.27 -13.37
CA PRO C 483 -32.74 -33.55 -14.49
C PRO C 483 -33.78 -33.17 -15.54
N ASP C 484 -34.67 -34.09 -15.87
CA ASP C 484 -35.68 -33.83 -16.89
C ASP C 484 -36.61 -32.70 -16.48
N PHE C 485 -36.95 -32.65 -15.19
CA PHE C 485 -37.78 -31.59 -14.65
C PHE C 485 -37.15 -30.21 -14.86
N VAL C 486 -35.96 -30.00 -14.31
CA VAL C 486 -35.31 -28.70 -14.42
C VAL C 486 -34.98 -28.36 -15.88
N ASN C 487 -34.59 -29.36 -16.66
CA ASN C 487 -34.20 -29.12 -18.04
C ASN C 487 -35.37 -28.80 -18.97
N GLY C 488 -36.56 -29.28 -18.61
CA GLY C 488 -37.73 -29.06 -19.43
C GLY C 488 -38.59 -27.88 -19.01
N ARG C 489 -38.06 -27.03 -18.14
CA ARG C 489 -38.83 -25.87 -17.69
C ARG C 489 -37.97 -24.62 -17.60
N GLN C 490 -38.64 -23.47 -17.52
CA GLN C 490 -37.94 -22.23 -17.24
C GLN C 490 -37.96 -22.01 -15.72
N ASN C 491 -36.77 -22.08 -15.12
CA ASN C 491 -36.66 -21.96 -13.67
C ASN C 491 -36.47 -20.52 -13.26
N THR C 492 -37.60 -19.86 -13.02
CA THR C 492 -37.62 -18.41 -12.84
C THR C 492 -37.83 -18.00 -11.39
N GLU C 493 -38.17 -18.96 -10.54
CA GLU C 493 -38.57 -18.67 -9.17
C GLU C 493 -37.45 -18.15 -8.27
N ARG C 494 -36.29 -18.79 -8.32
CA ARG C 494 -35.20 -18.42 -7.41
C ARG C 494 -34.34 -17.30 -8.01
N ARG C 495 -34.11 -16.24 -7.24
CA ARG C 495 -33.40 -15.08 -7.73
C ARG C 495 -32.29 -14.67 -6.77
N LEU C 496 -31.34 -13.87 -7.26
CA LEU C 496 -30.24 -13.38 -6.43
C LEU C 496 -30.80 -12.44 -5.38
N VAL C 497 -32.01 -11.97 -5.63
CA VAL C 497 -32.75 -11.19 -4.65
C VAL C 497 -34.15 -11.77 -4.50
N ASP C 498 -34.36 -12.50 -3.41
CA ASP C 498 -35.67 -13.08 -3.06
C ASP C 498 -36.41 -12.22 -2.06
N GLY C 499 -37.69 -12.48 -1.90
CA GLY C 499 -38.53 -11.73 -0.97
C GLY C 499 -37.82 -11.48 0.35
N ALA C 500 -37.17 -12.53 0.85
CA ALA C 500 -36.46 -12.43 2.11
C ALA C 500 -35.57 -11.19 2.16
N GLN C 501 -34.67 -11.06 1.18
CA GLN C 501 -33.74 -9.93 1.15
C GLN C 501 -34.48 -8.60 1.02
N VAL C 502 -35.56 -8.59 0.25
CA VAL C 502 -36.36 -7.40 0.04
C VAL C 502 -37.05 -6.92 1.34
N PHE C 503 -37.66 -7.86 2.06
CA PHE C 503 -38.39 -7.53 3.28
C PHE C 503 -37.46 -7.09 4.41
N ALA C 504 -36.26 -7.66 4.45
CA ALA C 504 -35.28 -7.27 5.47
C ALA C 504 -34.67 -5.91 5.16
N LYS C 505 -34.53 -5.60 3.88
CA LYS C 505 -33.96 -4.33 3.45
C LYS C 505 -34.92 -3.21 3.82
N SER C 506 -36.22 -3.49 3.68
CA SER C 506 -37.26 -2.50 3.94
C SER C 506 -37.49 -2.31 5.42
N LYS C 507 -37.19 -3.35 6.20
CA LYS C 507 -37.29 -3.26 7.65
C LYS C 507 -36.15 -2.42 8.22
N ALA C 508 -35.00 -2.44 7.55
CA ALA C 508 -33.83 -1.69 7.99
C ALA C 508 -33.93 -0.21 7.62
N GLN C 509 -34.74 0.08 6.60
CA GLN C 509 -34.94 1.45 6.12
C GLN C 509 -35.76 2.28 7.11
N LEU C 510 -36.71 1.64 7.76
CA LEU C 510 -37.58 2.30 8.73
C LEU C 510 -36.77 2.94 9.86
N THR D 1 4.83 4.08 -81.03
CA THR D 1 5.48 4.92 -82.04
C THR D 1 6.97 5.14 -81.73
N HIS D 2 7.84 4.61 -82.58
CA HIS D 2 9.29 4.68 -82.39
C HIS D 2 9.80 6.12 -82.38
N PRO D 3 10.81 6.41 -81.54
CA PRO D 3 11.49 7.70 -81.51
C PRO D 3 12.49 7.81 -82.66
N ASP D 4 12.78 9.04 -83.08
CA ASP D 4 13.69 9.28 -84.18
C ASP D 4 15.03 8.61 -83.94
N ILE D 5 15.47 8.63 -82.69
CA ILE D 5 16.74 8.03 -82.31
C ILE D 5 16.57 7.18 -81.06
N SER D 6 17.30 6.07 -81.01
CA SER D 6 17.29 5.21 -79.82
C SER D 6 18.69 4.83 -79.40
N VAL D 7 19.05 5.16 -78.17
CA VAL D 7 20.33 4.74 -77.61
C VAL D 7 20.14 4.06 -76.27
N ASP D 8 21.14 3.28 -75.86
CA ASP D 8 21.13 2.67 -74.54
C ASP D 8 21.27 3.72 -73.44
N VAL D 9 22.26 4.60 -73.60
CA VAL D 9 22.52 5.66 -72.64
C VAL D 9 22.55 7.04 -73.30
N LEU D 10 21.65 7.92 -72.88
CA LEU D 10 21.61 9.28 -73.41
C LEU D 10 22.19 10.26 -72.41
N VAL D 11 23.13 11.08 -72.86
CA VAL D 11 23.77 12.07 -72.00
C VAL D 11 23.31 13.48 -72.38
N ILE D 12 22.66 14.16 -71.43
CA ILE D 12 22.24 15.54 -71.63
C ILE D 12 23.26 16.52 -71.03
N GLY D 13 23.85 17.35 -71.88
CA GLY D 13 24.81 18.34 -71.42
C GLY D 13 26.25 17.94 -71.68
N ALA D 14 27.02 18.85 -72.26
CA ALA D 14 28.40 18.58 -72.61
C ALA D 14 29.38 19.46 -71.85
N GLY D 15 29.07 19.76 -70.60
CA GLY D 15 30.04 20.35 -69.70
C GLY D 15 30.95 19.22 -69.24
N PRO D 16 31.79 19.48 -68.24
CA PRO D 16 32.70 18.47 -67.70
C PRO D 16 31.99 17.18 -67.23
N THR D 17 30.89 17.31 -66.51
CA THR D 17 30.15 16.13 -66.07
C THR D 17 29.73 15.29 -67.27
N GLY D 18 28.98 15.89 -68.18
CA GLY D 18 28.54 15.20 -69.39
C GLY D 18 29.68 14.59 -70.19
N LEU D 19 30.74 15.35 -70.39
CA LEU D 19 31.87 14.87 -71.17
C LEU D 19 32.55 13.69 -70.47
N GLY D 20 32.57 13.73 -69.13
CA GLY D 20 33.04 12.60 -68.36
C GLY D 20 32.24 11.35 -68.70
N ALA D 21 30.92 11.50 -68.72
CA ALA D 21 30.05 10.39 -69.08
C ALA D 21 30.44 9.86 -70.45
N ALA D 22 30.47 10.77 -71.43
CA ALA D 22 30.78 10.41 -72.81
C ALA D 22 32.12 9.69 -72.90
N LYS D 23 33.13 10.22 -72.23
CA LYS D 23 34.46 9.63 -72.28
C LYS D 23 34.48 8.18 -71.78
N ARG D 24 33.80 7.91 -70.67
CA ARG D 24 33.76 6.53 -70.17
C ARG D 24 32.85 5.65 -71.02
N LEU D 25 31.76 6.22 -71.53
CA LEU D 25 30.89 5.49 -72.44
C LEU D 25 31.68 5.09 -73.68
N ASN D 26 32.51 6.02 -74.15
CA ASN D 26 33.31 5.80 -75.35
C ASN D 26 34.45 4.82 -75.10
N GLN D 27 34.99 4.84 -73.88
CA GLN D 27 36.07 3.93 -73.53
C GLN D 27 35.58 2.49 -73.45
N ILE D 28 34.46 2.29 -72.77
CA ILE D 28 33.89 0.96 -72.60
C ILE D 28 33.45 0.43 -73.96
N ASP D 29 32.92 1.33 -74.77
CA ASP D 29 32.44 0.99 -76.12
C ASP D 29 31.50 -0.22 -76.11
N GLY D 30 30.60 -0.27 -75.13
CA GLY D 30 29.63 -1.34 -75.04
C GLY D 30 28.25 -0.88 -75.45
N PRO D 31 27.48 -0.34 -74.49
CA PRO D 31 26.14 0.16 -74.83
C PRO D 31 26.22 1.31 -75.82
N SER D 32 25.17 1.50 -76.61
CA SER D 32 25.08 2.62 -77.52
C SER D 32 24.79 3.87 -76.71
N TRP D 33 25.33 5.01 -77.15
CA TRP D 33 25.19 6.25 -76.41
C TRP D 33 25.26 7.48 -77.31
N MET D 34 24.78 8.60 -76.78
CA MET D 34 24.71 9.84 -77.52
C MET D 34 24.74 10.98 -76.52
N ILE D 35 25.43 12.06 -76.87
CA ILE D 35 25.49 13.22 -75.98
C ILE D 35 25.00 14.49 -76.68
N VAL D 36 24.12 15.22 -76.02
CA VAL D 36 23.56 16.44 -76.60
C VAL D 36 23.80 17.65 -75.72
N ASP D 37 23.81 18.83 -76.33
CA ASP D 37 23.94 20.08 -75.59
C ASP D 37 23.43 21.25 -76.44
N SER D 38 22.69 22.15 -75.80
CA SER D 38 22.10 23.30 -76.49
C SER D 38 23.16 24.26 -77.00
N ASN D 39 24.39 24.07 -76.55
CA ASN D 39 25.49 24.94 -76.95
C ASN D 39 26.34 24.30 -78.05
N GLU D 40 26.66 25.06 -79.09
CA GLU D 40 27.51 24.56 -80.18
C GLU D 40 28.91 24.22 -79.69
N THR D 41 29.29 24.80 -78.56
CA THR D 41 30.61 24.56 -77.98
C THR D 41 30.53 23.90 -76.62
N PRO D 42 31.05 22.68 -76.52
CA PRO D 42 31.07 21.95 -75.24
C PRO D 42 31.96 22.66 -74.23
N GLY D 43 31.67 22.46 -72.94
CA GLY D 43 32.47 23.06 -71.90
C GLY D 43 31.64 23.60 -70.76
N GLY D 44 30.41 24.01 -71.07
CA GLY D 44 29.50 24.53 -70.07
C GLY D 44 30.13 25.66 -69.28
N LEU D 45 29.92 25.65 -67.96
CA LEU D 45 30.49 26.67 -67.08
C LEU D 45 32.02 26.65 -67.04
N ALA D 46 32.63 25.68 -67.71
CA ALA D 46 34.09 25.64 -67.79
C ALA D 46 34.57 26.14 -69.15
N SER D 47 33.73 26.91 -69.82
CA SER D 47 34.08 27.48 -71.12
C SER D 47 34.75 28.83 -70.99
N THR D 48 35.39 29.28 -72.07
CA THR D 48 36.02 30.59 -72.08
C THR D 48 35.35 31.52 -73.10
N ASP D 49 35.21 32.78 -72.71
CA ASP D 49 34.64 33.79 -73.59
C ASP D 49 35.71 34.74 -74.07
N VAL D 50 35.45 35.44 -75.17
CA VAL D 50 36.39 36.44 -75.67
C VAL D 50 35.68 37.76 -75.95
N THR D 51 36.30 38.86 -75.48
CA THR D 51 35.81 40.19 -75.81
C THR D 51 36.23 40.54 -77.23
N PRO D 52 35.47 41.42 -77.89
CA PRO D 52 35.84 41.84 -79.24
C PRO D 52 37.27 42.40 -79.29
N GLU D 53 37.80 42.80 -78.15
CA GLU D 53 39.15 43.34 -78.08
C GLU D 53 40.22 42.25 -77.93
N GLY D 54 39.78 40.99 -77.86
CA GLY D 54 40.69 39.87 -77.82
C GLY D 54 41.13 39.46 -76.43
N PHE D 55 40.34 39.81 -75.42
CA PHE D 55 40.61 39.40 -74.06
C PHE D 55 39.77 38.17 -73.71
N LEU D 56 40.44 37.13 -73.23
CA LEU D 56 39.77 35.88 -72.83
C LEU D 56 39.31 35.91 -71.38
N TYR D 57 38.18 35.28 -71.11
CA TYR D 57 37.70 35.19 -69.74
C TYR D 57 37.02 33.85 -69.46
N ASP D 58 37.59 33.09 -68.53
CA ASP D 58 36.95 31.88 -68.03
C ASP D 58 35.72 32.30 -67.28
N VAL D 59 34.87 31.35 -66.90
CA VAL D 59 33.66 31.69 -66.17
C VAL D 59 33.95 31.85 -64.67
N GLY D 60 34.80 32.82 -64.34
CA GLY D 60 35.11 33.13 -62.96
C GLY D 60 36.57 32.91 -62.59
N GLY D 61 37.33 32.30 -63.50
CA GLY D 61 38.71 31.97 -63.21
C GLY D 61 38.81 30.59 -62.57
N HIS D 62 39.12 29.60 -63.41
CA HIS D 62 39.09 28.21 -62.99
C HIS D 62 40.48 27.60 -62.85
N VAL D 63 40.80 27.18 -61.63
CA VAL D 63 42.08 26.54 -61.36
C VAL D 63 41.88 25.06 -61.01
N ILE D 64 42.46 24.20 -61.82
CA ILE D 64 42.33 22.76 -61.65
C ILE D 64 43.30 22.21 -60.59
N PHE D 65 42.76 21.43 -59.67
CA PHE D 65 43.54 20.47 -58.89
C PHE D 65 42.86 19.12 -59.00
N SER D 66 43.57 18.12 -59.53
CA SER D 66 42.96 16.83 -59.84
C SER D 66 43.08 15.82 -58.71
N HIS D 67 41.95 15.25 -58.31
CA HIS D 67 41.94 14.17 -57.32
C HIS D 67 41.97 12.80 -57.98
N TYR D 68 41.83 12.77 -59.30
CA TYR D 68 41.64 11.51 -60.02
C TYR D 68 42.65 11.33 -61.15
N LYS D 69 43.28 10.17 -61.19
CA LYS D 69 44.20 9.86 -62.27
C LYS D 69 43.46 9.76 -63.60
N TYR D 70 42.17 9.41 -63.55
CA TYR D 70 41.36 9.31 -64.76
C TYR D 70 41.23 10.67 -65.42
N PHE D 71 40.94 11.67 -64.61
CA PHE D 71 40.80 13.05 -65.07
C PHE D 71 42.08 13.50 -65.73
N ASP D 72 43.21 13.15 -65.14
CA ASP D 72 44.53 13.46 -65.69
C ASP D 72 44.67 12.82 -67.07
N ASP D 73 44.37 11.52 -67.13
CA ASP D 73 44.44 10.78 -68.39
C ASP D 73 43.74 11.51 -69.52
N CYS D 74 42.49 11.87 -69.31
CA CYS D 74 41.70 12.52 -70.34
C CYS D 74 42.27 13.89 -70.74
N LEU D 75 42.84 14.60 -69.77
CA LEU D 75 43.49 15.87 -70.08
C LEU D 75 44.73 15.65 -70.94
N ASP D 76 45.59 14.74 -70.51
CA ASP D 76 46.80 14.44 -71.27
C ASP D 76 46.48 13.97 -72.68
N GLU D 77 45.36 13.27 -72.85
CA GLU D 77 44.93 12.82 -74.16
C GLU D 77 44.50 13.98 -75.05
N ALA D 78 43.82 14.95 -74.45
CA ALA D 78 43.31 16.11 -75.20
C ALA D 78 44.42 17.10 -75.55
N LEU D 79 45.24 17.44 -74.56
CA LEU D 79 46.34 18.38 -74.75
C LEU D 79 47.66 17.72 -74.36
N PRO D 80 48.16 16.83 -75.23
CA PRO D 80 49.31 15.96 -74.96
C PRO D 80 50.67 16.68 -75.04
N LYS D 81 50.73 17.77 -75.80
CA LYS D 81 51.98 18.48 -75.99
C LYS D 81 52.41 19.23 -74.74
N GLU D 82 53.70 19.14 -74.42
CA GLU D 82 54.26 19.83 -73.26
C GLU D 82 53.86 21.30 -73.27
N ASP D 83 53.98 21.93 -74.44
CA ASP D 83 53.73 23.35 -74.58
C ASP D 83 52.25 23.67 -74.78
N ASP D 84 51.38 22.73 -74.43
CA ASP D 84 49.95 23.00 -74.40
C ASP D 84 49.57 23.56 -73.03
N TRP D 85 50.50 23.46 -72.09
CA TRP D 85 50.24 23.82 -70.71
C TRP D 85 51.30 24.76 -70.13
N TYR D 86 50.88 25.59 -69.18
CA TYR D 86 51.78 26.31 -68.30
C TYR D 86 51.59 25.75 -66.91
N THR D 87 52.68 25.68 -66.14
CA THR D 87 52.59 25.26 -64.75
C THR D 87 52.85 26.46 -63.83
N HIS D 88 51.99 26.64 -62.84
CA HIS D 88 52.09 27.80 -61.96
C HIS D 88 52.06 27.41 -60.49
N GLN D 89 52.54 28.33 -59.64
CA GLN D 89 52.43 28.18 -58.20
C GLN D 89 51.29 29.07 -57.72
N ARG D 90 50.55 28.64 -56.69
CA ARG D 90 49.46 29.46 -56.17
C ARG D 90 49.94 30.64 -55.33
N ILE D 91 49.84 31.84 -55.89
CA ILE D 91 50.10 33.06 -55.13
C ILE D 91 48.75 33.68 -54.78
N SER D 92 48.28 33.39 -53.57
CA SER D 92 46.96 33.84 -53.16
C SER D 92 47.01 34.72 -51.91
N TYR D 93 46.24 35.80 -51.92
CA TYR D 93 46.18 36.71 -50.80
C TYR D 93 44.74 37.08 -50.46
N VAL D 94 44.53 37.59 -49.25
CA VAL D 94 43.26 38.17 -48.85
C VAL D 94 43.49 39.64 -48.53
N ARG D 95 42.67 40.51 -49.09
CA ARG D 95 42.80 41.94 -48.88
C ARG D 95 42.16 42.36 -47.56
N CYS D 96 42.99 42.70 -46.59
CA CYS D 96 42.49 43.11 -45.28
C CYS D 96 43.21 44.33 -44.75
N GLN D 97 42.46 45.41 -44.52
CA GLN D 97 43.01 46.65 -44.01
C GLN D 97 44.32 47.05 -44.69
N GLY D 98 44.20 47.49 -45.95
CA GLY D 98 45.33 48.00 -46.70
C GLY D 98 46.40 46.98 -47.04
N GLN D 99 46.36 45.82 -46.39
CA GLN D 99 47.43 44.84 -46.55
C GLN D 99 46.97 43.57 -47.24
N TRP D 100 47.91 42.90 -47.91
CA TRP D 100 47.67 41.61 -48.52
C TRP D 100 48.05 40.49 -47.55
N VAL D 101 47.04 39.81 -47.00
CA VAL D 101 47.30 38.67 -46.12
C VAL D 101 47.33 37.38 -46.95
N PRO D 102 48.46 36.65 -46.90
CA PRO D 102 48.61 35.40 -47.63
C PRO D 102 47.53 34.37 -47.28
N TYR D 103 47.12 33.59 -48.28
CA TYR D 103 46.12 32.54 -48.07
C TYR D 103 46.76 31.30 -47.46
N PRO D 104 46.05 30.66 -46.51
CA PRO D 104 44.75 31.11 -46.01
C PRO D 104 44.87 32.17 -44.92
N PHE D 105 43.85 33.01 -44.81
CA PHE D 105 43.83 34.12 -43.86
C PHE D 105 44.05 33.63 -42.42
N GLN D 106 43.28 32.63 -42.01
CA GLN D 106 43.28 32.15 -40.63
C GLN D 106 44.63 31.63 -40.17
N ASN D 107 45.50 31.33 -41.13
CA ASN D 107 46.83 30.80 -40.82
C ASN D 107 47.92 31.87 -40.85
N ASN D 108 47.53 33.09 -41.19
CA ASN D 108 48.50 34.17 -41.39
C ASN D 108 48.16 35.45 -40.64
N ILE D 109 47.60 35.29 -39.44
CA ILE D 109 47.23 36.43 -38.60
C ILE D 109 48.39 37.42 -38.47
N SER D 110 49.61 36.90 -38.53
CA SER D 110 50.82 37.69 -38.35
C SER D 110 50.92 38.93 -39.25
N MET D 111 50.26 38.88 -40.41
CA MET D 111 50.32 39.99 -41.35
C MET D 111 49.30 41.09 -41.03
N LEU D 112 48.53 40.88 -39.97
CA LEU D 112 47.51 41.85 -39.57
C LEU D 112 48.08 42.93 -38.67
N PRO D 113 47.34 44.04 -38.50
CA PRO D 113 47.63 45.08 -37.49
C PRO D 113 47.65 44.48 -36.09
N LYS D 114 48.45 45.06 -35.20
CA LYS D 114 48.58 44.55 -33.84
C LYS D 114 47.23 44.41 -33.13
N GLU D 115 46.44 45.47 -33.15
CA GLU D 115 45.15 45.48 -32.47
C GLU D 115 44.27 44.31 -32.93
N GLU D 116 44.29 44.04 -34.23
CA GLU D 116 43.50 42.96 -34.81
C GLU D 116 44.07 41.60 -34.44
N GLN D 117 45.40 41.52 -34.34
CA GLN D 117 46.06 40.29 -33.94
C GLN D 117 45.56 39.83 -32.58
N VAL D 118 45.41 40.80 -31.68
CA VAL D 118 44.87 40.52 -30.36
C VAL D 118 43.49 39.86 -30.47
N LYS D 119 42.51 40.58 -31.02
CA LYS D 119 41.16 40.07 -31.17
C LYS D 119 41.13 38.64 -31.72
N CYS D 120 42.00 38.36 -32.69
CA CYS D 120 42.07 37.05 -33.32
C CYS D 120 42.65 35.98 -32.41
N ILE D 121 43.84 36.24 -31.87
CA ILE D 121 44.49 35.26 -30.99
C ILE D 121 43.63 35.00 -29.77
N ASP D 122 42.86 36.00 -29.35
CA ASP D 122 41.92 35.82 -28.26
C ASP D 122 40.82 34.82 -28.63
N GLY D 123 40.16 35.08 -29.76
CA GLY D 123 39.11 34.19 -30.25
C GLY D 123 39.56 32.74 -30.35
N MET D 124 40.78 32.51 -30.81
CA MET D 124 41.29 31.16 -31.01
C MET D 124 41.64 30.47 -29.69
N ILE D 125 42.16 31.24 -28.74
CA ILE D 125 42.43 30.70 -27.43
C ILE D 125 41.13 30.21 -26.83
N ASP D 126 40.09 31.03 -26.92
CA ASP D 126 38.77 30.64 -26.44
C ASP D 126 38.32 29.34 -27.12
N ALA D 127 38.35 29.34 -28.45
CA ALA D 127 37.89 28.21 -29.24
C ALA D 127 38.68 26.93 -28.99
N ALA D 128 39.99 27.07 -28.78
CA ALA D 128 40.84 25.92 -28.52
C ALA D 128 40.48 25.30 -27.17
N LEU D 129 40.14 26.13 -26.20
CA LEU D 129 39.77 25.68 -24.86
C LEU D 129 38.41 24.98 -24.82
N GLU D 130 37.42 25.56 -25.50
CA GLU D 130 36.10 24.94 -25.62
C GLU D 130 36.18 23.63 -26.42
N ALA D 131 37.04 23.62 -27.43
CA ALA D 131 37.23 22.44 -28.27
C ALA D 131 37.83 21.28 -27.49
N ARG D 132 38.70 21.60 -26.53
CA ARG D 132 39.32 20.59 -25.69
C ARG D 132 38.27 19.84 -24.89
N VAL D 133 37.05 20.33 -24.95
CA VAL D 133 35.98 19.84 -24.09
C VAL D 133 34.68 19.56 -24.85
N ALA D 134 34.60 20.07 -26.08
CA ALA D 134 33.39 19.91 -26.89
C ALA D 134 33.08 18.45 -27.19
N ASN D 135 31.80 18.10 -27.14
CA ASN D 135 31.36 16.74 -27.42
C ASN D 135 30.20 16.71 -28.42
N THR D 136 29.66 17.88 -28.73
CA THR D 136 28.60 18.00 -29.71
C THR D 136 29.19 18.44 -31.05
N LYS D 137 28.36 18.38 -32.10
CA LYS D 137 28.79 18.81 -33.42
C LYS D 137 28.11 20.11 -33.81
N PRO D 138 28.80 20.94 -34.62
CA PRO D 138 28.28 22.22 -35.10
C PRO D 138 27.05 22.04 -35.99
N LYS D 139 25.99 22.77 -35.69
CA LYS D 139 24.75 22.66 -36.45
C LYS D 139 24.82 23.45 -37.76
N THR D 140 25.58 24.54 -37.76
CA THR D 140 25.68 25.40 -38.94
C THR D 140 27.12 25.71 -39.32
N PHE D 141 27.31 26.14 -40.56
CA PHE D 141 28.60 26.64 -41.03
C PHE D 141 29.16 27.66 -40.05
N ASP D 142 28.31 28.61 -39.64
CA ASP D 142 28.74 29.65 -38.72
C ASP D 142 29.31 29.10 -37.40
N GLU D 143 28.58 28.19 -36.77
CA GLU D 143 29.06 27.55 -35.54
C GLU D 143 30.42 26.90 -35.76
N TRP D 144 30.56 26.21 -36.89
CA TRP D 144 31.82 25.57 -37.24
C TRP D 144 32.94 26.58 -37.26
N ILE D 145 32.68 27.72 -37.91
CA ILE D 145 33.66 28.79 -37.99
C ILE D 145 34.10 29.27 -36.60
N VAL D 146 33.14 29.67 -35.76
CA VAL D 146 33.45 30.08 -34.41
C VAL D 146 34.24 29.02 -33.66
N ARG D 147 33.73 27.78 -33.66
CA ARG D 147 34.39 26.67 -32.97
C ARG D 147 35.83 26.48 -33.43
N MET D 148 36.08 26.70 -34.71
CA MET D 148 37.36 26.37 -35.31
C MET D 148 38.33 27.55 -35.38
N MET D 149 37.81 28.77 -35.25
CA MET D 149 38.64 29.96 -35.44
C MET D 149 38.42 31.05 -34.41
N GLY D 150 37.29 31.01 -33.72
CA GLY D 150 36.98 32.01 -32.71
C GLY D 150 36.31 33.22 -33.29
N THR D 151 35.65 34.00 -32.43
CA THR D 151 34.86 35.15 -32.84
C THR D 151 35.70 36.24 -33.53
N GLY D 152 36.99 36.32 -33.18
CA GLY D 152 37.87 37.32 -33.76
C GLY D 152 38.00 37.19 -35.26
N ILE D 153 38.44 36.02 -35.71
CA ILE D 153 38.58 35.76 -37.14
C ILE D 153 37.22 35.62 -37.82
N ALA D 154 36.22 35.17 -37.07
CA ALA D 154 34.87 35.05 -37.58
C ALA D 154 34.36 36.40 -38.07
N ASP D 155 34.44 37.40 -37.20
CA ASP D 155 33.96 38.74 -37.49
C ASP D 155 34.85 39.50 -38.49
N LEU D 156 36.14 39.20 -38.46
CA LEU D 156 37.09 39.93 -39.28
C LEU D 156 37.07 39.47 -40.74
N PHE D 157 37.02 38.15 -40.95
CA PHE D 157 37.12 37.62 -42.30
C PHE D 157 36.01 36.65 -42.68
N MET D 158 35.92 35.54 -41.95
CA MET D 158 35.04 34.43 -42.33
C MET D 158 33.59 34.83 -42.59
N ARG D 159 32.98 35.52 -41.64
CA ARG D 159 31.57 35.85 -41.73
C ARG D 159 31.25 36.81 -42.89
N PRO D 160 31.98 37.94 -42.96
CA PRO D 160 31.69 38.90 -44.03
C PRO D 160 32.05 38.34 -45.40
N TYR D 161 33.19 37.66 -45.51
CA TYR D 161 33.60 37.08 -46.78
C TYR D 161 32.61 36.06 -47.32
N ASN D 162 32.23 35.11 -46.47
CA ASN D 162 31.34 34.05 -46.92
C ASN D 162 29.96 34.53 -47.36
N PHE D 163 29.50 35.62 -46.78
CA PHE D 163 28.25 36.20 -47.25
C PHE D 163 28.47 36.80 -48.63
N LYS D 164 29.64 37.40 -48.79
CA LYS D 164 29.99 38.08 -50.03
C LYS D 164 30.07 37.10 -51.18
N VAL D 165 30.35 35.83 -50.89
CA VAL D 165 30.52 34.82 -51.93
C VAL D 165 29.33 33.88 -52.09
N TRP D 166 28.77 33.41 -50.97
CA TRP D 166 27.62 32.50 -51.01
C TRP D 166 26.29 33.24 -51.16
N ALA D 167 26.29 34.54 -50.87
CA ALA D 167 25.07 35.36 -50.93
C ALA D 167 24.02 34.91 -49.92
N VAL D 168 24.47 34.20 -48.88
CA VAL D 168 23.62 33.85 -47.75
C VAL D 168 24.48 33.86 -46.49
N PRO D 169 23.86 34.21 -45.36
CA PRO D 169 24.57 34.28 -44.07
C PRO D 169 25.17 32.92 -43.70
N THR D 170 26.29 32.94 -42.99
CA THR D 170 26.95 31.71 -42.59
C THR D 170 26.05 30.83 -41.72
N THR D 171 25.05 31.42 -41.10
CA THR D 171 24.17 30.70 -40.18
C THR D 171 23.11 29.92 -40.93
N LYS D 172 23.06 30.10 -42.25
CA LYS D 172 22.03 29.46 -43.07
C LYS D 172 22.60 28.27 -43.84
N MET D 173 23.89 28.02 -43.67
CA MET D 173 24.55 26.95 -44.40
C MET D 173 24.95 25.79 -43.50
N GLN D 174 25.18 24.63 -44.10
CA GLN D 174 25.53 23.43 -43.34
C GLN D 174 27.05 23.33 -43.16
N CYS D 175 27.51 22.45 -42.28
CA CYS D 175 28.94 22.38 -41.92
C CYS D 175 29.70 21.21 -42.58
N ALA D 176 28.99 20.27 -43.18
CA ALA D 176 29.58 19.02 -43.67
C ALA D 176 30.40 19.16 -44.96
N TRP D 177 30.12 20.21 -45.72
CA TRP D 177 30.70 20.36 -47.04
C TRP D 177 32.19 20.72 -47.05
N LEU D 178 32.69 21.31 -45.97
CA LEU D 178 33.96 22.04 -46.02
C LEU D 178 35.22 21.27 -45.61
N GLY D 179 35.21 19.95 -45.76
CA GLY D 179 36.38 19.15 -45.47
C GLY D 179 37.67 19.75 -46.01
N GLU D 180 37.75 19.94 -47.33
CA GLU D 180 38.97 20.41 -47.96
C GLU D 180 38.87 21.84 -48.49
N ARG D 181 37.89 22.59 -48.01
CA ARG D 181 37.69 23.96 -48.46
C ARG D 181 38.21 24.98 -47.44
N VAL D 182 37.87 24.76 -46.18
CA VAL D 182 38.24 25.69 -45.11
C VAL D 182 39.28 25.07 -44.18
N ALA D 183 40.36 25.80 -43.95
CA ALA D 183 41.48 25.32 -43.12
C ALA D 183 41.20 25.53 -41.64
N ALA D 184 41.37 24.46 -40.86
CA ALA D 184 41.23 24.56 -39.41
C ALA D 184 42.56 24.97 -38.78
N PRO D 185 42.64 26.21 -38.26
CA PRO D 185 43.91 26.77 -37.78
C PRO D 185 44.36 26.22 -36.43
N ASN D 186 45.65 25.88 -36.35
CA ASN D 186 46.26 25.37 -35.13
C ASN D 186 46.74 26.53 -34.25
N LEU D 187 46.20 26.62 -33.03
CA LEU D 187 46.52 27.73 -32.14
C LEU D 187 48.02 27.98 -31.98
N LYS D 188 48.77 26.92 -31.66
CA LYS D 188 50.21 27.05 -31.42
C LYS D 188 50.97 27.60 -32.62
N ALA D 189 50.72 27.02 -33.80
CA ALA D 189 51.39 27.47 -35.03
C ALA D 189 51.03 28.91 -35.38
N VAL D 190 49.77 29.29 -35.15
CA VAL D 190 49.31 30.64 -35.45
C VAL D 190 50.01 31.70 -34.61
N THR D 191 50.06 31.47 -33.29
CA THR D 191 50.72 32.41 -32.38
C THR D 191 52.22 32.40 -32.61
N THR D 192 52.79 31.24 -32.93
CA THR D 192 54.21 31.14 -33.23
C THR D 192 54.57 32.07 -34.38
N ASN D 193 53.71 32.09 -35.40
CA ASN D 193 53.92 32.95 -36.55
C ASN D 193 53.69 34.43 -36.22
N VAL D 194 52.77 34.70 -35.31
CA VAL D 194 52.54 36.07 -34.86
C VAL D 194 53.78 36.60 -34.14
N ILE D 195 54.36 35.75 -33.30
CA ILE D 195 55.57 36.10 -32.58
C ILE D 195 56.75 36.31 -33.54
N LEU D 196 56.93 35.37 -34.46
CA LEU D 196 58.08 35.39 -35.35
C LEU D 196 57.94 36.35 -36.52
N GLY D 197 56.71 36.52 -37.01
CA GLY D 197 56.47 37.34 -38.18
C GLY D 197 56.68 36.53 -39.46
N LYS D 198 56.43 35.23 -39.38
CA LYS D 198 56.55 34.33 -40.52
C LYS D 198 55.19 34.07 -41.17
N THR D 199 55.21 33.34 -42.28
CA THR D 199 53.99 33.05 -43.03
C THR D 199 53.75 31.55 -43.17
N ALA D 200 52.56 31.19 -43.67
CA ALA D 200 52.19 29.79 -43.87
C ALA D 200 51.06 29.68 -44.89
N GLY D 201 51.40 29.77 -46.16
CA GLY D 201 50.42 29.73 -47.23
C GLY D 201 50.55 28.53 -48.15
N ASN D 202 50.78 27.36 -47.57
CA ASN D 202 50.91 26.13 -48.35
C ASN D 202 49.68 25.22 -48.22
N TRP D 203 48.78 25.56 -47.30
CA TRP D 203 47.58 24.77 -47.06
C TRP D 203 46.62 24.82 -48.25
N GLY D 204 46.05 23.67 -48.58
CA GLY D 204 45.10 23.58 -49.67
C GLY D 204 45.65 22.80 -50.86
N PRO D 205 44.75 22.27 -51.69
CA PRO D 205 45.13 21.53 -52.89
C PRO D 205 45.66 22.41 -54.01
N ASN D 206 45.66 23.73 -53.81
CA ASN D 206 46.00 24.68 -54.87
C ASN D 206 47.50 24.96 -55.04
N ALA D 207 48.33 24.27 -54.27
CA ALA D 207 49.78 24.50 -54.24
C ALA D 207 50.41 24.88 -55.60
N THR D 208 50.44 23.91 -56.51
CA THR D 208 50.95 24.14 -57.87
C THR D 208 49.98 23.57 -58.90
N PHE D 209 49.77 24.29 -60.00
CA PHE D 209 48.75 23.90 -60.97
C PHE D 209 49.10 24.13 -62.45
N ARG D 210 48.35 23.45 -63.32
CA ARG D 210 48.49 23.60 -64.76
C ARG D 210 47.40 24.50 -65.31
N PHE D 211 47.75 25.30 -66.30
CA PHE D 211 46.76 26.09 -67.04
C PHE D 211 47.01 25.96 -68.53
N PRO D 212 45.94 25.71 -69.30
CA PRO D 212 46.11 25.55 -70.75
C PRO D 212 46.74 26.79 -71.39
N ALA D 213 47.70 26.58 -72.28
CA ALA D 213 48.42 27.69 -72.91
C ALA D 213 47.53 28.53 -73.83
N ARG D 214 46.49 27.91 -74.39
CA ARG D 214 45.59 28.61 -75.31
C ARG D 214 44.12 28.24 -75.13
N GLY D 215 43.24 29.22 -75.31
CA GLY D 215 41.82 28.98 -75.31
C GLY D 215 41.16 29.06 -73.94
N GLY D 216 41.96 29.41 -72.92
CA GLY D 216 41.47 29.37 -71.55
C GLY D 216 41.15 27.93 -71.16
N THR D 217 40.54 27.73 -69.99
CA THR D 217 40.19 26.37 -69.59
C THR D 217 39.19 25.77 -70.57
N GLY D 218 38.40 26.62 -71.22
CA GLY D 218 37.41 26.17 -72.19
C GLY D 218 38.05 25.38 -73.30
N GLY D 219 39.34 25.61 -73.53
CA GLY D 219 40.08 24.92 -74.57
C GLY D 219 40.22 23.44 -74.29
N ILE D 220 40.43 23.12 -73.01
CA ILE D 220 40.55 21.75 -72.58
C ILE D 220 39.34 20.95 -73.01
N TRP D 221 38.16 21.48 -72.72
CA TRP D 221 36.93 20.74 -72.93
C TRP D 221 36.57 20.62 -74.41
N ILE D 222 37.04 21.58 -75.20
CA ILE D 222 36.87 21.49 -76.64
C ILE D 222 37.76 20.36 -77.14
N ALA D 223 38.99 20.30 -76.63
CA ALA D 223 39.95 19.27 -77.00
C ALA D 223 39.48 17.88 -76.58
N VAL D 224 39.01 17.76 -75.34
CA VAL D 224 38.47 16.51 -74.84
C VAL D 224 37.30 16.05 -75.70
N ALA D 225 36.36 16.96 -75.97
CA ALA D 225 35.19 16.60 -76.77
C ALA D 225 35.60 16.09 -78.15
N ASN D 226 36.65 16.67 -78.72
CA ASN D 226 37.11 16.28 -80.04
C ASN D 226 37.53 14.82 -80.14
N THR D 227 37.84 14.20 -79.00
CA THR D 227 38.21 12.79 -78.99
C THR D 227 36.99 11.89 -79.15
N LEU D 228 35.80 12.46 -79.00
CA LEU D 228 34.56 11.71 -79.14
C LEU D 228 34.15 11.56 -80.61
N PRO D 229 33.52 10.43 -80.94
CA PRO D 229 32.99 10.20 -82.29
C PRO D 229 31.92 11.24 -82.64
N LYS D 230 32.26 12.11 -83.60
CA LYS D 230 31.42 13.26 -83.92
C LYS D 230 29.94 12.89 -84.04
N GLU D 231 29.66 11.75 -84.65
CA GLU D 231 28.28 11.36 -84.97
C GLU D 231 27.48 10.97 -83.73
N LYS D 232 28.16 10.83 -82.59
CA LYS D 232 27.47 10.51 -81.35
C LYS D 232 27.22 11.78 -80.54
N THR D 233 27.63 12.92 -81.09
CA THR D 233 27.38 14.20 -80.45
C THR D 233 26.35 15.01 -81.23
N ARG D 234 25.66 15.90 -80.54
CA ARG D 234 24.64 16.74 -81.15
C ARG D 234 24.60 18.08 -80.43
N PHE D 235 25.50 18.97 -80.82
CA PHE D 235 25.70 20.24 -80.11
C PHE D 235 25.13 21.42 -80.87
N GLY D 236 24.43 22.30 -80.15
CA GLY D 236 23.85 23.48 -80.74
C GLY D 236 22.36 23.53 -80.52
N GLU D 237 21.67 24.34 -81.32
CA GLU D 237 20.23 24.44 -81.21
C GLU D 237 19.61 23.08 -81.47
N LYS D 238 20.26 22.30 -82.33
CA LYS D 238 19.77 20.97 -82.68
C LYS D 238 19.82 20.00 -81.52
N GLY D 239 20.60 20.33 -80.50
CA GLY D 239 20.77 19.47 -79.34
C GLY D 239 20.16 20.02 -78.06
N LYS D 240 19.33 21.04 -78.17
CA LYS D 240 18.66 21.61 -77.01
C LYS D 240 17.46 20.76 -76.60
N VAL D 241 17.52 20.23 -75.38
CA VAL D 241 16.42 19.46 -74.82
C VAL D 241 15.30 20.37 -74.32
N THR D 242 14.06 20.05 -74.67
CA THR D 242 12.91 20.83 -74.20
C THR D 242 11.93 19.98 -73.41
N LYS D 243 11.98 18.66 -73.58
CA LYS D 243 11.09 17.77 -72.85
C LYS D 243 11.73 16.43 -72.49
N VAL D 244 11.47 15.99 -71.26
CA VAL D 244 11.91 14.68 -70.81
C VAL D 244 10.70 13.90 -70.31
N ASN D 245 10.33 12.86 -71.04
CA ASN D 245 9.20 12.04 -70.64
C ASN D 245 9.67 10.77 -69.91
N ALA D 246 9.92 10.93 -68.62
CA ALA D 246 10.44 9.84 -67.81
C ALA D 246 9.63 8.56 -67.96
N ASN D 247 8.31 8.71 -68.10
CA ASN D 247 7.42 7.56 -68.10
C ASN D 247 7.62 6.61 -69.27
N ASN D 248 7.93 7.15 -70.44
CA ASN D 248 8.26 6.29 -71.58
C ASN D 248 9.66 6.55 -72.13
N LYS D 249 10.53 7.05 -71.27
CA LYS D 249 11.96 7.16 -71.58
C LYS D 249 12.23 7.72 -72.97
N THR D 250 11.71 8.91 -73.23
CA THR D 250 12.00 9.61 -74.46
C THR D 250 12.23 11.09 -74.19
N VAL D 251 13.25 11.65 -74.82
CA VAL D 251 13.54 13.07 -74.72
C VAL D 251 13.10 13.76 -76.00
N THR D 252 12.65 15.00 -75.89
CA THR D 252 12.31 15.79 -77.07
C THR D 252 13.22 17.00 -77.22
N LEU D 253 13.79 17.17 -78.40
CA LEU D 253 14.69 18.28 -78.67
C LEU D 253 13.92 19.50 -79.20
N GLN D 254 14.62 20.63 -79.30
CA GLN D 254 14.00 21.87 -79.76
C GLN D 254 13.38 21.71 -81.14
N ASP D 255 14.10 21.01 -82.02
CA ASP D 255 13.68 20.84 -83.41
C ASP D 255 12.74 19.66 -83.61
N GLY D 256 12.07 19.25 -82.54
CA GLY D 256 11.08 18.18 -82.62
C GLY D 256 11.62 16.76 -82.51
N THR D 257 12.92 16.59 -82.78
CA THR D 257 13.55 15.27 -82.70
C THR D 257 13.27 14.58 -81.38
N THR D 258 13.02 13.27 -81.43
CA THR D 258 12.82 12.47 -80.22
C THR D 258 13.90 11.41 -80.07
N ILE D 259 14.42 11.29 -78.84
CA ILE D 259 15.42 10.29 -78.55
C ILE D 259 14.93 9.34 -77.46
N GLY D 260 15.04 8.04 -77.71
CA GLY D 260 14.68 7.05 -76.72
C GLY D 260 15.92 6.60 -76.00
N TYR D 261 15.81 6.37 -74.70
CA TYR D 261 16.95 5.92 -73.90
C TYR D 261 16.54 4.81 -72.94
N LYS D 262 17.50 3.97 -72.58
CA LYS D 262 17.30 2.99 -71.53
C LYS D 262 17.70 3.62 -70.19
N LYS D 263 18.77 4.41 -70.23
CA LYS D 263 19.25 5.10 -69.04
C LYS D 263 19.61 6.53 -69.40
N LEU D 264 19.23 7.46 -68.53
CA LEU D 264 19.48 8.87 -68.80
C LEU D 264 20.43 9.50 -67.79
N VAL D 265 21.53 10.07 -68.30
CA VAL D 265 22.44 10.83 -67.47
C VAL D 265 22.24 12.31 -67.77
N SER D 266 21.51 12.99 -66.89
CA SER D 266 21.23 14.41 -67.07
C SER D 266 22.19 15.27 -66.26
N THR D 267 22.81 16.25 -66.93
CA THR D 267 23.73 17.14 -66.24
C THR D 267 23.23 18.58 -66.23
N MET D 268 22.02 18.81 -66.72
CA MET D 268 21.41 20.13 -66.60
C MET D 268 21.01 20.33 -65.14
N ALA D 269 20.75 21.58 -64.77
CA ALA D 269 20.33 21.87 -63.41
C ALA D 269 19.09 21.07 -63.05
N VAL D 270 19.12 20.39 -61.91
CA VAL D 270 18.07 19.45 -61.54
C VAL D 270 16.69 20.11 -61.44
N ASP D 271 16.67 21.42 -61.22
CA ASP D 271 15.40 22.14 -61.16
C ASP D 271 14.82 22.35 -62.57
N PHE D 272 15.70 22.60 -63.54
CA PHE D 272 15.30 22.70 -64.95
C PHE D 272 14.86 21.35 -65.47
N LEU D 273 15.51 20.30 -64.96
CA LEU D 273 15.17 18.94 -65.33
C LEU D 273 13.76 18.62 -64.89
N ALA D 274 13.48 18.89 -63.62
CA ALA D 274 12.14 18.70 -63.07
C ALA D 274 11.11 19.43 -63.94
N GLU D 275 11.45 20.64 -64.33
CA GLU D 275 10.57 21.43 -65.19
C GLU D 275 10.35 20.71 -66.51
N ALA D 276 11.44 20.22 -67.10
CA ALA D 276 11.36 19.57 -68.40
C ALA D 276 10.66 18.22 -68.33
N MET D 277 10.49 17.70 -67.12
CA MET D 277 9.79 16.43 -66.95
C MET D 277 8.30 16.68 -66.74
N ASN D 278 7.97 17.91 -66.39
CA ASN D 278 6.60 18.25 -65.98
C ASN D 278 6.18 17.46 -64.74
N ASP D 279 7.17 17.07 -63.94
CA ASP D 279 6.94 16.33 -62.72
C ASP D 279 6.76 17.32 -61.57
N GLN D 280 5.51 17.54 -61.18
CA GLN D 280 5.16 18.49 -60.13
C GLN D 280 5.88 18.22 -58.81
N GLU D 281 5.91 16.95 -58.40
CA GLU D 281 6.54 16.60 -57.12
C GLU D 281 8.00 17.01 -57.11
N LEU D 282 8.71 16.70 -58.19
CA LEU D 282 10.14 17.01 -58.29
C LEU D 282 10.40 18.51 -58.35
N VAL D 283 9.55 19.23 -59.07
CA VAL D 283 9.68 20.68 -59.15
C VAL D 283 9.61 21.27 -57.76
N GLY D 284 8.59 20.90 -57.00
CA GLY D 284 8.42 21.39 -55.65
C GLY D 284 9.63 21.04 -54.81
N LEU D 285 10.13 19.82 -54.99
CA LEU D 285 11.28 19.35 -54.26
C LEU D 285 12.52 20.19 -54.59
N THR D 286 12.80 20.35 -55.88
CA THR D 286 13.96 21.14 -56.29
C THR D 286 13.86 22.57 -55.80
N LYS D 287 12.63 23.07 -55.71
CA LYS D 287 12.38 24.43 -55.27
C LYS D 287 12.82 24.65 -53.80
N GLN D 288 13.14 23.56 -53.12
CA GLN D 288 13.65 23.64 -51.76
C GLN D 288 15.16 23.87 -51.78
N LEU D 289 15.76 23.67 -52.94
CA LEU D 289 17.18 23.93 -53.12
C LEU D 289 17.43 25.44 -53.22
N PHE D 290 18.69 25.85 -53.04
CA PHE D 290 19.04 27.26 -53.15
C PHE D 290 20.36 27.44 -53.89
N TYR D 291 20.44 28.47 -54.72
CA TYR D 291 21.66 28.75 -55.47
C TYR D 291 21.90 30.25 -55.60
N SER D 292 23.14 30.61 -55.89
CA SER D 292 23.48 32.01 -56.14
C SER D 292 23.88 32.18 -57.59
N SER D 293 23.54 33.34 -58.16
CA SER D 293 23.95 33.67 -59.51
C SER D 293 25.33 34.30 -59.45
N THR D 294 26.10 34.16 -60.53
CA THR D 294 27.44 34.71 -60.56
C THR D 294 27.62 35.71 -61.69
N HIS D 295 28.12 36.90 -61.35
CA HIS D 295 28.50 37.88 -62.34
C HIS D 295 30.00 37.77 -62.55
N VAL D 296 30.41 37.53 -63.78
CA VAL D 296 31.84 37.50 -64.10
C VAL D 296 32.21 38.79 -64.83
N ILE D 297 33.14 39.55 -64.25
CA ILE D 297 33.55 40.82 -64.84
C ILE D 297 34.98 40.74 -65.33
N GLY D 298 35.19 41.18 -66.57
CA GLY D 298 36.52 41.20 -67.17
C GLY D 298 37.01 42.61 -67.45
N VAL D 299 38.24 42.90 -67.04
CA VAL D 299 38.81 44.22 -67.26
C VAL D 299 40.18 44.11 -67.92
N GLY D 300 40.24 44.54 -69.18
CA GLY D 300 41.48 44.57 -69.91
C GLY D 300 42.13 45.93 -69.73
N VAL D 301 43.39 45.93 -69.32
CA VAL D 301 44.08 47.18 -69.04
C VAL D 301 45.43 47.25 -69.75
N ARG D 302 45.76 48.46 -70.21
CA ARG D 302 47.01 48.70 -70.91
C ARG D 302 48.16 48.90 -69.93
N GLY D 303 49.33 48.39 -70.29
CA GLY D 303 50.51 48.60 -69.48
C GLY D 303 51.22 47.31 -69.12
N SER D 304 52.50 47.43 -68.80
CA SER D 304 53.25 46.28 -68.30
C SER D 304 52.63 45.88 -66.98
N ARG D 305 52.72 44.61 -66.63
CA ARG D 305 52.15 44.14 -65.37
C ARG D 305 52.76 44.91 -64.22
N PRO D 306 51.95 45.75 -63.55
CA PRO D 306 52.45 46.57 -62.45
C PRO D 306 53.15 45.72 -61.41
N GLU D 307 54.23 46.22 -60.82
CA GLU D 307 54.98 45.46 -59.83
C GLU D 307 54.13 45.26 -58.58
N ARG D 308 53.19 46.18 -58.35
CA ARG D 308 52.30 46.09 -57.19
C ARG D 308 51.40 44.85 -57.31
N ILE D 309 51.05 44.49 -58.54
CA ILE D 309 50.25 43.30 -58.80
C ILE D 309 51.09 42.02 -58.70
N GLY D 310 52.33 42.10 -59.18
CA GLY D 310 53.24 40.96 -59.13
C GLY D 310 52.70 39.72 -59.79
N ASP D 311 53.09 38.56 -59.28
CA ASP D 311 52.66 37.29 -59.84
C ASP D 311 51.49 36.69 -59.05
N LYS D 312 50.71 37.56 -58.41
CA LYS D 312 49.51 37.14 -57.69
C LYS D 312 48.55 36.42 -58.65
N CYS D 313 47.94 35.35 -58.16
CA CYS D 313 47.01 34.57 -58.98
C CYS D 313 45.57 34.97 -58.74
N TRP D 314 45.03 34.58 -57.58
CA TRP D 314 43.70 35.07 -57.19
C TRP D 314 43.71 35.69 -55.80
N LEU D 315 42.81 36.65 -55.61
CA LEU D 315 42.78 37.43 -54.39
C LEU D 315 41.38 37.44 -53.79
N TYR D 316 41.30 37.41 -52.47
CA TYR D 316 40.01 37.39 -51.77
C TYR D 316 39.69 38.72 -51.09
N PHE D 317 38.46 39.21 -51.29
CA PHE D 317 38.07 40.52 -50.78
C PHE D 317 36.88 40.48 -49.84
N PRO D 318 37.14 40.29 -48.54
CA PRO D 318 36.11 40.26 -47.49
C PRO D 318 35.53 41.62 -47.14
N GLU D 319 36.29 42.70 -47.34
CA GLU D 319 35.87 44.04 -46.96
C GLU D 319 34.80 44.61 -47.90
N ASP D 320 34.14 45.68 -47.47
CA ASP D 320 32.98 46.21 -48.20
C ASP D 320 33.31 47.38 -49.14
N ASN D 321 34.60 47.64 -49.34
CA ASN D 321 35.00 48.70 -50.28
C ASN D 321 34.92 48.27 -51.75
N CYS D 322 34.52 47.02 -51.98
CA CYS D 322 34.34 46.50 -53.33
C CYS D 322 33.27 45.42 -53.34
N PRO D 323 32.51 45.30 -54.44
CA PRO D 323 31.39 44.37 -54.53
C PRO D 323 31.80 42.92 -54.79
N PHE D 324 33.00 42.71 -55.32
CA PHE D 324 33.46 41.38 -55.70
C PHE D 324 34.15 40.64 -54.57
N TYR D 325 33.96 39.33 -54.52
CA TYR D 325 34.55 38.50 -53.47
C TYR D 325 35.91 37.94 -53.88
N ARG D 326 36.14 37.85 -55.18
CA ARG D 326 37.43 37.35 -55.68
C ARG D 326 37.83 37.99 -57.01
N ALA D 327 39.14 38.19 -57.16
CA ALA D 327 39.69 38.73 -58.39
C ALA D 327 40.85 37.87 -58.84
N THR D 328 41.03 37.75 -60.14
CA THR D 328 42.13 36.94 -60.67
C THR D 328 42.94 37.74 -61.67
N ILE D 329 44.27 37.69 -61.53
CA ILE D 329 45.15 38.30 -62.52
C ILE D 329 45.28 37.33 -63.70
N PHE D 330 44.19 37.18 -64.44
CA PHE D 330 44.08 36.19 -65.49
C PHE D 330 45.23 36.25 -66.48
N SER D 331 45.73 37.46 -66.71
CA SER D 331 46.83 37.65 -67.65
C SER D 331 48.10 36.96 -67.19
N ASN D 332 48.12 36.48 -65.95
CA ASN D 332 49.29 35.79 -65.43
C ASN D 332 49.32 34.30 -65.78
N TYR D 333 48.15 33.74 -66.09
CA TYR D 333 48.06 32.30 -66.37
C TYR D 333 48.61 31.94 -67.73
N SER D 334 48.35 32.78 -68.73
CA SER D 334 48.86 32.56 -70.07
C SER D 334 48.94 33.86 -70.85
N PRO D 335 50.07 34.08 -71.54
CA PRO D 335 50.23 35.26 -72.38
C PRO D 335 49.23 35.31 -73.52
N TYR D 336 48.48 34.23 -73.71
CA TYR D 336 47.51 34.16 -74.80
C TYR D 336 46.08 34.45 -74.34
N ASN D 337 45.93 34.90 -73.10
CA ASN D 337 44.62 35.31 -72.59
C ASN D 337 44.31 36.77 -72.93
N GLN D 338 45.27 37.45 -73.53
CA GLN D 338 45.11 38.85 -73.95
C GLN D 338 45.95 39.09 -75.19
N PRO D 339 45.63 40.18 -75.94
CA PRO D 339 46.32 40.49 -77.19
C PRO D 339 47.82 40.67 -76.99
N GLU D 340 48.60 40.50 -78.06
CA GLU D 340 50.03 40.76 -78.00
C GLU D 340 50.29 42.26 -77.86
N ALA D 341 51.47 42.62 -77.35
CA ALA D 341 51.82 44.03 -77.19
C ALA D 341 51.64 44.82 -78.49
N SER D 342 52.05 44.23 -79.61
CA SER D 342 52.01 44.92 -80.89
C SER D 342 50.59 45.30 -81.33
N LYS D 343 49.59 44.66 -80.74
CA LYS D 343 48.20 44.96 -81.09
C LYS D 343 47.80 46.34 -80.60
N LYS D 344 47.19 47.11 -81.49
CA LYS D 344 46.77 48.47 -81.14
C LYS D 344 45.29 48.53 -80.76
N LEU D 345 45.01 49.14 -79.62
CA LEU D 345 43.65 49.29 -79.11
C LEU D 345 43.44 50.67 -78.52
N PRO D 346 42.25 51.24 -78.73
CA PRO D 346 41.89 52.52 -78.11
C PRO D 346 41.54 52.33 -76.64
N THR D 347 41.85 53.33 -75.81
CA THR D 347 41.46 53.28 -74.41
C THR D 347 39.96 53.62 -74.25
N MET D 348 39.23 52.77 -73.54
CA MET D 348 37.80 52.98 -73.36
C MET D 348 37.51 53.94 -72.22
N GLN D 349 38.32 53.85 -71.17
CA GLN D 349 38.14 54.68 -70.00
C GLN D 349 39.30 54.52 -69.03
N LEU D 350 39.40 55.44 -68.09
CA LEU D 350 40.38 55.34 -67.02
C LEU D 350 39.73 54.63 -65.84
N ALA D 351 40.55 54.13 -64.93
CA ALA D 351 40.04 53.37 -63.79
C ALA D 351 39.10 54.21 -62.92
N ASP D 352 39.33 55.51 -62.86
CA ASP D 352 38.49 56.39 -62.06
C ASP D 352 37.13 56.66 -62.71
N GLY D 353 36.93 56.11 -63.91
CA GLY D 353 35.67 56.24 -64.61
C GLY D 353 35.59 57.41 -65.58
N SER D 354 36.70 58.13 -65.74
CA SER D 354 36.73 59.30 -66.61
C SER D 354 37.16 58.94 -68.03
N ARG D 355 36.89 59.83 -68.97
CA ARG D 355 37.30 59.63 -70.36
C ARG D 355 38.82 59.70 -70.46
N PRO D 356 39.40 58.93 -71.40
CA PRO D 356 40.84 58.97 -71.66
C PRO D 356 41.24 60.27 -72.35
N GLN D 357 42.47 60.71 -72.13
CA GLN D 357 42.97 61.91 -72.79
C GLN D 357 43.14 61.69 -74.28
N SER D 358 43.21 60.42 -74.69
CA SER D 358 43.39 60.05 -76.09
C SER D 358 42.59 58.80 -76.46
N THR D 359 41.81 58.90 -77.53
CA THR D 359 41.02 57.76 -77.98
C THR D 359 41.65 57.08 -79.20
N GLU D 360 42.91 57.39 -79.46
CA GLU D 360 43.61 56.77 -80.58
C GLU D 360 44.11 55.40 -80.19
N ALA D 361 44.10 54.47 -81.14
CA ALA D 361 44.57 53.12 -80.89
C ALA D 361 46.06 53.10 -80.63
N LYS D 362 46.45 52.71 -79.42
CA LYS D 362 47.86 52.60 -79.08
C LYS D 362 48.28 51.15 -78.88
N GLU D 363 49.57 50.91 -78.80
CA GLU D 363 50.10 49.58 -78.56
C GLU D 363 49.96 49.20 -77.10
N GLY D 364 50.27 47.95 -76.77
CA GLY D 364 50.22 47.46 -75.41
C GLY D 364 51.53 47.70 -74.68
N PRO D 365 52.02 46.69 -73.93
CA PRO D 365 51.36 45.39 -73.74
C PRO D 365 50.14 45.51 -72.83
N TYR D 366 49.50 44.38 -72.56
CA TYR D 366 48.26 44.38 -71.80
C TYR D 366 48.28 43.39 -70.66
N TRP D 367 47.47 43.66 -69.63
CA TRP D 367 47.20 42.69 -68.58
C TRP D 367 45.69 42.62 -68.31
N SER D 368 45.26 41.58 -67.60
CA SER D 368 43.82 41.34 -67.42
C SER D 368 43.43 40.97 -65.99
N ILE D 369 42.31 41.53 -65.53
CA ILE D 369 41.77 41.21 -64.22
C ILE D 369 40.36 40.64 -64.35
N MET D 370 40.09 39.56 -63.62
CA MET D 370 38.78 38.93 -63.69
C MET D 370 38.12 38.90 -62.31
N LEU D 371 36.86 39.35 -62.26
CA LEU D 371 36.15 39.53 -61.00
C LEU D 371 34.93 38.63 -60.93
N GLU D 372 34.52 38.32 -59.69
CA GLU D 372 33.26 37.60 -59.47
C GLU D 372 32.41 38.30 -58.43
N VAL D 373 31.12 38.43 -58.73
CA VAL D 373 30.18 39.03 -57.79
C VAL D 373 28.93 38.17 -57.69
N SER D 374 28.62 37.70 -56.49
CA SER D 374 27.48 36.81 -56.25
C SER D 374 26.16 37.57 -56.17
N GLU D 375 25.08 36.87 -56.49
CA GLU D 375 23.73 37.42 -56.40
C GLU D 375 22.77 36.35 -55.89
N SER D 376 21.80 36.77 -55.09
CA SER D 376 20.76 35.87 -54.60
C SER D 376 19.58 36.68 -54.12
N SER D 377 18.49 35.99 -53.78
CA SER D 377 17.31 36.66 -53.23
C SER D 377 17.68 37.42 -51.96
N MET D 378 18.76 37.02 -51.32
CA MET D 378 19.23 37.67 -50.09
C MET D 378 20.29 38.74 -50.36
N LYS D 379 20.76 38.82 -51.60
CA LYS D 379 21.78 39.78 -51.98
C LYS D 379 21.64 40.22 -53.43
N PRO D 380 20.69 41.12 -53.71
CA PRO D 380 20.44 41.57 -55.07
C PRO D 380 21.59 42.41 -55.60
N VAL D 381 21.79 42.43 -56.91
CA VAL D 381 22.78 43.31 -57.52
C VAL D 381 22.22 44.01 -58.75
N ASN D 382 22.62 45.27 -58.91
CA ASN D 382 22.18 46.09 -60.03
C ASN D 382 23.09 45.89 -61.24
N GLN D 383 22.56 45.21 -62.26
CA GLN D 383 23.37 44.85 -63.43
C GLN D 383 23.96 46.04 -64.17
N GLU D 384 23.20 47.14 -64.24
CA GLU D 384 23.62 48.28 -65.03
C GLU D 384 24.68 49.15 -64.36
N THR D 385 24.96 48.89 -63.08
CA THR D 385 25.99 49.62 -62.36
C THR D 385 27.14 48.75 -61.87
N ILE D 386 26.95 47.43 -61.92
CA ILE D 386 27.92 46.50 -61.33
C ILE D 386 29.30 46.56 -61.97
N LEU D 387 29.34 46.73 -63.29
CA LEU D 387 30.61 46.88 -63.98
C LEU D 387 31.36 48.11 -63.45
N ALA D 388 30.66 49.23 -63.38
CA ALA D 388 31.26 50.48 -62.88
C ALA D 388 31.67 50.36 -61.42
N ASP D 389 30.81 49.74 -60.62
CA ASP D 389 31.08 49.54 -59.19
C ASP D 389 32.30 48.66 -59.01
N CYS D 390 32.41 47.63 -59.84
CA CYS D 390 33.55 46.73 -59.79
C CYS D 390 34.84 47.49 -60.09
N ILE D 391 34.82 48.28 -61.15
CA ILE D 391 36.00 49.05 -61.53
C ILE D 391 36.43 49.99 -60.41
N GLN D 392 35.46 50.70 -59.81
CA GLN D 392 35.74 51.53 -58.65
C GLN D 392 36.39 50.71 -57.55
N GLY D 393 35.84 49.51 -57.32
CA GLY D 393 36.34 48.62 -56.29
C GLY D 393 37.79 48.29 -56.53
N LEU D 394 38.17 48.18 -57.79
CA LEU D 394 39.56 47.91 -58.15
C LEU D 394 40.43 49.10 -57.78
N VAL D 395 39.88 50.30 -57.90
CA VAL D 395 40.56 51.51 -57.48
C VAL D 395 40.71 51.53 -55.96
N ASN D 396 39.59 51.32 -55.26
CA ASN D 396 39.56 51.34 -53.79
C ASN D 396 40.51 50.33 -53.15
N THR D 397 40.75 49.21 -53.84
CA THR D 397 41.62 48.17 -53.30
C THR D 397 43.03 48.31 -53.85
N GLU D 398 43.27 49.39 -54.58
CA GLU D 398 44.59 49.65 -55.17
C GLU D 398 45.01 48.53 -56.11
N MET D 399 44.02 47.93 -56.77
CA MET D 399 44.27 46.99 -57.84
C MET D 399 44.60 47.77 -59.11
N LEU D 400 43.93 48.91 -59.28
CA LEU D 400 44.19 49.82 -60.38
C LEU D 400 44.41 51.24 -59.85
N LYS D 401 45.32 51.97 -60.48
CA LYS D 401 45.45 53.40 -60.21
C LYS D 401 44.34 54.09 -60.99
N PRO D 402 43.84 55.21 -60.47
CA PRO D 402 42.73 55.88 -61.16
C PRO D 402 43.11 56.28 -62.58
N THR D 403 44.41 56.29 -62.87
CA THR D 403 44.90 56.68 -64.19
C THR D 403 44.99 55.50 -65.16
N ASP D 404 45.12 54.29 -64.63
CA ASP D 404 45.23 53.09 -65.46
C ASP D 404 44.20 53.08 -66.60
N GLU D 405 44.66 52.74 -67.80
CA GLU D 405 43.82 52.78 -68.98
C GLU D 405 43.11 51.44 -69.20
N ILE D 406 41.78 51.49 -69.23
CA ILE D 406 40.99 50.29 -69.47
C ILE D 406 40.69 50.13 -70.94
N VAL D 407 41.15 49.02 -71.51
CA VAL D 407 41.06 48.77 -72.94
C VAL D 407 39.87 47.90 -73.34
N SER D 408 39.44 47.04 -72.43
CA SER D 408 38.34 46.11 -72.72
C SER D 408 37.51 45.81 -71.46
N THR D 409 36.20 45.64 -71.65
CA THR D 409 35.33 45.24 -70.55
C THR D 409 34.50 44.01 -70.88
N TYR D 410 34.27 43.18 -69.86
CA TYR D 410 33.50 41.96 -70.01
C TYR D 410 32.57 41.79 -68.82
N HIS D 411 31.28 41.63 -69.10
CA HIS D 411 30.32 41.33 -68.06
C HIS D 411 29.27 40.33 -68.53
N ARG D 412 29.17 39.22 -67.82
CA ARG D 412 28.18 38.21 -68.12
C ARG D 412 27.59 37.63 -66.82
N ARG D 413 26.28 37.47 -66.79
CA ARG D 413 25.61 36.92 -65.61
C ARG D 413 25.18 35.49 -65.84
N PHE D 414 25.66 34.59 -65.00
CA PHE D 414 25.27 33.19 -65.04
C PHE D 414 24.24 32.92 -63.95
N ASP D 415 23.03 32.54 -64.36
CA ASP D 415 21.94 32.36 -63.41
C ASP D 415 22.29 31.33 -62.34
N HIS D 416 22.64 30.12 -62.76
CA HIS D 416 23.11 29.11 -61.83
C HIS D 416 24.64 29.18 -61.72
N GLY D 417 25.12 29.84 -60.67
CA GLY D 417 26.55 30.00 -60.45
C GLY D 417 27.07 29.03 -59.41
N TYR D 418 26.52 29.14 -58.20
CA TYR D 418 26.90 28.25 -57.11
C TYR D 418 25.71 27.50 -56.54
N PRO D 419 25.85 26.18 -56.38
CA PRO D 419 24.87 25.40 -55.62
C PRO D 419 25.13 25.60 -54.13
N THR D 420 24.23 26.31 -53.45
CA THR D 420 24.46 26.70 -52.06
C THR D 420 24.28 25.55 -51.07
N PRO D 421 25.34 25.24 -50.32
CA PRO D 421 25.27 24.19 -49.29
C PRO D 421 24.43 24.64 -48.10
N THR D 422 23.17 24.96 -48.34
CA THR D 422 22.26 25.38 -47.28
C THR D 422 21.98 24.26 -46.28
N LEU D 423 21.37 24.63 -45.15
CA LEU D 423 20.96 23.66 -44.16
C LEU D 423 19.92 22.69 -44.73
N GLU D 424 19.16 23.17 -45.71
CA GLU D 424 18.05 22.41 -46.26
C GLU D 424 18.46 21.46 -47.39
N ARG D 425 19.62 21.71 -48.00
CA ARG D 425 20.05 20.98 -49.19
C ARG D 425 19.83 19.48 -49.15
N GLU D 426 20.43 18.80 -48.17
CA GLU D 426 20.37 17.34 -48.13
C GLU D 426 18.96 16.78 -47.98
N GLY D 427 18.17 17.40 -47.12
CA GLY D 427 16.78 17.00 -46.96
C GLY D 427 16.08 16.90 -48.30
N ALA D 428 16.47 17.78 -49.21
CA ALA D 428 15.87 17.83 -50.54
C ALA D 428 16.54 16.82 -51.47
N LEU D 429 17.87 16.86 -51.53
CA LEU D 429 18.59 15.97 -52.42
C LEU D 429 18.33 14.51 -52.13
N THR D 430 18.21 14.15 -50.85
CA THR D 430 18.01 12.74 -50.49
C THR D 430 16.63 12.27 -50.89
N GLN D 431 15.79 13.19 -51.34
CA GLN D 431 14.52 12.84 -51.95
C GLN D 431 14.62 12.90 -53.48
N ILE D 432 15.07 14.05 -53.98
CA ILE D 432 15.12 14.30 -55.42
C ILE D 432 15.91 13.24 -56.18
N LEU D 433 17.15 13.01 -55.77
CA LEU D 433 18.03 12.11 -56.49
C LEU D 433 17.52 10.67 -56.51
N PRO D 434 17.17 10.11 -55.34
CA PRO D 434 16.64 8.75 -55.31
C PRO D 434 15.41 8.59 -56.21
N LYS D 435 14.48 9.55 -56.15
CA LYS D 435 13.27 9.49 -56.95
C LYS D 435 13.55 9.55 -58.45
N LEU D 436 14.59 10.30 -58.82
CA LEU D 436 15.03 10.37 -60.21
C LEU D 436 15.65 9.06 -60.65
N GLN D 437 16.42 8.43 -59.78
CA GLN D 437 17.10 7.19 -60.13
C GLN D 437 16.10 6.05 -60.28
N ASP D 438 15.01 6.12 -59.51
CA ASP D 438 13.94 5.15 -59.62
C ASP D 438 13.29 5.22 -60.99
N LYS D 439 13.64 6.27 -61.73
CA LYS D 439 13.17 6.45 -63.10
C LYS D 439 14.30 6.22 -64.10
N ASP D 440 15.37 5.60 -63.62
CA ASP D 440 16.55 5.34 -64.45
C ASP D 440 17.16 6.62 -64.97
N ILE D 441 17.14 7.65 -64.13
CA ILE D 441 17.72 8.94 -64.48
C ILE D 441 18.81 9.37 -63.49
N TRP D 442 20.06 9.23 -63.91
CA TRP D 442 21.19 9.71 -63.11
C TRP D 442 21.39 11.21 -63.29
N SER D 443 20.86 12.00 -62.37
CA SER D 443 21.07 13.44 -62.40
C SER D 443 22.37 13.77 -61.66
N ARG D 444 23.35 14.30 -62.38
CA ARG D 444 24.69 14.49 -61.81
C ARG D 444 25.32 15.78 -62.30
N GLY D 445 26.20 16.35 -61.50
CA GLY D 445 26.88 17.58 -61.88
C GLY D 445 26.78 18.69 -60.84
N ARG D 446 27.39 19.83 -61.14
CA ARG D 446 27.40 20.97 -60.24
C ARG D 446 25.97 21.40 -59.91
N PHE D 447 25.09 21.35 -60.90
CA PHE D 447 23.67 21.59 -60.63
C PHE D 447 22.82 20.35 -60.94
N GLY D 448 23.46 19.32 -61.48
CA GLY D 448 22.78 18.05 -61.68
C GLY D 448 22.53 17.39 -60.35
N SER D 449 23.55 17.41 -59.49
CA SER D 449 23.46 16.82 -58.17
C SER D 449 23.66 17.85 -57.05
N TRP D 450 24.06 19.06 -57.42
CA TRP D 450 23.95 20.22 -56.52
C TRP D 450 24.86 20.20 -55.29
N ARG D 451 25.94 19.44 -55.34
CA ARG D 451 26.83 19.35 -54.18
C ARG D 451 28.19 20.00 -54.45
N TYR D 452 28.31 21.24 -53.99
CA TYR D 452 29.52 22.04 -54.16
C TYR D 452 30.81 21.33 -53.72
N GLU D 453 30.77 20.60 -52.59
CA GLU D 453 31.96 19.92 -52.08
C GLU D 453 32.64 19.14 -53.18
N VAL D 454 31.85 18.78 -54.17
CA VAL D 454 32.30 17.89 -55.21
C VAL D 454 31.85 18.52 -56.53
N GLY D 455 32.00 19.84 -56.60
CA GLY D 455 31.54 20.63 -57.73
C GLY D 455 32.62 21.22 -58.63
N ASN D 456 33.88 20.83 -58.44
CA ASN D 456 34.95 21.27 -59.33
C ASN D 456 34.93 20.52 -60.66
N GLN D 457 35.71 20.98 -61.62
CA GLN D 457 35.71 20.38 -62.95
C GLN D 457 36.04 18.90 -62.90
N ASP D 458 37.09 18.53 -62.17
CA ASP D 458 37.43 17.12 -62.05
C ASP D 458 36.29 16.34 -61.37
N HIS D 459 35.82 16.89 -60.25
CA HIS D 459 34.68 16.32 -59.53
C HIS D 459 33.53 16.07 -60.48
N SER D 460 33.14 17.12 -61.20
CA SER D 460 32.03 17.01 -62.14
C SER D 460 32.31 15.94 -63.18
N PHE D 461 33.47 16.05 -63.80
CA PHE D 461 33.90 15.08 -64.81
C PHE D 461 33.72 13.66 -64.28
N MET D 462 34.16 13.43 -63.06
CA MET D 462 34.11 12.09 -62.48
C MET D 462 32.68 11.68 -62.14
N LEU D 463 31.86 12.63 -61.73
CA LEU D 463 30.45 12.32 -61.48
C LEU D 463 29.86 11.67 -62.73
N GLY D 464 30.17 12.23 -63.89
CA GLY D 464 29.69 11.70 -65.15
C GLY D 464 30.31 10.34 -65.44
N VAL D 465 31.62 10.24 -65.23
CA VAL D 465 32.31 8.97 -65.42
C VAL D 465 31.74 7.88 -64.51
N GLU D 466 31.55 8.23 -63.25
CA GLU D 466 31.10 7.27 -62.26
C GLU D 466 29.63 6.90 -62.45
N ALA D 467 28.83 7.83 -62.95
CA ALA D 467 27.44 7.51 -63.26
C ALA D 467 27.39 6.42 -64.31
N VAL D 468 28.15 6.61 -65.39
CA VAL D 468 28.24 5.63 -66.45
C VAL D 468 28.76 4.30 -65.91
N ASP D 469 29.82 4.37 -65.10
CA ASP D 469 30.44 3.17 -64.56
C ASP D 469 29.46 2.41 -63.66
N ASN D 470 28.54 3.16 -63.04
CA ASN D 470 27.47 2.55 -62.25
C ASN D 470 26.46 1.90 -63.18
N ILE D 471 26.08 2.63 -64.22
CA ILE D 471 25.10 2.12 -65.17
C ILE D 471 25.60 0.85 -65.88
N VAL D 472 26.89 0.79 -66.16
CA VAL D 472 27.44 -0.32 -66.94
C VAL D 472 28.12 -1.40 -66.09
N ASN D 473 29.02 -1.00 -65.21
CA ASN D 473 29.82 -1.98 -64.47
C ASN D 473 29.43 -2.17 -63.02
N GLY D 474 28.36 -1.50 -62.59
CA GLY D 474 27.85 -1.65 -61.24
C GLY D 474 28.72 -0.98 -60.20
N ALA D 475 29.50 0.00 -60.63
CA ALA D 475 30.42 0.71 -59.74
C ALA D 475 29.68 1.61 -58.76
N VAL D 476 30.20 1.70 -57.54
CA VAL D 476 29.61 2.61 -56.57
C VAL D 476 29.98 4.06 -56.91
N GLU D 477 28.97 4.92 -56.92
CA GLU D 477 29.18 6.34 -57.19
C GLU D 477 29.76 7.01 -55.95
N LEU D 478 31.08 6.91 -55.83
CA LEU D 478 31.79 7.40 -54.65
C LEU D 478 31.76 8.91 -54.54
N THR D 479 32.05 9.58 -55.66
CA THR D 479 32.13 11.04 -55.69
C THR D 479 30.80 11.70 -55.30
N LEU D 480 29.69 11.10 -55.75
CA LEU D 480 28.38 11.64 -55.45
C LEU D 480 28.02 11.57 -53.97
N ASN D 481 28.26 10.42 -53.36
CA ASN D 481 27.81 10.19 -51.98
C ASN D 481 28.90 10.31 -50.91
N TYR D 482 30.17 10.30 -51.32
CA TYR D 482 31.25 10.27 -50.35
C TYR D 482 32.36 11.25 -50.71
N PRO D 483 32.03 12.55 -50.71
CA PRO D 483 32.98 13.61 -51.05
C PRO D 483 34.26 13.53 -50.24
N ASP D 484 34.15 13.30 -48.94
CA ASP D 484 35.35 13.24 -48.10
C ASP D 484 36.21 12.03 -48.47
N PHE D 485 35.58 10.98 -48.96
CA PHE D 485 36.32 9.78 -49.32
C PHE D 485 37.19 10.01 -50.55
N VAL D 486 36.60 10.52 -51.62
CA VAL D 486 37.35 10.78 -52.84
C VAL D 486 38.36 11.90 -52.65
N ASN D 487 37.98 12.92 -51.89
CA ASN D 487 38.84 14.08 -51.67
C ASN D 487 40.03 13.78 -50.77
N GLY D 488 39.89 12.78 -49.91
CA GLY D 488 40.94 12.42 -48.98
C GLY D 488 41.94 11.39 -49.50
N ARG D 489 41.73 10.91 -50.72
CA ARG D 489 42.60 9.87 -51.27
C ARG D 489 43.10 10.19 -52.67
N GLN D 490 44.10 9.45 -53.11
CA GLN D 490 44.52 9.49 -54.49
C GLN D 490 43.76 8.41 -55.24
N ASN D 491 42.88 8.82 -56.13
CA ASN D 491 42.07 7.91 -56.90
C ASN D 491 42.78 7.46 -58.18
N THR D 492 43.55 6.38 -58.07
CA THR D 492 44.44 5.95 -59.13
C THR D 492 43.93 4.75 -59.91
N GLU D 493 42.91 4.09 -59.38
CA GLU D 493 42.46 2.82 -59.93
C GLU D 493 41.85 2.93 -61.34
N ARG D 494 40.94 3.87 -61.53
CA ARG D 494 40.26 3.97 -62.82
C ARG D 494 41.12 4.76 -63.82
N ARG D 495 41.29 4.23 -65.02
CA ARG D 495 42.15 4.86 -66.03
C ARG D 495 41.45 4.91 -67.39
N LEU D 496 41.94 5.77 -68.27
CA LEU D 496 41.41 5.86 -69.64
C LEU D 496 41.69 4.56 -70.38
N VAL D 497 42.66 3.80 -69.88
CA VAL D 497 42.88 2.44 -70.34
C VAL D 497 42.89 1.48 -69.15
N ASP D 498 41.78 0.75 -68.98
CA ASP D 498 41.69 -0.26 -67.95
C ASP D 498 42.02 -1.64 -68.52
N GLY D 499 42.21 -2.62 -67.64
CA GLY D 499 42.49 -3.98 -68.07
C GLY D 499 41.59 -4.44 -69.20
N ALA D 500 40.30 -4.08 -69.11
CA ALA D 500 39.32 -4.51 -70.09
C ALA D 500 39.78 -4.22 -71.52
N GLN D 501 40.21 -2.99 -71.76
CA GLN D 501 40.62 -2.57 -73.09
C GLN D 501 41.92 -3.22 -73.51
N VAL D 502 42.80 -3.46 -72.54
CA VAL D 502 44.06 -4.15 -72.81
C VAL D 502 43.83 -5.58 -73.30
N PHE D 503 43.05 -6.33 -72.53
CA PHE D 503 42.76 -7.73 -72.85
C PHE D 503 42.04 -7.90 -74.18
N ALA D 504 41.13 -6.99 -74.50
CA ALA D 504 40.40 -7.05 -75.77
C ALA D 504 41.34 -6.76 -76.94
N LYS D 505 42.26 -5.81 -76.73
CA LYS D 505 43.22 -5.44 -77.75
C LYS D 505 44.08 -6.65 -78.11
N SER D 506 44.52 -7.36 -77.09
CA SER D 506 45.41 -8.51 -77.27
C SER D 506 44.71 -9.73 -77.86
N LYS D 507 43.42 -9.87 -77.56
CA LYS D 507 42.63 -10.96 -78.13
C LYS D 507 42.35 -10.72 -79.61
N ALA D 508 42.35 -9.45 -80.00
CA ALA D 508 42.06 -9.07 -81.39
C ALA D 508 43.29 -9.18 -82.27
N GLN D 509 44.47 -9.24 -81.65
CA GLN D 509 45.71 -9.28 -82.40
C GLN D 509 46.23 -10.69 -82.69
N LEU D 510 45.66 -11.68 -82.02
CA LEU D 510 45.99 -13.07 -82.29
C LEU D 510 45.49 -13.47 -83.68
N THR E 1 -53.48 7.86 2.57
CA THR E 1 -54.11 7.54 3.85
C THR E 1 -53.76 6.12 4.32
N HIS E 2 -53.04 6.03 5.43
CA HIS E 2 -52.57 4.74 5.95
C HIS E 2 -53.69 3.81 6.38
N PRO E 3 -53.50 2.50 6.17
CA PRO E 3 -54.45 1.47 6.61
C PRO E 3 -54.32 1.24 8.10
N ASP E 4 -55.38 0.73 8.73
CA ASP E 4 -55.34 0.43 10.16
C ASP E 4 -54.17 -0.49 10.47
N ILE E 5 -53.96 -1.47 9.61
CA ILE E 5 -52.89 -2.45 9.78
C ILE E 5 -52.07 -2.61 8.49
N SER E 6 -50.76 -2.77 8.64
CA SER E 6 -49.91 -3.07 7.49
C SER E 6 -48.97 -4.24 7.78
N VAL E 7 -49.03 -5.26 6.93
CA VAL E 7 -48.12 -6.41 7.06
C VAL E 7 -47.45 -6.73 5.72
N ASP E 8 -46.38 -7.51 5.77
CA ASP E 8 -45.70 -7.91 4.55
C ASP E 8 -46.53 -8.92 3.77
N VAL E 9 -47.02 -9.94 4.46
CA VAL E 9 -47.82 -11.00 3.83
C VAL E 9 -49.13 -11.17 4.58
N LEU E 10 -50.25 -10.98 3.86
CA LEU E 10 -51.56 -11.17 4.45
C LEU E 10 -52.18 -12.49 3.97
N VAL E 11 -52.68 -13.28 4.91
CA VAL E 11 -53.31 -14.55 4.59
C VAL E 11 -54.81 -14.50 4.85
N ILE E 12 -55.60 -14.68 3.80
CA ILE E 12 -57.04 -14.75 3.94
C ILE E 12 -57.46 -16.22 4.03
N GLY E 13 -58.21 -16.56 5.08
CA GLY E 13 -58.68 -17.92 5.25
C GLY E 13 -57.82 -18.72 6.20
N ALA E 14 -58.45 -19.43 7.13
CA ALA E 14 -57.73 -20.24 8.10
C ALA E 14 -58.19 -21.69 8.07
N GLY E 15 -58.49 -22.20 6.88
CA GLY E 15 -58.58 -23.63 6.68
C GLY E 15 -57.16 -24.16 6.55
N PRO E 16 -57.03 -25.44 6.16
CA PRO E 16 -55.68 -26.02 6.07
C PRO E 16 -54.72 -25.23 5.18
N THR E 17 -55.21 -24.62 4.11
CA THR E 17 -54.31 -23.87 3.22
C THR E 17 -53.74 -22.63 3.91
N GLY E 18 -54.63 -21.80 4.44
CA GLY E 18 -54.21 -20.60 5.14
C GLY E 18 -53.33 -20.93 6.31
N LEU E 19 -53.69 -21.98 7.05
CA LEU E 19 -52.93 -22.38 8.21
C LEU E 19 -51.54 -22.87 7.82
N GLY E 20 -51.45 -23.52 6.68
CA GLY E 20 -50.16 -23.89 6.13
C GLY E 20 -49.31 -22.65 5.93
N ALA E 21 -49.86 -21.68 5.22
CA ALA E 21 -49.13 -20.43 4.98
C ALA E 21 -48.69 -19.77 6.29
N ALA E 22 -49.59 -19.76 7.27
CA ALA E 22 -49.29 -19.13 8.55
C ALA E 22 -48.17 -19.85 9.29
N LYS E 23 -48.23 -21.18 9.30
CA LYS E 23 -47.21 -21.97 9.98
C LYS E 23 -45.82 -21.72 9.41
N ARG E 24 -45.71 -21.63 8.09
CA ARG E 24 -44.41 -21.36 7.49
C ARG E 24 -43.99 -19.91 7.70
N LEU E 25 -44.92 -18.98 7.54
CA LEU E 25 -44.63 -17.58 7.83
C LEU E 25 -44.13 -17.47 9.27
N ASN E 26 -44.75 -18.24 10.16
CA ASN E 26 -44.41 -18.21 11.56
C ASN E 26 -43.08 -18.91 11.86
N GLN E 27 -42.77 -19.93 11.08
CA GLN E 27 -41.52 -20.64 11.21
C GLN E 27 -40.34 -19.78 10.74
N ILE E 28 -40.49 -19.19 9.56
CA ILE E 28 -39.44 -18.35 8.99
C ILE E 28 -39.19 -17.14 9.87
N ASP E 29 -40.27 -16.61 10.43
CA ASP E 29 -40.22 -15.46 11.33
C ASP E 29 -39.39 -14.32 10.75
N GLY E 30 -39.63 -13.99 9.49
CA GLY E 30 -39.00 -12.86 8.85
C GLY E 30 -40.02 -11.77 8.56
N PRO E 31 -40.63 -11.81 7.37
CA PRO E 31 -41.64 -10.81 7.04
C PRO E 31 -42.78 -10.79 8.06
N SER E 32 -43.36 -9.62 8.26
CA SER E 32 -44.52 -9.50 9.14
C SER E 32 -45.70 -10.12 8.41
N TRP E 33 -46.64 -10.66 9.17
CA TRP E 33 -47.77 -11.35 8.56
C TRP E 33 -48.97 -11.37 9.50
N MET E 34 -50.11 -11.74 8.95
CA MET E 34 -51.34 -11.76 9.71
C MET E 34 -52.34 -12.62 8.96
N ILE E 35 -53.13 -13.41 9.67
CA ILE E 35 -54.10 -14.30 9.04
C ILE E 35 -55.51 -13.99 9.54
N VAL E 36 -56.48 -13.96 8.63
CA VAL E 36 -57.85 -13.64 8.98
C VAL E 36 -58.81 -14.71 8.50
N ASP E 37 -59.97 -14.79 9.13
CA ASP E 37 -61.01 -15.74 8.73
C ASP E 37 -62.34 -15.30 9.31
N SER E 38 -63.39 -15.42 8.51
CA SER E 38 -64.72 -15.01 8.94
C SER E 38 -65.29 -15.92 10.03
N ASN E 39 -64.68 -17.08 10.22
CA ASN E 39 -65.14 -18.06 11.20
C ASN E 39 -64.33 -17.99 12.50
N GLU E 40 -65.01 -17.95 13.63
CA GLU E 40 -64.33 -17.91 14.93
C GLU E 40 -63.43 -19.12 15.13
N THR E 41 -63.77 -20.20 14.42
CA THR E 41 -63.07 -21.47 14.58
C THR E 41 -62.36 -21.88 13.30
N PRO E 42 -61.02 -21.90 13.32
CA PRO E 42 -60.25 -22.22 12.11
C PRO E 42 -60.47 -23.66 11.70
N GLY E 43 -60.19 -23.98 10.45
CA GLY E 43 -60.31 -25.35 9.96
C GLY E 43 -61.00 -25.45 8.61
N GLY E 44 -61.86 -24.50 8.31
CA GLY E 44 -62.56 -24.48 7.03
C GLY E 44 -63.33 -25.76 6.79
N LEU E 45 -63.22 -26.29 5.57
CA LEU E 45 -63.92 -27.51 5.21
C LEU E 45 -63.41 -28.74 5.96
N ALA E 46 -62.32 -28.56 6.69
CA ALA E 46 -61.76 -29.66 7.47
C ALA E 46 -62.10 -29.50 8.95
N SER E 47 -63.25 -28.91 9.24
CA SER E 47 -63.70 -28.77 10.63
C SER E 47 -64.89 -29.67 10.94
N THR E 48 -65.16 -29.85 12.23
CA THR E 48 -66.17 -30.78 12.70
C THR E 48 -67.36 -30.06 13.34
N ASP E 49 -68.56 -30.58 13.09
CA ASP E 49 -69.76 -30.08 13.75
C ASP E 49 -70.24 -31.07 14.81
N VAL E 50 -71.09 -30.60 15.71
CA VAL E 50 -71.66 -31.46 16.72
C VAL E 50 -73.17 -31.27 16.82
N THR E 51 -73.91 -32.36 16.76
CA THR E 51 -75.34 -32.32 16.99
C THR E 51 -75.62 -32.04 18.47
N PRO E 52 -76.80 -31.50 18.77
CA PRO E 52 -77.19 -31.31 20.17
C PRO E 52 -77.10 -32.61 20.96
N GLU E 53 -77.26 -33.74 20.28
CA GLU E 53 -77.25 -35.04 20.95
C GLU E 53 -75.84 -35.52 21.28
N GLY E 54 -74.84 -34.79 20.81
CA GLY E 54 -73.46 -35.15 21.09
C GLY E 54 -72.80 -36.02 20.02
N PHE E 55 -73.28 -35.90 18.79
CA PHE E 55 -72.69 -36.64 17.67
C PHE E 55 -71.83 -35.72 16.79
N LEU E 56 -70.58 -36.13 16.57
CA LEU E 56 -69.66 -35.34 15.75
C LEU E 56 -69.76 -35.72 14.29
N TYR E 57 -69.58 -34.75 13.41
CA TYR E 57 -69.51 -35.02 11.98
C TYR E 57 -68.52 -34.11 11.29
N ASP E 58 -67.51 -34.71 10.65
CA ASP E 58 -66.61 -33.97 9.77
C ASP E 58 -67.40 -33.48 8.58
N VAL E 59 -66.75 -32.76 7.67
CA VAL E 59 -67.44 -32.30 6.47
C VAL E 59 -67.34 -33.36 5.37
N GLY E 60 -67.98 -34.50 5.61
CA GLY E 60 -68.01 -35.58 4.65
C GLY E 60 -67.25 -36.83 5.06
N GLY E 61 -66.45 -36.73 6.11
CA GLY E 61 -65.64 -37.85 6.53
C GLY E 61 -64.25 -37.76 5.93
N HIS E 62 -63.33 -37.23 6.71
CA HIS E 62 -61.98 -36.94 6.23
C HIS E 62 -60.96 -37.92 6.74
N VAL E 63 -60.19 -38.47 5.80
CA VAL E 63 -59.14 -39.40 6.13
C VAL E 63 -57.83 -38.83 5.62
N ILE E 64 -56.82 -38.81 6.48
CA ILE E 64 -55.54 -38.19 6.14
C ILE E 64 -54.51 -39.19 5.60
N PHE E 65 -54.05 -38.96 4.38
N PHE E 65 -53.99 -38.88 4.42
CA PHE E 65 -52.82 -39.58 3.90
CA PHE E 65 -52.84 -39.60 3.86
C PHE E 65 -51.86 -38.48 3.50
C PHE E 65 -51.79 -38.58 3.40
N SER E 66 -50.70 -38.48 4.15
CA SER E 66 -49.74 -37.40 3.96
C SER E 66 -48.65 -37.70 2.94
N HIS E 67 -48.44 -36.76 2.02
CA HIS E 67 -47.35 -36.88 1.05
C HIS E 67 -46.16 -36.04 1.48
N TYR E 68 -46.29 -35.34 2.59
CA TYR E 68 -45.28 -34.39 3.00
C TYR E 68 -44.86 -34.58 4.45
N LYS E 69 -43.55 -34.59 4.69
CA LYS E 69 -43.03 -34.68 6.04
C LYS E 69 -43.45 -33.43 6.81
N TYR E 70 -43.42 -32.27 6.15
CA TYR E 70 -43.78 -31.01 6.78
C TYR E 70 -45.17 -31.06 7.41
N PHE E 71 -46.13 -31.54 6.63
CA PHE E 71 -47.49 -31.70 7.12
C PHE E 71 -47.47 -32.55 8.39
N ASP E 72 -46.71 -33.65 8.34
CA ASP E 72 -46.59 -34.52 9.50
C ASP E 72 -46.05 -33.78 10.71
N ASP E 73 -44.98 -33.00 10.51
CA ASP E 73 -44.37 -32.23 11.59
C ASP E 73 -45.38 -31.34 12.32
N CYS E 74 -46.23 -30.67 11.55
CA CYS E 74 -47.20 -29.76 12.15
C CYS E 74 -48.29 -30.49 12.90
N LEU E 75 -48.67 -31.66 12.40
CA LEU E 75 -49.66 -32.45 13.10
C LEU E 75 -49.05 -33.00 14.39
N ASP E 76 -47.80 -33.45 14.31
CA ASP E 76 -47.11 -33.97 15.49
C ASP E 76 -46.99 -32.88 16.55
N GLU E 77 -46.68 -31.66 16.13
CA GLU E 77 -46.57 -30.55 17.06
C GLU E 77 -47.90 -30.26 17.74
N ALA E 78 -48.96 -30.22 16.95
CA ALA E 78 -50.28 -29.82 17.46
C ALA E 78 -50.89 -30.91 18.34
N LEU E 79 -50.66 -32.16 17.98
CA LEU E 79 -51.20 -33.29 18.72
C LEU E 79 -50.09 -34.30 18.99
N PRO E 80 -49.18 -33.95 19.92
CA PRO E 80 -47.95 -34.71 20.17
C PRO E 80 -48.14 -36.00 20.96
N LYS E 81 -49.22 -36.09 21.74
CA LYS E 81 -49.43 -37.25 22.61
C LYS E 81 -49.85 -38.49 21.83
N GLU E 82 -49.27 -39.63 22.21
CA GLU E 82 -49.58 -40.89 21.56
C GLU E 82 -51.09 -41.12 21.50
N ASP E 83 -51.79 -40.77 22.57
CA ASP E 83 -53.22 -41.02 22.66
C ASP E 83 -54.07 -39.87 22.10
N ASP E 84 -53.46 -39.01 21.30
CA ASP E 84 -54.21 -37.98 20.60
C ASP E 84 -54.71 -38.56 19.27
N TRP E 85 -54.23 -39.75 18.94
CA TRP E 85 -54.48 -40.33 17.64
C TRP E 85 -54.92 -41.79 17.69
N TYR E 86 -55.78 -42.16 16.76
CA TYR E 86 -56.08 -43.56 16.51
C TYR E 86 -55.56 -43.92 15.14
N THR E 87 -54.90 -45.06 15.02
CA THR E 87 -54.41 -45.51 13.72
C THR E 87 -55.25 -46.67 13.19
N HIS E 88 -55.72 -46.54 11.96
CA HIS E 88 -56.62 -47.53 11.37
C HIS E 88 -56.14 -48.09 10.04
N GLN E 89 -56.80 -49.16 9.61
CA GLN E 89 -56.57 -49.73 8.29
C GLN E 89 -57.78 -49.39 7.43
N ARG E 90 -57.57 -49.17 6.15
CA ARG E 90 -58.71 -48.89 5.26
C ARG E 90 -59.53 -50.14 4.92
N ILE E 91 -60.72 -50.22 5.51
CA ILE E 91 -61.69 -51.22 5.13
C ILE E 91 -62.72 -50.53 4.24
N SER E 92 -62.57 -50.67 2.93
CA SER E 92 -63.41 -49.95 1.98
C SER E 92 -64.09 -50.89 0.99
N TYR E 93 -65.40 -50.74 0.84
CA TYR E 93 -66.16 -51.59 -0.06
C TYR E 93 -67.05 -50.79 -0.99
N VAL E 94 -67.45 -51.40 -2.10
CA VAL E 94 -68.39 -50.80 -3.03
C VAL E 94 -69.68 -51.62 -3.05
N ARG E 95 -70.82 -50.96 -2.91
CA ARG E 95 -72.10 -51.64 -2.90
C ARG E 95 -72.61 -51.90 -4.31
N CYS E 96 -72.51 -53.15 -4.76
CA CYS E 96 -73.02 -53.52 -6.07
C CYS E 96 -73.81 -54.83 -6.03
N GLN E 97 -75.08 -54.76 -6.39
CA GLN E 97 -75.96 -55.93 -6.43
C GLN E 97 -75.89 -56.77 -5.17
N GLY E 98 -76.40 -56.22 -4.08
CA GLY E 98 -76.52 -56.96 -2.82
C GLY E 98 -75.23 -57.36 -2.14
N GLN E 99 -74.10 -57.13 -2.80
CA GLN E 99 -72.81 -57.54 -2.24
C GLN E 99 -71.85 -56.38 -2.00
N TRP E 100 -70.90 -56.60 -1.10
CA TRP E 100 -69.87 -55.61 -0.81
C TRP E 100 -68.57 -55.92 -1.57
N VAL E 101 -68.33 -55.22 -2.67
CA VAL E 101 -67.12 -55.39 -3.45
C VAL E 101 -65.97 -54.57 -2.86
N PRO E 102 -64.89 -55.26 -2.44
CA PRO E 102 -63.72 -54.59 -1.86
C PRO E 102 -63.14 -53.53 -2.79
N TYR E 103 -62.71 -52.41 -2.23
CA TYR E 103 -62.09 -51.33 -3.00
C TYR E 103 -60.65 -51.71 -3.34
N PRO E 104 -60.20 -51.38 -4.57
CA PRO E 104 -60.99 -50.74 -5.64
C PRO E 104 -61.85 -51.73 -6.42
N PHE E 105 -63.05 -51.29 -6.80
CA PHE E 105 -64.00 -52.11 -7.55
C PHE E 105 -63.34 -52.81 -8.73
N GLN E 106 -62.64 -52.04 -9.55
CA GLN E 106 -62.08 -52.55 -10.80
C GLN E 106 -61.05 -53.66 -10.59
N ASN E 107 -60.56 -53.80 -9.37
CA ASN E 107 -59.55 -54.82 -9.06
C ASN E 107 -60.14 -56.08 -8.44
N ASN E 108 -61.43 -56.03 -8.12
CA ASN E 108 -62.09 -57.14 -7.43
C ASN E 108 -63.34 -57.61 -8.16
N ILE E 109 -63.23 -57.82 -9.47
CA ILE E 109 -64.34 -58.31 -10.27
C ILE E 109 -64.80 -59.68 -9.76
N SER E 110 -63.89 -60.39 -9.11
CA SER E 110 -64.19 -61.72 -8.59
C SER E 110 -65.40 -61.78 -7.64
N MET E 111 -65.69 -60.67 -6.97
CA MET E 111 -66.78 -60.61 -5.99
C MET E 111 -68.15 -60.33 -6.61
N LEU E 112 -68.18 -60.17 -7.93
CA LEU E 112 -69.43 -59.88 -8.64
C LEU E 112 -70.13 -61.18 -9.04
N PRO E 113 -71.41 -61.07 -9.43
CA PRO E 113 -72.16 -62.18 -10.02
C PRO E 113 -71.50 -62.68 -11.30
N LYS E 114 -71.68 -63.95 -11.62
CA LYS E 114 -71.04 -64.55 -12.79
C LYS E 114 -71.38 -63.80 -14.09
N GLU E 115 -72.65 -63.51 -14.31
CA GLU E 115 -73.06 -62.80 -15.52
C GLU E 115 -72.36 -61.45 -15.65
N GLU E 116 -72.15 -60.78 -14.52
CA GLU E 116 -71.51 -59.46 -14.52
C GLU E 116 -70.01 -59.57 -14.72
N GLN E 117 -69.40 -60.58 -14.13
CA GLN E 117 -67.97 -60.83 -14.33
C GLN E 117 -67.67 -60.89 -15.83
N VAL E 118 -68.50 -61.61 -16.56
CA VAL E 118 -68.30 -61.79 -18.00
C VAL E 118 -68.25 -60.46 -18.73
N LYS E 119 -69.25 -59.60 -18.50
CA LYS E 119 -69.27 -58.29 -19.12
C LYS E 119 -67.99 -57.53 -18.85
N CYS E 120 -67.52 -57.61 -17.61
CA CYS E 120 -66.34 -56.86 -17.18
C CYS E 120 -65.05 -57.37 -17.81
N ILE E 121 -64.80 -58.67 -17.69
CA ILE E 121 -63.61 -59.26 -18.28
C ILE E 121 -63.61 -59.05 -19.80
N ASP E 122 -64.77 -59.16 -20.41
CA ASP E 122 -64.89 -58.90 -21.84
C ASP E 122 -64.40 -57.49 -22.15
N GLY E 123 -64.97 -56.51 -21.45
CA GLY E 123 -64.58 -55.13 -21.63
C GLY E 123 -63.08 -54.91 -21.51
N MET E 124 -62.48 -55.51 -20.49
CA MET E 124 -61.05 -55.35 -20.24
C MET E 124 -60.21 -55.98 -21.33
N ILE E 125 -60.67 -57.11 -21.87
CA ILE E 125 -59.95 -57.77 -22.95
C ILE E 125 -59.91 -56.86 -24.18
N ASP E 126 -61.05 -56.28 -24.52
CA ASP E 126 -61.08 -55.33 -25.62
C ASP E 126 -60.11 -54.19 -25.35
N ALA E 127 -60.26 -53.56 -24.20
CA ALA E 127 -59.44 -52.42 -23.82
C ALA E 127 -57.96 -52.74 -23.85
N ALA E 128 -57.59 -53.91 -23.33
CA ALA E 128 -56.19 -54.34 -23.26
C ALA E 128 -55.59 -54.56 -24.65
N LEU E 129 -56.42 -54.92 -25.62
CA LEU E 129 -55.96 -55.17 -26.97
C LEU E 129 -55.79 -53.86 -27.74
N GLU E 130 -56.72 -52.92 -27.53
CA GLU E 130 -56.65 -51.61 -28.16
C GLU E 130 -55.52 -50.80 -27.54
N ALA E 131 -55.30 -51.02 -26.25
CA ALA E 131 -54.24 -50.34 -25.53
C ALA E 131 -52.88 -50.78 -26.07
N ARG E 132 -52.78 -52.04 -26.48
CA ARG E 132 -51.53 -52.58 -27.00
C ARG E 132 -51.06 -51.81 -28.21
N VAL E 133 -52.00 -51.11 -28.82
CA VAL E 133 -51.77 -50.48 -30.11
C VAL E 133 -51.95 -48.96 -30.09
N ALA E 134 -52.66 -48.46 -29.07
CA ALA E 134 -53.01 -47.03 -28.98
C ALA E 134 -51.79 -46.11 -28.98
N ASN E 135 -51.92 -44.97 -29.65
CA ASN E 135 -50.83 -44.00 -29.71
C ASN E 135 -51.30 -42.57 -29.42
N THR E 136 -52.61 -42.40 -29.27
CA THR E 136 -53.17 -41.09 -28.91
C THR E 136 -53.48 -41.04 -27.41
N LYS E 137 -53.88 -39.87 -26.94
CA LYS E 137 -54.28 -39.72 -25.53
C LYS E 137 -55.78 -39.48 -25.39
N PRO E 138 -56.37 -39.97 -24.30
CA PRO E 138 -57.80 -39.80 -24.02
C PRO E 138 -58.15 -38.32 -23.93
N LYS E 139 -59.27 -37.93 -24.51
CA LYS E 139 -59.69 -36.54 -24.50
C LYS E 139 -60.53 -36.21 -23.26
N THR E 140 -61.23 -37.22 -22.74
CA THR E 140 -62.07 -37.02 -21.56
C THR E 140 -61.89 -38.11 -20.53
N PHE E 141 -62.36 -37.83 -19.31
CA PHE E 141 -62.38 -38.81 -18.24
C PHE E 141 -63.02 -40.11 -18.73
N ASP E 142 -64.18 -40.00 -19.37
CA ASP E 142 -64.90 -41.15 -19.89
C ASP E 142 -64.02 -42.04 -20.76
N GLU E 143 -63.39 -41.44 -21.78
CA GLU E 143 -62.49 -42.18 -22.66
C GLU E 143 -61.43 -42.90 -21.86
N TRP E 144 -60.80 -42.18 -20.94
CA TRP E 144 -59.77 -42.77 -20.09
C TRP E 144 -60.32 -44.02 -19.40
N ILE E 145 -61.55 -43.91 -18.91
CA ILE E 145 -62.21 -45.02 -18.24
C ILE E 145 -62.34 -46.22 -19.18
N VAL E 146 -63.00 -46.00 -20.33
CA VAL E 146 -63.15 -47.05 -21.32
C VAL E 146 -61.80 -47.66 -21.69
N ARG E 147 -60.85 -46.81 -22.10
CA ARG E 147 -59.51 -47.27 -22.48
C ARG E 147 -58.85 -48.14 -21.42
N MET E 148 -59.08 -47.80 -20.15
CA MET E 148 -58.35 -48.42 -19.06
C MET E 148 -59.08 -49.60 -18.42
N MET E 149 -60.41 -49.61 -18.53
CA MET E 149 -61.24 -50.58 -17.82
C MET E 149 -62.22 -51.34 -18.70
N GLY E 150 -62.59 -50.75 -19.84
CA GLY E 150 -63.53 -51.38 -20.74
C GLY E 150 -64.96 -50.95 -20.48
N THR E 151 -65.84 -51.20 -21.44
CA THR E 151 -67.23 -50.77 -21.37
C THR E 151 -68.01 -51.44 -20.23
N GLY E 152 -67.66 -52.68 -19.92
CA GLY E 152 -68.29 -53.39 -18.84
C GLY E 152 -68.20 -52.65 -17.52
N ILE E 153 -66.98 -52.44 -17.05
CA ILE E 153 -66.73 -51.74 -15.79
C ILE E 153 -67.21 -50.28 -15.85
N ALA E 154 -67.16 -49.69 -17.03
CA ALA E 154 -67.63 -48.31 -17.21
C ALA E 154 -69.12 -48.18 -16.90
N ASP E 155 -69.93 -49.04 -17.49
CA ASP E 155 -71.38 -49.01 -17.33
C ASP E 155 -71.84 -49.52 -15.97
N LEU E 156 -71.10 -50.47 -15.41
CA LEU E 156 -71.48 -51.09 -14.16
C LEU E 156 -71.18 -50.18 -12.97
N PHE E 157 -69.99 -49.57 -12.98
CA PHE E 157 -69.54 -48.79 -11.84
C PHE E 157 -69.07 -47.37 -12.17
N MET E 158 -68.02 -47.27 -12.96
CA MET E 158 -67.35 -45.98 -13.19
C MET E 158 -68.27 -44.84 -13.65
N ARG E 159 -69.09 -45.10 -14.67
CA ARG E 159 -69.95 -44.06 -15.21
C ARG E 159 -71.05 -43.63 -14.24
N PRO E 160 -71.81 -44.59 -13.71
CA PRO E 160 -72.88 -44.21 -12.78
C PRO E 160 -72.33 -43.57 -11.51
N TYR E 161 -71.27 -44.12 -10.95
CA TYR E 161 -70.72 -43.59 -9.71
C TYR E 161 -70.17 -42.17 -9.85
N ASN E 162 -69.32 -41.96 -10.85
CA ASN E 162 -68.69 -40.66 -11.01
C ASN E 162 -69.66 -39.53 -11.23
N PHE E 163 -70.76 -39.79 -11.92
CA PHE E 163 -71.82 -38.79 -12.00
C PHE E 163 -72.42 -38.57 -10.62
N LYS E 164 -72.57 -39.66 -9.88
CA LYS E 164 -73.23 -39.60 -8.59
C LYS E 164 -72.42 -38.79 -7.57
N VAL E 165 -71.14 -38.60 -7.84
CA VAL E 165 -70.27 -37.87 -6.91
C VAL E 165 -69.87 -36.49 -7.46
N TRP E 166 -69.45 -36.44 -8.72
CA TRP E 166 -69.01 -35.18 -9.34
C TRP E 166 -70.17 -34.31 -9.80
N ALA E 167 -71.36 -34.89 -9.86
CA ALA E 167 -72.54 -34.19 -10.33
C ALA E 167 -72.41 -33.71 -11.78
N VAL E 168 -71.49 -34.34 -12.51
CA VAL E 168 -71.37 -34.13 -13.96
C VAL E 168 -71.01 -35.44 -14.64
N PRO E 169 -71.49 -35.64 -15.88
CA PRO E 169 -71.19 -36.84 -16.65
C PRO E 169 -69.69 -36.99 -16.88
N THR E 170 -69.19 -38.21 -16.82
CA THR E 170 -67.77 -38.50 -17.04
C THR E 170 -67.21 -37.90 -18.35
N THR E 171 -68.10 -37.62 -19.30
CA THR E 171 -67.68 -37.10 -20.59
C THR E 171 -67.37 -35.61 -20.54
N LYS E 172 -67.67 -34.98 -19.41
CA LYS E 172 -67.49 -33.54 -19.25
C LYS E 172 -66.25 -33.20 -18.40
N MET E 173 -65.56 -34.24 -17.93
CA MET E 173 -64.35 -34.06 -17.12
C MET E 173 -63.08 -34.41 -17.89
N GLN E 174 -61.97 -33.81 -17.47
CA GLN E 174 -60.69 -34.04 -18.12
C GLN E 174 -59.98 -35.27 -17.52
N CYS E 175 -58.98 -35.81 -18.21
CA CYS E 175 -58.35 -37.06 -17.80
C CYS E 175 -57.10 -36.88 -16.93
N ALA E 176 -56.50 -35.69 -16.98
CA ALA E 176 -55.17 -35.45 -16.40
C ALA E 176 -55.08 -35.51 -14.87
N TRP E 177 -56.23 -35.44 -14.20
CA TRP E 177 -56.26 -35.28 -12.76
C TRP E 177 -56.07 -36.55 -11.95
N LEU E 178 -56.30 -37.71 -12.57
CA LEU E 178 -56.52 -38.94 -11.80
C LEU E 178 -55.32 -39.88 -11.60
N GLY E 179 -54.10 -39.36 -11.68
CA GLY E 179 -52.92 -40.16 -11.43
C GLY E 179 -53.03 -41.13 -10.25
N GLU E 180 -53.37 -40.61 -9.08
CA GLU E 180 -53.40 -41.43 -7.86
C GLU E 180 -54.80 -41.62 -7.28
N ARG E 181 -55.83 -41.25 -8.04
CA ARG E 181 -57.21 -41.36 -7.58
C ARG E 181 -57.89 -42.62 -8.10
N VAL E 182 -57.71 -42.90 -9.39
CA VAL E 182 -58.35 -44.03 -10.04
C VAL E 182 -57.32 -45.09 -10.45
N ALA E 183 -57.58 -46.33 -10.05
CA ALA E 183 -56.66 -47.45 -10.30
C ALA E 183 -56.85 -48.03 -11.69
N ALA E 184 -55.76 -48.15 -12.44
CA ALA E 184 -55.81 -48.78 -13.75
C ALA E 184 -55.59 -50.29 -13.59
N PRO E 185 -56.62 -51.09 -13.89
CA PRO E 185 -56.64 -52.54 -13.63
C PRO E 185 -55.82 -53.36 -14.63
N ASN E 186 -55.02 -54.28 -14.12
CA ASN E 186 -54.24 -55.18 -14.96
C ASN E 186 -55.05 -56.42 -15.35
N LEU E 187 -55.21 -56.65 -16.65
CA LEU E 187 -56.07 -57.73 -17.14
C LEU E 187 -55.76 -59.11 -16.55
N LYS E 188 -54.49 -59.51 -16.61
CA LYS E 188 -54.08 -60.83 -16.11
C LYS E 188 -54.40 -61.02 -14.63
N ALA E 189 -54.02 -60.04 -13.81
CA ALA E 189 -54.29 -60.09 -12.37
C ALA E 189 -55.79 -60.25 -12.10
N VAL E 190 -56.59 -59.44 -12.79
CA VAL E 190 -58.04 -59.46 -12.62
C VAL E 190 -58.63 -60.84 -12.90
N THR E 191 -58.37 -61.38 -14.09
CA THR E 191 -58.89 -62.70 -14.44
C THR E 191 -58.37 -63.81 -13.52
N THR E 192 -57.11 -63.68 -13.10
CA THR E 192 -56.53 -64.65 -12.16
C THR E 192 -57.32 -64.64 -10.86
N ASN E 193 -57.72 -63.45 -10.42
CA ASN E 193 -58.54 -63.32 -9.22
C ASN E 193 -59.96 -63.87 -9.42
N VAL E 194 -60.51 -63.69 -10.61
CA VAL E 194 -61.82 -64.23 -10.93
C VAL E 194 -61.79 -65.73 -10.87
N ILE E 195 -60.79 -66.32 -11.51
CA ILE E 195 -60.59 -67.76 -11.50
C ILE E 195 -60.43 -68.31 -10.09
N LEU E 196 -59.57 -67.66 -9.30
CA LEU E 196 -59.24 -68.15 -7.97
C LEU E 196 -60.26 -67.80 -6.90
N GLY E 197 -60.83 -66.60 -6.99
CA GLY E 197 -61.77 -66.13 -6.00
C GLY E 197 -61.12 -65.32 -4.90
N LYS E 198 -59.97 -64.72 -5.22
CA LYS E 198 -59.23 -63.91 -4.25
C LYS E 198 -59.55 -62.42 -4.40
N THR E 199 -59.10 -61.64 -3.41
CA THR E 199 -59.33 -60.19 -3.41
C THR E 199 -58.02 -59.41 -3.57
N ALA E 200 -58.15 -58.10 -3.79
CA ALA E 200 -57.00 -57.22 -3.91
C ALA E 200 -57.39 -55.77 -3.60
N GLY E 201 -57.48 -55.46 -2.31
CA GLY E 201 -57.87 -54.13 -1.86
C GLY E 201 -56.80 -53.38 -1.12
N ASN E 202 -55.58 -53.38 -1.69
CA ASN E 202 -54.46 -52.67 -1.09
C ASN E 202 -54.07 -51.43 -1.88
N TRP E 203 -54.62 -51.30 -3.09
CA TRP E 203 -54.31 -50.18 -3.97
C TRP E 203 -54.79 -48.85 -3.39
N GLY E 204 -53.94 -47.83 -3.48
CA GLY E 204 -54.29 -46.51 -2.99
C GLY E 204 -53.45 -46.09 -1.81
N PRO E 205 -53.36 -44.78 -1.57
CA PRO E 205 -52.63 -44.22 -0.43
C PRO E 205 -53.38 -44.40 0.90
N ASN E 206 -54.58 -44.98 0.85
CA ASN E 206 -55.44 -45.09 2.03
C ASN E 206 -55.18 -46.31 2.92
N ALA E 207 -54.24 -47.16 2.52
CA ALA E 207 -53.92 -48.38 3.26
C ALA E 207 -54.10 -48.22 4.77
N THR E 208 -53.19 -47.48 5.39
CA THR E 208 -53.25 -47.23 6.83
C THR E 208 -53.21 -45.73 7.11
N PHE E 209 -54.18 -45.25 7.90
CA PHE E 209 -54.29 -43.82 8.19
C PHE E 209 -54.55 -43.55 9.66
N ARG E 210 -54.21 -42.34 10.11
CA ARG E 210 -54.53 -41.96 11.48
C ARG E 210 -55.65 -40.92 11.54
N PHE E 211 -56.27 -40.83 12.70
CA PHE E 211 -57.43 -39.97 12.91
C PHE E 211 -57.42 -39.47 14.34
N PRO E 212 -57.69 -38.18 14.53
CA PRO E 212 -57.59 -37.56 15.86
C PRO E 212 -58.56 -38.16 16.87
N ALA E 213 -58.08 -38.39 18.08
CA ALA E 213 -58.89 -38.98 19.13
C ALA E 213 -60.11 -38.14 19.46
N ARG E 214 -59.92 -36.82 19.52
CA ARG E 214 -60.99 -35.93 19.94
C ARG E 214 -61.20 -34.76 18.99
N GLY E 215 -62.46 -34.38 18.81
CA GLY E 215 -62.81 -33.20 18.06
C GLY E 215 -62.94 -33.38 16.56
N GLY E 216 -62.94 -34.63 16.12
CA GLY E 216 -62.96 -34.90 14.69
C GLY E 216 -61.70 -34.33 14.05
N THR E 217 -61.67 -34.27 12.72
CA THR E 217 -60.49 -33.72 12.06
C THR E 217 -60.35 -32.25 12.41
N GLY E 218 -61.49 -31.60 12.69
CA GLY E 218 -61.51 -30.21 13.10
C GLY E 218 -60.60 -29.93 14.27
N GLY E 219 -60.42 -30.94 15.13
CA GLY E 219 -59.58 -30.82 16.30
C GLY E 219 -58.12 -30.61 15.96
N ILE E 220 -57.71 -31.11 14.80
CA ILE E 220 -56.34 -30.95 14.34
C ILE E 220 -56.05 -29.50 14.02
N TRP E 221 -56.97 -28.87 13.29
CA TRP E 221 -56.73 -27.52 12.80
C TRP E 221 -56.91 -26.48 13.89
N ILE E 222 -57.73 -26.80 14.89
CA ILE E 222 -57.80 -25.98 16.08
C ILE E 222 -56.48 -26.04 16.84
N ALA E 223 -55.95 -27.25 17.04
CA ALA E 223 -54.66 -27.42 17.68
C ALA E 223 -53.53 -26.71 16.90
N VAL E 224 -53.48 -26.90 15.58
CA VAL E 224 -52.47 -26.27 14.76
C VAL E 224 -52.54 -24.74 14.85
N ALA E 225 -53.75 -24.21 14.81
CA ALA E 225 -53.94 -22.76 14.91
C ALA E 225 -53.49 -22.23 16.27
N ASN E 226 -53.65 -23.02 17.32
CA ASN E 226 -53.22 -22.60 18.66
C ASN E 226 -51.71 -22.43 18.79
N THR E 227 -50.95 -22.97 17.84
CA THR E 227 -49.50 -22.85 17.90
C THR E 227 -49.07 -21.49 17.34
N LEU E 228 -50.00 -20.80 16.69
CA LEU E 228 -49.74 -19.49 16.12
C LEU E 228 -49.81 -18.41 17.18
N PRO E 229 -49.01 -17.34 17.00
CA PRO E 229 -49.13 -16.20 17.90
C PRO E 229 -50.53 -15.59 17.78
N LYS E 230 -51.30 -15.66 18.87
CA LYS E 230 -52.70 -15.26 18.87
C LYS E 230 -52.91 -13.87 18.28
N GLU E 231 -52.00 -12.95 18.57
CA GLU E 231 -52.18 -11.55 18.17
C GLU E 231 -52.01 -11.34 16.67
N LYS E 232 -51.50 -12.35 15.98
CA LYS E 232 -51.32 -12.27 14.53
C LYS E 232 -52.51 -12.89 13.79
N THR E 233 -53.47 -13.41 14.55
CA THR E 233 -54.68 -13.95 13.96
C THR E 233 -55.88 -13.05 14.24
N ARG E 234 -56.89 -13.17 13.38
CA ARG E 234 -58.11 -12.39 13.51
C ARG E 234 -59.25 -13.23 12.97
N PHE E 235 -59.83 -14.05 13.84
CA PHE E 235 -60.87 -15.00 13.43
C PHE E 235 -62.24 -14.59 13.94
N GLY E 236 -63.25 -14.79 13.10
CA GLY E 236 -64.62 -14.46 13.44
C GLY E 236 -65.12 -13.32 12.58
N GLU E 237 -66.25 -12.74 12.98
CA GLU E 237 -66.84 -11.64 12.24
C GLU E 237 -65.84 -10.51 12.02
N LYS E 238 -64.93 -10.34 12.98
CA LYS E 238 -63.95 -9.27 12.91
C LYS E 238 -62.94 -9.51 11.80
N GLY E 239 -62.84 -10.76 11.35
CA GLY E 239 -61.86 -11.12 10.34
C GLY E 239 -62.44 -11.41 8.98
N LYS E 240 -63.73 -11.17 8.79
CA LYS E 240 -64.37 -11.40 7.49
C LYS E 240 -63.90 -10.37 6.48
N VAL E 241 -63.28 -10.84 5.40
CA VAL E 241 -62.88 -9.95 4.33
C VAL E 241 -64.11 -9.63 3.48
N THR E 242 -64.29 -8.36 3.15
CA THR E 242 -65.43 -7.96 2.36
C THR E 242 -64.98 -7.26 1.09
N LYS E 243 -63.71 -6.85 1.08
CA LYS E 243 -63.18 -6.07 -0.02
C LYS E 243 -61.67 -6.26 -0.23
N VAL E 244 -61.28 -6.57 -1.46
CA VAL E 244 -59.88 -6.64 -1.83
C VAL E 244 -59.57 -5.61 -2.89
N ASN E 245 -58.73 -4.64 -2.56
CA ASN E 245 -58.32 -3.62 -3.51
C ASN E 245 -56.94 -3.91 -4.06
N ALA E 246 -56.90 -4.70 -5.12
CA ALA E 246 -55.64 -5.15 -5.72
C ALA E 246 -54.73 -4.00 -6.12
N ASN E 247 -55.32 -2.92 -6.62
CA ASN E 247 -54.55 -1.80 -7.16
C ASN E 247 -53.69 -1.05 -6.15
N ASN E 248 -54.21 -0.84 -4.94
CA ASN E 248 -53.39 -0.25 -3.88
C ASN E 248 -53.13 -1.22 -2.73
N LYS E 249 -53.34 -2.50 -2.97
CA LYS E 249 -52.98 -3.56 -2.04
C LYS E 249 -53.51 -3.35 -0.62
N THR E 250 -54.82 -3.13 -0.50
CA THR E 250 -55.45 -3.04 0.80
C THR E 250 -56.73 -3.86 0.85
N VAL E 251 -56.88 -4.61 1.93
CA VAL E 251 -58.08 -5.40 2.16
C VAL E 251 -58.97 -4.67 3.15
N THR E 252 -60.28 -4.88 3.06
CA THR E 252 -61.19 -4.28 4.02
C THR E 252 -62.03 -5.37 4.67
N LEU E 253 -62.17 -5.29 5.99
CA LEU E 253 -62.95 -6.28 6.72
C LEU E 253 -64.37 -5.80 7.02
N GLN E 254 -65.22 -6.74 7.41
CA GLN E 254 -66.61 -6.46 7.73
C GLN E 254 -66.74 -5.31 8.73
N ASP E 255 -65.83 -5.27 9.68
CA ASP E 255 -65.90 -4.24 10.73
C ASP E 255 -65.24 -2.94 10.31
N GLY E 256 -64.89 -2.84 9.03
CA GLY E 256 -64.33 -1.61 8.48
C GLY E 256 -62.82 -1.49 8.57
N THR E 257 -62.20 -2.45 9.24
CA THR E 257 -60.75 -2.48 9.36
C THR E 257 -60.08 -2.64 8.01
N THR E 258 -59.05 -1.82 7.75
CA THR E 258 -58.30 -1.91 6.52
C THR E 258 -56.90 -2.47 6.75
N ILE E 259 -56.53 -3.46 5.94
CA ILE E 259 -55.21 -4.06 6.04
C ILE E 259 -54.42 -3.84 4.75
N GLY E 260 -53.23 -3.24 4.89
CA GLY E 260 -52.35 -3.09 3.75
C GLY E 260 -51.37 -4.25 3.72
N TYR E 261 -51.08 -4.74 2.52
CA TYR E 261 -50.16 -5.87 2.36
C TYR E 261 -49.20 -5.63 1.22
N LYS E 262 -48.07 -6.34 1.25
CA LYS E 262 -47.17 -6.36 0.12
C LYS E 262 -47.46 -7.58 -0.75
N LYS E 263 -47.76 -8.70 -0.10
CA LYS E 263 -48.06 -9.93 -0.81
C LYS E 263 -49.30 -10.58 -0.18
N LEU E 264 -50.24 -10.98 -1.03
CA LEU E 264 -51.49 -11.57 -0.55
C LEU E 264 -51.61 -13.05 -0.88
N VAL E 265 -51.80 -13.86 0.16
CA VAL E 265 -52.14 -15.27 -0.02
C VAL E 265 -53.63 -15.41 0.28
N SER E 266 -54.43 -15.61 -0.75
CA SER E 266 -55.87 -15.74 -0.61
C SER E 266 -56.33 -17.19 -0.78
N THR E 267 -57.00 -17.73 0.23
CA THR E 267 -57.45 -19.12 0.18
C THR E 267 -58.96 -19.25 0.11
N MET E 268 -59.64 -18.13 -0.07
CA MET E 268 -61.09 -18.17 -0.30
C MET E 268 -61.31 -18.63 -1.74
N ALA E 269 -62.49 -19.16 -2.02
CA ALA E 269 -62.82 -19.58 -3.37
C ALA E 269 -62.47 -18.47 -4.36
N VAL E 270 -61.73 -18.81 -5.42
CA VAL E 270 -61.21 -17.81 -6.34
C VAL E 270 -62.32 -17.01 -7.01
N ASP E 271 -63.49 -17.62 -7.20
CA ASP E 271 -64.63 -16.90 -7.75
C ASP E 271 -65.11 -15.82 -6.79
N PHE E 272 -65.12 -16.12 -5.49
CA PHE E 272 -65.49 -15.14 -4.47
C PHE E 272 -64.46 -14.03 -4.43
N LEU E 273 -63.21 -14.40 -4.68
CA LEU E 273 -62.11 -13.44 -4.65
C LEU E 273 -62.24 -12.39 -5.74
N ALA E 274 -62.39 -12.84 -6.99
CA ALA E 274 -62.63 -11.91 -8.10
C ALA E 274 -63.78 -10.97 -7.76
N GLU E 275 -64.83 -11.51 -7.17
CA GLU E 275 -65.99 -10.72 -6.80
C GLU E 275 -65.59 -9.63 -5.81
N ALA E 276 -64.85 -10.02 -4.78
CA ALA E 276 -64.41 -9.08 -3.75
C ALA E 276 -63.38 -8.07 -4.29
N MET E 277 -62.81 -8.37 -5.46
CA MET E 277 -61.86 -7.47 -6.10
C MET E 277 -62.61 -6.48 -6.99
N ASN E 278 -63.85 -6.82 -7.30
CA ASN E 278 -64.62 -6.09 -8.31
C ASN E 278 -63.86 -6.01 -9.62
N ASP E 279 -63.07 -7.05 -9.89
CA ASP E 279 -62.33 -7.17 -11.14
C ASP E 279 -63.19 -7.94 -12.14
N GLN E 280 -63.76 -7.22 -13.11
CA GLN E 280 -64.71 -7.79 -14.06
C GLN E 280 -64.13 -8.92 -14.90
N GLU E 281 -62.89 -8.73 -15.36
CA GLU E 281 -62.23 -9.73 -16.18
C GLU E 281 -62.10 -11.07 -15.45
N LEU E 282 -61.66 -11.02 -14.20
CA LEU E 282 -61.45 -12.21 -13.40
C LEU E 282 -62.76 -12.89 -13.04
N VAL E 283 -63.75 -12.09 -12.67
CA VAL E 283 -65.07 -12.62 -12.37
C VAL E 283 -65.57 -13.44 -13.55
N GLY E 284 -65.42 -12.90 -14.76
CA GLY E 284 -65.86 -13.59 -15.95
C GLY E 284 -65.10 -14.88 -16.14
N LEU E 285 -63.79 -14.82 -15.89
CA LEU E 285 -62.94 -15.99 -16.00
C LEU E 285 -63.33 -17.06 -15.00
N THR E 286 -63.50 -16.67 -13.74
CA THR E 286 -63.83 -17.63 -12.70
C THR E 286 -65.18 -18.28 -12.93
N LYS E 287 -66.06 -17.61 -13.66
CA LYS E 287 -67.37 -18.17 -13.95
C LYS E 287 -67.27 -19.28 -15.00
N GLN E 288 -66.09 -19.41 -15.60
CA GLN E 288 -65.84 -20.51 -16.52
C GLN E 288 -65.49 -21.78 -15.75
N LEU E 289 -65.22 -21.63 -14.46
CA LEU E 289 -64.95 -22.79 -13.59
C LEU E 289 -66.26 -23.46 -13.22
N PHE E 290 -66.17 -24.66 -12.68
CA PHE E 290 -67.37 -25.40 -12.27
C PHE E 290 -67.15 -26.12 -10.93
N TYR E 291 -68.19 -26.21 -10.12
CA TYR E 291 -68.09 -26.88 -8.83
C TYR E 291 -69.39 -27.55 -8.41
N SER E 292 -69.26 -28.55 -7.55
CA SER E 292 -70.44 -29.21 -7.00
C SER E 292 -70.59 -28.87 -5.51
N SER E 293 -71.83 -28.76 -5.05
CA SER E 293 -72.11 -28.59 -3.63
C SER E 293 -72.18 -29.96 -2.96
N THR E 294 -71.94 -29.99 -1.67
CA THR E 294 -71.94 -31.24 -0.92
C THR E 294 -72.90 -31.18 0.25
N HIS E 295 -73.85 -32.12 0.29
CA HIS E 295 -74.73 -32.28 1.43
C HIS E 295 -74.15 -33.32 2.35
N VAL E 296 -73.82 -32.91 3.58
CA VAL E 296 -73.36 -33.86 4.59
C VAL E 296 -74.51 -34.25 5.50
N ILE E 297 -74.81 -35.55 5.54
CA ILE E 297 -75.92 -36.05 6.35
C ILE E 297 -75.41 -36.97 7.44
N GLY E 298 -75.71 -36.63 8.68
CA GLY E 298 -75.27 -37.44 9.81
C GLY E 298 -76.43 -38.19 10.43
N VAL E 299 -76.19 -39.44 10.82
CA VAL E 299 -77.23 -40.23 11.46
C VAL E 299 -76.71 -40.97 12.69
N GLY E 300 -77.19 -40.55 13.86
CA GLY E 300 -76.86 -41.21 15.11
C GLY E 300 -77.85 -42.33 15.37
N VAL E 301 -77.34 -43.52 15.68
CA VAL E 301 -78.19 -44.68 15.89
C VAL E 301 -77.83 -45.43 17.18
N ARG E 302 -78.85 -45.85 17.91
CA ARG E 302 -78.65 -46.58 19.16
C ARG E 302 -78.38 -48.07 18.91
N GLY E 303 -77.51 -48.62 19.74
CA GLY E 303 -77.16 -50.01 19.72
C GLY E 303 -75.70 -50.36 19.55
N SER E 304 -75.35 -51.59 19.85
CA SER E 304 -73.99 -52.02 19.63
C SER E 304 -73.74 -52.02 18.12
N ARG E 305 -72.48 -51.90 17.72
CA ARG E 305 -72.14 -51.86 16.29
C ARG E 305 -72.54 -53.17 15.63
N PRO E 306 -73.58 -53.15 14.78
CA PRO E 306 -74.06 -54.36 14.11
C PRO E 306 -72.91 -55.10 13.45
N GLU E 307 -72.91 -56.42 13.54
CA GLU E 307 -71.86 -57.22 12.95
C GLU E 307 -71.91 -57.07 11.43
N ARG E 308 -73.09 -56.74 10.91
CA ARG E 308 -73.26 -56.55 9.47
C ARG E 308 -72.45 -55.35 9.00
N ILE E 309 -72.30 -54.36 9.87
CA ILE E 309 -71.48 -53.19 9.58
C ILE E 309 -70.00 -53.51 9.74
N GLY E 310 -69.65 -54.14 10.84
CA GLY E 310 -68.26 -54.53 11.09
C GLY E 310 -67.35 -53.34 11.22
N ASP E 311 -66.08 -53.53 10.85
CA ASP E 311 -65.09 -52.46 10.95
C ASP E 311 -64.93 -51.70 9.64
N LYS E 312 -65.97 -51.77 8.80
CA LYS E 312 -66.02 -50.97 7.59
C LYS E 312 -65.76 -49.50 7.91
N CYS E 313 -64.97 -48.84 7.06
CA CYS E 313 -64.65 -47.43 7.26
C CYS E 313 -65.50 -46.53 6.38
N TRP E 314 -65.29 -46.60 5.07
CA TRP E 314 -66.13 -45.86 4.13
C TRP E 314 -66.56 -46.70 2.93
N LEU E 315 -67.79 -46.46 2.45
CA LEU E 315 -68.41 -47.33 1.47
C LEU E 315 -68.95 -46.54 0.29
N TYR E 316 -68.73 -47.05 -0.92
CA TYR E 316 -69.17 -46.37 -2.15
C TYR E 316 -70.46 -46.96 -2.71
N PHE E 317 -71.35 -46.09 -3.18
CA PHE E 317 -72.68 -46.51 -3.62
C PHE E 317 -73.02 -46.06 -5.04
N PRO E 318 -72.59 -46.83 -6.03
CA PRO E 318 -72.84 -46.55 -7.45
C PRO E 318 -74.31 -46.68 -7.86
N GLU E 319 -75.04 -47.62 -7.26
CA GLU E 319 -76.42 -47.89 -7.66
C GLU E 319 -77.39 -46.78 -7.26
N ASP E 320 -78.61 -46.82 -7.82
CA ASP E 320 -79.57 -45.73 -7.64
C ASP E 320 -80.61 -45.98 -6.54
N ASN E 321 -80.32 -46.93 -5.65
CA ASN E 321 -81.24 -47.21 -4.55
C ASN E 321 -80.97 -46.33 -3.33
N CYS E 322 -80.02 -45.41 -3.49
CA CYS E 322 -79.69 -44.44 -2.45
C CYS E 322 -79.08 -43.20 -3.09
N PRO E 323 -79.41 -42.01 -2.57
CA PRO E 323 -78.98 -40.73 -3.15
C PRO E 323 -77.52 -40.39 -2.86
N PHE E 324 -76.95 -41.00 -1.82
CA PHE E 324 -75.58 -40.70 -1.44
C PHE E 324 -74.55 -41.54 -2.19
N TYR E 325 -73.42 -40.93 -2.53
CA TYR E 325 -72.36 -41.64 -3.23
C TYR E 325 -71.40 -42.33 -2.25
N ARG E 326 -71.41 -41.88 -1.00
CA ARG E 326 -70.52 -42.45 0.00
C ARG E 326 -71.11 -42.43 1.40
N ALA E 327 -70.69 -43.39 2.21
CA ALA E 327 -71.09 -43.49 3.61
C ALA E 327 -69.89 -43.88 4.45
N THR E 328 -69.80 -43.29 5.64
CA THR E 328 -68.70 -43.56 6.55
C THR E 328 -69.24 -44.04 7.87
N ILE E 329 -68.68 -45.12 8.40
CA ILE E 329 -69.02 -45.55 9.74
C ILE E 329 -68.18 -44.73 10.71
N PHE E 330 -68.51 -43.46 10.84
CA PHE E 330 -67.70 -42.49 11.58
C PHE E 330 -67.44 -42.94 13.01
N SER E 331 -68.36 -43.73 13.55
CA SER E 331 -68.24 -44.19 14.93
C SER E 331 -67.07 -45.15 15.11
N ASN E 332 -66.47 -45.58 14.00
CA ASN E 332 -65.35 -46.50 14.07
C ASN E 332 -64.00 -45.82 14.24
N TYR E 333 -63.91 -44.57 13.78
CA TYR E 333 -62.65 -43.82 13.83
C TYR E 333 -62.25 -43.46 15.26
N SER E 334 -63.21 -43.01 16.05
CA SER E 334 -62.95 -42.67 17.43
C SER E 334 -64.20 -42.89 18.29
N PRO E 335 -64.01 -43.34 19.54
CA PRO E 335 -65.12 -43.53 20.47
C PRO E 335 -65.67 -42.18 20.94
N TYR E 336 -64.96 -41.11 20.62
CA TYR E 336 -65.36 -39.77 21.04
C TYR E 336 -66.08 -39.00 19.95
N ASN E 337 -66.55 -39.71 18.93
CA ASN E 337 -67.35 -39.08 17.88
C ASN E 337 -68.83 -39.19 18.18
N GLN E 338 -69.16 -40.00 19.19
CA GLN E 338 -70.53 -40.19 19.65
C GLN E 338 -70.55 -40.27 21.18
N PRO E 339 -71.73 -40.09 21.78
CA PRO E 339 -71.88 -40.13 23.24
C PRO E 339 -71.46 -41.48 23.83
N GLU E 340 -71.11 -41.50 25.11
CA GLU E 340 -70.80 -42.75 25.80
C GLU E 340 -72.08 -43.57 25.96
N ALA E 341 -71.93 -44.84 26.27
CA ALA E 341 -73.09 -45.72 26.44
C ALA E 341 -74.01 -45.25 27.57
N SER E 342 -73.41 -44.73 28.65
CA SER E 342 -74.17 -44.30 29.81
C SER E 342 -75.10 -43.12 29.53
N LYS E 343 -74.80 -42.33 28.49
CA LYS E 343 -75.63 -41.20 28.13
C LYS E 343 -77.00 -41.67 27.66
N LYS E 344 -78.06 -41.02 28.15
CA LYS E 344 -79.43 -41.39 27.79
C LYS E 344 -80.02 -40.44 26.75
N LEU E 345 -80.57 -41.02 25.69
CA LEU E 345 -81.20 -40.25 24.62
C LEU E 345 -82.51 -40.88 24.17
N PRO E 346 -83.52 -40.04 23.90
CA PRO E 346 -84.78 -40.54 23.34
C PRO E 346 -84.61 -40.88 21.87
N THR E 347 -85.34 -41.87 21.38
CA THR E 347 -85.33 -42.18 19.95
C THR E 347 -86.15 -41.15 19.18
N MET E 348 -85.61 -40.67 18.07
CA MET E 348 -86.31 -39.67 17.27
C MET E 348 -87.22 -40.33 16.25
N GLN E 349 -86.76 -41.45 15.71
CA GLN E 349 -87.52 -42.18 14.70
C GLN E 349 -86.84 -43.52 14.42
N LEU E 350 -87.53 -44.36 13.66
CA LEU E 350 -86.96 -45.63 13.23
C LEU E 350 -86.46 -45.49 11.79
N ALA E 351 -85.56 -46.37 11.40
CA ALA E 351 -84.95 -46.31 10.08
C ALA E 351 -86.00 -46.28 8.96
N ASP E 352 -87.16 -46.89 9.24
CA ASP E 352 -88.26 -46.91 8.26
C ASP E 352 -89.06 -45.61 8.27
N GLY E 353 -88.75 -44.73 9.22
CA GLY E 353 -89.32 -43.39 9.24
C GLY E 353 -90.51 -43.25 10.17
N SER E 354 -90.93 -44.36 10.75
CA SER E 354 -92.08 -44.35 11.66
C SER E 354 -91.68 -43.82 13.04
N ARG E 355 -92.70 -43.55 13.87
CA ARG E 355 -92.47 -43.08 15.23
C ARG E 355 -91.99 -44.21 16.15
N PRO E 356 -91.21 -43.86 17.18
CA PRO E 356 -90.68 -44.87 18.09
C PRO E 356 -91.76 -45.38 19.03
N GLN E 357 -91.65 -46.63 19.44
CA GLN E 357 -92.62 -47.21 20.38
C GLN E 357 -92.45 -46.61 21.77
N SER E 358 -91.37 -45.86 21.98
CA SER E 358 -91.09 -45.26 23.27
C SER E 358 -90.24 -43.99 23.15
N THR E 359 -90.75 -42.87 23.67
CA THR E 359 -90.06 -41.59 23.58
C THR E 359 -89.27 -41.26 24.85
N GLU E 360 -89.07 -42.28 25.69
CA GLU E 360 -88.29 -42.10 26.90
C GLU E 360 -86.79 -42.17 26.60
N ALA E 361 -86.01 -41.37 27.31
CA ALA E 361 -84.57 -41.36 27.12
C ALA E 361 -83.93 -42.66 27.60
N LYS E 362 -83.46 -43.47 26.66
CA LYS E 362 -82.81 -44.73 26.98
C LYS E 362 -81.30 -44.63 26.82
N GLU E 363 -80.59 -45.60 27.38
CA GLU E 363 -79.13 -45.65 27.26
C GLU E 363 -78.66 -46.09 25.89
N GLY E 364 -77.35 -46.00 25.66
CA GLY E 364 -76.75 -46.49 24.44
C GLY E 364 -76.37 -47.96 24.58
N PRO E 365 -75.22 -48.35 24.04
CA PRO E 365 -74.27 -47.47 23.34
C PRO E 365 -74.75 -47.03 21.96
N TYR E 366 -73.90 -46.33 21.24
CA TYR E 366 -74.27 -45.75 19.95
C TYR E 366 -73.24 -46.00 18.86
N TRP E 367 -73.68 -45.93 17.61
CA TRP E 367 -72.80 -45.88 16.46
C TRP E 367 -73.27 -44.79 15.49
N SER E 368 -72.40 -44.37 14.59
CA SER E 368 -72.71 -43.23 13.74
C SER E 368 -72.45 -43.49 12.26
N ILE E 369 -73.35 -42.97 11.41
CA ILE E 369 -73.17 -43.04 9.96
C ILE E 369 -73.13 -41.64 9.36
N MET E 370 -72.23 -41.42 8.41
CA MET E 370 -72.11 -40.13 7.75
C MET E 370 -72.19 -40.27 6.23
N LEU E 371 -73.09 -39.52 5.62
CA LEU E 371 -73.38 -39.64 4.20
C LEU E 371 -73.04 -38.37 3.44
N GLU E 372 -72.71 -38.52 2.16
CA GLU E 372 -72.49 -37.37 1.29
C GLU E 372 -73.34 -37.48 0.04
N VAL E 373 -74.01 -36.38 -0.30
CA VAL E 373 -74.79 -36.32 -1.53
C VAL E 373 -74.36 -35.07 -2.30
N SER E 374 -74.12 -35.22 -3.61
CA SER E 374 -73.63 -34.11 -4.39
C SER E 374 -74.76 -33.33 -5.03
N GLU E 375 -74.48 -32.06 -5.33
CA GLU E 375 -75.44 -31.18 -5.98
C GLU E 375 -74.76 -30.28 -7.01
N SER E 376 -75.40 -30.10 -8.16
CA SER E 376 -74.94 -29.15 -9.16
C SER E 376 -76.08 -28.72 -10.06
N SER E 377 -75.78 -27.79 -10.98
CA SER E 377 -76.77 -27.36 -11.95
C SER E 377 -77.26 -28.55 -12.76
N MET E 378 -76.41 -29.55 -12.91
CA MET E 378 -76.74 -30.75 -13.67
C MET E 378 -77.34 -31.85 -12.80
N LYS E 379 -77.43 -31.61 -11.50
CA LYS E 379 -77.95 -32.62 -10.59
C LYS E 379 -78.54 -31.99 -9.33
N PRO E 380 -79.76 -31.46 -9.46
CA PRO E 380 -80.40 -30.77 -8.32
C PRO E 380 -80.75 -31.76 -7.22
N VAL E 381 -80.87 -31.27 -5.99
CA VAL E 381 -81.32 -32.09 -4.86
C VAL E 381 -82.27 -31.30 -3.98
N ASN E 382 -83.32 -31.98 -3.50
CA ASN E 382 -84.33 -31.37 -2.66
C ASN E 382 -83.93 -31.43 -1.19
N GLN E 383 -83.56 -30.28 -0.64
CA GLN E 383 -83.07 -30.22 0.75
C GLN E 383 -84.08 -30.76 1.77
N GLU E 384 -85.34 -30.41 1.60
CA GLU E 384 -86.35 -30.75 2.60
C GLU E 384 -86.68 -32.25 2.62
N THR E 385 -86.27 -32.98 1.59
CA THR E 385 -86.51 -34.42 1.56
C THR E 385 -85.23 -35.23 1.68
N ILE E 386 -84.08 -34.59 1.44
CA ILE E 386 -82.81 -35.32 1.35
C ILE E 386 -82.47 -36.16 2.59
N LEU E 387 -82.63 -35.59 3.78
CA LEU E 387 -82.37 -36.35 5.00
C LEU E 387 -83.18 -37.64 5.00
N ALA E 388 -84.48 -37.51 4.76
CA ALA E 388 -85.37 -38.66 4.72
C ALA E 388 -84.93 -39.65 3.66
N ASP E 389 -84.77 -39.17 2.43
CA ASP E 389 -84.33 -40.03 1.33
C ASP E 389 -83.07 -40.79 1.73
N CYS E 390 -82.10 -40.07 2.27
CA CYS E 390 -80.84 -40.69 2.71
C CYS E 390 -81.09 -41.84 3.67
N ILE E 391 -81.94 -41.62 4.66
CA ILE E 391 -82.26 -42.66 5.62
C ILE E 391 -82.89 -43.86 4.92
N GLN E 392 -83.81 -43.61 4.00
CA GLN E 392 -84.41 -44.67 3.21
C GLN E 392 -83.34 -45.47 2.50
N GLY E 393 -82.41 -44.74 1.89
CA GLY E 393 -81.29 -45.38 1.20
C GLY E 393 -80.52 -46.30 2.12
N LEU E 394 -80.34 -45.88 3.37
CA LEU E 394 -79.66 -46.71 4.36
C LEU E 394 -80.40 -48.02 4.56
N VAL E 395 -81.73 -47.96 4.49
CA VAL E 395 -82.56 -49.14 4.55
C VAL E 395 -82.34 -50.01 3.32
N ASN E 396 -82.58 -49.44 2.13
CA ASN E 396 -82.45 -50.16 0.86
C ASN E 396 -81.10 -50.86 0.70
N THR E 397 -80.06 -50.25 1.24
CA THR E 397 -78.71 -50.80 1.14
C THR E 397 -78.40 -51.72 2.32
N GLU E 398 -79.39 -51.90 3.19
CA GLU E 398 -79.25 -52.75 4.36
C GLU E 398 -78.15 -52.25 5.29
N MET E 399 -77.92 -50.94 5.26
CA MET E 399 -77.05 -50.28 6.23
C MET E 399 -77.79 -50.19 7.55
N LEU E 400 -79.11 -49.97 7.47
CA LEU E 400 -79.98 -49.90 8.64
C LEU E 400 -81.19 -50.83 8.49
N LYS E 401 -81.50 -51.57 9.55
CA LYS E 401 -82.75 -52.33 9.61
C LYS E 401 -83.88 -51.35 9.87
N PRO E 402 -85.05 -51.59 9.25
CA PRO E 402 -86.17 -50.64 9.42
C PRO E 402 -86.51 -50.41 10.89
N THR E 403 -86.01 -51.29 11.76
CA THR E 403 -86.30 -51.22 13.19
C THR E 403 -85.28 -50.41 13.97
N ASP E 404 -84.10 -50.21 13.40
CA ASP E 404 -83.03 -49.45 14.06
C ASP E 404 -83.51 -48.10 14.60
N GLU E 405 -83.03 -47.75 15.79
CA GLU E 405 -83.46 -46.53 16.46
C GLU E 405 -82.54 -45.35 16.18
N ILE E 406 -83.04 -44.39 15.40
CA ILE E 406 -82.27 -43.18 15.12
C ILE E 406 -82.37 -42.19 16.27
N VAL E 407 -81.21 -41.85 16.83
CA VAL E 407 -81.13 -40.97 17.99
C VAL E 407 -80.84 -39.51 17.59
N SER E 408 -80.05 -39.33 16.55
CA SER E 408 -79.67 -37.99 16.12
C SER E 408 -79.68 -37.84 14.61
N THR E 409 -79.90 -36.62 14.14
CA THR E 409 -79.81 -36.32 12.71
C THR E 409 -79.02 -35.04 12.45
N TYR E 410 -78.21 -35.06 11.40
CA TYR E 410 -77.41 -33.91 11.02
C TYR E 410 -77.50 -33.72 9.52
N HIS E 411 -77.73 -32.48 9.09
CA HIS E 411 -77.70 -32.15 7.67
C HIS E 411 -77.21 -30.73 7.45
N ARG E 412 -76.22 -30.58 6.59
CA ARG E 412 -75.68 -29.28 6.24
C ARG E 412 -75.24 -29.28 4.79
N ARG E 413 -75.50 -28.20 4.08
CA ARG E 413 -75.12 -28.08 2.68
C ARG E 413 -73.95 -27.12 2.51
N PHE E 414 -72.86 -27.60 1.93
CA PHE E 414 -71.70 -26.75 1.68
C PHE E 414 -71.69 -26.34 0.22
N ASP E 415 -71.86 -25.04 -0.04
CA ASP E 415 -71.98 -24.54 -1.39
C ASP E 415 -70.80 -24.94 -2.27
N HIS E 416 -69.59 -24.65 -1.82
CA HIS E 416 -68.38 -25.08 -2.53
C HIS E 416 -67.83 -26.35 -1.90
N GLY E 417 -68.15 -27.50 -2.49
CA GLY E 417 -67.72 -28.78 -1.97
C GLY E 417 -66.57 -29.38 -2.77
N TYR E 418 -66.81 -29.64 -4.05
CA TYR E 418 -65.79 -30.20 -4.92
C TYR E 418 -65.50 -29.27 -6.08
N PRO E 419 -64.21 -28.92 -6.27
CA PRO E 419 -63.80 -28.22 -7.49
C PRO E 419 -63.81 -29.23 -8.63
N THR E 420 -64.69 -29.03 -9.60
CA THR E 420 -64.86 -30.02 -10.66
C THR E 420 -63.75 -29.93 -11.70
N PRO E 421 -63.07 -31.05 -11.95
CA PRO E 421 -62.04 -31.15 -12.99
C PRO E 421 -62.68 -31.20 -14.36
N THR E 422 -63.37 -30.12 -14.75
CA THR E 422 -64.03 -30.07 -16.03
C THR E 422 -63.01 -29.92 -17.15
N LEU E 423 -63.44 -30.20 -18.37
CA LEU E 423 -62.57 -30.06 -19.53
C LEU E 423 -62.09 -28.62 -19.65
N GLU E 424 -62.93 -27.68 -19.20
CA GLU E 424 -62.67 -26.27 -19.33
C GLU E 424 -61.73 -25.71 -18.25
N ARG E 425 -61.53 -26.50 -17.20
CA ARG E 425 -60.83 -26.02 -16.00
C ARG E 425 -59.52 -25.28 -16.29
N GLU E 426 -58.58 -25.97 -16.92
CA GLU E 426 -57.24 -25.42 -17.09
C GLU E 426 -57.22 -24.17 -17.97
N GLY E 427 -58.08 -24.15 -18.99
CA GLY E 427 -58.20 -22.99 -19.85
C GLY E 427 -58.46 -21.73 -19.04
N ALA E 428 -59.23 -21.88 -17.97
CA ALA E 428 -59.54 -20.76 -17.09
C ALA E 428 -58.42 -20.52 -16.08
N LEU E 429 -58.02 -21.57 -15.37
CA LEU E 429 -57.00 -21.44 -14.34
C LEU E 429 -55.69 -20.89 -14.88
N THR E 430 -55.32 -21.26 -16.10
CA THR E 430 -54.06 -20.79 -16.66
C THR E 430 -54.14 -19.32 -17.06
N GLN E 431 -55.33 -18.76 -16.97
CA GLN E 431 -55.49 -17.31 -17.11
C GLN E 431 -55.69 -16.67 -15.73
N ILE E 432 -56.66 -17.18 -14.99
CA ILE E 432 -56.98 -16.65 -13.67
C ILE E 432 -55.75 -16.53 -12.77
N LEU E 433 -55.02 -17.62 -12.58
CA LEU E 433 -53.95 -17.67 -11.58
C LEU E 433 -52.79 -16.73 -11.88
N PRO E 434 -52.30 -16.74 -13.13
CA PRO E 434 -51.19 -15.87 -13.49
C PRO E 434 -51.58 -14.39 -13.36
N LYS E 435 -52.76 -14.04 -13.83
CA LYS E 435 -53.23 -12.66 -13.74
C LYS E 435 -53.29 -12.21 -12.28
N LEU E 436 -53.68 -13.11 -11.39
CA LEU E 436 -53.72 -12.82 -9.96
C LEU E 436 -52.31 -12.65 -9.40
N GLN E 437 -51.36 -13.41 -9.94
CA GLN E 437 -50.01 -13.36 -9.41
C GLN E 437 -49.28 -12.10 -9.88
N ASP E 438 -49.72 -11.55 -10.99
CA ASP E 438 -49.16 -10.31 -11.50
C ASP E 438 -49.54 -9.16 -10.56
N LYS E 439 -50.56 -9.38 -9.75
CA LYS E 439 -51.02 -8.39 -8.80
C LYS E 439 -50.49 -8.73 -7.42
N ASP E 440 -49.49 -9.61 -7.37
CA ASP E 440 -48.92 -10.09 -6.12
C ASP E 440 -49.97 -10.78 -5.26
N ILE E 441 -50.87 -11.52 -5.90
CA ILE E 441 -51.87 -12.29 -5.17
C ILE E 441 -51.73 -13.78 -5.43
N TRP E 442 -51.33 -14.52 -4.40
CA TRP E 442 -51.24 -15.97 -4.47
C TRP E 442 -52.55 -16.60 -4.06
N SER E 443 -53.35 -17.04 -5.03
CA SER E 443 -54.62 -17.68 -4.75
C SER E 443 -54.42 -19.19 -4.72
N ARG E 444 -54.56 -19.80 -3.55
CA ARG E 444 -54.22 -21.20 -3.37
C ARG E 444 -55.23 -21.93 -2.52
N GLY E 445 -55.38 -23.23 -2.77
CA GLY E 445 -56.28 -24.07 -1.98
C GLY E 445 -57.29 -24.82 -2.82
N ARG E 446 -58.14 -25.59 -2.16
CA ARG E 446 -59.17 -26.38 -2.83
C ARG E 446 -60.05 -25.54 -3.77
N PHE E 447 -60.38 -24.33 -3.35
CA PHE E 447 -61.08 -23.40 -4.23
C PHE E 447 -60.26 -22.15 -4.47
N GLY E 448 -59.16 -22.03 -3.75
CA GLY E 448 -58.20 -20.97 -4.00
C GLY E 448 -57.58 -21.17 -5.35
N SER E 449 -57.13 -22.40 -5.62
CA SER E 449 -56.55 -22.74 -6.92
C SER E 449 -57.34 -23.83 -7.68
N TRP E 450 -58.36 -24.38 -7.04
CA TRP E 450 -59.39 -25.14 -7.74
C TRP E 450 -58.96 -26.47 -8.35
N ARG E 451 -57.83 -27.02 -7.92
CA ARG E 451 -57.37 -28.28 -8.49
C ARG E 451 -57.53 -29.46 -7.54
N TYR E 452 -58.52 -30.30 -7.82
CA TYR E 452 -58.88 -31.41 -6.95
C TYR E 452 -57.74 -32.41 -6.75
N GLU E 453 -56.94 -32.67 -7.79
CA GLU E 453 -55.85 -33.65 -7.72
C GLU E 453 -54.95 -33.34 -6.55
N VAL E 454 -55.01 -32.09 -6.13
CA VAL E 454 -54.09 -31.63 -5.14
C VAL E 454 -54.91 -30.80 -4.14
N GLY E 455 -56.07 -31.34 -3.79
CA GLY E 455 -57.04 -30.63 -2.98
C GLY E 455 -57.37 -31.31 -1.65
N ASN E 456 -56.55 -32.27 -1.25
CA ASN E 456 -56.68 -32.85 0.08
C ASN E 456 -56.07 -31.94 1.16
N GLN E 457 -56.30 -32.27 2.42
CA GLN E 457 -55.82 -31.43 3.51
C GLN E 457 -54.32 -31.20 3.45
N ASP E 458 -53.55 -32.27 3.28
CA ASP E 458 -52.10 -32.13 3.19
C ASP E 458 -51.70 -31.31 1.96
N HIS E 459 -52.33 -31.59 0.81
CA HIS E 459 -52.08 -30.82 -0.39
C HIS E 459 -52.34 -29.33 -0.14
N SER E 460 -53.50 -29.06 0.46
CA SER E 460 -53.93 -27.70 0.71
C SER E 460 -53.00 -26.98 1.68
N PHE E 461 -52.74 -27.62 2.81
CA PHE E 461 -51.82 -27.09 3.79
C PHE E 461 -50.52 -26.69 3.09
N MET E 462 -50.05 -27.55 2.19
CA MET E 462 -48.78 -27.32 1.53
C MET E 462 -48.87 -26.25 0.46
N LEU E 463 -50.06 -26.13 -0.15
CA LEU E 463 -50.27 -25.06 -1.12
C LEU E 463 -50.02 -23.72 -0.47
N GLY E 464 -50.39 -23.60 0.80
CA GLY E 464 -50.12 -22.40 1.57
C GLY E 464 -48.65 -22.32 1.92
N VAL E 465 -48.12 -23.40 2.47
CA VAL E 465 -46.71 -23.47 2.84
C VAL E 465 -45.81 -23.11 1.65
N GLU E 466 -46.08 -23.69 0.49
CA GLU E 466 -45.25 -23.45 -0.68
C GLU E 466 -45.46 -22.04 -1.23
N ALA E 467 -46.67 -21.52 -1.09
CA ALA E 467 -46.95 -20.16 -1.55
C ALA E 467 -46.06 -19.19 -0.79
N VAL E 468 -46.02 -19.33 0.53
CA VAL E 468 -45.16 -18.49 1.34
C VAL E 468 -43.71 -18.74 0.93
N ASP E 469 -43.33 -20.01 0.87
CA ASP E 469 -41.95 -20.36 0.56
C ASP E 469 -41.50 -19.76 -0.77
N ASN E 470 -42.44 -19.58 -1.69
CA ASN E 470 -42.15 -18.92 -2.96
C ASN E 470 -41.97 -17.43 -2.75
N ILE E 471 -42.89 -16.83 -2.00
CA ILE E 471 -42.87 -15.40 -1.72
C ILE E 471 -41.56 -14.98 -1.05
N VAL E 472 -41.09 -15.80 -0.11
CA VAL E 472 -39.95 -15.44 0.74
C VAL E 472 -38.61 -16.01 0.25
N ASN E 473 -38.59 -17.30 -0.09
CA ASN E 473 -37.34 -17.98 -0.42
C ASN E 473 -37.18 -18.36 -1.89
N GLY E 474 -38.13 -17.92 -2.72
CA GLY E 474 -38.07 -18.19 -4.14
C GLY E 474 -38.19 -19.67 -4.47
N ALA E 475 -38.89 -20.41 -3.61
CA ALA E 475 -39.13 -21.82 -3.87
C ALA E 475 -40.09 -21.97 -5.03
N VAL E 476 -40.03 -23.10 -5.73
CA VAL E 476 -41.01 -23.36 -6.77
C VAL E 476 -42.25 -23.97 -6.14
N GLU E 477 -43.42 -23.54 -6.61
CA GLU E 477 -44.68 -24.06 -6.12
C GLU E 477 -44.96 -25.36 -6.84
N LEU E 478 -44.44 -26.45 -6.27
CA LEU E 478 -44.48 -27.76 -6.90
C LEU E 478 -45.86 -28.39 -6.85
N THR E 479 -46.50 -28.28 -5.69
CA THR E 479 -47.82 -28.85 -5.46
C THR E 479 -48.89 -28.22 -6.35
N LEU E 480 -48.76 -26.93 -6.60
CA LEU E 480 -49.73 -26.22 -7.43
C LEU E 480 -49.66 -26.62 -8.90
N ASN E 481 -48.45 -26.64 -9.45
CA ASN E 481 -48.25 -26.85 -10.89
C ASN E 481 -47.89 -28.28 -11.31
N TYR E 482 -47.46 -29.10 -10.36
CA TYR E 482 -47.00 -30.44 -10.70
C TYR E 482 -47.56 -31.50 -9.75
N PRO E 483 -48.89 -31.65 -9.72
CA PRO E 483 -49.53 -32.63 -8.85
C PRO E 483 -48.82 -33.99 -8.89
N ASP E 484 -48.61 -34.53 -10.09
CA ASP E 484 -48.05 -35.88 -10.24
C ASP E 484 -46.66 -35.97 -9.66
N PHE E 485 -45.92 -34.86 -9.69
CA PHE E 485 -44.58 -34.85 -9.13
C PHE E 485 -44.60 -35.03 -7.61
N VAL E 486 -45.40 -34.21 -6.93
CA VAL E 486 -45.46 -34.25 -5.47
C VAL E 486 -46.18 -35.50 -4.96
N ASN E 487 -47.16 -35.97 -5.72
CA ASN E 487 -47.92 -37.15 -5.32
C ASN E 487 -47.17 -38.45 -5.56
N GLY E 488 -46.16 -38.40 -6.43
CA GLY E 488 -45.43 -39.60 -6.79
C GLY E 488 -44.17 -39.81 -5.99
N ARG E 489 -43.95 -38.98 -4.97
CA ARG E 489 -42.70 -39.03 -4.22
C ARG E 489 -42.91 -38.85 -2.72
N GLN E 490 -41.84 -39.02 -1.97
CA GLN E 490 -41.85 -38.71 -0.55
C GLN E 490 -41.21 -37.36 -0.31
N ASN E 491 -42.04 -36.35 -0.07
CA ASN E 491 -41.54 -35.00 0.13
C ASN E 491 -41.01 -34.84 1.55
N THR E 492 -39.70 -34.97 1.68
CA THR E 492 -39.07 -35.04 2.99
C THR E 492 -38.17 -33.86 3.31
N GLU E 493 -37.92 -33.01 2.32
CA GLU E 493 -36.92 -31.96 2.46
C GLU E 493 -37.36 -30.85 3.40
N ARG E 494 -38.59 -30.37 3.22
CA ARG E 494 -39.07 -29.24 4.01
C ARG E 494 -39.62 -29.71 5.37
N ARG E 495 -39.09 -29.14 6.44
CA ARG E 495 -39.49 -29.54 7.79
C ARG E 495 -39.91 -28.36 8.65
N LEU E 496 -40.62 -28.62 9.74
CA LEU E 496 -41.05 -27.55 10.65
C LEU E 496 -39.85 -26.89 11.33
N VAL E 497 -38.73 -27.59 11.39
CA VAL E 497 -37.46 -26.99 11.77
C VAL E 497 -36.43 -27.21 10.67
N ASP E 498 -36.15 -26.17 9.90
CA ASP E 498 -35.13 -26.22 8.86
C ASP E 498 -33.80 -25.73 9.42
N GLY E 499 -32.71 -25.98 8.68
CA GLY E 499 -31.40 -25.52 9.11
C GLY E 499 -31.39 -24.04 9.45
N ALA E 500 -32.19 -23.26 8.73
CA ALA E 500 -32.30 -21.83 9.00
C ALA E 500 -32.50 -21.56 10.48
N GLN E 501 -33.52 -22.20 11.05
CA GLN E 501 -33.84 -22.03 12.47
C GLN E 501 -32.77 -22.60 13.38
N VAL E 502 -32.21 -23.74 13.01
CA VAL E 502 -31.13 -24.35 13.77
C VAL E 502 -29.92 -23.41 13.88
N PHE E 503 -29.48 -22.89 12.75
CA PHE E 503 -28.30 -22.04 12.72
C PHE E 503 -28.52 -20.73 13.49
N ALA E 504 -29.75 -20.23 13.46
CA ALA E 504 -30.08 -18.99 14.16
C ALA E 504 -30.09 -19.21 15.67
N LYS E 505 -30.61 -20.36 16.07
CA LYS E 505 -30.67 -20.74 17.47
C LYS E 505 -29.26 -20.83 18.05
N SER E 506 -28.37 -21.49 17.32
CA SER E 506 -27.00 -21.71 17.78
C SER E 506 -26.17 -20.43 17.74
N LYS E 507 -26.56 -19.50 16.88
CA LYS E 507 -25.87 -18.20 16.79
C LYS E 507 -26.28 -17.31 17.96
N ALA E 508 -27.46 -17.57 18.51
CA ALA E 508 -27.98 -16.81 19.64
C ALA E 508 -27.48 -17.40 20.95
N GLN E 509 -26.95 -18.62 20.88
CA GLN E 509 -26.49 -19.34 22.07
C GLN E 509 -25.13 -18.88 22.54
N LEU E 510 -24.21 -18.71 21.59
CA LEU E 510 -22.84 -18.32 21.93
C LEU E 510 -22.77 -17.39 23.15
N THR F 1 63.38 21.85 44.63
CA THR F 1 64.37 22.92 44.56
C THR F 1 63.96 24.01 43.56
N HIS F 2 63.65 25.20 44.08
CA HIS F 2 63.18 26.31 43.26
C HIS F 2 64.20 26.77 42.23
N PRO F 3 63.71 27.25 41.08
CA PRO F 3 64.56 27.86 40.05
C PRO F 3 64.93 29.29 40.42
N ASP F 4 66.02 29.80 39.87
CA ASP F 4 66.43 31.17 40.14
C ASP F 4 65.30 32.13 39.77
N ILE F 5 64.66 31.88 38.64
CA ILE F 5 63.57 32.73 38.16
C ILE F 5 62.33 31.91 37.84
N SER F 6 61.16 32.49 38.11
CA SER F 6 59.90 31.85 37.78
C SER F 6 58.95 32.84 37.11
N VAL F 7 58.48 32.47 35.92
CA VAL F 7 57.53 33.30 35.19
C VAL F 7 56.42 32.45 34.64
N ASP F 8 55.30 33.07 34.31
CA ASP F 8 54.18 32.35 33.75
C ASP F 8 54.49 31.91 32.34
N VAL F 9 55.00 32.84 31.55
CA VAL F 9 55.34 32.57 30.16
C VAL F 9 56.77 32.99 29.89
N LEU F 10 57.57 32.04 29.39
CA LEU F 10 58.97 32.30 29.03
C LEU F 10 59.17 32.28 27.53
N VAL F 11 59.82 33.33 27.01
CA VAL F 11 60.05 33.44 25.57
C VAL F 11 61.51 33.29 25.22
N ILE F 12 61.82 32.28 24.42
CA ILE F 12 63.19 32.07 23.96
C ILE F 12 63.38 32.63 22.56
N GLY F 13 64.28 33.60 22.45
CA GLY F 13 64.60 34.20 21.17
C GLY F 13 64.00 35.59 21.06
N ALA F 14 64.82 36.56 20.65
CA ALA F 14 64.36 37.93 20.51
C ALA F 14 64.47 38.43 19.06
N GLY F 15 64.16 37.55 18.11
CA GLY F 15 63.94 37.96 16.74
C GLY F 15 62.51 38.45 16.64
N PRO F 16 62.03 38.69 15.42
CA PRO F 16 60.67 39.21 15.27
C PRO F 16 59.59 38.33 15.93
N THR F 17 59.77 37.02 15.92
CA THR F 17 58.79 36.14 16.56
C THR F 17 58.77 36.31 18.08
N GLY F 18 59.94 36.21 18.70
CA GLY F 18 60.04 36.41 20.14
C GLY F 18 59.53 37.78 20.57
N LEU F 19 59.96 38.81 19.85
CA LEU F 19 59.53 40.17 20.15
C LEU F 19 58.03 40.33 19.94
N GLY F 20 57.47 39.58 19.00
CA GLY F 20 56.03 39.58 18.82
C GLY F 20 55.37 39.05 20.07
N ALA F 21 55.89 37.94 20.59
CA ALA F 21 55.34 37.36 21.81
C ALA F 21 55.45 38.35 22.96
N ALA F 22 56.63 38.92 23.12
CA ALA F 22 56.90 39.86 24.20
C ALA F 22 55.97 41.08 24.12
N LYS F 23 55.82 41.65 22.94
CA LYS F 23 54.98 42.82 22.77
C LYS F 23 53.54 42.56 23.22
N ARG F 24 53.00 41.39 22.90
CA ARG F 24 51.62 41.08 23.30
C ARG F 24 51.52 40.70 24.78
N LEU F 25 52.55 40.05 25.31
CA LEU F 25 52.60 39.76 26.75
C LEU F 25 52.68 41.06 27.52
N ASN F 26 53.36 42.03 26.94
CA ASN F 26 53.54 43.33 27.57
C ASN F 26 52.28 44.17 27.45
N GLN F 27 51.56 44.01 26.33
CA GLN F 27 50.31 44.71 26.13
C GLN F 27 49.23 44.20 27.08
N ILE F 28 49.05 42.89 27.11
CA ILE F 28 48.08 42.26 27.99
C ILE F 28 48.39 42.58 29.43
N ASP F 29 49.67 42.55 29.76
CA ASP F 29 50.15 42.83 31.11
C ASP F 29 49.37 42.02 32.15
N GLY F 30 49.16 40.74 31.87
CA GLY F 30 48.52 39.84 32.80
C GLY F 30 49.53 38.91 33.43
N PRO F 31 49.73 37.72 32.83
CA PRO F 31 50.72 36.77 33.32
C PRO F 31 52.11 37.37 33.35
N SER F 32 52.96 36.88 34.26
CA SER F 32 54.35 37.30 34.30
C SER F 32 55.11 36.64 33.17
N TRP F 33 56.05 37.38 32.57
CA TRP F 33 56.80 36.87 31.44
C TRP F 33 58.24 37.39 31.41
N MET F 34 59.01 36.88 30.45
CA MET F 34 60.42 37.17 30.36
C MET F 34 60.95 36.67 29.01
N ILE F 35 61.80 37.46 28.38
CA ILE F 35 62.34 37.08 27.08
C ILE F 35 63.87 37.03 27.10
N VAL F 36 64.43 35.96 26.56
CA VAL F 36 65.88 35.78 26.58
C VAL F 36 66.43 35.57 25.17
N ASP F 37 67.69 35.96 24.98
CA ASP F 37 68.34 35.74 23.70
C ASP F 37 69.85 35.71 23.93
N SER F 38 70.54 34.88 23.15
CA SER F 38 71.98 34.70 23.28
C SER F 38 72.72 35.87 22.63
N ASN F 39 71.99 36.70 21.90
CA ASN F 39 72.56 37.88 21.27
C ASN F 39 72.26 39.14 22.08
N GLU F 40 73.28 39.99 22.29
CA GLU F 40 73.09 41.25 22.99
C GLU F 40 72.14 42.18 22.24
N THR F 41 71.96 41.93 20.96
CA THR F 41 71.11 42.76 20.13
C THR F 41 69.94 41.99 19.55
N PRO F 42 68.71 42.38 19.92
CA PRO F 42 67.52 41.74 19.37
C PRO F 42 67.39 42.01 17.89
N GLY F 43 66.69 41.13 17.19
CA GLY F 43 66.52 41.26 15.74
C GLY F 43 66.59 39.94 15.03
N GLY F 44 67.39 39.01 15.54
CA GLY F 44 67.58 37.72 14.90
C GLY F 44 68.05 37.86 13.46
N LEU F 45 67.40 37.14 12.55
CA LEU F 45 67.76 37.20 11.14
C LEU F 45 67.37 38.53 10.51
N ALA F 46 66.57 39.31 11.23
CA ALA F 46 66.15 40.61 10.71
C ALA F 46 67.03 41.73 11.25
N SER F 47 68.25 41.39 11.64
CA SER F 47 69.19 42.41 12.13
C SER F 47 70.19 42.87 11.07
N THR F 48 70.84 43.99 11.35
CA THR F 48 71.74 44.62 10.39
C THR F 48 73.20 44.55 10.86
N ASP F 49 74.11 44.32 9.91
CA ASP F 49 75.54 44.35 10.20
C ASP F 49 76.20 45.55 9.55
N VAL F 50 77.39 45.89 10.03
CA VAL F 50 78.15 47.00 9.47
C VAL F 50 79.60 46.58 9.20
N THR F 51 80.11 46.97 8.04
CA THR F 51 81.53 46.75 7.73
C THR F 51 82.31 47.88 8.34
N PRO F 52 83.57 47.62 8.69
CA PRO F 52 84.47 48.66 9.23
C PRO F 52 84.49 49.92 8.36
N GLU F 53 84.13 49.78 7.10
CA GLU F 53 84.11 50.91 6.18
C GLU F 53 82.82 51.73 6.26
N GLY F 54 81.87 51.26 7.06
CA GLY F 54 80.63 51.98 7.28
C GLY F 54 79.52 51.62 6.32
N PHE F 55 79.54 50.38 5.85
CA PHE F 55 78.49 49.87 4.96
C PHE F 55 77.57 48.91 5.69
N LEU F 56 76.26 49.18 5.63
CA LEU F 56 75.26 48.36 6.30
C LEU F 56 74.79 47.21 5.44
N TYR F 57 74.57 46.06 6.06
CA TYR F 57 74.01 44.91 5.34
C TYR F 57 73.00 44.13 6.16
N ASP F 58 71.73 44.25 5.78
CA ASP F 58 70.68 43.37 6.31
C ASP F 58 71.11 41.93 6.09
N VAL F 59 70.33 40.98 6.62
CA VAL F 59 70.62 39.58 6.36
C VAL F 59 69.94 39.15 5.07
N GLY F 60 70.35 39.77 3.97
CA GLY F 60 69.87 39.40 2.66
C GLY F 60 69.05 40.46 1.94
N GLY F 61 68.81 41.59 2.61
CA GLY F 61 67.97 42.63 2.03
C GLY F 61 66.51 42.36 2.29
N HIS F 62 66.01 42.93 3.39
CA HIS F 62 64.66 42.62 3.86
C HIS F 62 63.66 43.71 3.53
N VAL F 63 62.59 43.31 2.86
CA VAL F 63 61.54 44.23 2.45
C VAL F 63 60.22 43.86 3.11
N ILE F 64 59.62 44.84 3.78
CA ILE F 64 58.41 44.61 4.56
C ILE F 64 57.13 44.85 3.75
N PHE F 65 56.29 43.82 3.65
CA PHE F 65 54.88 44.00 3.32
C PHE F 65 54.01 43.43 4.43
N SER F 66 53.28 44.30 5.13
CA SER F 66 52.53 43.90 6.31
C SER F 66 51.15 43.34 5.96
N HIS F 67 50.84 42.17 6.51
CA HIS F 67 49.49 41.61 6.37
C HIS F 67 48.65 41.95 7.58
N TYR F 68 49.27 42.55 8.59
CA TYR F 68 48.60 42.76 9.87
C TYR F 68 48.70 44.19 10.39
N LYS F 69 47.56 44.74 10.78
CA LYS F 69 47.50 46.06 11.40
C LYS F 69 48.30 46.06 12.70
N TYR F 70 48.29 44.93 13.41
CA TYR F 70 49.02 44.82 14.66
C TYR F 70 50.51 45.07 14.47
N PHE F 71 51.09 44.37 13.50
CA PHE F 71 52.48 44.56 13.12
C PHE F 71 52.74 46.03 12.80
N ASP F 72 51.80 46.64 12.06
CA ASP F 72 51.92 48.05 11.71
C ASP F 72 52.00 48.90 12.98
N ASP F 73 51.09 48.66 13.93
CA ASP F 73 51.04 49.44 15.17
C ASP F 73 52.35 49.46 15.92
N CYS F 74 53.00 48.31 16.02
CA CYS F 74 54.23 48.20 16.78
C CYS F 74 55.39 48.90 16.10
N LEU F 75 55.38 48.93 14.77
CA LEU F 75 56.42 49.63 14.03
C LEU F 75 56.21 51.14 14.11
N ASP F 76 54.95 51.56 14.12
CA ASP F 76 54.65 52.98 14.26
C ASP F 76 55.05 53.45 15.65
N GLU F 77 54.92 52.56 16.63
CA GLU F 77 55.31 52.89 18.00
C GLU F 77 56.83 52.99 18.12
N ALA F 78 57.53 52.07 17.50
CA ALA F 78 58.97 52.01 17.62
C ALA F 78 59.65 53.13 16.84
N LEU F 79 59.10 53.45 15.67
CA LEU F 79 59.65 54.48 14.80
C LEU F 79 58.54 55.38 14.32
N PRO F 80 58.09 56.29 15.21
CA PRO F 80 56.89 57.12 15.02
C PRO F 80 57.10 58.33 14.13
N LYS F 81 58.34 58.80 14.01
CA LYS F 81 58.63 60.01 13.25
C LYS F 81 58.58 59.78 11.75
N GLU F 82 57.89 60.67 11.05
CA GLU F 82 57.75 60.58 9.59
C GLU F 82 59.08 60.30 8.92
N ASP F 83 60.13 60.97 9.39
CA ASP F 83 61.45 60.84 8.79
C ASP F 83 62.23 59.63 9.32
N ASP F 84 61.54 58.71 9.97
CA ASP F 84 62.18 57.48 10.42
C ASP F 84 62.14 56.46 9.29
N TRP F 85 61.30 56.74 8.30
CA TRP F 85 61.03 55.78 7.23
C TRP F 85 61.18 56.37 5.82
N TYR F 86 61.64 55.53 4.90
CA TYR F 86 61.57 55.84 3.48
C TYR F 86 60.54 54.93 2.85
N THR F 87 59.72 55.47 1.96
CA THR F 87 58.76 54.67 1.22
C THR F 87 59.21 54.53 -0.23
N HIS F 88 59.16 53.32 -0.75
CA HIS F 88 59.64 53.06 -2.10
C HIS F 88 58.63 52.28 -2.96
N GLN F 89 58.92 52.20 -4.26
CA GLN F 89 58.15 51.40 -5.18
C GLN F 89 59.02 50.19 -5.56
N ARG F 90 58.40 49.03 -5.74
CA ARG F 90 59.17 47.87 -6.13
C ARG F 90 59.63 47.93 -7.58
N ILE F 91 60.92 48.21 -7.77
CA ILE F 91 61.54 48.08 -9.08
C ILE F 91 62.31 46.77 -9.09
N SER F 92 61.69 45.73 -9.64
CA SER F 92 62.28 44.39 -9.63
C SER F 92 62.39 43.82 -11.04
N TYR F 93 63.51 43.17 -11.33
CA TYR F 93 63.75 42.60 -12.65
C TYR F 93 64.41 41.23 -12.55
N VAL F 94 64.24 40.44 -13.59
CA VAL F 94 64.93 39.16 -13.71
C VAL F 94 65.97 39.22 -14.82
N ARG F 95 67.18 38.75 -14.54
CA ARG F 95 68.26 38.78 -15.53
C ARG F 95 68.17 37.57 -16.43
N CYS F 96 67.74 37.79 -17.67
CA CYS F 96 67.66 36.70 -18.65
C CYS F 96 68.22 37.11 -20.02
N GLN F 97 69.27 36.42 -20.44
CA GLN F 97 69.90 36.66 -21.73
C GLN F 97 70.13 38.15 -22.01
N GLY F 98 71.03 38.75 -21.23
CA GLY F 98 71.46 40.12 -21.45
C GLY F 98 70.45 41.22 -21.20
N GLN F 99 69.22 40.83 -20.86
CA GLN F 99 68.16 41.81 -20.66
C GLN F 99 67.56 41.74 -19.25
N TRP F 100 66.94 42.84 -18.84
CA TRP F 100 66.22 42.88 -17.57
C TRP F 100 64.73 42.66 -17.79
N VAL F 101 64.24 41.49 -17.39
CA VAL F 101 62.82 41.17 -17.50
C VAL F 101 62.07 41.57 -16.22
N PRO F 102 61.13 42.52 -16.35
CA PRO F 102 60.34 42.98 -15.21
C PRO F 102 59.67 41.84 -14.45
N TYR F 103 59.72 41.89 -13.12
CA TYR F 103 59.06 40.91 -12.27
C TYR F 103 57.54 41.10 -12.33
N PRO F 104 56.79 39.99 -12.35
CA PRO F 104 57.30 38.61 -12.38
C PRO F 104 57.62 38.16 -13.80
N PHE F 105 58.67 37.36 -13.94
CA PHE F 105 59.14 36.86 -15.24
C PHE F 105 58.02 36.32 -16.11
N GLN F 106 57.21 35.43 -15.53
CA GLN F 106 56.17 34.72 -16.26
C GLN F 106 55.12 35.66 -16.86
N ASN F 107 55.05 36.89 -16.34
CA ASN F 107 54.04 37.84 -16.80
C ASN F 107 54.59 38.81 -17.84
N ASN F 108 55.90 38.72 -18.10
CA ASN F 108 56.55 39.64 -19.02
C ASN F 108 57.39 38.94 -20.09
N ILE F 109 56.81 37.91 -20.71
CA ILE F 109 57.47 37.16 -21.77
C ILE F 109 57.85 38.08 -22.94
N SER F 110 57.10 39.17 -23.09
CA SER F 110 57.33 40.13 -24.16
C SER F 110 58.77 40.65 -24.21
N MET F 111 59.40 40.77 -23.04
CA MET F 111 60.75 41.31 -22.96
C MET F 111 61.84 40.30 -23.34
N LEU F 112 61.43 39.09 -23.69
CA LEU F 112 62.37 38.04 -24.08
C LEU F 112 62.71 38.13 -25.57
N PRO F 113 63.76 37.40 -25.98
CA PRO F 113 64.09 37.19 -27.39
C PRO F 113 62.93 36.47 -28.08
N LYS F 114 62.80 36.67 -29.39
CA LYS F 114 61.68 36.08 -30.14
C LYS F 114 61.67 34.57 -30.09
N GLU F 115 62.83 33.95 -30.28
CA GLU F 115 62.93 32.49 -30.21
C GLU F 115 62.46 31.94 -28.87
N GLU F 116 62.74 32.67 -27.79
CA GLU F 116 62.34 32.26 -26.45
C GLU F 116 60.85 32.47 -26.20
N GLN F 117 60.33 33.60 -26.68
CA GLN F 117 58.90 33.88 -26.60
C GLN F 117 58.10 32.69 -27.10
N VAL F 118 58.48 32.17 -28.27
CA VAL F 118 57.80 31.02 -28.85
C VAL F 118 57.79 29.85 -27.87
N LYS F 119 58.96 29.46 -27.37
CA LYS F 119 59.05 28.33 -26.45
C LYS F 119 58.11 28.49 -25.26
N CYS F 120 58.03 29.71 -24.73
CA CYS F 120 57.20 29.99 -23.57
C CYS F 120 55.71 30.01 -23.88
N ILE F 121 55.32 30.73 -24.93
CA ILE F 121 53.90 30.80 -25.29
C ILE F 121 53.37 29.44 -25.70
N ASP F 122 54.25 28.59 -26.22
CA ASP F 122 53.86 27.23 -26.56
C ASP F 122 53.54 26.43 -25.30
N GLY F 123 54.46 26.48 -24.34
CA GLY F 123 54.27 25.79 -23.08
C GLY F 123 52.98 26.19 -22.38
N MET F 124 52.70 27.49 -22.34
CA MET F 124 51.48 27.99 -21.73
C MET F 124 50.23 27.49 -22.45
N ILE F 125 50.27 27.48 -23.77
CA ILE F 125 49.15 26.98 -24.55
C ILE F 125 48.84 25.55 -24.17
N ASP F 126 49.86 24.69 -24.17
CA ASP F 126 49.70 23.32 -23.73
C ASP F 126 49.09 23.27 -22.34
N ALA F 127 49.75 23.96 -21.41
CA ALA F 127 49.32 24.00 -20.02
C ALA F 127 47.86 24.43 -19.87
N ALA F 128 47.50 25.51 -20.56
CA ALA F 128 46.15 26.06 -20.49
C ALA F 128 45.12 25.04 -20.98
N LEU F 129 45.52 24.22 -21.94
CA LEU F 129 44.62 23.22 -22.52
C LEU F 129 44.42 22.04 -21.56
N GLU F 130 45.47 21.63 -20.88
CA GLU F 130 45.38 20.55 -19.90
C GLU F 130 44.64 21.02 -18.65
N ALA F 131 44.80 22.29 -18.32
CA ALA F 131 44.17 22.85 -17.14
C ALA F 131 42.66 22.95 -17.33
N ARG F 132 42.24 23.07 -18.59
CA ARG F 132 40.83 23.17 -18.92
C ARG F 132 40.11 21.89 -18.55
N VAL F 133 40.89 20.84 -18.31
CA VAL F 133 40.35 19.49 -18.21
C VAL F 133 40.87 18.75 -16.98
N ALA F 134 41.94 19.25 -16.38
CA ALA F 134 42.57 18.60 -15.24
C ALA F 134 41.62 18.49 -14.03
N ASN F 135 41.74 17.41 -13.29
CA ASN F 135 40.89 17.19 -12.12
C ASN F 135 41.67 16.70 -10.91
N THR F 136 42.96 16.50 -11.08
CA THR F 136 43.83 16.10 -9.97
C THR F 136 44.64 17.28 -9.49
N LYS F 137 45.33 17.11 -8.36
CA LYS F 137 46.18 18.17 -7.84
C LYS F 137 47.66 17.84 -8.04
N PRO F 138 48.49 18.87 -8.22
CA PRO F 138 49.93 18.70 -8.40
C PRO F 138 50.55 18.03 -7.17
N LYS F 139 51.43 17.07 -7.38
CA LYS F 139 52.08 16.38 -6.28
C LYS F 139 53.35 17.10 -5.81
N THR F 140 53.93 17.91 -6.69
CA THR F 140 55.17 18.62 -6.39
C THR F 140 55.19 20.05 -6.93
N PHE F 141 56.10 20.86 -6.41
CA PHE F 141 56.33 22.21 -6.87
C PHE F 141 56.55 22.21 -8.38
N ASP F 142 57.34 21.25 -8.84
CA ASP F 142 57.67 21.15 -10.26
C ASP F 142 56.41 20.97 -11.11
N GLU F 143 55.57 20.01 -10.72
CA GLU F 143 54.32 19.77 -11.43
C GLU F 143 53.49 21.03 -11.45
N TRP F 144 53.33 21.66 -10.30
CA TRP F 144 52.61 22.92 -10.20
C TRP F 144 53.12 23.89 -11.25
N ILE F 145 54.45 24.00 -11.35
CA ILE F 145 55.08 24.92 -12.28
C ILE F 145 54.71 24.59 -13.73
N VAL F 146 54.88 23.34 -14.11
CA VAL F 146 54.53 22.88 -15.44
C VAL F 146 53.05 23.14 -15.75
N ARG F 147 52.18 22.66 -14.87
CA ARG F 147 50.74 22.88 -14.99
C ARG F 147 50.39 24.35 -15.18
N MET F 148 51.09 25.22 -14.48
CA MET F 148 50.69 26.62 -14.38
C MET F 148 51.39 27.55 -15.37
N MET F 149 52.52 27.12 -15.92
CA MET F 149 53.32 28.00 -16.78
C MET F 149 53.82 27.34 -18.06
N GLY F 150 53.88 26.01 -18.06
CA GLY F 150 54.36 25.28 -19.22
C GLY F 150 55.84 24.95 -19.14
N THR F 151 56.27 24.00 -19.97
CA THR F 151 57.65 23.55 -19.95
C THR F 151 58.61 24.64 -20.42
N GLY F 152 58.09 25.57 -21.22
CA GLY F 152 58.89 26.66 -21.72
C GLY F 152 59.44 27.49 -20.56
N ILE F 153 58.54 28.14 -19.85
CA ILE F 153 58.91 28.97 -18.71
C ILE F 153 59.56 28.14 -17.60
N ALA F 154 59.15 26.88 -17.49
CA ALA F 154 59.73 25.99 -16.49
C ALA F 154 61.24 25.84 -16.70
N ASP F 155 61.65 25.51 -17.91
CA ASP F 155 63.06 25.26 -18.22
C ASP F 155 63.88 26.56 -18.28
N LEU F 156 63.24 27.64 -18.71
CA LEU F 156 63.94 28.90 -18.91
C LEU F 156 64.22 29.66 -17.62
N PHE F 157 63.26 29.63 -16.69
CA PHE F 157 63.38 30.41 -15.46
C PHE F 157 63.09 29.62 -14.19
N MET F 158 61.86 29.15 -14.05
CA MET F 158 61.41 28.52 -12.80
C MET F 158 62.31 27.43 -12.26
N ARG F 159 62.60 26.43 -13.07
CA ARG F 159 63.38 25.29 -12.60
C ARG F 159 64.82 25.64 -12.19
N PRO F 160 65.55 26.35 -13.06
CA PRO F 160 66.92 26.72 -12.72
C PRO F 160 67.00 27.73 -11.56
N TYR F 161 66.15 28.75 -11.57
CA TYR F 161 66.15 29.73 -10.48
C TYR F 161 65.83 29.11 -9.13
N ASN F 162 64.76 28.32 -9.08
CA ASN F 162 64.32 27.77 -7.81
C ASN F 162 65.32 26.82 -7.16
N PHE F 163 66.10 26.12 -7.97
CA PHE F 163 67.19 25.31 -7.41
C PHE F 163 68.27 26.25 -6.91
N LYS F 164 68.46 27.34 -7.64
CA LYS F 164 69.52 28.30 -7.33
C LYS F 164 69.22 29.07 -6.04
N VAL F 165 67.97 29.03 -5.59
CA VAL F 165 67.60 29.70 -4.35
C VAL F 165 67.32 28.72 -3.22
N TRP F 166 66.50 27.69 -3.50
CA TRP F 166 66.10 26.75 -2.46
C TRP F 166 67.17 25.71 -2.16
N ALA F 167 68.15 25.60 -3.07
CA ALA F 167 69.21 24.59 -2.95
C ALA F 167 68.67 23.17 -3.03
N VAL F 168 67.47 23.02 -3.59
CA VAL F 168 66.90 21.72 -3.89
C VAL F 168 66.12 21.77 -5.20
N PRO F 169 66.00 20.63 -5.89
CA PRO F 169 65.27 20.56 -7.15
C PRO F 169 63.77 20.79 -6.93
N THR F 170 63.13 21.47 -7.86
CA THR F 170 61.70 21.74 -7.77
C THR F 170 60.84 20.49 -7.54
N THR F 171 61.38 19.34 -7.93
CA THR F 171 60.64 18.09 -7.78
C THR F 171 60.67 17.56 -6.36
N LYS F 172 61.45 18.22 -5.50
CA LYS F 172 61.62 17.77 -4.13
C LYS F 172 60.80 18.61 -3.16
N MET F 173 60.11 19.62 -3.69
CA MET F 173 59.34 20.54 -2.87
C MET F 173 57.81 20.36 -3.04
N GLN F 174 57.07 20.77 -2.04
CA GLN F 174 55.61 20.65 -2.02
C GLN F 174 54.92 21.84 -2.70
N CYS F 175 53.65 21.69 -3.08
CA CYS F 175 52.96 22.72 -3.87
C CYS F 175 52.14 23.73 -3.06
N ALA F 176 51.79 23.38 -1.82
CA ALA F 176 50.85 24.16 -0.99
C ALA F 176 51.34 25.55 -0.56
N TRP F 177 52.64 25.70 -0.45
CA TRP F 177 53.23 26.89 0.16
C TRP F 177 53.15 28.18 -0.65
N LEU F 178 52.77 28.08 -1.92
CA LEU F 178 53.01 29.20 -2.84
C LEU F 178 51.81 30.06 -3.25
N GLY F 179 50.79 30.13 -2.39
CA GLY F 179 49.64 30.97 -2.65
C GLY F 179 49.94 32.39 -3.11
N GLU F 180 50.83 33.08 -2.37
CA GLU F 180 51.13 34.49 -2.67
C GLU F 180 52.60 34.72 -3.05
N ARG F 181 53.32 33.65 -3.36
CA ARG F 181 54.74 33.76 -3.71
C ARG F 181 54.96 33.69 -5.21
N VAL F 182 54.26 32.76 -5.86
CA VAL F 182 54.41 32.55 -7.30
C VAL F 182 53.13 32.89 -8.05
N ALA F 183 53.27 33.73 -9.08
CA ALA F 183 52.14 34.20 -9.86
C ALA F 183 51.73 33.22 -10.94
N ALA F 184 50.46 32.88 -10.98
CA ALA F 184 49.93 32.01 -12.03
C ALA F 184 49.56 32.87 -13.23
N PRO F 185 50.27 32.68 -14.35
CA PRO F 185 50.13 33.55 -15.52
C PRO F 185 48.89 33.22 -16.36
N ASN F 186 48.19 34.26 -16.80
CA ASN F 186 47.03 34.10 -17.68
C ASN F 186 47.44 34.14 -19.15
N LEU F 187 47.11 33.06 -19.88
CA LEU F 187 47.53 32.91 -21.27
C LEU F 187 47.22 34.13 -22.13
N LYS F 188 45.95 34.51 -22.16
CA LYS F 188 45.50 35.63 -22.99
C LYS F 188 46.28 36.91 -22.70
N ALA F 189 46.48 37.21 -21.43
CA ALA F 189 47.19 38.42 -21.04
C ALA F 189 48.64 38.37 -21.49
N VAL F 190 49.28 37.22 -21.31
CA VAL F 190 50.68 37.05 -21.71
C VAL F 190 50.86 37.28 -23.21
N THR F 191 50.05 36.60 -24.03
CA THR F 191 50.16 36.74 -25.48
C THR F 191 49.78 38.14 -25.96
N THR F 192 48.77 38.74 -25.34
CA THR F 192 48.41 40.12 -25.67
C THR F 192 49.62 41.05 -25.47
N ASN F 193 50.36 40.83 -24.39
CA ASN F 193 51.55 41.62 -24.10
C ASN F 193 52.69 41.35 -25.09
N VAL F 194 52.86 40.07 -25.45
CA VAL F 194 53.85 39.70 -26.46
C VAL F 194 53.59 40.42 -27.76
N ILE F 195 52.31 40.49 -28.13
CA ILE F 195 51.89 41.17 -29.34
C ILE F 195 52.12 42.68 -29.27
N LEU F 196 51.71 43.29 -28.17
CA LEU F 196 51.76 44.75 -28.04
C LEU F 196 53.13 45.27 -27.59
N GLY F 197 53.88 44.45 -26.86
CA GLY F 197 55.18 44.85 -26.35
C GLY F 197 55.08 45.58 -25.02
N LYS F 198 53.97 45.36 -24.32
CA LYS F 198 53.73 45.99 -23.03
C LYS F 198 54.26 45.16 -21.86
N THR F 199 54.24 45.75 -20.67
CA THR F 199 54.74 45.08 -19.47
C THR F 199 53.63 44.90 -18.43
N ALA F 200 53.94 44.20 -17.35
CA ALA F 200 53.01 44.00 -16.24
C ALA F 200 53.75 43.55 -14.98
N GLY F 201 54.33 44.51 -14.26
CA GLY F 201 55.10 44.21 -13.07
C GLY F 201 54.51 44.75 -11.79
N ASN F 202 53.20 44.59 -11.64
CA ASN F 202 52.50 45.06 -10.44
C ASN F 202 52.08 43.91 -9.51
N TRP F 203 52.12 42.69 -10.03
CA TRP F 203 51.70 41.51 -9.26
C TRP F 203 52.57 41.30 -8.03
N GLY F 204 51.93 40.96 -6.92
CA GLY F 204 52.63 40.70 -5.68
C GLY F 204 52.34 41.74 -4.61
N PRO F 205 52.64 41.40 -3.36
CA PRO F 205 52.46 42.30 -2.21
C PRO F 205 53.53 43.41 -2.14
N ASN F 206 54.56 43.30 -2.97
CA ASN F 206 55.72 44.20 -2.88
C ASN F 206 55.57 45.54 -3.58
N ALA F 207 54.40 45.79 -4.19
CA ALA F 207 54.14 47.02 -4.93
C ALA F 207 54.87 48.23 -4.34
N THR F 208 54.35 48.74 -3.22
CA THR F 208 54.98 49.85 -2.52
C THR F 208 55.31 49.44 -1.09
N PHE F 209 56.55 49.69 -0.67
CA PHE F 209 57.01 49.28 0.65
C PHE F 209 57.75 50.39 1.39
N ARG F 210 57.92 50.22 2.70
CA ARG F 210 58.68 51.19 3.48
C ARG F 210 59.91 50.57 4.14
N PHE F 211 60.93 51.40 4.37
CA PHE F 211 62.22 50.93 4.86
C PHE F 211 62.79 51.93 5.84
N PRO F 212 63.32 51.44 6.96
CA PRO F 212 63.81 52.30 8.05
C PRO F 212 64.97 53.20 7.61
N ALA F 213 64.85 54.49 7.91
CA ALA F 213 65.86 55.45 7.48
C ALA F 213 67.24 55.11 8.02
N ARG F 214 67.31 54.64 9.25
CA ARG F 214 68.60 54.39 9.88
C ARG F 214 68.68 53.02 10.52
N GLY F 215 69.83 52.38 10.37
CA GLY F 215 70.10 51.13 11.06
C GLY F 215 69.66 49.88 10.33
N GLY F 216 69.27 50.02 9.07
CA GLY F 216 68.74 48.89 8.33
C GLY F 216 67.49 48.38 9.01
N THR F 217 66.99 47.22 8.58
CA THR F 217 65.78 46.67 9.20
C THR F 217 66.05 46.37 10.67
N GLY F 218 67.30 46.07 10.99
CA GLY F 218 67.71 45.80 12.36
C GLY F 218 67.31 46.90 13.34
N GLY F 219 67.29 48.13 12.85
CA GLY F 219 66.91 49.27 13.65
C GLY F 219 65.48 49.16 14.15
N ILE F 220 64.62 48.56 13.33
CA ILE F 220 63.24 48.38 13.71
C ILE F 220 63.14 47.53 14.98
N TRP F 221 63.80 46.38 14.96
CA TRP F 221 63.68 45.44 16.07
C TRP F 221 64.42 45.90 17.32
N ILE F 222 65.44 46.73 17.12
CA ILE F 222 66.07 47.36 18.26
C ILE F 222 65.12 48.35 18.90
N ALA F 223 64.47 49.18 18.09
CA ALA F 223 63.48 50.14 18.58
C ALA F 223 62.28 49.45 19.23
N VAL F 224 61.78 48.38 18.59
CA VAL F 224 60.67 47.63 19.15
C VAL F 224 61.03 47.03 20.51
N ALA F 225 62.20 46.38 20.59
CA ALA F 225 62.67 45.83 21.84
C ALA F 225 62.77 46.89 22.94
N ASN F 226 63.14 48.10 22.56
CA ASN F 226 63.28 49.19 23.51
C ASN F 226 61.97 49.56 24.21
N THR F 227 60.83 49.22 23.61
CA THR F 227 59.54 49.54 24.20
C THR F 227 59.17 48.55 25.30
N LEU F 228 59.97 47.51 25.46
CA LEU F 228 59.74 46.51 26.49
C LEU F 228 60.39 46.93 27.80
N PRO F 229 59.84 46.44 28.92
CA PRO F 229 60.48 46.65 30.22
C PRO F 229 61.83 45.93 30.26
N LYS F 230 62.90 46.71 30.26
CA LYS F 230 64.26 46.19 30.23
C LYS F 230 64.50 45.03 31.19
N GLU F 231 63.93 45.12 32.39
CA GLU F 231 64.18 44.13 33.43
C GLU F 231 63.52 42.78 33.16
N LYS F 232 62.65 42.73 32.15
CA LYS F 232 62.01 41.49 31.75
C LYS F 232 62.73 40.87 30.56
N THR F 233 63.78 41.53 30.10
CA THR F 233 64.61 41.01 29.03
C THR F 233 65.99 40.60 29.54
N ARG F 234 66.58 39.63 28.86
CA ARG F 234 67.88 39.11 29.24
C ARG F 234 68.62 38.73 27.95
N PHE F 235 69.30 39.71 27.37
CA PHE F 235 69.93 39.53 26.06
C PHE F 235 71.45 39.47 26.16
N GLY F 236 72.05 38.53 25.44
CA GLY F 236 73.49 38.36 25.46
C GLY F 236 73.89 37.00 25.98
N GLU F 237 75.17 36.83 26.29
CA GLU F 237 75.67 35.57 26.79
C GLU F 237 74.87 35.12 28.01
N LYS F 238 74.40 36.08 28.79
CA LYS F 238 73.61 35.81 29.99
C LYS F 238 72.25 35.22 29.65
N GLY F 239 71.83 35.38 28.40
CA GLY F 239 70.52 34.92 27.96
C GLY F 239 70.52 33.68 27.09
N LYS F 240 71.69 33.08 26.89
CA LYS F 240 71.81 31.90 26.05
C LYS F 240 71.27 30.64 26.71
N VAL F 241 70.20 30.08 26.15
CA VAL F 241 69.62 28.84 26.65
C VAL F 241 70.51 27.66 26.24
N THR F 242 70.77 26.76 27.19
CA THR F 242 71.56 25.56 26.90
C THR F 242 70.78 24.29 27.15
N LYS F 243 69.79 24.37 28.02
CA LYS F 243 68.96 23.21 28.34
C LYS F 243 67.49 23.55 28.50
N VAL F 244 66.63 22.69 27.97
CA VAL F 244 65.21 22.79 28.19
C VAL F 244 64.70 21.50 28.78
N ASN F 245 64.32 21.54 30.04
CA ASN F 245 63.80 20.37 30.74
C ASN F 245 62.28 20.37 30.72
N ALA F 246 61.70 19.83 29.64
CA ALA F 246 60.26 19.86 29.42
C ALA F 246 59.45 19.22 30.54
N ASN F 247 60.04 18.24 31.23
CA ASN F 247 59.29 17.47 32.22
C ASN F 247 59.03 18.21 33.53
N ASN F 248 59.97 19.03 33.97
CA ASN F 248 59.73 19.90 35.11
C ASN F 248 59.76 21.37 34.73
N LYS F 249 59.49 21.64 33.45
CA LYS F 249 59.33 22.99 32.95
C LYS F 249 60.36 23.98 33.50
N THR F 250 61.64 23.65 33.33
CA THR F 250 62.71 24.58 33.68
C THR F 250 63.72 24.69 32.54
N VAL F 251 64.12 25.92 32.26
CA VAL F 251 65.13 26.20 31.26
C VAL F 251 66.44 26.55 31.94
N THR F 252 67.56 26.11 31.37
CA THR F 252 68.85 26.44 31.94
C THR F 252 69.68 27.29 30.97
N LEU F 253 70.24 28.37 31.50
CA LEU F 253 71.03 29.27 30.69
C LEU F 253 72.52 28.95 30.76
N GLN F 254 73.28 29.52 29.83
CA GLN F 254 74.72 29.36 29.77
C GLN F 254 75.36 29.56 31.15
N ASP F 255 75.03 30.66 31.80
CA ASP F 255 75.66 31.00 33.07
C ASP F 255 75.13 30.20 34.25
N GLY F 256 74.33 29.17 33.95
CA GLY F 256 73.81 28.29 34.99
C GLY F 256 72.45 28.67 35.56
N THR F 257 71.99 29.90 35.27
CA THR F 257 70.68 30.35 35.71
C THR F 257 69.57 29.37 35.30
N THR F 258 68.61 29.16 36.20
CA THR F 258 67.46 28.33 35.87
C THR F 258 66.17 29.14 35.89
N ILE F 259 65.37 28.98 34.84
CA ILE F 259 64.09 29.68 34.72
C ILE F 259 62.95 28.69 34.68
N GLY F 260 62.03 28.80 35.63
CA GLY F 260 60.85 27.95 35.62
C GLY F 260 59.72 28.64 34.90
N TYR F 261 58.96 27.89 34.11
CA TYR F 261 57.88 28.48 33.33
C TYR F 261 56.61 27.65 33.43
N LYS F 262 55.48 28.25 33.08
CA LYS F 262 54.24 27.52 32.97
C LYS F 262 53.96 27.23 31.49
N LYS F 263 54.29 28.20 30.66
CA LYS F 263 54.15 28.04 29.22
C LYS F 263 55.43 28.50 28.55
N LEU F 264 55.88 27.78 27.54
CA LEU F 264 57.12 28.13 26.85
C LEU F 264 56.84 28.47 25.40
N VAL F 265 57.28 29.65 24.99
CA VAL F 265 57.20 30.05 23.60
C VAL F 265 58.61 30.06 23.02
N SER F 266 58.97 28.99 22.33
CA SER F 266 60.32 28.82 21.78
C SER F 266 60.43 29.28 20.33
N THR F 267 61.31 30.23 20.06
CA THR F 267 61.49 30.72 18.69
C THR F 267 62.82 30.32 18.08
N MET F 268 63.62 29.54 18.80
CA MET F 268 64.85 29.01 18.23
C MET F 268 64.46 27.91 17.26
N ALA F 269 65.36 27.57 16.33
CA ALA F 269 65.10 26.53 15.35
C ALA F 269 64.66 25.23 16.05
N VAL F 270 63.53 24.68 15.64
CA VAL F 270 62.94 23.53 16.32
C VAL F 270 63.87 22.33 16.42
N ASP F 271 64.84 22.23 15.51
CA ASP F 271 65.83 21.17 15.62
C ASP F 271 66.72 21.41 16.86
N PHE F 272 67.30 22.61 16.96
CA PHE F 272 68.11 22.97 18.13
C PHE F 272 67.33 22.78 19.41
N LEU F 273 66.04 23.07 19.37
CA LEU F 273 65.18 22.93 20.54
C LEU F 273 65.09 21.48 20.98
N ALA F 274 64.78 20.59 20.03
CA ALA F 274 64.71 19.17 20.33
C ALA F 274 66.02 18.72 20.97
N GLU F 275 67.12 19.20 20.40
CA GLU F 275 68.45 18.90 20.93
C GLU F 275 68.52 19.37 22.38
N ALA F 276 68.16 20.63 22.61
CA ALA F 276 68.24 21.23 23.94
C ALA F 276 67.36 20.50 24.96
N MET F 277 66.30 19.88 24.47
CA MET F 277 65.39 19.14 25.34
C MET F 277 65.93 17.76 25.68
N ASN F 278 66.91 17.30 24.91
CA ASN F 278 67.40 15.94 25.03
C ASN F 278 66.29 14.94 24.80
N ASP F 279 65.33 15.33 23.96
CA ASP F 279 64.19 14.48 23.61
C ASP F 279 64.51 13.73 22.32
N GLN F 280 64.89 12.47 22.46
CA GLN F 280 65.30 11.66 21.32
C GLN F 280 64.26 11.64 20.20
N GLU F 281 63.03 11.34 20.57
CA GLU F 281 61.94 11.27 19.60
C GLU F 281 61.87 12.51 18.71
N LEU F 282 61.86 13.68 19.34
CA LEU F 282 61.75 14.95 18.62
C LEU F 282 62.99 15.23 17.79
N VAL F 283 64.15 14.83 18.29
CA VAL F 283 65.39 14.97 17.53
C VAL F 283 65.27 14.22 16.20
N GLY F 284 64.78 12.99 16.28
CA GLY F 284 64.57 12.17 15.11
C GLY F 284 63.58 12.81 14.16
N LEU F 285 62.47 13.27 14.71
CA LEU F 285 61.44 13.95 13.93
C LEU F 285 61.98 15.21 13.24
N THR F 286 62.67 16.06 14.00
CA THR F 286 63.17 17.31 13.42
C THR F 286 64.20 17.07 12.33
N LYS F 287 64.91 15.95 12.41
CA LYS F 287 65.91 15.61 11.40
C LYS F 287 65.29 15.26 10.06
N GLN F 288 63.98 15.07 10.05
CA GLN F 288 63.23 14.83 8.82
C GLN F 288 62.99 16.11 8.06
N LEU F 289 63.16 17.24 8.73
CA LEU F 289 63.01 18.54 8.08
C LEU F 289 64.22 18.83 7.20
N PHE F 290 64.16 19.88 6.41
CA PHE F 290 65.28 20.27 5.57
C PHE F 290 65.40 21.79 5.53
N TYR F 291 66.63 22.28 5.47
CA TYR F 291 66.84 23.72 5.37
C TYR F 291 68.09 24.05 4.56
N SER F 292 68.14 25.27 4.05
CA SER F 292 69.29 25.74 3.31
C SER F 292 69.99 26.86 4.08
N SER F 293 71.31 26.91 3.96
CA SER F 293 72.08 27.98 4.57
C SER F 293 72.09 29.16 3.61
N THR F 294 72.43 30.35 4.12
CA THR F 294 72.44 31.53 3.28
C THR F 294 73.75 32.32 3.43
N HIS F 295 74.43 32.53 2.31
CA HIS F 295 75.62 33.38 2.29
C HIS F 295 75.22 34.79 1.89
N VAL F 296 75.39 35.75 2.79
CA VAL F 296 75.12 37.14 2.45
C VAL F 296 76.43 37.81 2.05
N ILE F 297 76.44 38.41 0.86
CA ILE F 297 77.64 39.09 0.36
C ILE F 297 77.38 40.58 0.17
N GLY F 298 78.24 41.40 0.74
CA GLY F 298 78.08 42.84 0.66
C GLY F 298 79.22 43.48 -0.12
N VAL F 299 78.88 44.35 -1.06
CA VAL F 299 79.89 45.01 -1.88
C VAL F 299 79.69 46.52 -1.92
N GLY F 300 80.62 47.24 -1.31
CA GLY F 300 80.59 48.70 -1.32
C GLY F 300 81.45 49.20 -2.45
N VAL F 301 80.90 50.12 -3.25
CA VAL F 301 81.59 50.57 -4.45
C VAL F 301 81.55 52.09 -4.59
N ARG F 302 82.70 52.67 -4.95
CA ARG F 302 82.84 54.11 -5.11
C ARG F 302 82.21 54.60 -6.41
N GLY F 303 81.56 55.75 -6.34
CA GLY F 303 81.00 56.39 -7.53
C GLY F 303 79.55 56.75 -7.37
N SER F 304 79.08 57.70 -8.17
CA SER F 304 77.67 58.03 -8.23
C SER F 304 76.93 56.80 -8.71
N ARG F 305 75.65 56.69 -8.36
CA ARG F 305 74.87 55.54 -8.78
C ARG F 305 74.81 55.48 -10.30
N PRO F 306 75.42 54.43 -10.89
CA PRO F 306 75.43 54.29 -12.35
C PRO F 306 74.01 54.31 -12.90
N GLU F 307 73.80 55.01 -14.01
CA GLU F 307 72.47 55.08 -14.61
C GLU F 307 72.03 53.69 -15.05
N ARG F 308 73.02 52.86 -15.39
CA ARG F 308 72.75 51.48 -15.75
C ARG F 308 72.02 50.78 -14.59
N ILE F 309 72.42 51.11 -13.36
CA ILE F 309 71.79 50.54 -12.17
C ILE F 309 70.39 51.11 -11.94
N GLY F 310 70.27 52.43 -12.05
CA GLY F 310 68.99 53.10 -11.88
C GLY F 310 68.42 52.96 -10.48
N ASP F 311 67.09 53.03 -10.38
CA ASP F 311 66.40 52.86 -9.10
C ASP F 311 65.95 51.41 -8.88
N LYS F 312 66.67 50.47 -9.48
CA LYS F 312 66.38 49.06 -9.27
C LYS F 312 66.50 48.72 -7.78
N CYS F 313 65.57 47.90 -7.28
CA CYS F 313 65.59 47.51 -5.89
C CYS F 313 66.22 46.14 -5.67
N TRP F 314 65.58 45.10 -6.21
CA TRP F 314 66.19 43.77 -6.18
C TRP F 314 66.03 43.03 -7.51
N LEU F 315 66.99 42.16 -7.80
CA LEU F 315 67.09 41.53 -9.11
C LEU F 315 67.33 40.03 -9.00
N TYR F 316 66.62 39.25 -9.81
CA TYR F 316 66.75 37.80 -9.78
C TYR F 316 67.67 37.28 -10.89
N PHE F 317 68.51 36.31 -10.55
CA PHE F 317 69.50 35.79 -11.50
C PHE F 317 69.41 34.28 -11.66
N PRO F 318 68.54 33.82 -12.58
CA PRO F 318 68.34 32.39 -12.86
C PRO F 318 69.51 31.74 -13.59
N GLU F 319 70.20 32.51 -14.43
CA GLU F 319 71.29 31.99 -15.26
C GLU F 319 72.52 31.60 -14.43
N ASP F 320 73.39 30.79 -15.02
CA ASP F 320 74.53 30.23 -14.29
C ASP F 320 75.81 31.04 -14.42
N ASN F 321 75.71 32.29 -14.86
CA ASN F 321 76.89 33.14 -14.97
C ASN F 321 77.25 33.86 -13.67
N CYS F 322 76.57 33.47 -12.59
CA CYS F 322 76.81 34.03 -11.26
C CYS F 322 76.24 33.07 -10.22
N PRO F 323 76.90 32.97 -9.05
CA PRO F 323 76.49 32.02 -8.00
C PRO F 323 75.26 32.49 -7.23
N PHE F 324 75.01 33.79 -7.21
CA PHE F 324 73.92 34.35 -6.43
C PHE F 324 72.56 34.30 -7.15
N TYR F 325 71.50 34.04 -6.38
CA TYR F 325 70.15 34.01 -6.92
C TYR F 325 69.46 35.38 -6.88
N ARG F 326 69.90 36.25 -5.99
CA ARG F 326 69.34 37.60 -5.90
C ARG F 326 70.36 38.66 -5.53
N ALA F 327 70.14 39.87 -6.01
CA ALA F 327 70.98 41.01 -5.68
C ALA F 327 70.11 42.21 -5.33
N THR F 328 70.59 43.03 -4.40
CA THR F 328 69.85 44.21 -3.96
C THR F 328 70.72 45.46 -4.02
N ILE F 329 70.19 46.53 -4.60
CA ILE F 329 70.88 47.80 -4.60
C ILE F 329 70.55 48.49 -3.29
N PHE F 330 71.15 47.97 -2.22
CA PHE F 330 70.83 48.38 -0.87
C PHE F 330 70.98 49.89 -0.69
N SER F 331 71.97 50.45 -1.38
CA SER F 331 72.22 51.89 -1.30
C SER F 331 71.00 52.71 -1.69
N ASN F 332 70.07 52.08 -2.41
CA ASN F 332 68.87 52.78 -2.88
C ASN F 332 67.79 52.91 -1.80
N TYR F 333 67.87 52.07 -0.77
CA TYR F 333 66.84 52.07 0.26
C TYR F 333 66.97 53.27 1.19
N SER F 334 68.18 53.52 1.66
CA SER F 334 68.42 54.67 2.53
C SER F 334 69.85 55.21 2.37
N PRO F 335 69.97 56.54 2.40
CA PRO F 335 71.27 57.20 2.24
C PRO F 335 72.21 56.85 3.38
N TYR F 336 71.64 56.29 4.45
CA TYR F 336 72.42 55.98 5.64
C TYR F 336 72.87 54.52 5.69
N ASN F 337 72.71 53.79 4.60
CA ASN F 337 73.18 52.41 4.53
C ASN F 337 74.66 52.37 4.14
N GLN F 338 75.18 53.51 3.70
CA GLN F 338 76.58 53.63 3.31
C GLN F 338 77.08 55.02 3.71
N PRO F 339 78.40 55.17 3.84
CA PRO F 339 79.01 56.44 4.25
C PRO F 339 78.54 57.60 3.39
N GLU F 340 78.74 58.83 3.88
CA GLU F 340 78.46 60.03 3.11
C GLU F 340 79.53 60.22 2.05
N ALA F 341 79.27 61.09 1.09
CA ALA F 341 80.23 61.34 0.02
C ALA F 341 81.56 61.86 0.60
N SER F 342 81.47 62.73 1.59
CA SER F 342 82.65 63.38 2.16
C SER F 342 83.63 62.42 2.83
N LYS F 343 83.15 61.23 3.21
CA LYS F 343 84.01 60.24 3.83
C LYS F 343 85.05 59.72 2.84
N LYS F 344 86.29 59.60 3.30
CA LYS F 344 87.36 59.12 2.44
C LYS F 344 87.71 57.66 2.73
N LEU F 345 87.80 56.87 1.67
CA LEU F 345 88.12 55.44 1.80
C LEU F 345 89.06 54.99 0.70
N PRO F 346 90.03 54.13 1.05
CA PRO F 346 90.92 53.53 0.06
C PRO F 346 90.23 52.42 -0.74
N THR F 347 90.58 52.28 -2.01
CA THR F 347 90.02 51.24 -2.86
C THR F 347 90.69 49.90 -2.60
N MET F 348 89.88 48.90 -2.25
CA MET F 348 90.40 47.58 -1.90
C MET F 348 90.79 46.79 -3.13
N GLN F 349 89.99 46.93 -4.18
CA GLN F 349 90.21 46.20 -5.42
C GLN F 349 89.27 46.73 -6.50
N LEU F 350 89.52 46.32 -7.74
CA LEU F 350 88.61 46.65 -8.82
C LEU F 350 87.65 45.49 -9.02
N ALA F 351 86.56 45.73 -9.72
CA ALA F 351 85.57 44.69 -9.96
C ALA F 351 86.18 43.44 -10.64
N ASP F 352 87.20 43.64 -11.46
CA ASP F 352 87.84 42.54 -12.18
C ASP F 352 88.79 41.75 -11.28
N GLY F 353 88.96 42.19 -10.04
CA GLY F 353 89.76 41.48 -9.05
C GLY F 353 91.21 41.91 -9.00
N SER F 354 91.53 42.97 -9.75
CA SER F 354 92.91 43.44 -9.80
C SER F 354 93.17 44.49 -8.73
N ARG F 355 94.46 44.79 -8.50
CA ARG F 355 94.84 45.84 -7.58
C ARG F 355 94.50 47.22 -8.13
N PRO F 356 94.21 48.17 -7.23
CA PRO F 356 93.87 49.54 -7.63
C PRO F 356 95.12 50.31 -8.02
N GLN F 357 94.98 51.24 -8.96
CA GLN F 357 96.11 52.06 -9.39
C GLN F 357 96.55 53.01 -8.29
N SER F 358 95.68 53.17 -7.28
CA SER F 358 95.96 54.08 -6.17
C SER F 358 95.34 53.58 -4.86
N THR F 359 96.18 53.43 -3.84
CA THR F 359 95.70 52.95 -2.54
C THR F 359 95.50 54.10 -1.55
N GLU F 360 95.43 55.32 -2.08
CA GLU F 360 95.13 56.48 -1.25
C GLU F 360 93.63 56.55 -1.00
N ALA F 361 93.25 57.07 0.16
CA ALA F 361 91.84 57.17 0.52
C ALA F 361 91.20 58.38 -0.16
N LYS F 362 90.33 58.11 -1.14
CA LYS F 362 89.61 59.18 -1.84
C LYS F 362 88.16 59.27 -1.36
N GLU F 363 87.51 60.36 -1.75
CA GLU F 363 86.12 60.59 -1.37
C GLU F 363 85.15 59.66 -2.10
N GLY F 364 83.86 59.83 -1.80
CA GLY F 364 82.81 59.11 -2.50
C GLY F 364 82.27 59.96 -3.63
N PRO F 365 80.94 59.95 -3.82
CA PRO F 365 79.99 59.16 -3.02
C PRO F 365 80.04 57.66 -3.35
N TYR F 366 79.19 56.89 -2.68
CA TYR F 366 79.23 55.44 -2.78
C TYR F 366 77.85 54.85 -3.09
N TRP F 367 77.86 53.58 -3.49
CA TRP F 367 76.63 52.80 -3.59
C TRP F 367 76.93 51.37 -3.14
N SER F 368 75.88 50.63 -2.80
CA SER F 368 76.05 49.32 -2.16
C SER F 368 75.24 48.22 -2.83
N ILE F 369 75.86 47.05 -2.97
CA ILE F 369 75.20 45.89 -3.57
C ILE F 369 75.19 44.74 -2.57
N MET F 370 74.04 44.09 -2.43
CA MET F 370 73.92 42.97 -1.52
C MET F 370 73.47 41.72 -2.26
N LEU F 371 74.21 40.63 -2.06
CA LEU F 371 73.95 39.40 -2.77
C LEU F 371 73.59 38.27 -1.81
N GLU F 372 72.89 37.26 -2.33
CA GLU F 372 72.57 36.07 -1.54
C GLU F 372 72.92 34.81 -2.33
N VAL F 373 73.63 33.89 -1.67
CA VAL F 373 73.96 32.60 -2.27
C VAL F 373 73.48 31.49 -1.35
N SER F 374 72.75 30.53 -1.91
CA SER F 374 72.21 29.43 -1.12
C SER F 374 73.21 28.27 -0.99
N GLU F 375 73.00 27.44 0.02
CA GLU F 375 73.84 26.27 0.26
C GLU F 375 73.01 25.16 0.90
N SER F 376 73.33 23.92 0.58
CA SER F 376 72.69 22.76 1.20
C SER F 376 73.47 21.50 0.90
N SER F 377 73.03 20.38 1.45
CA SER F 377 73.69 19.11 1.20
C SER F 377 73.61 18.72 -0.28
N MET F 378 72.74 19.40 -1.02
CA MET F 378 72.59 19.13 -2.45
C MET F 378 73.29 20.19 -3.31
N LYS F 379 73.71 21.28 -2.68
CA LYS F 379 74.32 22.39 -3.42
C LYS F 379 75.42 23.06 -2.60
N PRO F 380 76.59 22.41 -2.49
CA PRO F 380 77.68 22.97 -1.67
C PRO F 380 78.18 24.29 -2.25
N VAL F 381 78.88 25.07 -1.42
CA VAL F 381 79.51 26.30 -1.87
C VAL F 381 80.83 26.50 -1.14
N ASN F 382 81.86 26.90 -1.88
CA ASN F 382 83.19 27.09 -1.29
C ASN F 382 83.34 28.47 -0.68
N GLN F 383 83.38 28.51 0.64
CA GLN F 383 83.39 29.79 1.36
C GLN F 383 84.54 30.69 0.96
N GLU F 384 85.74 30.14 0.85
CA GLU F 384 86.92 30.94 0.60
C GLU F 384 86.95 31.58 -0.80
N THR F 385 86.17 31.03 -1.73
CA THR F 385 86.12 31.60 -3.08
C THR F 385 84.88 32.44 -3.34
N ILE F 386 83.78 32.11 -2.67
CA ILE F 386 82.47 32.69 -2.99
C ILE F 386 82.46 34.23 -3.14
N LEU F 387 83.17 34.92 -2.26
CA LEU F 387 83.22 36.38 -2.35
C LEU F 387 83.71 36.82 -3.73
N ALA F 388 84.86 36.30 -4.13
CA ALA F 388 85.42 36.59 -5.45
C ALA F 388 84.46 36.16 -6.55
N ASP F 389 84.01 34.91 -6.49
CA ASP F 389 83.04 34.39 -7.45
C ASP F 389 81.85 35.33 -7.62
N CYS F 390 81.32 35.82 -6.50
CA CYS F 390 80.20 36.74 -6.53
C CYS F 390 80.56 38.05 -7.25
N ILE F 391 81.74 38.56 -6.97
CA ILE F 391 82.18 39.80 -7.60
C ILE F 391 82.33 39.60 -9.10
N GLN F 392 82.85 38.44 -9.51
CA GLN F 392 82.95 38.11 -10.92
C GLN F 392 81.57 38.10 -11.56
N GLY F 393 80.63 37.45 -10.88
CA GLY F 393 79.26 37.39 -11.35
C GLY F 393 78.68 38.76 -11.60
N LEU F 394 79.00 39.71 -10.71
CA LEU F 394 78.54 41.08 -10.86
C LEU F 394 79.10 41.69 -12.14
N VAL F 395 80.29 41.24 -12.53
CA VAL F 395 80.91 41.65 -13.78
C VAL F 395 80.20 41.00 -14.96
N ASN F 396 80.05 39.68 -14.90
CA ASN F 396 79.39 38.91 -15.96
C ASN F 396 77.97 39.40 -16.26
N THR F 397 77.26 39.82 -15.21
CA THR F 397 75.89 40.31 -15.35
C THR F 397 75.87 41.81 -15.59
N GLU F 398 77.05 42.38 -15.83
CA GLU F 398 77.18 43.81 -16.07
C GLU F 398 76.55 44.66 -14.95
N MET F 399 76.64 44.15 -13.72
CA MET F 399 76.28 44.94 -12.56
C MET F 399 77.44 45.89 -12.26
N LEU F 400 78.65 45.37 -12.43
CA LEU F 400 79.86 46.15 -12.21
C LEU F 400 80.77 46.13 -13.44
N LYS F 401 81.27 47.31 -13.81
CA LYS F 401 82.33 47.39 -14.81
C LYS F 401 83.61 46.88 -14.14
N PRO F 402 84.48 46.21 -14.92
CA PRO F 402 85.70 45.65 -14.33
C PRO F 402 86.58 46.74 -13.73
N THR F 403 86.26 47.99 -14.02
CA THR F 403 87.02 49.14 -13.53
C THR F 403 86.45 49.75 -12.26
N ASP F 404 85.16 49.54 -12.01
CA ASP F 404 84.50 50.00 -10.78
C ASP F 404 85.35 49.71 -9.56
N GLU F 405 85.40 50.68 -8.64
CA GLU F 405 86.25 50.56 -7.47
C GLU F 405 85.50 50.03 -6.25
N ILE F 406 85.88 48.83 -5.81
CA ILE F 406 85.31 48.23 -4.61
C ILE F 406 85.96 48.81 -3.36
N VAL F 407 85.15 49.42 -2.51
CA VAL F 407 85.62 50.06 -1.29
C VAL F 407 85.53 49.15 -0.07
N SER F 408 84.48 48.34 -0.01
CA SER F 408 84.24 47.49 1.15
C SER F 408 83.65 46.14 0.75
N THR F 409 83.95 45.11 1.55
CA THR F 409 83.41 43.77 1.29
C THR F 409 82.82 43.15 2.55
N TYR F 410 81.75 42.40 2.36
CA TYR F 410 81.05 41.75 3.46
C TYR F 410 80.66 40.33 3.05
N HIS F 411 80.92 39.38 3.95
CA HIS F 411 80.47 38.02 3.74
C HIS F 411 80.21 37.31 5.06
N ARG F 412 79.01 36.79 5.21
CA ARG F 412 78.62 36.07 6.41
C ARG F 412 77.72 34.91 6.02
N ARG F 413 77.91 33.77 6.69
CA ARG F 413 77.12 32.59 6.40
C ARG F 413 76.17 32.24 7.53
N PHE F 414 74.87 32.26 7.25
CA PHE F 414 73.86 31.91 8.24
C PHE F 414 73.43 30.45 8.04
N ASP F 415 73.73 29.60 9.00
CA ASP F 415 73.47 28.16 8.90
C ASP F 415 72.01 27.86 8.58
N HIS F 416 71.10 28.41 9.38
CA HIS F 416 69.67 28.30 9.12
C HIS F 416 69.17 29.55 8.41
N GLY F 417 68.95 29.44 7.10
CA GLY F 417 68.54 30.60 6.32
C GLY F 417 67.13 30.48 5.78
N TYR F 418 66.86 29.39 5.07
CA TYR F 418 65.53 29.11 4.54
C TYR F 418 65.04 27.74 5.03
N PRO F 419 63.85 27.72 5.64
CA PRO F 419 63.19 26.43 5.96
C PRO F 419 62.56 25.88 4.69
N THR F 420 63.08 24.75 4.22
CA THR F 420 62.70 24.24 2.90
C THR F 420 61.34 23.56 2.92
N PRO F 421 60.41 24.07 2.09
CA PRO F 421 59.07 23.48 1.95
C PRO F 421 59.14 22.17 1.18
N THR F 422 59.89 21.20 1.73
CA THR F 422 60.02 19.90 1.09
C THR F 422 58.72 19.10 1.16
N LEU F 423 58.64 18.07 0.31
CA LEU F 423 57.48 17.19 0.30
C LEU F 423 57.26 16.55 1.68
N GLU F 424 58.34 16.38 2.42
CA GLU F 424 58.30 15.68 3.70
C GLU F 424 57.93 16.58 4.87
N ARG F 425 58.01 17.90 4.66
CA ARG F 425 57.85 18.87 5.76
C ARG F 425 56.66 18.60 6.68
N GLU F 426 55.46 18.73 6.12
CA GLU F 426 54.24 18.60 6.91
C GLU F 426 54.12 17.28 7.66
N GLY F 427 54.56 16.19 7.04
CA GLY F 427 54.53 14.89 7.68
C GLY F 427 55.31 14.92 8.97
N ALA F 428 56.32 15.78 9.02
CA ALA F 428 57.14 15.94 10.21
C ALA F 428 56.53 16.93 11.18
N LEU F 429 56.25 18.14 10.70
CA LEU F 429 55.69 19.21 11.53
C LEU F 429 54.38 18.81 12.23
N THR F 430 53.49 18.13 11.52
CA THR F 430 52.21 17.73 12.09
C THR F 430 52.37 16.72 13.21
N GLN F 431 53.61 16.30 13.45
CA GLN F 431 53.93 15.50 14.60
C GLN F 431 54.72 16.33 15.61
N ILE F 432 55.77 16.98 15.12
CA ILE F 432 56.65 17.78 15.95
C ILE F 432 55.89 18.81 16.78
N LEU F 433 55.12 19.66 16.13
CA LEU F 433 54.45 20.78 16.79
C LEU F 433 53.41 20.36 17.84
N PRO F 434 52.51 19.43 17.49
CA PRO F 434 51.52 18.96 18.47
C PRO F 434 52.17 18.28 19.67
N LYS F 435 53.21 17.49 19.43
CA LYS F 435 53.90 16.81 20.51
C LYS F 435 54.53 17.83 21.45
N LEU F 436 55.05 18.92 20.87
CA LEU F 436 55.62 19.99 21.65
C LEU F 436 54.55 20.72 22.46
N GLN F 437 53.36 20.85 21.88
CA GLN F 437 52.29 21.59 22.55
C GLN F 437 51.73 20.82 23.74
N ASP F 438 51.71 19.48 23.63
CA ASP F 438 51.26 18.65 24.74
C ASP F 438 52.18 18.84 25.94
N LYS F 439 53.34 19.46 25.72
CA LYS F 439 54.27 19.78 26.78
C LYS F 439 54.21 21.26 27.15
N ASP F 440 53.15 21.93 26.70
CA ASP F 440 53.00 23.38 26.91
C ASP F 440 54.16 24.17 26.32
N ILE F 441 54.68 23.68 25.20
CA ILE F 441 55.70 24.39 24.46
C ILE F 441 55.16 24.81 23.10
N TRP F 442 55.08 26.11 22.88
CA TRP F 442 54.67 26.66 21.60
C TRP F 442 55.93 26.97 20.77
N SER F 443 56.27 26.11 19.83
CA SER F 443 57.42 26.37 18.98
C SER F 443 56.95 27.12 17.74
N ARG F 444 57.47 28.32 17.53
CA ARG F 444 56.96 29.20 16.50
C ARG F 444 58.07 30.05 15.89
N GLY F 445 57.88 30.46 14.63
CA GLY F 445 58.84 31.29 13.94
C GLY F 445 59.35 30.67 12.64
N ARG F 446 60.20 31.42 11.93
CA ARG F 446 60.77 30.95 10.66
C ARG F 446 61.34 29.53 10.77
N PHE F 447 62.06 29.26 11.84
CA PHE F 447 62.54 27.91 12.11
C PHE F 447 61.93 27.32 13.38
N GLY F 448 61.16 28.13 14.09
CA GLY F 448 60.42 27.62 15.24
C GLY F 448 59.33 26.68 14.77
N SER F 449 58.58 27.12 13.75
CA SER F 449 57.53 26.31 13.17
C SER F 449 57.81 25.93 11.70
N TRP F 450 58.86 26.52 11.13
CA TRP F 450 59.48 25.99 9.91
C TRP F 450 58.64 26.12 8.63
N ARG F 451 57.68 27.04 8.61
CA ARG F 451 56.85 27.20 7.42
C ARG F 451 57.11 28.52 6.70
N TYR F 452 57.81 28.42 5.58
CA TYR F 452 58.21 29.59 4.80
C TYR F 452 57.05 30.47 4.33
N GLU F 453 55.92 29.86 3.95
CA GLU F 453 54.76 30.61 3.46
C GLU F 453 54.43 31.72 4.41
N VAL F 454 54.85 31.53 5.64
CA VAL F 454 54.42 32.38 6.71
C VAL F 454 55.65 32.66 7.56
N GLY F 455 56.75 32.95 6.86
CA GLY F 455 58.06 33.13 7.46
C GLY F 455 58.71 34.48 7.22
N ASN F 456 57.92 35.47 6.85
CA ASN F 456 58.41 36.84 6.76
C ASN F 456 58.36 37.52 8.13
N GLN F 457 58.99 38.68 8.27
CA GLN F 457 59.07 39.35 9.57
C GLN F 457 57.69 39.55 10.20
N ASP F 458 56.72 40.01 9.41
CA ASP F 458 55.38 40.26 9.93
C ASP F 458 54.69 38.95 10.33
N HIS F 459 54.81 37.94 9.48
CA HIS F 459 54.32 36.61 9.78
C HIS F 459 54.93 36.09 11.07
N SER F 460 56.25 36.27 11.19
CA SER F 460 56.99 35.77 12.34
C SER F 460 56.55 36.49 13.60
N PHE F 461 56.58 37.82 13.55
CA PHE F 461 56.11 38.66 14.64
C PHE F 461 54.75 38.16 15.12
N MET F 462 53.84 37.93 14.18
CA MET F 462 52.48 37.54 14.53
C MET F 462 52.38 36.10 15.03
N LEU F 463 53.29 35.25 14.60
CA LEU F 463 53.33 33.89 15.13
C LEU F 463 53.54 33.96 16.64
N GLY F 464 54.35 34.91 17.09
CA GLY F 464 54.63 35.09 18.50
C GLY F 464 53.43 35.69 19.20
N VAL F 465 52.92 36.77 18.64
CA VAL F 465 51.70 37.41 19.14
C VAL F 465 50.57 36.39 19.30
N GLU F 466 50.25 35.69 18.22
CA GLU F 466 49.17 34.73 18.23
C GLU F 466 49.42 33.57 19.19
N ALA F 467 50.69 33.21 19.40
CA ALA F 467 51.02 32.16 20.36
C ALA F 467 50.64 32.62 21.77
N VAL F 468 51.00 33.85 22.10
CA VAL F 468 50.66 34.39 23.40
C VAL F 468 49.15 34.51 23.52
N ASP F 469 48.53 35.03 22.46
CA ASP F 469 47.07 35.18 22.43
C ASP F 469 46.36 33.83 22.61
N ASN F 470 46.94 32.76 22.08
CA ASN F 470 46.39 31.43 22.30
C ASN F 470 46.57 31.00 23.74
N ILE F 471 47.76 31.22 24.29
CA ILE F 471 48.06 30.88 25.67
C ILE F 471 47.15 31.61 26.66
N VAL F 472 46.95 32.91 26.43
CA VAL F 472 46.22 33.77 27.37
C VAL F 472 44.72 33.87 27.06
N ASN F 473 44.36 34.16 25.82
CA ASN F 473 42.96 34.44 25.48
C ASN F 473 42.26 33.36 24.69
N GLY F 474 42.93 32.23 24.52
CA GLY F 474 42.35 31.11 23.79
C GLY F 474 42.10 31.43 22.33
N ALA F 475 42.92 32.32 21.78
CA ALA F 475 42.82 32.70 20.37
C ALA F 475 43.35 31.58 19.47
N VAL F 476 42.78 31.43 18.29
CA VAL F 476 43.28 30.43 17.36
C VAL F 476 44.49 30.96 16.62
N GLU F 477 45.54 30.16 16.56
CA GLU F 477 46.75 30.55 15.86
C GLU F 477 46.53 30.39 14.37
N LEU F 478 46.00 31.45 13.74
CA LEU F 478 45.60 31.42 12.35
C LEU F 478 46.79 31.40 11.42
N THR F 479 47.83 32.17 11.77
CA THR F 479 48.99 32.31 10.93
C THR F 479 49.78 31.01 10.85
N LEU F 480 49.76 30.25 11.95
CA LEU F 480 50.49 28.99 12.00
C LEU F 480 49.88 27.94 11.10
N ASN F 481 48.55 27.82 11.16
CA ASN F 481 47.86 26.70 10.54
C ASN F 481 47.09 27.04 9.27
N TYR F 482 46.91 28.33 9.01
CA TYR F 482 46.13 28.75 7.84
C TYR F 482 46.79 29.92 7.12
N PRO F 483 48.00 29.69 6.61
CA PRO F 483 48.73 30.72 5.88
C PRO F 483 47.84 31.40 4.84
N ASP F 484 47.10 30.63 4.06
CA ASP F 484 46.29 31.20 2.98
C ASP F 484 45.21 32.12 3.53
N PHE F 485 44.65 31.76 4.68
CA PHE F 485 43.64 32.58 5.33
C PHE F 485 44.16 33.96 5.71
N VAL F 486 45.27 34.01 6.44
CA VAL F 486 45.84 35.29 6.85
C VAL F 486 46.42 36.10 5.67
N ASN F 487 47.14 35.44 4.78
CA ASN F 487 47.73 36.12 3.63
C ASN F 487 46.72 36.72 2.67
N GLY F 488 45.53 36.11 2.60
CA GLY F 488 44.52 36.56 1.65
C GLY F 488 43.53 37.57 2.21
N ARG F 489 43.81 38.11 3.37
CA ARG F 489 42.86 39.02 4.02
C ARG F 489 43.59 40.17 4.67
N GLN F 490 42.84 41.21 5.00
CA GLN F 490 43.39 42.29 5.80
C GLN F 490 43.11 42.00 7.27
N ASN F 491 44.17 41.75 8.02
CA ASN F 491 44.04 41.44 9.44
C ASN F 491 44.02 42.71 10.28
N THR F 492 42.82 43.20 10.56
CA THR F 492 42.65 44.51 11.18
C THR F 492 42.14 44.45 12.62
N GLU F 493 41.81 43.26 13.10
CA GLU F 493 41.14 43.12 14.39
C GLU F 493 42.06 43.33 15.59
N ARG F 494 43.24 42.72 15.57
CA ARG F 494 44.13 42.81 16.72
C ARG F 494 45.01 44.06 16.66
N ARG F 495 44.96 44.87 17.71
CA ARG F 495 45.70 46.14 17.73
C ARG F 495 46.60 46.27 18.95
N LEU F 496 47.56 47.19 18.88
CA LEU F 496 48.47 47.45 20.00
C LEU F 496 47.69 48.03 21.19
N VAL F 497 46.53 48.58 20.90
CA VAL F 497 45.57 48.96 21.92
C VAL F 497 44.21 48.34 21.64
N ASP F 498 43.88 47.29 22.39
CA ASP F 498 42.59 46.61 22.26
C ASP F 498 41.59 47.15 23.29
N GLY F 499 40.32 46.82 23.10
CA GLY F 499 39.29 47.20 24.04
C GLY F 499 39.72 46.97 25.48
N ALA F 500 40.34 45.83 25.74
CA ALA F 500 40.77 45.48 27.08
C ALA F 500 41.54 46.61 27.74
N GLN F 501 42.54 47.16 27.03
CA GLN F 501 43.35 48.22 27.63
C GLN F 501 42.58 49.53 27.78
N VAL F 502 41.77 49.84 26.79
CA VAL F 502 40.92 51.04 26.85
C VAL F 502 40.02 51.00 28.07
N PHE F 503 39.31 49.90 28.26
CA PHE F 503 38.36 49.77 29.36
C PHE F 503 39.04 49.81 30.73
N ALA F 504 40.23 49.22 30.80
CA ALA F 504 41.00 49.20 32.03
C ALA F 504 41.49 50.60 32.38
N LYS F 505 41.83 51.37 31.37
CA LYS F 505 42.34 52.73 31.53
C LYS F 505 41.25 53.63 32.07
N SER F 506 40.05 53.49 31.54
CA SER F 506 38.91 54.31 31.93
C SER F 506 38.38 53.92 33.32
N LYS F 507 38.63 52.68 33.71
CA LYS F 507 38.22 52.21 35.02
C LYS F 507 39.12 52.82 36.09
N ALA F 508 40.38 53.05 35.72
CA ALA F 508 41.37 53.61 36.63
C ALA F 508 41.28 55.14 36.67
N GLN F 509 40.52 55.71 35.74
CA GLN F 509 40.32 57.15 35.68
C GLN F 509 39.26 57.60 36.68
N LEU F 510 38.29 56.73 36.93
CA LEU F 510 37.20 57.02 37.86
C LEU F 510 37.69 57.29 39.27
N THR G 1 -70.90 -9.71 27.49
CA THR G 1 -70.43 -9.22 26.20
C THR G 1 -68.91 -9.07 26.16
N HIS G 2 -68.27 -9.92 25.36
CA HIS G 2 -66.80 -9.94 25.26
C HIS G 2 -66.22 -8.62 24.75
N PRO G 3 -65.02 -8.27 25.22
CA PRO G 3 -64.32 -7.07 24.75
C PRO G 3 -63.56 -7.38 23.47
N ASP G 4 -63.30 -6.36 22.66
CA ASP G 4 -62.62 -6.53 21.38
C ASP G 4 -61.30 -7.30 21.54
N ILE G 5 -60.57 -6.99 22.61
CA ILE G 5 -59.29 -7.63 22.90
C ILE G 5 -59.23 -8.09 24.35
N SER G 6 -58.56 -9.20 24.60
CA SER G 6 -58.39 -9.71 25.95
C SER G 6 -56.96 -10.17 26.19
N VAL G 7 -56.32 -9.61 27.20
CA VAL G 7 -54.94 -9.95 27.54
C VAL G 7 -54.80 -10.16 29.04
N ASP G 8 -53.79 -10.94 29.42
CA ASP G 8 -53.51 -11.16 30.83
C ASP G 8 -53.07 -9.87 31.50
N VAL G 9 -52.11 -9.18 30.88
CA VAL G 9 -51.57 -7.95 31.43
C VAL G 9 -51.66 -6.81 30.42
N LEU G 10 -52.37 -5.75 30.78
CA LEU G 10 -52.46 -4.56 29.92
C LEU G 10 -51.59 -3.42 30.46
N VAL G 11 -50.77 -2.84 29.58
CA VAL G 11 -49.88 -1.75 29.97
C VAL G 11 -50.31 -0.44 29.31
N ILE G 12 -50.73 0.53 30.11
CA ILE G 12 -51.11 1.84 29.59
C ILE G 12 -49.93 2.81 29.66
N GLY G 13 -49.55 3.34 28.51
CA GLY G 13 -48.48 4.31 28.43
C GLY G 13 -47.16 3.68 28.04
N ALA G 14 -46.48 4.30 27.09
CA ALA G 14 -45.25 3.75 26.55
C ALA G 14 -44.05 4.68 26.74
N GLY G 15 -43.99 5.31 27.90
CA GLY G 15 -42.79 6.00 28.32
C GLY G 15 -41.89 4.97 28.95
N PRO G 16 -40.80 5.40 29.60
CA PRO G 16 -39.84 4.45 30.17
C PRO G 16 -40.49 3.40 31.08
N THR G 17 -41.46 3.81 31.88
CA THR G 17 -42.11 2.85 32.78
C THR G 17 -42.88 1.77 32.02
N GLY G 18 -43.80 2.18 31.15
CA GLY G 18 -44.55 1.24 30.35
C GLY G 18 -43.65 0.33 29.54
N LEU G 19 -42.59 0.89 28.99
CA LEU G 19 -41.67 0.11 28.18
C LEU G 19 -40.92 -0.90 29.05
N GLY G 20 -40.65 -0.52 30.29
CA GLY G 20 -40.05 -1.44 31.24
C GLY G 20 -40.93 -2.65 31.44
N ALA G 21 -42.22 -2.40 31.68
CA ALA G 21 -43.19 -3.47 31.81
C ALA G 21 -43.18 -4.35 30.56
N ALA G 22 -43.41 -3.72 29.41
CA ALA G 22 -43.43 -4.44 28.13
C ALA G 22 -42.20 -5.32 27.96
N LYS G 23 -41.02 -4.75 28.18
CA LYS G 23 -39.78 -5.49 27.97
C LYS G 23 -39.71 -6.74 28.84
N ARG G 24 -40.08 -6.63 30.11
CA ARG G 24 -40.06 -7.80 30.99
C ARG G 24 -41.18 -8.79 30.66
N LEU G 25 -42.37 -8.27 30.37
CA LEU G 25 -43.45 -9.09 29.85
C LEU G 25 -42.99 -9.84 28.59
N ASN G 26 -42.20 -9.17 27.76
CA ASN G 26 -41.73 -9.76 26.52
C ASN G 26 -40.60 -10.76 26.74
N GLN G 27 -39.77 -10.49 27.75
CA GLN G 27 -38.68 -11.38 28.10
C GLN G 27 -39.23 -12.67 28.70
N ILE G 28 -40.13 -12.51 29.66
CA ILE G 28 -40.75 -13.65 30.33
C ILE G 28 -41.47 -14.52 29.31
N ASP G 29 -42.22 -13.87 28.42
CA ASP G 29 -42.98 -14.54 27.38
C ASP G 29 -43.89 -15.61 27.96
N GLY G 30 -44.55 -15.27 29.06
CA GLY G 30 -45.54 -16.15 29.67
C GLY G 30 -46.92 -15.62 29.37
N PRO G 31 -47.47 -14.82 30.29
CA PRO G 31 -48.82 -14.26 30.09
C PRO G 31 -48.92 -13.44 28.81
N SER G 32 -50.14 -13.38 28.27
CA SER G 32 -50.42 -12.51 27.14
C SER G 32 -50.39 -11.08 27.63
N TRP G 33 -49.99 -10.16 26.76
CA TRP G 33 -49.91 -8.76 27.15
C TRP G 33 -50.02 -7.83 25.94
N MET G 34 -50.05 -6.54 26.22
CA MET G 34 -50.31 -5.54 25.20
C MET G 34 -50.02 -4.17 25.79
N ILE G 35 -49.40 -3.30 25.00
CA ILE G 35 -49.09 -1.95 25.48
C ILE G 35 -49.67 -0.88 24.57
N VAL G 36 -50.32 0.11 25.17
CA VAL G 36 -50.97 1.18 24.41
C VAL G 36 -50.43 2.54 24.81
N ASP G 37 -50.55 3.50 23.90
CA ASP G 37 -50.17 4.88 24.20
C ASP G 37 -50.87 5.79 23.20
N SER G 38 -51.23 6.98 23.66
CA SER G 38 -51.95 7.93 22.84
C SER G 38 -51.02 8.63 21.85
N ASN G 39 -49.73 8.39 22.01
CA ASN G 39 -48.73 9.05 21.17
C ASN G 39 -48.12 8.04 20.20
N GLU G 40 -48.05 8.43 18.92
CA GLU G 40 -47.49 7.54 17.90
C GLU G 40 -46.05 7.16 18.22
N THR G 41 -45.36 8.03 18.94
CA THR G 41 -43.96 7.79 19.28
C THR G 41 -43.80 7.48 20.76
N PRO G 42 -43.31 6.26 21.07
CA PRO G 42 -43.08 5.90 22.46
C PRO G 42 -41.96 6.76 23.03
N GLY G 43 -41.96 6.98 24.34
CA GLY G 43 -40.92 7.73 24.99
C GLY G 43 -41.41 8.59 26.14
N GLY G 44 -42.65 9.07 26.03
CA GLY G 44 -43.22 9.93 27.04
C GLY G 44 -42.41 11.20 27.29
N LEU G 45 -42.12 11.48 28.56
CA LEU G 45 -41.36 12.67 28.93
C LEU G 45 -39.89 12.56 28.56
N ALA G 46 -39.45 11.35 28.21
CA ALA G 46 -38.07 11.13 27.82
C ALA G 46 -37.94 11.18 26.30
N SER G 47 -38.82 11.95 25.67
CA SER G 47 -38.85 12.09 24.22
C SER G 47 -38.11 13.34 23.73
N THR G 48 -37.74 13.34 22.46
CA THR G 48 -37.04 14.47 21.87
C THR G 48 -37.89 15.19 20.82
N ASP G 49 -37.82 16.51 20.81
CA ASP G 49 -38.51 17.31 19.80
C ASP G 49 -37.49 17.96 18.86
N VAL G 50 -37.97 18.40 17.70
CA VAL G 50 -37.10 19.07 16.73
C VAL G 50 -37.76 20.34 16.19
N THR G 51 -37.01 21.44 16.21
CA THR G 51 -37.49 22.68 15.62
C THR G 51 -37.32 22.60 14.12
N PRO G 52 -38.20 23.29 13.37
CA PRO G 52 -38.10 23.29 11.91
C PRO G 52 -36.69 23.59 11.43
N GLU G 53 -35.89 24.24 12.26
CA GLU G 53 -34.52 24.61 11.89
C GLU G 53 -33.52 23.47 12.05
N GLY G 54 -33.96 22.36 12.64
CA GLY G 54 -33.10 21.22 12.84
C GLY G 54 -32.38 21.20 14.18
N PHE G 55 -33.00 21.82 15.18
CA PHE G 55 -32.47 21.81 16.53
C PHE G 55 -33.26 20.87 17.43
N LEU G 56 -32.57 19.91 18.03
CA LEU G 56 -33.22 18.91 18.89
C LEU G 56 -33.34 19.42 20.32
N TYR G 57 -34.42 19.04 20.99
CA TYR G 57 -34.55 19.34 22.41
C TYR G 57 -35.25 18.23 23.17
N ASP G 58 -34.53 17.66 24.14
CA ASP G 58 -35.12 16.71 25.08
C ASP G 58 -36.14 17.47 25.93
N VAL G 59 -36.89 16.75 26.75
CA VAL G 59 -37.84 17.42 27.63
C VAL G 59 -37.10 17.89 28.87
N GLY G 60 -36.21 18.87 28.70
CA GLY G 60 -35.49 19.45 29.80
C GLY G 60 -34.02 19.08 29.88
N GLY G 61 -33.55 18.30 28.91
CA GLY G 61 -32.16 17.87 28.90
C GLY G 61 -31.91 16.75 29.91
N HIS G 62 -31.96 15.52 29.41
CA HIS G 62 -31.93 14.35 30.28
C HIS G 62 -30.55 13.69 30.32
N VAL G 63 -30.13 13.32 31.52
CA VAL G 63 -28.84 12.68 31.72
C VAL G 63 -29.01 11.39 32.51
N ILE G 64 -28.61 10.28 31.89
CA ILE G 64 -28.78 8.96 32.49
C ILE G 64 -27.68 8.59 33.48
N PHE G 65 -28.07 8.18 34.68
CA PHE G 65 -27.21 7.38 35.54
C PHE G 65 -27.98 6.14 35.96
N SER G 66 -27.48 4.96 35.57
CA SER G 66 -28.22 3.73 35.80
C SER G 66 -27.89 3.12 37.16
N HIS G 67 -28.93 2.73 37.90
CA HIS G 67 -28.76 1.99 39.13
C HIS G 67 -28.97 0.50 38.88
N TYR G 68 -29.36 0.16 37.67
CA TYR G 68 -29.77 -1.21 37.34
C TYR G 68 -29.05 -1.81 36.14
N LYS G 69 -28.55 -3.02 36.29
CA LYS G 69 -27.93 -3.73 35.19
C LYS G 69 -28.98 -4.06 34.14
N TYR G 70 -30.23 -4.24 34.58
CA TYR G 70 -31.31 -4.56 33.66
C TYR G 70 -31.59 -3.40 32.71
N PHE G 71 -31.63 -2.20 33.26
CA PHE G 71 -31.80 -0.99 32.48
C PHE G 71 -30.67 -0.92 31.45
N ASP G 72 -29.44 -1.18 31.91
CA ASP G 72 -28.29 -1.19 31.03
C ASP G 72 -28.49 -2.16 29.86
N ASP G 73 -28.83 -3.39 30.18
CA ASP G 73 -29.02 -4.44 29.18
C ASP G 73 -29.95 -3.99 28.06
N CYS G 74 -31.06 -3.39 28.42
CA CYS G 74 -32.06 -2.97 27.44
C CYS G 74 -31.55 -1.83 26.55
N LEU G 75 -30.78 -0.92 27.12
CA LEU G 75 -30.20 0.14 26.33
C LEU G 75 -29.12 -0.43 25.40
N ASP G 76 -28.29 -1.33 25.92
CA ASP G 76 -27.27 -1.97 25.09
C ASP G 76 -27.92 -2.67 23.90
N GLU G 77 -29.06 -3.32 24.15
CA GLU G 77 -29.76 -4.03 23.09
C GLU G 77 -30.29 -3.07 22.03
N ALA G 78 -30.91 -1.99 22.47
CA ALA G 78 -31.53 -1.02 21.57
C ALA G 78 -30.49 -0.25 20.76
N LEU G 79 -29.40 0.12 21.42
CA LEU G 79 -28.31 0.84 20.78
C LEU G 79 -26.99 0.14 21.07
N PRO G 80 -26.72 -0.94 20.32
CA PRO G 80 -25.60 -1.86 20.57
C PRO G 80 -24.28 -1.38 19.99
N LYS G 81 -24.33 -0.50 19.01
CA LYS G 81 -23.12 -0.04 18.33
C LYS G 81 -22.33 0.95 19.18
N GLU G 82 -21.03 0.76 19.23
CA GLU G 82 -20.14 1.64 19.99
C GLU G 82 -20.43 3.10 19.70
N ASP G 83 -20.63 3.41 18.42
CA ASP G 83 -20.83 4.79 17.99
C ASP G 83 -22.30 5.23 18.05
N ASP G 84 -23.11 4.50 18.82
CA ASP G 84 -24.47 4.92 19.06
C ASP G 84 -24.49 5.87 20.26
N TRP G 85 -23.38 5.90 20.99
CA TRP G 85 -23.31 6.62 22.25
C TRP G 85 -22.14 7.58 22.34
N TYR G 86 -22.35 8.70 23.04
CA TYR G 86 -21.26 9.56 23.48
C TYR G 86 -21.14 9.45 25.00
N THR G 87 -19.91 9.39 25.49
CA THR G 87 -19.68 9.35 26.93
C THR G 87 -19.05 10.67 27.39
N HIS G 88 -19.62 11.25 28.44
CA HIS G 88 -19.18 12.56 28.89
C HIS G 88 -18.86 12.59 30.38
N GLN G 89 -18.18 13.65 30.80
CA GLN G 89 -17.94 13.92 32.20
C GLN G 89 -18.89 15.02 32.63
N ARG G 90 -19.40 14.96 33.86
CA ARG G 90 -20.28 16.02 34.34
C ARG G 90 -19.52 17.30 34.66
N ILE G 91 -19.65 18.28 33.79
CA ILE G 91 -19.17 19.62 34.07
C ILE G 91 -20.36 20.47 34.49
N SER G 92 -20.56 20.60 35.79
CA SER G 92 -21.72 21.30 36.31
C SER G 92 -21.33 22.46 37.21
N TYR G 93 -22.02 23.59 37.04
CA TYR G 93 -21.77 24.76 37.85
C TYR G 93 -23.07 25.43 38.33
N VAL G 94 -22.96 26.21 39.39
CA VAL G 94 -24.06 27.03 39.86
C VAL G 94 -23.69 28.50 39.69
N ARG G 95 -24.59 29.28 39.12
CA ARG G 95 -24.34 30.70 38.87
C ARG G 95 -24.61 31.53 40.13
N CYS G 96 -23.54 31.98 40.77
CA CYS G 96 -23.70 32.81 41.96
C CYS G 96 -22.79 34.04 41.94
N GLN G 97 -23.41 35.21 41.94
CA GLN G 97 -22.70 36.49 41.96
C GLN G 97 -21.54 36.54 40.97
N GLY G 98 -21.89 36.53 39.69
CA GLY G 98 -20.92 36.70 38.62
C GLY G 98 -19.94 35.56 38.41
N GLN G 99 -20.00 34.56 39.27
CA GLN G 99 -19.05 33.46 39.19
C GLN G 99 -19.73 32.10 39.02
N TRP G 100 -19.01 31.16 38.41
CA TRP G 100 -19.48 29.78 38.28
C TRP G 100 -18.98 28.92 39.45
N VAL G 101 -19.89 28.53 40.32
CA VAL G 101 -19.56 27.67 41.45
C VAL G 101 -19.74 26.20 41.10
N PRO G 102 -18.64 25.42 41.11
CA PRO G 102 -18.69 24.01 40.77
C PRO G 102 -19.70 23.25 41.62
N TYR G 103 -20.48 22.38 40.97
CA TYR G 103 -21.43 21.54 41.68
C TYR G 103 -20.69 20.48 42.49
N PRO G 104 -21.19 20.17 43.70
CA PRO G 104 -22.34 20.82 44.35
C PRO G 104 -21.96 22.11 45.08
N PHE G 105 -22.86 23.09 45.04
CA PHE G 105 -22.64 24.40 45.66
C PHE G 105 -22.09 24.25 47.07
N GLN G 106 -22.82 23.53 47.91
CA GLN G 106 -22.48 23.40 49.33
C GLN G 106 -21.05 22.92 49.57
N ASN G 107 -20.46 22.26 48.59
CA ASN G 107 -19.11 21.71 48.76
C ASN G 107 -18.00 22.61 48.24
N ASN G 108 -18.38 23.66 47.51
CA ASN G 108 -17.40 24.55 46.91
C ASN G 108 -17.57 26.01 47.35
N ILE G 109 -17.71 26.21 48.66
CA ILE G 109 -17.86 27.54 49.22
C ILE G 109 -16.65 28.41 48.86
N SER G 110 -15.52 27.74 48.64
CA SER G 110 -14.27 28.42 48.31
C SER G 110 -14.37 29.33 47.07
N MET G 111 -15.27 29.01 46.15
CA MET G 111 -15.41 29.79 44.92
C MET G 111 -16.26 31.04 45.11
N LEU G 112 -16.74 31.25 46.34
CA LEU G 112 -17.59 32.39 46.64
C LEU G 112 -16.76 33.61 47.04
N PRO G 113 -17.39 34.79 47.03
CA PRO G 113 -16.81 36.02 47.58
C PRO G 113 -16.49 35.84 49.05
N LYS G 114 -15.52 36.58 49.57
CA LYS G 114 -15.13 36.43 50.97
C LYS G 114 -16.26 36.71 51.96
N GLU G 115 -16.98 37.80 51.75
CA GLU G 115 -18.08 38.14 52.65
C GLU G 115 -19.12 37.02 52.74
N GLU G 116 -19.35 36.34 51.61
CA GLU G 116 -20.32 35.26 51.57
C GLU G 116 -19.78 33.98 52.20
N GLN G 117 -18.51 33.69 51.96
CA GLN G 117 -17.86 32.54 52.61
C GLN G 117 -18.11 32.58 54.12
N VAL G 118 -17.93 33.75 54.70
CA VAL G 118 -18.15 33.93 56.13
C VAL G 118 -19.55 33.50 56.56
N LYS G 119 -20.57 34.09 55.93
CA LYS G 119 -21.96 33.74 56.24
C LYS G 119 -22.21 32.23 56.15
N CYS G 120 -21.55 31.58 55.20
CA CYS G 120 -21.76 30.16 54.96
C CYS G 120 -21.02 29.29 55.98
N ILE G 121 -19.73 29.54 56.16
CA ILE G 121 -18.94 28.79 57.12
C ILE G 121 -19.50 28.97 58.53
N ASP G 122 -20.07 30.15 58.79
CA ASP G 122 -20.70 30.41 60.07
C ASP G 122 -21.90 29.50 60.25
N GLY G 123 -22.78 29.50 59.25
CA GLY G 123 -23.97 28.68 59.26
C GLY G 123 -23.68 27.21 59.49
N MET G 124 -22.67 26.69 58.79
CA MET G 124 -22.26 25.30 58.94
C MET G 124 -21.72 25.00 60.33
N ILE G 125 -20.95 25.92 60.90
CA ILE G 125 -20.42 25.74 62.24
C ILE G 125 -21.55 25.59 63.25
N ASP G 126 -22.56 26.46 63.13
CA ASP G 126 -23.73 26.37 63.99
C ASP G 126 -24.42 25.03 63.83
N ALA G 127 -24.66 24.63 62.58
CA ALA G 127 -25.34 23.38 62.28
C ALA G 127 -24.58 22.17 62.82
N ALA G 128 -23.28 22.13 62.57
CA ALA G 128 -22.46 21.01 62.99
C ALA G 128 -22.45 20.86 64.52
N LEU G 129 -22.61 21.98 65.21
CA LEU G 129 -22.66 21.97 66.66
C LEU G 129 -24.01 21.45 67.17
N GLU G 130 -25.09 21.85 66.51
CA GLU G 130 -26.42 21.39 66.88
C GLU G 130 -26.65 19.95 66.44
N ALA G 131 -25.97 19.56 65.36
CA ALA G 131 -26.08 18.21 64.84
C ALA G 131 -25.37 17.20 65.74
N ARG G 132 -24.37 17.69 66.48
CA ARG G 132 -23.59 16.86 67.39
C ARG G 132 -24.46 16.40 68.55
N VAL G 133 -25.57 17.10 68.75
CA VAL G 133 -26.40 16.92 69.92
C VAL G 133 -27.87 16.60 69.58
N ALA G 134 -28.25 16.82 68.33
CA ALA G 134 -29.64 16.59 67.89
C ALA G 134 -30.08 15.14 68.11
N ASN G 135 -31.37 14.95 68.38
CA ASN G 135 -31.91 13.60 68.54
C ASN G 135 -33.30 13.43 67.90
N THR G 136 -33.82 14.52 67.36
CA THR G 136 -35.08 14.46 66.62
C THR G 136 -34.80 14.45 65.12
N LYS G 137 -35.86 14.27 64.34
CA LYS G 137 -35.71 14.30 62.88
C LYS G 137 -36.36 15.55 62.28
N PRO G 138 -35.80 16.03 61.16
CA PRO G 138 -36.36 17.21 60.49
C PRO G 138 -37.78 16.95 60.03
N LYS G 139 -38.67 17.91 60.22
CA LYS G 139 -40.06 17.75 59.81
C LYS G 139 -40.27 18.18 58.36
N THR G 140 -39.38 19.01 57.84
CA THR G 140 -39.51 19.51 56.47
C THR G 140 -38.18 19.53 55.71
N PHE G 141 -38.27 19.75 54.40
CA PHE G 141 -37.09 19.93 53.56
C PHE G 141 -36.25 21.07 54.11
N ASP G 142 -36.92 22.17 54.42
CA ASP G 142 -36.25 23.37 54.89
C ASP G 142 -35.46 23.15 56.17
N GLU G 143 -36.05 22.43 57.13
CA GLU G 143 -35.34 22.11 58.36
C GLU G 143 -34.10 21.28 58.03
N TRP G 144 -34.28 20.30 57.16
CA TRP G 144 -33.18 19.44 56.76
C TRP G 144 -32.04 20.29 56.23
N ILE G 145 -32.38 21.22 55.34
CA ILE G 145 -31.40 22.12 54.78
C ILE G 145 -30.62 22.87 55.85
N VAL G 146 -31.35 23.51 56.77
CA VAL G 146 -30.74 24.25 57.86
C VAL G 146 -29.86 23.35 58.72
N ARG G 147 -30.41 22.21 59.13
CA ARG G 147 -29.68 21.22 59.93
C ARG G 147 -28.38 20.79 59.26
N MET G 148 -28.42 20.62 57.94
CA MET G 148 -27.32 20.02 57.21
C MET G 148 -26.35 21.01 56.56
N MET G 149 -26.77 22.28 56.42
CA MET G 149 -25.94 23.25 55.72
C MET G 149 -25.83 24.60 56.43
N GLY G 150 -26.81 24.91 57.27
CA GLY G 150 -26.81 26.17 57.99
C GLY G 150 -27.57 27.26 57.25
N THR G 151 -27.90 28.33 57.96
CA THR G 151 -28.69 29.42 57.39
C THR G 151 -27.95 30.19 56.29
N GLY G 152 -26.63 30.20 56.35
CA GLY G 152 -25.84 30.87 55.34
C GLY G 152 -26.09 30.30 53.95
N ILE G 153 -25.87 28.99 53.81
CA ILE G 153 -26.06 28.31 52.55
C ILE G 153 -27.54 28.18 52.19
N ALA G 154 -28.39 28.06 53.20
CA ALA G 154 -29.83 27.97 52.98
C ALA G 154 -30.35 29.24 52.28
N ASP G 155 -30.01 30.39 52.83
CA ASP G 155 -30.47 31.67 52.29
C ASP G 155 -29.81 32.02 50.95
N LEU G 156 -28.52 31.69 50.83
CA LEU G 156 -27.76 32.05 49.63
C LEU G 156 -28.13 31.20 48.43
N PHE G 157 -28.34 29.90 48.64
CA PHE G 157 -28.58 28.98 47.53
C PHE G 157 -29.81 28.09 47.70
N MET G 158 -29.76 27.17 48.65
CA MET G 158 -30.82 26.16 48.79
C MET G 158 -32.25 26.69 48.72
N ARG G 159 -32.57 27.66 49.58
CA ARG G 159 -33.94 28.14 49.67
C ARG G 159 -34.47 28.79 48.39
N PRO G 160 -33.70 29.73 47.82
CA PRO G 160 -34.17 30.38 46.60
C PRO G 160 -34.22 29.43 45.39
N TYR G 161 -33.16 28.67 45.17
CA TYR G 161 -33.12 27.74 44.05
C TYR G 161 -34.25 26.71 44.10
N ASN G 162 -34.40 26.04 45.23
CA ASN G 162 -35.41 25.00 45.36
C ASN G 162 -36.83 25.48 45.11
N PHE G 163 -37.11 26.75 45.42
CA PHE G 163 -38.40 27.31 45.07
C PHE G 163 -38.44 27.54 43.57
N LYS G 164 -37.30 27.92 43.02
CA LYS G 164 -37.22 28.24 41.61
C LYS G 164 -37.40 27.01 40.74
N VAL G 165 -37.16 25.83 41.31
CA VAL G 165 -37.33 24.58 40.57
C VAL G 165 -38.61 23.84 40.96
N TRP G 166 -38.85 23.71 42.27
CA TRP G 166 -40.00 22.95 42.76
C TRP G 166 -41.31 23.74 42.73
N ALA G 167 -41.20 25.05 42.48
CA ALA G 167 -42.37 25.94 42.48
C ALA G 167 -43.16 25.87 43.79
N VAL G 168 -42.48 25.49 44.86
CA VAL G 168 -43.04 25.54 46.22
C VAL G 168 -41.91 25.83 47.21
N PRO G 169 -42.24 26.54 48.30
CA PRO G 169 -41.26 26.88 49.34
C PRO G 169 -40.70 25.60 49.96
N THR G 170 -39.41 25.62 50.31
CA THR G 170 -38.76 24.46 50.91
C THR G 170 -39.48 23.97 52.16
N THR G 171 -40.26 24.85 52.77
CA THR G 171 -40.97 24.53 54.01
C THR G 171 -42.22 23.70 53.77
N LYS G 172 -42.60 23.56 52.51
CA LYS G 172 -43.80 22.81 52.15
C LYS G 172 -43.47 21.40 51.68
N MET G 173 -42.19 21.06 51.67
CA MET G 173 -41.73 19.77 51.17
C MET G 173 -41.26 18.84 52.28
N GLN G 174 -41.26 17.54 52.00
CA GLN G 174 -40.84 16.51 52.94
C GLN G 174 -39.32 16.26 52.90
N CYS G 175 -38.78 15.60 53.92
CA CYS G 175 -37.32 15.46 54.05
C CYS G 175 -36.78 14.11 53.54
N ALA G 176 -37.68 13.14 53.37
CA ALA G 176 -37.29 11.75 53.10
C ALA G 176 -36.77 11.46 51.70
N TRP G 177 -37.09 12.32 50.74
CA TRP G 177 -36.84 12.04 49.34
C TRP G 177 -35.40 12.26 48.89
N LEU G 178 -34.60 12.96 49.69
CA LEU G 178 -33.35 13.52 49.18
C LEU G 178 -32.05 12.73 49.46
N GLY G 179 -32.16 11.42 49.68
CA GLY G 179 -31.00 10.60 49.94
C GLY G 179 -29.81 10.81 49.01
N GLU G 180 -30.05 10.73 47.71
CA GLU G 180 -28.97 10.83 46.73
C GLU G 180 -29.08 12.07 45.84
N ARG G 181 -29.95 13.00 46.22
CA ARG G 181 -30.16 14.22 45.43
C ARG G 181 -29.37 15.39 46.01
N VAL G 182 -29.40 15.54 47.33
CA VAL G 182 -28.76 16.66 48.01
C VAL G 182 -27.57 16.21 48.84
N ALA G 183 -26.42 16.84 48.62
CA ALA G 183 -25.19 16.49 49.31
C ALA G 183 -25.13 17.15 50.69
N ALA G 184 -24.88 16.34 51.72
CA ALA G 184 -24.69 16.87 53.06
C ALA G 184 -23.22 17.22 53.23
N PRO G 185 -22.93 18.51 53.44
CA PRO G 185 -21.54 19.01 53.48
C PRO G 185 -20.84 18.76 54.81
N ASN G 186 -19.60 18.29 54.73
CA ASN G 186 -18.75 18.08 55.89
C ASN G 186 -18.01 19.36 56.25
N LEU G 187 -18.16 19.80 57.50
CA LEU G 187 -17.63 21.10 57.92
C LEU G 187 -16.12 21.25 57.73
N LYS G 188 -15.37 20.22 58.11
CA LYS G 188 -13.91 20.28 58.01
C LYS G 188 -13.44 20.33 56.55
N ALA G 189 -14.10 19.57 55.69
CA ALA G 189 -13.73 19.53 54.28
C ALA G 189 -13.98 20.88 53.63
N VAL G 190 -15.11 21.49 53.96
CA VAL G 190 -15.50 22.77 53.37
C VAL G 190 -14.53 23.89 53.77
N THR G 191 -14.21 23.99 55.06
CA THR G 191 -13.31 25.05 55.53
C THR G 191 -11.87 24.83 55.05
N THR G 192 -11.47 23.57 54.92
CA THR G 192 -10.16 23.24 54.36
C THR G 192 -10.05 23.75 52.93
N ASN G 193 -11.14 23.61 52.17
CA ASN G 193 -11.18 24.09 50.79
C ASN G 193 -11.18 25.61 50.73
N VAL G 194 -11.93 26.25 51.64
CA VAL G 194 -11.96 27.69 51.72
C VAL G 194 -10.55 28.24 51.97
N ILE G 195 -9.84 27.57 52.87
CA ILE G 195 -8.47 27.96 53.19
C ILE G 195 -7.50 27.73 52.03
N LEU G 196 -7.60 26.57 51.39
CA LEU G 196 -6.66 26.20 50.34
C LEU G 196 -7.00 26.80 48.97
N GLY G 197 -8.28 26.93 48.67
CA GLY G 197 -8.73 27.43 47.39
C GLY G 197 -8.97 26.31 46.39
N LYS G 198 -9.19 25.10 46.92
CA LYS G 198 -9.43 23.93 46.08
C LYS G 198 -10.92 23.70 45.82
N THR G 199 -11.21 22.80 44.88
CA THR G 199 -12.59 22.48 44.52
C THR G 199 -12.96 21.05 44.89
N ALA G 200 -14.24 20.71 44.74
CA ALA G 200 -14.72 19.36 45.03
C ALA G 200 -16.06 19.10 44.33
N GLY G 201 -15.98 18.78 43.04
CA GLY G 201 -17.18 18.56 42.25
C GLY G 201 -17.32 17.14 41.71
N ASN G 202 -17.10 16.16 42.58
CA ASN G 202 -17.23 14.75 42.20
C ASN G 202 -18.44 14.08 42.82
N TRP G 203 -19.03 14.74 43.82
CA TRP G 203 -20.19 14.20 44.53
C TRP G 203 -21.38 14.00 43.60
N GLY G 204 -22.03 12.84 43.70
CA GLY G 204 -23.22 12.56 42.92
C GLY G 204 -23.01 11.42 41.94
N PRO G 205 -24.12 10.85 41.47
CA PRO G 205 -24.11 9.77 40.48
C PRO G 205 -23.78 10.25 39.06
N ASN G 206 -23.76 11.56 38.86
CA ASN G 206 -23.62 12.13 37.51
C ASN G 206 -22.18 12.23 37.00
N ALA G 207 -21.22 11.77 37.80
CA ALA G 207 -19.80 11.88 37.47
C ALA G 207 -19.51 11.73 35.99
N THR G 208 -19.73 10.54 35.45
CA THR G 208 -19.55 10.28 34.03
C THR G 208 -20.80 9.59 33.48
N PHE G 209 -21.34 10.12 32.39
CA PHE G 209 -22.56 9.57 31.81
C PHE G 209 -22.44 9.33 30.31
N ARG G 210 -23.44 8.64 29.75
CA ARG G 210 -23.49 8.48 28.30
C ARG G 210 -24.77 9.06 27.73
N PHE G 211 -24.70 9.48 26.47
CA PHE G 211 -25.81 10.13 25.79
C PHE G 211 -25.89 9.63 24.36
N PRO G 212 -27.12 9.38 23.88
CA PRO G 212 -27.29 8.81 22.54
C PRO G 212 -26.75 9.74 21.47
N ALA G 213 -26.10 9.19 20.46
CA ALA G 213 -25.49 10.00 19.42
C ALA G 213 -26.54 10.65 18.53
N ARG G 214 -27.64 9.94 18.27
CA ARG G 214 -28.66 10.44 17.38
C ARG G 214 -30.06 10.35 17.98
N GLY G 215 -30.87 11.37 17.72
CA GLY G 215 -32.27 11.38 18.13
C GLY G 215 -32.57 11.84 19.55
N GLY G 216 -31.57 12.40 20.22
CA GLY G 216 -31.74 12.78 21.62
C GLY G 216 -32.02 11.54 22.45
N THR G 217 -32.41 11.74 23.71
CA THR G 217 -32.72 10.59 24.56
C THR G 217 -33.95 9.86 24.03
N GLY G 218 -34.80 10.58 23.31
CA GLY G 218 -35.97 10.00 22.68
C GLY G 218 -35.59 8.83 21.77
N GLY G 219 -34.43 8.92 21.16
CA GLY G 219 -33.94 7.87 20.29
C GLY G 219 -33.83 6.54 21.01
N ILE G 220 -33.47 6.61 22.29
CA ILE G 220 -33.32 5.41 23.11
C ILE G 220 -34.63 4.64 23.21
N TRP G 221 -35.71 5.36 23.53
CA TRP G 221 -37.00 4.74 23.78
C TRP G 221 -37.72 4.34 22.52
N ILE G 222 -37.34 4.96 21.40
CA ILE G 222 -37.84 4.51 20.10
C ILE G 222 -37.18 3.18 19.78
N ALA G 223 -35.88 3.11 20.01
CA ALA G 223 -35.12 1.90 19.75
C ALA G 223 -35.57 0.75 20.66
N VAL G 224 -35.74 1.04 21.95
CA VAL G 224 -36.20 0.04 22.90
C VAL G 224 -37.56 -0.52 22.47
N ALA G 225 -38.46 0.38 22.08
CA ALA G 225 -39.79 -0.03 21.62
C ALA G 225 -39.76 -0.89 20.36
N ASN G 226 -38.74 -0.70 19.54
CA ASN G 226 -38.61 -1.47 18.30
C ASN G 226 -38.26 -2.94 18.54
N THR G 227 -37.78 -3.27 19.75
CA THR G 227 -37.48 -4.65 20.09
C THR G 227 -38.73 -5.41 20.52
N LEU G 228 -39.84 -4.70 20.63
CA LEU G 228 -41.10 -5.33 21.01
C LEU G 228 -41.87 -5.83 19.78
N PRO G 229 -42.67 -6.88 19.98
CA PRO G 229 -43.55 -7.33 18.89
C PRO G 229 -44.54 -6.23 18.52
N LYS G 230 -44.40 -5.72 17.30
CA LYS G 230 -45.22 -4.61 16.82
C LYS G 230 -46.70 -4.84 17.07
N GLU G 231 -47.13 -6.09 16.88
CA GLU G 231 -48.56 -6.42 16.95
C GLU G 231 -49.07 -6.43 18.39
N LYS G 232 -48.18 -6.28 19.35
CA LYS G 232 -48.58 -6.20 20.75
C LYS G 232 -48.57 -4.75 21.23
N THR G 233 -48.24 -3.83 20.33
CA THR G 233 -48.28 -2.41 20.65
C THR G 233 -49.44 -1.73 19.93
N ARG G 234 -49.89 -0.60 20.48
CA ARG G 234 -50.98 0.17 19.90
C ARG G 234 -50.75 1.65 20.18
N PHE G 235 -49.88 2.27 19.39
CA PHE G 235 -49.44 3.63 19.64
C PHE G 235 -50.11 4.64 18.72
N GLY G 236 -50.60 5.73 19.30
CA GLY G 236 -51.24 6.78 18.54
C GLY G 236 -52.67 7.00 18.98
N GLU G 237 -53.45 7.69 18.15
CA GLU G 237 -54.84 7.98 18.46
C GLU G 237 -55.63 6.70 18.71
N LYS G 238 -55.16 5.60 18.12
CA LYS G 238 -55.83 4.31 18.26
C LYS G 238 -55.55 3.69 19.62
N GLY G 239 -54.56 4.24 20.33
CA GLY G 239 -54.16 3.71 21.61
C GLY G 239 -54.41 4.63 22.79
N LYS G 240 -55.23 5.65 22.57
CA LYS G 240 -55.54 6.61 23.62
C LYS G 240 -56.65 6.09 24.53
N VAL G 241 -56.29 5.73 25.75
CA VAL G 241 -57.27 5.27 26.73
C VAL G 241 -58.16 6.43 27.12
N THR G 242 -59.47 6.23 27.08
CA THR G 242 -60.40 7.26 27.53
C THR G 242 -61.17 6.83 28.77
N LYS G 243 -61.28 5.52 28.97
CA LYS G 243 -62.09 5.01 30.08
C LYS G 243 -61.51 3.73 30.70
N VAL G 244 -61.54 3.67 32.02
CA VAL G 244 -61.12 2.48 32.75
C VAL G 244 -62.25 2.00 33.65
N ASN G 245 -62.71 0.79 33.41
CA ASN G 245 -63.76 0.20 34.21
C ASN G 245 -63.19 -0.86 35.14
N ALA G 246 -62.62 -0.40 36.24
CA ALA G 246 -61.92 -1.26 37.19
C ALA G 246 -62.78 -2.42 37.68
N ASN G 247 -64.10 -2.24 37.67
CA ASN G 247 -65.01 -3.24 38.24
C ASN G 247 -65.13 -4.50 37.39
N ASN G 248 -65.14 -4.36 36.07
CA ASN G 248 -65.15 -5.52 35.19
C ASN G 248 -63.86 -5.64 34.38
N LYS G 249 -62.87 -4.84 34.78
CA LYS G 249 -61.52 -4.94 34.22
C LYS G 249 -61.48 -4.79 32.69
N THR G 250 -62.03 -3.68 32.20
CA THR G 250 -62.00 -3.39 30.78
C THR G 250 -61.71 -1.93 30.52
N VAL G 251 -60.76 -1.69 29.63
CA VAL G 251 -60.40 -0.33 29.26
C VAL G 251 -61.04 0.01 27.92
N THR G 252 -61.41 1.28 27.75
CA THR G 252 -61.97 1.72 26.48
C THR G 252 -61.07 2.76 25.83
N LEU G 253 -60.82 2.60 24.55
CA LEU G 253 -59.94 3.51 23.82
C LEU G 253 -60.74 4.61 23.11
N GLN G 254 -60.02 5.61 22.60
CA GLN G 254 -60.63 6.71 21.88
C GLN G 254 -61.53 6.21 20.75
N ASP G 255 -61.07 5.18 20.04
CA ASP G 255 -61.77 4.70 18.86
C ASP G 255 -62.87 3.71 19.20
N GLY G 256 -63.17 3.56 20.49
CA GLY G 256 -64.23 2.69 20.93
C GLY G 256 -63.80 1.27 21.27
N THR G 257 -62.58 0.90 20.87
CA THR G 257 -62.05 -0.42 21.17
C THR G 257 -62.06 -0.69 22.67
N THR G 258 -62.42 -1.91 23.05
CA THR G 258 -62.40 -2.30 24.46
C THR G 258 -61.39 -3.39 24.71
N ILE G 259 -60.60 -3.21 25.76
CA ILE G 259 -59.60 -4.21 26.14
C ILE G 259 -59.88 -4.75 27.54
N GLY G 260 -60.00 -6.08 27.63
CA GLY G 260 -60.18 -6.72 28.92
C GLY G 260 -58.85 -7.23 29.43
N TYR G 261 -58.62 -7.09 30.73
CA TYR G 261 -57.34 -7.46 31.32
C TYR G 261 -57.52 -8.23 32.62
N LYS G 262 -56.48 -8.96 33.02
CA LYS G 262 -56.46 -9.61 34.32
C LYS G 262 -55.66 -8.76 35.32
N LYS G 263 -54.62 -8.11 34.82
CA LYS G 263 -53.84 -7.18 35.61
C LYS G 263 -53.58 -5.93 34.78
N LEU G 264 -53.66 -4.76 35.41
CA LEU G 264 -53.44 -3.50 34.71
C LEU G 264 -52.23 -2.78 35.27
N VAL G 265 -51.31 -2.41 34.39
CA VAL G 265 -50.16 -1.60 34.77
C VAL G 265 -50.30 -0.21 34.17
N SER G 266 -50.74 0.73 34.98
CA SER G 266 -51.04 2.08 34.50
C SER G 266 -49.89 3.02 34.79
N THR G 267 -49.33 3.61 33.73
CA THR G 267 -48.21 4.53 33.89
C THR G 267 -48.63 5.98 33.65
N MET G 268 -49.90 6.19 33.33
CA MET G 268 -50.40 7.54 33.17
C MET G 268 -50.45 8.20 34.54
N ALA G 269 -50.38 9.52 34.56
CA ALA G 269 -50.50 10.27 35.82
C ALA G 269 -51.69 9.74 36.62
N VAL G 270 -51.43 9.34 37.87
CA VAL G 270 -52.44 8.67 38.70
C VAL G 270 -53.73 9.48 38.87
N ASP G 271 -53.62 10.81 38.83
CA ASP G 271 -54.81 11.65 38.87
C ASP G 271 -55.66 11.45 37.62
N PHE G 272 -55.03 11.48 36.44
CA PHE G 272 -55.72 11.21 35.18
C PHE G 272 -56.37 9.83 35.22
N LEU G 273 -55.69 8.89 35.86
CA LEU G 273 -56.23 7.54 35.98
C LEU G 273 -57.52 7.58 36.77
N ALA G 274 -57.48 8.21 37.95
CA ALA G 274 -58.66 8.34 38.80
C ALA G 274 -59.83 8.92 38.01
N GLU G 275 -59.55 9.99 37.27
CA GLU G 275 -60.54 10.60 36.41
C GLU G 275 -61.09 9.56 35.43
N ALA G 276 -60.19 8.79 34.82
CA ALA G 276 -60.56 7.82 33.81
C ALA G 276 -61.40 6.64 34.37
N MET G 277 -61.23 6.33 35.65
CA MET G 277 -62.03 5.27 36.25
C MET G 277 -63.36 5.80 36.79
N ASN G 278 -63.55 7.11 36.72
CA ASN G 278 -64.71 7.73 37.34
C ASN G 278 -64.86 7.34 38.81
N ASP G 279 -63.73 7.12 39.47
CA ASP G 279 -63.71 6.75 40.88
C ASP G 279 -63.58 8.01 41.74
N GLN G 280 -64.72 8.52 42.19
CA GLN G 280 -64.79 9.76 42.95
C GLN G 280 -63.83 9.80 44.14
N GLU G 281 -63.80 8.72 44.91
CA GLU G 281 -62.91 8.64 46.06
C GLU G 281 -61.46 8.87 45.64
N LEU G 282 -61.01 8.11 44.64
CA LEU G 282 -59.64 8.21 44.15
C LEU G 282 -59.32 9.57 43.56
N VAL G 283 -60.28 10.17 42.87
CA VAL G 283 -60.11 11.50 42.33
C VAL G 283 -59.85 12.49 43.45
N GLY G 284 -60.61 12.36 44.54
CA GLY G 284 -60.42 13.20 45.71
C GLY G 284 -59.01 13.01 46.26
N LEU G 285 -58.64 11.76 46.47
CA LEU G 285 -57.32 11.44 47.01
C LEU G 285 -56.21 12.04 46.16
N THR G 286 -56.24 11.77 44.86
CA THR G 286 -55.19 12.23 43.97
C THR G 286 -55.08 13.76 43.92
N LYS G 287 -56.16 14.45 44.26
CA LYS G 287 -56.13 15.92 44.27
C LYS G 287 -55.38 16.47 45.48
N GLN G 288 -55.08 15.58 46.43
CA GLN G 288 -54.27 15.95 47.59
C GLN G 288 -52.80 16.00 47.18
N LEU G 289 -52.48 15.39 46.04
CA LEU G 289 -51.12 15.41 45.51
C LEU G 289 -50.82 16.77 44.92
N PHE G 290 -49.56 17.01 44.58
CA PHE G 290 -49.16 18.29 44.01
C PHE G 290 -48.06 18.10 42.97
N TYR G 291 -48.08 18.93 41.93
CA TYR G 291 -47.08 18.84 40.87
C TYR G 291 -46.80 20.19 40.21
N SER G 292 -45.59 20.33 39.70
CA SER G 292 -45.22 21.54 38.98
C SER G 292 -45.20 21.27 37.48
N SER G 293 -45.63 22.23 36.69
CA SER G 293 -45.54 22.15 35.24
C SER G 293 -44.14 22.60 34.83
N THR G 294 -43.67 22.14 33.67
CA THR G 294 -42.33 22.50 33.23
C THR G 294 -42.33 23.11 31.83
N HIS G 295 -41.79 24.32 31.73
CA HIS G 295 -41.57 24.98 30.45
C HIS G 295 -40.18 24.67 29.95
N VAL G 296 -40.08 24.03 28.78
CA VAL G 296 -38.78 23.80 28.16
C VAL G 296 -38.56 24.84 27.07
N ILE G 297 -37.41 25.51 27.10
CA ILE G 297 -37.10 26.55 26.13
C ILE G 297 -35.78 26.24 25.44
N GLY G 298 -35.82 26.15 24.12
CA GLY G 298 -34.62 25.88 23.37
C GLY G 298 -34.15 27.10 22.61
N VAL G 299 -32.84 27.30 22.58
CA VAL G 299 -32.28 28.41 21.83
C VAL G 299 -31.11 27.96 20.94
N GLY G 300 -31.31 28.09 19.63
CA GLY G 300 -30.27 27.76 18.67
C GLY G 300 -29.52 29.02 18.30
N VAL G 301 -28.20 28.98 18.44
CA VAL G 301 -27.39 30.17 18.22
C VAL G 301 -26.22 29.91 17.28
N ARG G 302 -26.04 30.82 16.33
CA ARG G 302 -24.98 30.71 15.35
C ARG G 302 -23.61 30.99 15.96
N GLY G 303 -22.60 30.25 15.51
CA GLY G 303 -21.24 30.51 15.92
C GLY G 303 -20.54 29.32 16.54
N SER G 304 -19.22 29.35 16.53
CA SER G 304 -18.41 28.35 17.22
C SER G 304 -18.73 28.41 18.69
N ARG G 305 -18.58 27.29 19.39
CA ARG G 305 -18.85 27.26 20.82
C ARG G 305 -17.97 28.27 21.52
N PRO G 306 -18.58 29.30 22.12
CA PRO G 306 -17.82 30.34 22.82
C PRO G 306 -16.95 29.71 23.91
N GLU G 307 -15.71 30.16 24.04
CA GLU G 307 -14.81 29.61 25.05
C GLU G 307 -15.38 29.87 26.44
N ARG G 308 -16.15 30.95 26.55
CA ARG G 308 -16.81 31.31 27.79
C ARG G 308 -17.77 30.20 28.24
N ILE G 309 -18.39 29.54 27.27
CA ILE G 309 -19.27 28.40 27.53
C ILE G 309 -18.48 27.15 27.88
N GLY G 310 -17.43 26.88 27.10
CA GLY G 310 -16.58 25.74 27.35
C GLY G 310 -17.31 24.41 27.19
N ASP G 311 -16.89 23.41 27.96
CA ASP G 311 -17.53 22.10 27.92
C ASP G 311 -18.52 21.91 29.05
N LYS G 312 -19.07 23.01 29.55
CA LYS G 312 -20.10 22.94 30.57
C LYS G 312 -21.29 22.12 30.06
N CYS G 313 -21.83 21.28 30.92
CA CYS G 313 -22.99 20.46 30.56
C CYS G 313 -24.30 21.10 31.01
N TRP G 314 -24.55 21.14 32.31
CA TRP G 314 -25.73 21.83 32.82
C TRP G 314 -25.41 22.76 33.98
N LEU G 315 -26.18 23.84 34.07
CA LEU G 315 -25.87 24.93 34.99
C LEU G 315 -27.09 25.32 35.81
N TYR G 316 -26.88 25.59 37.09
CA TYR G 316 -27.96 25.96 38.01
C TYR G 316 -28.01 27.46 38.26
N PHE G 317 -29.22 28.01 38.31
CA PHE G 317 -29.42 29.45 38.46
C PHE G 317 -30.34 29.83 39.63
N PRO G 318 -29.77 29.94 40.84
CA PRO G 318 -30.52 30.30 42.04
C PRO G 318 -31.01 31.76 42.04
N GLU G 319 -30.20 32.66 41.49
CA GLU G 319 -30.49 34.09 41.53
C GLU G 319 -31.70 34.49 40.68
N ASP G 320 -32.15 35.73 40.85
CA ASP G 320 -33.41 36.17 40.25
C ASP G 320 -33.24 37.00 38.98
N ASN G 321 -32.05 36.96 38.38
CA ASN G 321 -31.81 37.68 37.13
C ASN G 321 -32.18 36.85 35.90
N CYS G 322 -32.86 35.73 36.13
CA CYS G 322 -33.32 34.85 35.05
C CYS G 322 -34.41 33.92 35.57
N PRO G 323 -35.43 33.64 34.74
CA PRO G 323 -36.60 32.85 35.16
C PRO G 323 -36.31 31.35 35.27
N PHE G 324 -35.29 30.88 34.58
CA PHE G 324 -34.99 29.45 34.54
C PHE G 324 -34.12 28.98 35.70
N TYR G 325 -34.37 27.76 36.17
CA TYR G 325 -33.59 27.19 37.26
C TYR G 325 -32.40 26.40 36.76
N ARG G 326 -32.46 25.96 35.50
CA ARG G 326 -31.37 25.22 34.91
C ARG G 326 -31.22 25.46 33.42
N ALA G 327 -29.98 25.36 32.94
CA ALA G 327 -29.69 25.48 31.53
C ALA G 327 -28.75 24.36 31.12
N THR G 328 -28.91 23.86 29.90
CA THR G 328 -27.99 22.85 29.39
C THR G 328 -27.40 23.28 28.06
N ILE G 329 -26.10 23.06 27.88
CA ILE G 329 -25.45 23.30 26.60
C ILE G 329 -25.63 22.04 25.75
N PHE G 330 -26.89 21.82 25.35
CA PHE G 330 -27.30 20.60 24.66
C PHE G 330 -26.39 20.24 23.50
N SER G 331 -25.89 21.25 22.81
CA SER G 331 -25.02 21.04 21.65
C SER G 331 -23.72 20.33 22.03
N ASN G 332 -23.44 20.26 23.33
CA ASN G 332 -22.24 19.60 23.80
C ASN G 332 -22.40 18.09 23.89
N TYR G 333 -23.63 17.61 23.99
CA TYR G 333 -23.88 16.19 24.17
C TYR G 333 -23.62 15.39 22.90
N SER G 334 -24.16 15.87 21.78
CA SER G 334 -23.94 15.23 20.49
C SER G 334 -23.93 16.24 19.37
N PRO G 335 -23.02 16.07 18.40
CA PRO G 335 -22.96 17.00 17.27
C PRO G 335 -24.23 16.90 16.43
N TYR G 336 -25.07 15.93 16.74
CA TYR G 336 -26.29 15.69 15.97
C TYR G 336 -27.53 16.27 16.63
N ASN G 337 -27.34 17.11 17.65
CA ASN G 337 -28.46 17.77 18.30
C ASN G 337 -28.77 19.11 17.63
N GLN G 338 -27.93 19.48 16.67
CA GLN G 338 -28.11 20.71 15.90
C GLN G 338 -27.56 20.52 14.49
N PRO G 339 -27.98 21.38 13.55
CA PRO G 339 -27.55 21.28 12.15
C PRO G 339 -26.04 21.29 11.99
N GLU G 340 -25.56 20.79 10.86
CA GLU G 340 -24.13 20.81 10.54
C GLU G 340 -23.70 22.24 10.24
N ALA G 341 -22.39 22.45 10.20
CA ALA G 341 -21.86 23.77 9.90
C ALA G 341 -22.37 24.27 8.55
N SER G 342 -22.33 23.40 7.54
CA SER G 342 -22.67 23.76 6.18
C SER G 342 -24.12 24.20 5.98
N LYS G 343 -25.01 23.81 6.88
CA LYS G 343 -26.42 24.18 6.77
C LYS G 343 -26.62 25.69 6.90
N LYS G 344 -27.38 26.27 5.98
CA LYS G 344 -27.62 27.72 5.98
C LYS G 344 -28.95 28.07 6.65
N LEU G 345 -28.89 29.00 7.60
CA LEU G 345 -30.08 29.46 8.31
C LEU G 345 -30.06 30.99 8.45
N PRO G 346 -31.24 31.61 8.38
CA PRO G 346 -31.34 33.04 8.63
C PRO G 346 -31.36 33.31 10.13
N THR G 347 -30.85 34.47 10.56
CA THR G 347 -30.92 34.86 11.96
C THR G 347 -32.33 35.37 12.29
N MET G 348 -32.92 34.82 13.35
CA MET G 348 -34.27 35.23 13.76
C MET G 348 -34.23 36.52 14.57
N GLN G 349 -33.18 36.64 15.40
CA GLN G 349 -33.01 37.80 16.26
C GLN G 349 -31.64 37.76 16.94
N LEU G 350 -31.33 38.83 17.67
CA LEU G 350 -30.13 38.86 18.49
C LEU G 350 -30.53 38.57 19.93
N ALA G 351 -29.54 38.24 20.77
CA ALA G 351 -29.81 37.92 22.16
C ALA G 351 -30.48 39.07 22.91
N ASP G 352 -30.19 40.30 22.46
CA ASP G 352 -30.74 41.48 23.13
C ASP G 352 -32.20 41.79 22.76
N GLY G 353 -32.75 41.03 21.81
CA GLY G 353 -34.15 41.14 21.46
C GLY G 353 -34.42 41.92 20.18
N SER G 354 -33.37 42.48 19.60
CA SER G 354 -33.51 43.30 18.40
C SER G 354 -33.47 42.44 17.15
N ARG G 355 -33.80 43.05 16.01
CA ARG G 355 -33.72 42.38 14.72
C ARG G 355 -32.28 42.31 14.23
N PRO G 356 -32.00 41.33 13.36
CA PRO G 356 -30.66 41.14 12.80
C PRO G 356 -30.34 42.18 11.73
N GLN G 357 -29.06 42.46 11.54
CA GLN G 357 -28.63 43.41 10.53
C GLN G 357 -28.79 42.78 9.14
N SER G 358 -28.96 41.47 9.11
CA SER G 358 -29.08 40.73 7.85
C SER G 358 -29.98 39.51 8.01
N THR G 359 -30.97 39.38 7.13
CA THR G 359 -31.90 38.26 7.20
C THR G 359 -31.58 37.16 6.17
N GLU G 360 -30.42 37.26 5.54
CA GLU G 360 -29.97 36.24 4.60
C GLU G 360 -29.53 34.99 5.34
N ALA G 361 -29.77 33.83 4.74
CA ALA G 361 -29.39 32.57 5.34
C ALA G 361 -27.89 32.33 5.26
N LYS G 362 -27.21 32.39 6.39
CA LYS G 362 -25.78 32.16 6.44
C LYS G 362 -25.47 30.79 7.04
N GLU G 363 -24.21 30.37 6.91
CA GLU G 363 -23.76 29.10 7.43
C GLU G 363 -23.55 29.13 8.94
N GLY G 364 -23.28 27.96 9.53
CA GLY G 364 -22.98 27.85 10.94
C GLY G 364 -21.50 28.10 11.21
N PRO G 365 -20.90 27.32 12.12
CA PRO G 365 -21.55 26.25 12.89
C PRO G 365 -22.54 26.79 13.92
N TYR G 366 -23.16 25.89 14.65
CA TYR G 366 -24.17 26.27 15.64
C TYR G 366 -23.91 25.64 17.00
N TRP G 367 -24.54 26.21 18.03
CA TRP G 367 -24.57 25.59 19.34
C TRP G 367 -25.95 25.81 19.97
N SER G 368 -26.32 24.97 20.92
CA SER G 368 -27.69 24.96 21.42
C SER G 368 -27.77 25.09 22.94
N ILE G 369 -28.76 25.84 23.40
CA ILE G 369 -28.99 26.03 24.83
C ILE G 369 -30.41 25.59 25.19
N MET G 370 -30.53 24.83 26.27
CA MET G 370 -31.82 24.33 26.72
C MET G 370 -32.13 24.79 28.14
N LEU G 371 -33.30 25.39 28.32
CA LEU G 371 -33.70 25.98 29.59
C LEU G 371 -34.93 25.30 30.16
N GLU G 372 -35.08 25.36 31.48
CA GLU G 372 -36.28 24.87 32.14
C GLU G 372 -36.82 25.90 33.11
N VAL G 373 -38.13 26.12 33.07
CA VAL G 373 -38.78 27.06 33.96
C VAL G 373 -40.01 26.40 34.56
N SER G 374 -40.08 26.36 35.89
CA SER G 374 -41.17 25.70 36.58
C SER G 374 -42.42 26.57 36.70
N GLU G 375 -43.56 25.92 36.89
CA GLU G 375 -44.84 26.61 37.07
C GLU G 375 -45.71 25.84 38.06
N SER G 376 -46.49 26.57 38.86
CA SER G 376 -47.43 25.97 39.78
C SER G 376 -48.39 27.03 40.31
N SER G 377 -49.39 26.60 41.08
CA SER G 377 -50.34 27.54 41.67
C SER G 377 -49.64 28.56 42.55
N MET G 378 -48.47 28.19 43.07
CA MET G 378 -47.68 29.10 43.90
C MET G 378 -46.64 29.90 43.11
N LYS G 379 -46.51 29.60 41.82
CA LYS G 379 -45.54 30.28 40.99
C LYS G 379 -46.01 30.32 39.53
N PRO G 380 -46.88 31.26 39.19
CA PRO G 380 -47.42 31.36 37.82
C PRO G 380 -46.35 31.85 36.85
N VAL G 381 -46.51 31.52 35.58
CA VAL G 381 -45.63 32.06 34.55
C VAL G 381 -46.43 32.48 33.31
N ASN G 382 -46.02 33.59 32.71
CA ASN G 382 -46.69 34.13 31.53
C ASN G 382 -46.12 33.55 30.24
N GLN G 383 -46.86 32.63 29.63
CA GLN G 383 -46.35 31.89 28.47
C GLN G 383 -45.91 32.79 27.31
N GLU G 384 -46.64 33.88 27.10
CA GLU G 384 -46.40 34.72 25.94
C GLU G 384 -45.14 35.59 26.04
N THR G 385 -44.56 35.68 27.23
CA THR G 385 -43.35 36.46 27.42
C THR G 385 -42.16 35.61 27.84
N ILE G 386 -42.45 34.39 28.29
CA ILE G 386 -41.43 33.54 28.90
C ILE G 386 -40.22 33.32 28.00
N LEU G 387 -40.47 33.07 26.71
CA LEU G 387 -39.38 32.90 25.76
C LEU G 387 -38.43 34.10 25.76
N ALA G 388 -39.00 35.30 25.57
CA ALA G 388 -38.21 36.52 25.59
C ALA G 388 -37.52 36.72 26.93
N ASP G 389 -38.24 36.45 28.02
CA ASP G 389 -37.69 36.59 29.36
C ASP G 389 -36.48 35.68 29.52
N CYS G 390 -36.60 34.44 29.04
CA CYS G 390 -35.52 33.47 29.15
C CYS G 390 -34.28 33.95 28.41
N ILE G 391 -34.49 34.44 27.20
CA ILE G 391 -33.38 34.93 26.39
C ILE G 391 -32.68 36.10 27.07
N GLN G 392 -33.47 36.99 27.67
CA GLN G 392 -32.91 38.10 28.43
C GLN G 392 -32.03 37.56 29.55
N GLY G 393 -32.58 36.59 30.29
CA GLY G 393 -31.86 35.96 31.38
C GLY G 393 -30.54 35.37 30.92
N LEU G 394 -30.52 34.84 29.71
CA LEU G 394 -29.31 34.32 29.12
C LEU G 394 -28.28 35.43 28.95
N VAL G 395 -28.78 36.63 28.65
CA VAL G 395 -27.92 37.79 28.54
C VAL G 395 -27.43 38.25 29.92
N ASN G 396 -28.35 38.42 30.84
CA ASN G 396 -28.00 38.83 32.20
C ASN G 396 -26.95 37.91 32.84
N THR G 397 -27.08 36.61 32.60
CA THR G 397 -26.16 35.64 33.17
C THR G 397 -24.93 35.44 32.28
N GLU G 398 -24.81 36.29 31.27
CA GLU G 398 -23.67 36.24 30.36
C GLU G 398 -23.52 34.87 29.71
N MET G 399 -24.64 34.24 29.41
CA MET G 399 -24.65 33.02 28.61
C MET G 399 -24.56 33.43 27.15
N LEU G 400 -25.28 34.49 26.81
CA LEU G 400 -25.25 35.04 25.46
C LEU G 400 -24.87 36.52 25.49
N LYS G 401 -24.00 36.91 24.58
CA LYS G 401 -23.74 38.33 24.36
C LYS G 401 -24.98 38.87 23.65
N PRO G 402 -25.29 40.17 23.85
CA PRO G 402 -26.49 40.75 23.22
C PRO G 402 -26.39 40.74 21.69
N THR G 403 -25.18 40.50 21.18
CA THR G 403 -24.95 40.46 19.74
C THR G 403 -25.14 39.07 19.13
N ASP G 404 -24.96 38.04 19.96
CA ASP G 404 -25.15 36.65 19.51
C ASP G 404 -26.41 36.50 18.65
N GLU G 405 -26.28 35.76 17.56
CA GLU G 405 -27.38 35.57 16.62
C GLU G 405 -28.21 34.33 16.95
N ILE G 406 -29.47 34.55 17.31
CA ILE G 406 -30.40 33.45 17.56
C ILE G 406 -30.97 32.91 16.25
N VAL G 407 -30.74 31.62 16.01
CA VAL G 407 -31.15 30.99 14.76
C VAL G 407 -32.47 30.22 14.86
N SER G 408 -32.76 29.68 16.04
CA SER G 408 -33.97 28.89 16.24
C SER G 408 -34.47 29.04 17.68
N THR G 409 -35.77 28.92 17.87
CA THR G 409 -36.34 28.96 19.22
C THR G 409 -37.33 27.82 19.42
N TYR G 410 -37.40 27.34 20.65
CA TYR G 410 -38.28 26.25 21.02
C TYR G 410 -38.94 26.53 22.36
N HIS G 411 -40.25 26.34 22.43
CA HIS G 411 -40.95 26.45 23.70
C HIS G 411 -42.14 25.52 23.80
N ARG G 412 -42.15 24.69 24.83
CA ARG G 412 -43.25 23.78 25.06
C ARG G 412 -43.49 23.66 26.55
N ARG G 413 -44.76 23.58 26.94
CA ARG G 413 -45.13 23.45 28.33
C ARG G 413 -45.68 22.06 28.62
N PHE G 414 -45.09 21.39 29.58
CA PHE G 414 -45.54 20.07 29.98
C PHE G 414 -46.31 20.15 31.29
N ASP G 415 -47.62 19.91 31.23
CA ASP G 415 -48.48 20.09 32.39
C ASP G 415 -47.92 19.37 33.61
N HIS G 416 -47.73 18.06 33.49
CA HIS G 416 -47.13 17.28 34.56
C HIS G 416 -45.63 17.16 34.34
N GLY G 417 -44.85 17.95 35.08
CA GLY G 417 -43.41 17.97 34.93
C GLY G 417 -42.68 17.31 36.08
N TYR G 418 -42.93 17.81 37.28
CA TYR G 418 -42.34 17.25 38.50
C TYR G 418 -43.42 16.86 39.50
N PRO G 419 -43.37 15.61 39.99
CA PRO G 419 -44.22 15.23 41.13
C PRO G 419 -43.62 15.80 42.41
N THR G 420 -44.29 16.78 42.99
CA THR G 420 -43.76 17.47 44.15
C THR G 420 -43.81 16.61 45.40
N PRO G 421 -42.63 16.37 46.00
CA PRO G 421 -42.50 15.62 47.25
C PRO G 421 -42.96 16.47 48.42
N THR G 422 -44.24 16.83 48.42
CA THR G 422 -44.82 17.66 49.48
C THR G 422 -44.98 16.89 50.78
N LEU G 423 -45.24 17.62 51.85
CA LEU G 423 -45.47 17.01 53.16
C LEU G 423 -46.67 16.04 53.11
N GLU G 424 -47.69 16.42 52.35
CA GLU G 424 -48.91 15.65 52.27
C GLU G 424 -48.79 14.41 51.36
N ARG G 425 -47.77 14.38 50.51
CA ARG G 425 -47.65 13.34 49.48
C ARG G 425 -47.93 11.93 49.99
N GLU G 426 -47.09 11.43 50.89
CA GLU G 426 -47.22 10.05 51.35
C GLU G 426 -48.59 9.76 51.96
N GLY G 427 -49.13 10.75 52.67
CA GLY G 427 -50.46 10.62 53.22
C GLY G 427 -51.45 10.19 52.15
N ALA G 428 -51.34 10.78 50.97
CA ALA G 428 -52.23 10.47 49.85
C ALA G 428 -51.87 9.14 49.18
N LEU G 429 -50.59 8.98 48.83
CA LEU G 429 -50.12 7.77 48.16
C LEU G 429 -50.39 6.47 48.94
N THR G 430 -50.16 6.48 50.25
CA THR G 430 -50.35 5.28 51.06
C THR G 430 -51.82 4.87 51.11
N GLN G 431 -52.67 5.71 50.53
CA GLN G 431 -54.07 5.37 50.36
C GLN G 431 -54.34 5.03 48.89
N ILE G 432 -53.98 5.95 48.00
CA ILE G 432 -54.21 5.80 46.57
C ILE G 432 -53.69 4.48 46.02
N LEU G 433 -52.38 4.26 46.13
CA LEU G 433 -51.76 3.06 45.57
C LEU G 433 -52.37 1.74 46.04
N PRO G 434 -52.53 1.56 47.37
CA PRO G 434 -53.04 0.29 47.89
C PRO G 434 -54.46 0.03 47.43
N LYS G 435 -55.28 1.08 47.40
CA LYS G 435 -56.66 0.96 46.93
C LYS G 435 -56.70 0.54 45.46
N LEU G 436 -55.85 1.16 44.64
CA LEU G 436 -55.70 0.76 43.25
C LEU G 436 -55.30 -0.70 43.14
N GLN G 437 -54.39 -1.14 44.01
CA GLN G 437 -53.86 -2.49 43.91
C GLN G 437 -54.91 -3.51 44.31
N ASP G 438 -55.87 -3.08 45.12
CA ASP G 438 -56.97 -3.96 45.50
C ASP G 438 -57.86 -4.24 44.30
N LYS G 439 -57.70 -3.44 43.25
CA LYS G 439 -58.43 -3.66 42.01
C LYS G 439 -57.51 -4.25 40.93
N ASP G 440 -56.42 -4.89 41.36
CA ASP G 440 -55.41 -5.43 40.46
C ASP G 440 -54.90 -4.38 39.47
N ILE G 441 -54.70 -3.17 39.97
CA ILE G 441 -54.16 -2.07 39.17
C ILE G 441 -52.82 -1.56 39.74
N TRP G 442 -51.73 -1.86 39.05
CA TRP G 442 -50.42 -1.37 39.45
C TRP G 442 -50.14 -0.01 38.82
N SER G 443 -50.40 1.06 39.56
CA SER G 443 -50.09 2.40 39.08
C SER G 443 -48.63 2.72 39.41
N ARG G 444 -47.82 2.88 38.36
CA ARG G 444 -46.39 3.08 38.53
C ARG G 444 -45.85 4.13 37.56
N GLY G 445 -44.79 4.83 37.97
CA GLY G 445 -44.15 5.80 37.10
C GLY G 445 -43.88 7.13 37.78
N ARG G 446 -43.27 8.06 37.05
CA ARG G 446 -42.99 9.39 37.58
C ARG G 446 -44.26 10.03 38.12
N PHE G 447 -45.37 9.84 37.42
CA PHE G 447 -46.67 10.33 37.89
C PHE G 447 -47.65 9.18 38.11
N GLY G 448 -47.23 7.97 37.78
CA GLY G 448 -48.03 6.81 38.04
C GLY G 448 -48.02 6.54 39.54
N SER G 449 -46.83 6.59 40.12
CA SER G 449 -46.67 6.41 41.56
C SER G 449 -46.21 7.70 42.26
N TRP G 450 -45.78 8.69 41.48
CA TRP G 450 -45.64 10.06 41.97
C TRP G 450 -44.48 10.28 42.93
N ARG G 451 -43.44 9.47 42.84
CA ARG G 451 -42.30 9.59 43.75
C ARG G 451 -41.01 10.00 43.03
N TYR G 452 -40.64 11.26 43.18
CA TYR G 452 -39.48 11.83 42.49
C TYR G 452 -38.16 11.11 42.82
N GLU G 453 -37.96 10.74 44.09
CA GLU G 453 -36.72 10.07 44.50
C GLU G 453 -36.41 8.93 43.58
N VAL G 454 -37.42 8.51 42.83
CA VAL G 454 -37.34 7.29 42.09
C VAL G 454 -38.09 7.52 40.78
N GLY G 455 -37.89 8.72 40.23
CA GLY G 455 -38.60 9.18 39.05
C GLY G 455 -37.71 9.45 37.85
N ASN G 456 -36.44 9.06 37.94
CA ASN G 456 -35.54 9.12 36.78
C ASN G 456 -35.89 8.03 35.76
N GLN G 457 -35.34 8.15 34.55
CA GLN G 457 -35.65 7.20 33.49
C GLN G 457 -35.43 5.75 33.91
N ASP G 458 -34.29 5.45 34.51
CA ASP G 458 -34.01 4.06 34.92
C ASP G 458 -34.97 3.61 36.02
N HIS G 459 -35.17 4.46 37.03
CA HIS G 459 -36.13 4.18 38.08
C HIS G 459 -37.47 3.84 37.47
N SER G 460 -37.91 4.69 36.55
CA SER G 460 -39.21 4.51 35.92
C SER G 460 -39.26 3.18 35.20
N PHE G 461 -38.29 2.96 34.32
CA PHE G 461 -38.20 1.73 33.55
C PHE G 461 -38.30 0.53 34.47
N MET G 462 -37.61 0.61 35.62
CA MET G 462 -37.59 -0.51 36.55
C MET G 462 -38.89 -0.64 37.33
N LEU G 463 -39.59 0.48 37.55
CA LEU G 463 -40.89 0.42 38.20
C LEU G 463 -41.83 -0.46 37.38
N GLY G 464 -41.82 -0.26 36.06
CA GLY G 464 -42.62 -1.08 35.17
C GLY G 464 -42.14 -2.52 35.15
N VAL G 465 -40.82 -2.70 35.10
CA VAL G 465 -40.22 -4.03 35.13
C VAL G 465 -40.62 -4.77 36.41
N GLU G 466 -40.38 -4.12 37.55
CA GLU G 466 -40.70 -4.73 38.84
C GLU G 466 -42.20 -4.93 39.04
N ALA G 467 -43.02 -4.06 38.47
CA ALA G 467 -44.47 -4.26 38.50
C ALA G 467 -44.80 -5.61 37.87
N VAL G 468 -44.35 -5.81 36.64
CA VAL G 468 -44.60 -7.06 35.94
C VAL G 468 -44.01 -8.23 36.74
N ASP G 469 -42.81 -8.03 37.26
CA ASP G 469 -42.12 -9.08 38.00
C ASP G 469 -42.90 -9.46 39.26
N ASN G 470 -43.58 -8.49 39.85
CA ASN G 470 -44.44 -8.78 40.98
C ASN G 470 -45.69 -9.54 40.53
N ILE G 471 -46.29 -9.07 39.43
CA ILE G 471 -47.47 -9.71 38.86
C ILE G 471 -47.22 -11.18 38.50
N VAL G 472 -46.06 -11.46 37.93
CA VAL G 472 -45.78 -12.78 37.38
C VAL G 472 -45.00 -13.69 38.33
N ASN G 473 -43.88 -13.20 38.86
CA ASN G 473 -42.98 -14.03 39.64
C ASN G 473 -43.03 -13.76 41.13
N GLY G 474 -43.94 -12.89 41.55
CA GLY G 474 -44.09 -12.53 42.95
C GLY G 474 -42.87 -11.84 43.54
N ALA G 475 -42.20 -11.03 42.73
CA ALA G 475 -41.04 -10.28 43.20
C ALA G 475 -41.51 -9.08 44.04
N VAL G 476 -40.67 -8.66 44.99
CA VAL G 476 -41.01 -7.46 45.75
C VAL G 476 -40.67 -6.23 44.93
N GLU G 477 -41.62 -5.30 44.88
CA GLU G 477 -41.42 -4.05 44.16
C GLU G 477 -40.51 -3.10 44.98
N LEU G 478 -39.20 -3.36 44.90
CA LEU G 478 -38.22 -2.65 45.71
C LEU G 478 -38.09 -1.17 45.38
N THR G 479 -38.14 -0.84 44.09
CA THR G 479 -37.94 0.54 43.66
C THR G 479 -39.09 1.43 44.12
N LEU G 480 -40.28 0.86 44.17
CA LEU G 480 -41.46 1.61 44.54
C LEU G 480 -41.54 1.91 46.03
N ASN G 481 -41.07 0.98 46.85
CA ASN G 481 -41.26 1.08 48.29
C ASN G 481 -40.01 1.43 49.08
N TYR G 482 -38.84 1.17 48.50
CA TYR G 482 -37.59 1.39 49.21
C TYR G 482 -36.55 2.09 48.35
N PRO G 483 -36.84 3.35 47.96
CA PRO G 483 -35.94 4.11 47.10
C PRO G 483 -34.51 4.15 47.62
N ASP G 484 -34.34 4.26 48.93
CA ASP G 484 -33.00 4.33 49.49
C ASP G 484 -32.26 3.00 49.33
N PHE G 485 -33.01 1.91 49.29
CA PHE G 485 -32.44 0.58 49.12
C PHE G 485 -31.88 0.37 47.71
N VAL G 486 -32.72 0.60 46.71
CA VAL G 486 -32.29 0.45 45.32
C VAL G 486 -31.20 1.47 44.95
N ASN G 487 -31.33 2.69 45.45
CA ASN G 487 -30.39 3.77 45.09
C ASN G 487 -29.03 3.63 45.76
N GLY G 488 -28.98 2.82 46.82
CA GLY G 488 -27.74 2.66 47.56
C GLY G 488 -26.95 1.40 47.22
N ARG G 489 -27.44 0.65 46.24
CA ARG G 489 -26.79 -0.60 45.88
C ARG G 489 -26.60 -0.70 44.38
N GLN G 490 -25.78 -1.67 43.97
CA GLN G 490 -25.69 -2.03 42.56
C GLN G 490 -26.65 -3.19 42.29
N ASN G 491 -27.73 -2.89 41.58
CA ASN G 491 -28.72 -3.89 41.28
C ASN G 491 -28.32 -4.69 40.05
N THR G 492 -27.76 -5.87 40.29
CA THR G 492 -27.13 -6.66 39.24
C THR G 492 -27.83 -7.99 38.98
N GLU G 493 -28.76 -8.35 39.85
CA GLU G 493 -29.38 -9.68 39.79
C GLU G 493 -30.28 -9.87 38.57
N ARG G 494 -31.15 -8.90 38.31
CA ARG G 494 -32.10 -9.03 37.21
C ARG G 494 -31.49 -8.63 35.86
N ARG G 495 -31.66 -9.46 34.85
CA ARG G 495 -31.07 -9.22 33.52
C ARG G 495 -32.05 -9.47 32.38
N LEU G 496 -31.70 -8.96 31.19
CA LEU G 496 -32.51 -9.18 30.01
C LEU G 496 -32.51 -10.67 29.63
N VAL G 497 -31.48 -11.38 30.06
CA VAL G 497 -31.46 -12.84 29.94
C VAL G 497 -31.20 -13.48 31.31
N ASP G 498 -32.28 -13.92 31.95
CA ASP G 498 -32.20 -14.65 33.20
C ASP G 498 -32.11 -16.15 32.96
N GLY G 499 -31.65 -16.88 33.97
CA GLY G 499 -31.57 -18.33 33.89
C GLY G 499 -32.80 -18.93 33.24
N ALA G 500 -33.97 -18.39 33.55
CA ALA G 500 -35.21 -18.88 32.96
C ALA G 500 -35.10 -19.03 31.45
N GLN G 501 -34.66 -17.96 30.78
CA GLN G 501 -34.57 -17.98 29.33
C GLN G 501 -33.45 -18.89 28.82
N VAL G 502 -32.37 -18.96 29.60
CA VAL G 502 -31.28 -19.87 29.27
C VAL G 502 -31.73 -21.33 29.30
N PHE G 503 -32.30 -21.76 30.41
CA PHE G 503 -32.73 -23.14 30.59
C PHE G 503 -33.81 -23.59 29.62
N ALA G 504 -34.58 -22.65 29.09
CA ALA G 504 -35.64 -22.99 28.14
C ALA G 504 -35.05 -23.13 26.75
N LYS G 505 -34.02 -22.33 26.47
CA LYS G 505 -33.33 -22.36 25.19
C LYS G 505 -32.58 -23.68 25.03
N SER G 506 -31.97 -24.15 26.12
CA SER G 506 -31.22 -25.40 26.11
C SER G 506 -32.14 -26.61 26.09
N LYS G 507 -33.35 -26.47 26.64
CA LYS G 507 -34.33 -27.55 26.64
C LYS G 507 -34.91 -27.74 25.24
N ALA G 508 -34.93 -26.66 24.46
CA ALA G 508 -35.47 -26.69 23.11
C ALA G 508 -34.39 -27.06 22.10
N GLN G 509 -33.15 -27.14 22.57
CA GLN G 509 -32.02 -27.52 21.71
C GLN G 509 -31.93 -29.03 21.59
N LEU G 510 -32.33 -29.74 22.64
CA LEU G 510 -32.31 -31.20 22.65
C LEU G 510 -33.21 -31.79 21.57
N THR H 1 -16.50 -37.32 28.70
CA THR H 1 -17.25 -38.43 29.28
C THR H 1 -18.47 -37.94 30.09
N HIS H 2 -19.66 -38.27 29.61
CA HIS H 2 -20.90 -37.83 30.24
C HIS H 2 -21.07 -38.38 31.65
N PRO H 3 -21.64 -37.56 32.56
CA PRO H 3 -21.97 -37.99 33.92
C PRO H 3 -23.20 -38.87 33.91
N ASP H 4 -23.35 -39.71 34.94
CA ASP H 4 -24.51 -40.60 35.03
C ASP H 4 -25.82 -39.83 34.92
N ILE H 5 -25.91 -38.73 35.66
CA ILE H 5 -27.08 -37.86 35.62
C ILE H 5 -26.72 -36.41 35.33
N SER H 6 -27.57 -35.73 34.57
CA SER H 6 -27.40 -34.31 34.26
C SER H 6 -28.67 -33.50 34.52
N VAL H 7 -28.53 -32.45 35.32
CA VAL H 7 -29.64 -31.55 35.61
C VAL H 7 -29.21 -30.09 35.49
N ASP H 8 -30.18 -29.21 35.23
CA ASP H 8 -29.89 -27.78 35.17
C ASP H 8 -29.43 -27.27 36.54
N VAL H 9 -30.20 -27.58 37.57
CA VAL H 9 -29.92 -27.14 38.94
C VAL H 9 -29.84 -28.33 39.90
N LEU H 10 -28.71 -28.47 40.58
CA LEU H 10 -28.53 -29.55 41.55
C LEU H 10 -28.52 -29.01 42.98
N VAL H 11 -29.41 -29.55 43.81
CA VAL H 11 -29.49 -29.13 45.22
C VAL H 11 -28.88 -30.17 46.17
N ILE H 12 -27.80 -29.80 46.85
CA ILE H 12 -27.21 -30.68 47.85
C ILE H 12 -27.77 -30.38 49.24
N GLY H 13 -28.38 -31.40 49.85
CA GLY H 13 -28.94 -31.25 51.18
C GLY H 13 -30.45 -31.07 51.17
N ALA H 14 -31.14 -31.82 52.01
CA ALA H 14 -32.60 -31.74 52.07
C ALA H 14 -33.07 -31.25 53.44
N GLY H 15 -32.29 -30.37 54.06
CA GLY H 15 -32.74 -29.64 55.21
C GLY H 15 -33.75 -28.60 54.74
N PRO H 16 -34.15 -27.69 55.64
CA PRO H 16 -35.07 -26.62 55.24
C PRO H 16 -34.54 -25.80 54.06
N THR H 17 -33.26 -25.44 54.07
CA THR H 17 -32.69 -24.67 52.96
C THR H 17 -32.81 -25.39 51.62
N GLY H 18 -32.26 -26.59 51.54
CA GLY H 18 -32.37 -27.41 50.34
C GLY H 18 -33.81 -27.60 49.92
N LEU H 19 -34.67 -27.93 50.89
CA LEU H 19 -36.07 -28.20 50.57
C LEU H 19 -36.76 -26.94 50.05
N GLY H 20 -36.32 -25.79 50.55
CA GLY H 20 -36.81 -24.52 50.05
C GLY H 20 -36.46 -24.40 48.58
N ALA H 21 -35.19 -24.65 48.26
CA ALA H 21 -34.73 -24.66 46.88
C ALA H 21 -35.62 -25.56 46.01
N ALA H 22 -35.75 -26.82 46.41
CA ALA H 22 -36.51 -27.81 45.67
C ALA H 22 -37.96 -27.37 45.46
N LYS H 23 -38.60 -26.87 46.50
CA LYS H 23 -39.99 -26.46 46.40
C LYS H 23 -40.22 -25.38 45.34
N ARG H 24 -39.29 -24.43 45.23
CA ARG H 24 -39.46 -23.39 44.22
C ARG H 24 -39.06 -23.91 42.83
N LEU H 25 -37.99 -24.70 42.77
CA LEU H 25 -37.64 -25.38 41.53
C LEU H 25 -38.85 -26.16 41.01
N ASN H 26 -39.54 -26.82 41.92
CA ASN H 26 -40.70 -27.63 41.56
C ASN H 26 -41.91 -26.77 41.18
N GLN H 27 -42.00 -25.59 41.78
CA GLN H 27 -43.11 -24.68 41.49
C GLN H 27 -42.95 -24.07 40.11
N ILE H 28 -41.76 -23.55 39.85
CA ILE H 28 -41.46 -22.94 38.55
C ILE H 28 -41.60 -24.00 37.49
N ASP H 29 -41.15 -25.20 37.80
CA ASP H 29 -41.17 -26.32 36.85
C ASP H 29 -40.59 -25.90 35.50
N GLY H 30 -39.41 -25.31 35.53
CA GLY H 30 -38.72 -24.90 34.32
C GLY H 30 -37.46 -25.72 34.11
N PRO H 31 -36.37 -25.32 34.75
CA PRO H 31 -35.10 -26.05 34.67
C PRO H 31 -35.23 -27.45 35.26
N SER H 32 -34.52 -28.42 34.70
CA SER H 32 -34.43 -29.74 35.29
C SER H 32 -33.68 -29.61 36.60
N TRP H 33 -34.05 -30.42 37.60
CA TRP H 33 -33.44 -30.30 38.91
C TRP H 33 -33.45 -31.60 39.71
N MET H 34 -32.58 -31.65 40.70
CA MET H 34 -32.43 -32.85 41.52
C MET H 34 -31.96 -32.48 42.93
N ILE H 35 -32.54 -33.13 43.94
CA ILE H 35 -32.10 -32.92 45.32
C ILE H 35 -31.61 -34.20 45.97
N VAL H 36 -30.42 -34.14 46.57
CA VAL H 36 -29.84 -35.30 47.24
C VAL H 36 -29.55 -35.00 48.71
N ASP H 37 -29.45 -36.05 49.52
CA ASP H 37 -29.06 -35.90 50.92
C ASP H 37 -28.54 -37.24 51.47
N SER H 38 -27.47 -37.17 52.25
CA SER H 38 -26.84 -38.36 52.81
C SER H 38 -27.76 -39.06 53.80
N ASN H 39 -28.83 -38.37 54.20
CA ASN H 39 -29.78 -38.91 55.16
C ASN H 39 -31.03 -39.41 54.45
N GLU H 40 -31.50 -40.60 54.85
CA GLU H 40 -32.72 -41.17 54.28
C GLU H 40 -33.95 -40.32 54.60
N THR H 41 -33.85 -39.52 55.66
CA THR H 41 -34.95 -38.67 56.10
C THR H 41 -34.57 -37.20 56.00
N PRO H 42 -35.35 -36.44 55.23
CA PRO H 42 -35.11 -35.01 55.05
C PRO H 42 -35.41 -34.22 56.34
N GLY H 43 -34.79 -33.06 56.47
CA GLY H 43 -35.05 -32.20 57.62
C GLY H 43 -33.78 -31.65 58.26
N GLY H 44 -32.69 -32.42 58.16
CA GLY H 44 -31.41 -31.99 58.69
C GLY H 44 -31.45 -31.66 60.18
N LEU H 45 -30.98 -30.48 60.53
CA LEU H 45 -30.98 -30.04 61.92
C LEU H 45 -32.38 -29.75 62.44
N ALA H 46 -33.38 -29.80 61.56
CA ALA H 46 -34.76 -29.56 61.97
C ALA H 46 -35.55 -30.86 62.07
N SER H 47 -34.84 -31.98 62.18
CA SER H 47 -35.50 -33.28 62.31
C SER H 47 -35.72 -33.65 63.77
N THR H 48 -36.57 -34.64 63.99
CA THR H 48 -36.90 -35.08 65.34
C THR H 48 -36.44 -36.51 65.59
N ASP H 49 -35.73 -36.71 66.70
CA ASP H 49 -35.34 -38.05 67.12
C ASP H 49 -36.34 -38.67 68.08
N VAL H 50 -36.26 -39.98 68.24
CA VAL H 50 -37.10 -40.67 69.23
C VAL H 50 -36.24 -41.64 70.04
N THR H 51 -36.47 -41.66 71.34
CA THR H 51 -35.78 -42.61 72.21
C THR H 51 -36.50 -43.93 72.15
N PRO H 52 -35.79 -45.02 72.45
CA PRO H 52 -36.40 -46.36 72.46
C PRO H 52 -37.66 -46.40 73.33
N GLU H 53 -37.80 -45.44 74.25
CA GLU H 53 -38.94 -45.42 75.16
C GLU H 53 -40.13 -44.67 74.57
N GLY H 54 -39.91 -44.05 73.41
CA GLY H 54 -40.98 -43.34 72.73
C GLY H 54 -41.04 -41.85 73.05
N PHE H 55 -39.90 -41.28 73.42
CA PHE H 55 -39.81 -39.84 73.67
C PHE H 55 -39.19 -39.11 72.48
N LEU H 56 -39.91 -38.11 71.96
CA LEU H 56 -39.42 -37.33 70.83
C LEU H 56 -38.51 -36.19 71.28
N TYR H 57 -37.54 -35.85 70.44
CA TYR H 57 -36.70 -34.69 70.69
C TYR H 57 -36.26 -34.01 69.39
N ASP H 58 -36.68 -32.76 69.24
CA ASP H 58 -36.16 -31.92 68.17
C ASP H 58 -34.68 -31.73 68.43
N VAL H 59 -33.98 -31.07 67.50
CA VAL H 59 -32.57 -30.79 67.72
C VAL H 59 -32.39 -29.49 68.49
N GLY H 60 -32.91 -29.46 69.73
CA GLY H 60 -32.76 -28.32 70.60
C GLY H 60 -34.06 -27.63 70.96
N GLY H 61 -35.16 -28.09 70.37
CA GLY H 61 -36.45 -27.48 70.61
C GLY H 61 -36.70 -26.28 69.71
N HIS H 62 -37.35 -26.53 68.58
CA HIS H 62 -37.48 -25.54 67.52
C HIS H 62 -38.86 -24.89 67.46
N VAL H 63 -38.88 -23.58 67.67
CA VAL H 63 -40.11 -22.81 67.62
C VAL H 63 -40.13 -21.92 66.38
N ILE H 64 -41.15 -22.10 65.56
CA ILE H 64 -41.28 -21.35 64.31
C ILE H 64 -41.97 -20.00 64.49
N PHE H 65 -41.31 -18.93 64.04
CA PHE H 65 -41.98 -17.68 63.72
C PHE H 65 -41.67 -17.28 62.27
N SER H 66 -42.70 -17.15 61.45
CA SER H 66 -42.52 -16.96 60.00
C SER H 66 -42.46 -15.50 59.58
N HIS H 67 -41.41 -15.16 58.83
CA HIS H 67 -41.29 -13.81 58.25
C HIS H 67 -41.77 -13.78 56.81
N TYR H 68 -42.18 -14.94 56.29
CA TYR H 68 -42.50 -15.06 54.87
C TYR H 68 -43.81 -15.80 54.63
N LYS H 69 -44.66 -15.22 53.78
CA LYS H 69 -45.91 -15.86 53.40
C LYS H 69 -45.63 -17.13 52.59
N TYR H 70 -44.50 -17.15 51.90
CA TYR H 70 -44.12 -18.32 51.11
C TYR H 70 -43.91 -19.54 52.00
N PHE H 71 -43.14 -19.35 53.06
CA PHE H 71 -42.94 -20.38 54.08
C PHE H 71 -44.28 -20.89 54.59
N ASP H 72 -45.15 -19.96 54.98
CA ASP H 72 -46.48 -20.31 55.46
C ASP H 72 -47.20 -21.20 54.45
N ASP H 73 -47.14 -20.82 53.17
CA ASP H 73 -47.84 -21.54 52.11
C ASP H 73 -47.42 -23.01 52.05
N CYS H 74 -46.11 -23.24 52.13
CA CYS H 74 -45.58 -24.59 52.04
C CYS H 74 -45.94 -25.42 53.27
N LEU H 75 -45.93 -24.80 54.44
CA LEU H 75 -46.33 -25.50 55.66
C LEU H 75 -47.81 -25.88 55.58
N ASP H 76 -48.64 -24.95 55.12
CA ASP H 76 -50.08 -25.22 54.99
C ASP H 76 -50.32 -26.36 54.01
N GLU H 77 -49.48 -26.44 52.99
CA GLU H 77 -49.60 -27.50 52.00
C GLU H 77 -49.25 -28.83 52.64
N ALA H 78 -48.12 -28.88 53.33
CA ALA H 78 -47.63 -30.14 53.90
C ALA H 78 -48.50 -30.66 55.05
N LEU H 79 -49.01 -29.75 55.87
CA LEU H 79 -49.86 -30.12 57.01
C LEU H 79 -51.13 -29.29 57.05
N PRO H 80 -52.02 -29.53 56.08
CA PRO H 80 -53.22 -28.71 55.82
C PRO H 80 -54.30 -28.81 56.90
N LYS H 81 -54.40 -29.96 57.54
CA LYS H 81 -55.47 -30.22 58.50
C LYS H 81 -55.36 -29.33 59.73
N GLU H 82 -56.50 -28.81 60.18
CA GLU H 82 -56.55 -27.96 61.36
C GLU H 82 -55.90 -28.65 62.55
N ASP H 83 -56.19 -29.94 62.71
CA ASP H 83 -55.67 -30.71 63.83
C ASP H 83 -54.28 -31.30 63.58
N ASP H 84 -53.59 -30.79 62.58
CA ASP H 84 -52.19 -31.17 62.38
C ASP H 84 -51.30 -30.32 63.27
N TRP H 85 -51.88 -29.23 63.77
CA TRP H 85 -51.13 -28.22 64.51
C TRP H 85 -51.74 -27.90 65.87
N TYR H 86 -50.86 -27.56 66.82
CA TYR H 86 -51.26 -26.92 68.08
C TYR H 86 -50.76 -25.49 68.07
N THR H 87 -51.52 -24.59 68.69
CA THR H 87 -51.12 -23.19 68.76
C THR H 87 -50.87 -22.80 70.21
N HIS H 88 -49.70 -22.21 70.48
CA HIS H 88 -49.30 -21.91 71.85
C HIS H 88 -48.91 -20.44 72.04
N GLN H 89 -48.84 -20.02 73.29
CA GLN H 89 -48.32 -18.70 73.65
C GLN H 89 -46.92 -18.89 74.22
N ARG H 90 -46.02 -17.93 73.99
CA ARG H 90 -44.67 -18.04 74.52
C ARG H 90 -44.59 -17.73 76.01
N ILE H 91 -44.50 -18.77 76.82
CA ILE H 91 -44.20 -18.61 78.23
C ILE H 91 -42.70 -18.83 78.37
N SER H 92 -41.95 -17.75 78.51
CA SER H 92 -40.50 -17.84 78.63
C SER H 92 -39.98 -17.11 79.87
N TYR H 93 -39.01 -17.72 80.54
CA TYR H 93 -38.43 -17.14 81.75
C TYR H 93 -36.92 -17.29 81.77
N VAL H 94 -36.27 -16.49 82.59
CA VAL H 94 -34.84 -16.57 82.80
C VAL H 94 -34.58 -16.88 84.27
N ARG H 95 -33.87 -17.96 84.54
CA ARG H 95 -33.59 -18.37 85.90
C ARG H 95 -32.48 -17.51 86.51
N CYS H 96 -32.84 -16.68 87.49
CA CYS H 96 -31.85 -15.85 88.16
C CYS H 96 -32.09 -15.75 89.67
N GLN H 97 -31.11 -16.20 90.44
CA GLN H 97 -31.18 -16.15 91.89
C GLN H 97 -32.52 -16.65 92.43
N GLY H 98 -32.78 -17.94 92.20
CA GLY H 98 -33.93 -18.61 92.78
C GLY H 98 -35.28 -18.28 92.15
N GLN H 99 -35.33 -17.22 91.35
CA GLN H 99 -36.59 -16.76 90.79
C GLN H 99 -36.66 -16.94 89.28
N TRP H 100 -37.87 -16.94 88.75
CA TRP H 100 -38.11 -16.98 87.31
C TRP H 100 -38.36 -15.59 86.77
N VAL H 101 -37.39 -15.03 86.06
CA VAL H 101 -37.52 -13.70 85.47
C VAL H 101 -38.10 -13.80 84.06
N PRO H 102 -39.31 -13.26 83.87
CA PRO H 102 -39.96 -13.32 82.55
C PRO H 102 -39.07 -12.77 81.44
N TYR H 103 -39.23 -13.30 80.24
CA TYR H 103 -38.44 -12.87 79.08
C TYR H 103 -39.10 -11.67 78.41
N PRO H 104 -38.28 -10.68 77.98
CA PRO H 104 -36.82 -10.68 78.10
C PRO H 104 -36.36 -10.20 79.48
N PHE H 105 -35.22 -10.73 79.92
CA PHE H 105 -34.64 -10.38 81.22
C PHE H 105 -34.53 -8.87 81.40
N GLN H 106 -33.94 -8.21 80.40
CA GLN H 106 -33.63 -6.79 80.50
C GLN H 106 -34.86 -5.90 80.69
N ASN H 107 -36.02 -6.40 80.30
CA ASN H 107 -37.26 -5.63 80.40
C ASN H 107 -38.06 -5.92 81.66
N ASN H 108 -37.55 -6.84 82.49
CA ASN H 108 -38.26 -7.28 83.69
C ASN H 108 -37.40 -7.21 84.95
N ILE H 109 -36.65 -6.13 85.10
CA ILE H 109 -35.77 -5.97 86.25
C ILE H 109 -36.56 -6.02 87.56
N SER H 110 -37.85 -5.73 87.47
CA SER H 110 -38.72 -5.69 88.65
C SER H 110 -38.77 -7.01 89.43
N MET H 111 -38.55 -8.13 88.75
CA MET H 111 -38.65 -9.44 89.38
C MET H 111 -37.38 -9.85 90.13
N LEU H 112 -36.35 -9.02 90.04
CA LEU H 112 -35.09 -9.29 90.72
C LEU H 112 -35.12 -8.84 92.18
N PRO H 113 -34.15 -9.33 92.97
CA PRO H 113 -33.89 -8.81 94.32
C PRO H 113 -33.61 -7.31 94.28
N LYS H 114 -33.87 -6.61 95.38
CA LYS H 114 -33.70 -5.15 95.41
C LYS H 114 -32.25 -4.74 95.17
N GLU H 115 -31.33 -5.37 95.87
CA GLU H 115 -29.91 -5.05 95.73
C GLU H 115 -29.46 -5.11 94.27
N GLU H 116 -29.95 -6.11 93.54
CA GLU H 116 -29.61 -6.29 92.13
C GLU H 116 -30.31 -5.26 91.26
N GLN H 117 -31.55 -4.91 91.61
CA GLN H 117 -32.29 -3.88 90.90
C GLN H 117 -31.48 -2.59 90.83
N VAL H 118 -30.88 -2.22 91.96
CA VAL H 118 -30.08 -1.01 92.03
C VAL H 118 -28.94 -1.03 91.01
N LYS H 119 -28.10 -2.07 91.09
CA LYS H 119 -27.01 -2.24 90.13
C LYS H 119 -27.48 -2.11 88.68
N CYS H 120 -28.65 -2.65 88.38
CA CYS H 120 -29.18 -2.66 87.03
C CYS H 120 -29.67 -1.28 86.57
N ILE H 121 -30.45 -0.61 87.42
CA ILE H 121 -30.98 0.69 87.06
C ILE H 121 -29.86 1.72 87.01
N ASP H 122 -28.83 1.52 87.82
CA ASP H 122 -27.64 2.37 87.79
C ASP H 122 -26.93 2.28 86.46
N GLY H 123 -26.69 1.05 86.00
CA GLY H 123 -26.05 0.81 84.73
C GLY H 123 -26.84 1.39 83.57
N MET H 124 -28.16 1.27 83.62
CA MET H 124 -29.01 1.77 82.55
C MET H 124 -29.07 3.30 82.52
N ILE H 125 -29.02 3.91 83.68
CA ILE H 125 -28.99 5.37 83.75
C ILE H 125 -27.72 5.89 83.09
N ASP H 126 -26.58 5.33 83.50
CA ASP H 126 -25.30 5.65 82.89
C ASP H 126 -25.38 5.50 81.37
N ALA H 127 -25.81 4.33 80.93
CA ALA H 127 -25.84 3.99 79.51
C ALA H 127 -26.80 4.85 78.70
N ALA H 128 -27.89 5.27 79.33
CA ALA H 128 -28.87 6.13 78.67
C ALA H 128 -28.33 7.56 78.54
N LEU H 129 -27.50 7.96 79.49
CA LEU H 129 -26.91 9.30 79.46
C LEU H 129 -25.78 9.37 78.43
N GLU H 130 -24.96 8.33 78.37
CA GLU H 130 -23.92 8.22 77.37
C GLU H 130 -24.51 8.11 75.97
N ALA H 131 -25.65 7.44 75.89
CA ALA H 131 -26.31 7.20 74.60
C ALA H 131 -26.83 8.51 74.03
N ARG H 132 -27.29 9.38 74.91
CA ARG H 132 -27.84 10.68 74.51
C ARG H 132 -26.80 11.48 73.73
N VAL H 133 -25.54 11.07 73.88
CA VAL H 133 -24.42 11.85 73.38
C VAL H 133 -23.56 11.10 72.37
N ALA H 134 -23.64 9.77 72.40
CA ALA H 134 -22.81 8.92 71.54
C ALA H 134 -22.95 9.25 70.04
N ASN H 135 -21.83 9.19 69.34
CA ASN H 135 -21.83 9.41 67.89
C ASN H 135 -21.08 8.32 67.13
N THR H 136 -20.41 7.45 67.87
CA THR H 136 -19.72 6.31 67.27
C THR H 136 -20.62 5.08 67.30
N LYS H 137 -20.10 3.97 66.79
CA LYS H 137 -20.83 2.70 66.84
C LYS H 137 -20.04 1.66 67.63
N PRO H 138 -20.76 0.69 68.21
CA PRO H 138 -20.17 -0.42 68.98
C PRO H 138 -19.32 -1.33 68.11
N LYS H 139 -18.08 -1.54 68.51
CA LYS H 139 -17.18 -2.40 67.76
C LYS H 139 -17.47 -3.88 68.00
N THR H 140 -17.99 -4.21 69.18
CA THR H 140 -18.24 -5.60 69.54
C THR H 140 -19.63 -5.80 70.13
N PHE H 141 -20.06 -7.06 70.16
CA PHE H 141 -21.29 -7.46 70.84
C PHE H 141 -21.29 -6.91 72.26
N ASP H 142 -20.18 -7.12 72.96
CA ASP H 142 -20.04 -6.68 74.33
C ASP H 142 -20.29 -5.18 74.48
N GLU H 143 -19.61 -4.37 73.68
CA GLU H 143 -19.83 -2.92 73.72
C GLU H 143 -21.30 -2.60 73.48
N TRP H 144 -21.92 -3.30 72.54
CA TRP H 144 -23.32 -3.07 72.22
C TRP H 144 -24.16 -3.29 73.47
N ILE H 145 -23.85 -4.37 74.19
CA ILE H 145 -24.59 -4.70 75.39
C ILE H 145 -24.47 -3.60 76.43
N VAL H 146 -23.23 -3.26 76.79
CA VAL H 146 -22.99 -2.21 77.77
C VAL H 146 -23.67 -0.90 77.37
N ARG H 147 -23.57 -0.53 76.10
CA ARG H 147 -24.17 0.70 75.61
C ARG H 147 -25.68 0.72 75.77
N MET H 148 -26.31 -0.44 75.55
CA MET H 148 -27.76 -0.51 75.48
C MET H 148 -28.41 -0.87 76.81
N MET H 149 -27.65 -1.49 77.71
CA MET H 149 -28.22 -2.04 78.94
C MET H 149 -27.46 -1.66 80.21
N GLY H 150 -26.20 -1.27 80.07
CA GLY H 150 -25.39 -0.90 81.22
C GLY H 150 -24.63 -2.07 81.82
N THR H 151 -23.68 -1.76 82.70
CA THR H 151 -22.80 -2.76 83.27
C THR H 151 -23.54 -3.72 84.21
N GLY H 152 -24.54 -3.21 84.90
CA GLY H 152 -25.33 -4.03 85.80
C GLY H 152 -25.89 -5.25 85.08
N ILE H 153 -26.77 -5.00 84.12
CA ILE H 153 -27.40 -6.07 83.37
C ILE H 153 -26.37 -6.87 82.57
N ALA H 154 -25.31 -6.20 82.14
CA ALA H 154 -24.24 -6.87 81.40
C ALA H 154 -23.59 -7.97 82.24
N ASP H 155 -23.24 -7.62 83.48
CA ASP H 155 -22.55 -8.54 84.36
C ASP H 155 -23.47 -9.58 84.99
N LEU H 156 -24.74 -9.23 85.14
CA LEU H 156 -25.70 -10.11 85.78
C LEU H 156 -26.24 -11.18 84.83
N PHE H 157 -26.55 -10.79 83.60
CA PHE H 157 -27.18 -11.70 82.66
C PHE H 157 -26.47 -11.84 81.31
N MET H 158 -26.35 -10.73 80.60
CA MET H 158 -25.90 -10.73 79.21
C MET H 158 -24.55 -11.39 78.95
N ARG H 159 -23.52 -10.96 79.67
CA ARG H 159 -22.19 -11.51 79.49
C ARG H 159 -22.09 -13.01 79.83
N PRO H 160 -22.53 -13.38 81.04
CA PRO H 160 -22.45 -14.79 81.43
C PRO H 160 -23.29 -15.69 80.53
N TYR H 161 -24.54 -15.29 80.25
CA TYR H 161 -25.42 -16.12 79.43
C TYR H 161 -24.89 -16.33 78.01
N ASN H 162 -24.45 -15.24 77.38
CA ASN H 162 -24.01 -15.31 75.99
C ASN H 162 -22.76 -16.15 75.77
N PHE H 163 -21.89 -16.20 76.77
CA PHE H 163 -20.77 -17.12 76.70
C PHE H 163 -21.28 -18.55 76.84
N LYS H 164 -22.29 -18.71 77.70
CA LYS H 164 -22.83 -20.02 78.00
C LYS H 164 -23.55 -20.62 76.80
N VAL H 165 -23.87 -19.78 75.82
CA VAL H 165 -24.58 -20.24 74.62
C VAL H 165 -23.70 -20.20 73.36
N TRP H 166 -23.02 -19.09 73.14
CA TRP H 166 -22.18 -18.92 71.95
C TRP H 166 -20.82 -19.58 72.11
N ALA H 167 -20.52 -20.04 73.31
CA ALA H 167 -19.24 -20.69 73.60
C ALA H 167 -18.04 -19.79 73.29
N VAL H 168 -18.29 -18.48 73.28
CA VAL H 168 -17.23 -17.47 73.12
C VAL H 168 -17.61 -16.20 73.87
N PRO H 169 -16.60 -15.43 74.29
CA PRO H 169 -16.83 -14.18 75.03
C PRO H 169 -17.59 -13.17 74.18
N THR H 170 -18.47 -12.39 74.79
CA THR H 170 -19.21 -11.36 74.09
C THR H 170 -18.27 -10.39 73.37
N THR H 171 -17.02 -10.35 73.82
CA THR H 171 -16.06 -9.40 73.26
C THR H 171 -15.50 -9.89 71.93
N LYS H 172 -15.78 -11.16 71.60
CA LYS H 172 -15.25 -11.78 70.38
C LYS H 172 -16.30 -11.83 69.28
N MET H 173 -17.48 -11.29 69.55
CA MET H 173 -18.56 -11.32 68.57
C MET H 173 -18.89 -9.93 68.03
N GLN H 174 -19.55 -9.91 66.87
CA GLN H 174 -19.88 -8.69 66.17
C GLN H 174 -21.25 -8.17 66.61
N CYS H 175 -21.54 -6.88 66.36
CA CYS H 175 -22.75 -6.25 66.87
C CYS H 175 -23.92 -6.15 65.87
N ALA H 176 -23.66 -6.51 64.62
CA ALA H 176 -24.61 -6.28 63.52
C ALA H 176 -25.73 -7.31 63.41
N TRP H 177 -25.53 -8.45 64.05
CA TRP H 177 -26.40 -9.60 63.87
C TRP H 177 -27.72 -9.54 64.66
N LEU H 178 -27.76 -8.70 65.69
CA LEU H 178 -28.82 -8.83 66.71
C LEU H 178 -30.01 -7.89 66.58
N GLY H 179 -30.32 -7.47 65.36
CA GLY H 179 -31.49 -6.63 65.13
C GLY H 179 -32.76 -7.06 65.85
N GLU H 180 -33.17 -8.31 65.63
CA GLU H 180 -34.43 -8.82 66.19
C GLU H 180 -34.20 -9.90 67.27
N ARG H 181 -32.95 -10.09 67.67
CA ARG H 181 -32.60 -11.12 68.64
C ARG H 181 -32.55 -10.57 70.07
N VAL H 182 -31.89 -9.43 70.22
CA VAL H 182 -31.70 -8.84 71.55
C VAL H 182 -32.52 -7.55 71.69
N ALA H 183 -33.29 -7.47 72.76
CA ALA H 183 -34.13 -6.31 73.02
C ALA H 183 -33.32 -5.17 73.64
N ALA H 184 -33.52 -3.96 73.12
CA ALA H 184 -32.93 -2.77 73.73
C ALA H 184 -33.91 -2.16 74.74
N PRO H 185 -33.55 -2.20 76.04
CA PRO H 185 -34.45 -1.76 77.11
C PRO H 185 -34.57 -0.24 77.20
N ASN H 186 -35.80 0.22 77.35
CA ASN H 186 -36.08 1.63 77.54
C ASN H 186 -36.06 1.99 79.02
N LEU H 187 -35.17 2.91 79.40
CA LEU H 187 -34.95 3.25 80.81
C LEU H 187 -36.24 3.55 81.58
N LYS H 188 -37.05 4.45 81.03
CA LYS H 188 -38.29 4.87 81.69
C LYS H 188 -39.24 3.69 81.93
N ALA H 189 -39.40 2.86 80.92
CA ALA H 189 -40.29 1.70 81.03
C ALA H 189 -39.79 0.70 82.08
N VAL H 190 -38.47 0.51 82.13
CA VAL H 190 -37.89 -0.44 83.08
C VAL H 190 -38.05 0.00 84.53
N THR H 191 -37.75 1.27 84.81
CA THR H 191 -37.89 1.80 86.16
C THR H 191 -39.36 1.94 86.56
N THR H 192 -40.22 2.28 85.60
CA THR H 192 -41.65 2.35 85.86
C THR H 192 -42.17 0.99 86.33
N ASN H 193 -41.64 -0.07 85.72
CA ASN H 193 -42.01 -1.43 86.10
C ASN H 193 -41.41 -1.85 87.43
N VAL H 194 -40.18 -1.40 87.70
CA VAL H 194 -39.54 -1.68 88.98
C VAL H 194 -40.36 -1.08 90.11
N ILE H 195 -40.82 0.16 89.90
CA ILE H 195 -41.64 0.87 90.88
C ILE H 195 -42.99 0.19 91.10
N LEU H 196 -43.65 -0.18 90.01
CA LEU H 196 -44.99 -0.74 90.07
C LEU H 196 -45.01 -2.22 90.43
N GLY H 197 -44.00 -2.95 89.98
CA GLY H 197 -43.95 -4.39 90.18
C GLY H 197 -44.67 -5.12 89.06
N LYS H 198 -44.70 -4.50 87.88
CA LYS H 198 -45.32 -5.10 86.71
C LYS H 198 -44.31 -5.78 85.79
N THR H 199 -44.81 -6.55 84.84
CA THR H 199 -43.98 -7.31 83.92
C THR H 199 -44.14 -6.82 82.48
N ALA H 200 -43.29 -7.31 81.59
CA ALA H 200 -43.37 -6.96 80.17
C ALA H 200 -42.66 -8.02 79.32
N GLY H 201 -43.35 -9.11 79.05
CA GLY H 201 -42.76 -10.21 78.30
C GLY H 201 -43.42 -10.45 76.96
N ASN H 202 -43.69 -9.37 76.24
CA ASN H 202 -44.32 -9.46 74.92
C ASN H 202 -43.33 -9.19 73.79
N TRP H 203 -42.13 -8.74 74.14
CA TRP H 203 -41.10 -8.42 73.15
C TRP H 203 -40.55 -9.67 72.46
N GLY H 204 -40.44 -9.59 71.14
CA GLY H 204 -39.93 -10.70 70.36
C GLY H 204 -40.94 -11.24 69.38
N PRO H 205 -40.47 -11.93 68.33
CA PRO H 205 -41.34 -12.56 67.34
C PRO H 205 -42.00 -13.83 67.87
N ASN H 206 -41.65 -14.23 69.10
CA ASN H 206 -42.10 -15.50 69.67
C ASN H 206 -43.48 -15.48 70.33
N ALA H 207 -44.11 -14.30 70.38
CA ALA H 207 -45.40 -14.11 71.03
C ALA H 207 -46.28 -15.37 71.03
N THR H 208 -46.83 -15.70 69.87
CA THR H 208 -47.64 -16.91 69.70
C THR H 208 -47.13 -17.74 68.52
N PHE H 209 -47.09 -19.06 68.67
CA PHE H 209 -46.50 -19.93 67.65
C PHE H 209 -47.24 -21.26 67.44
N ARG H 210 -47.05 -21.86 66.28
N ARG H 210 -47.05 -21.83 66.26
CA ARG H 210 -47.68 -23.15 65.98
CA ARG H 210 -47.59 -23.15 65.93
C ARG H 210 -46.67 -24.29 65.93
C ARG H 210 -46.56 -24.23 66.20
N PHE H 211 -47.04 -25.42 66.52
CA PHE H 211 -46.16 -26.58 66.61
C PHE H 211 -46.90 -27.78 66.03
N PRO H 212 -46.17 -28.63 65.29
CA PRO H 212 -46.82 -29.81 64.67
C PRO H 212 -47.31 -30.81 65.72
N ALA H 213 -48.55 -31.28 65.55
CA ALA H 213 -49.16 -32.22 66.48
C ALA H 213 -48.40 -33.55 66.56
N ARG H 214 -47.81 -33.96 65.44
CA ARG H 214 -47.13 -35.25 65.41
C ARG H 214 -45.76 -35.21 64.74
N GLY H 215 -44.82 -35.96 65.30
CA GLY H 215 -43.51 -36.15 64.72
C GLY H 215 -42.54 -35.01 64.95
N GLY H 216 -42.82 -34.17 65.94
CA GLY H 216 -41.98 -33.01 66.20
C GLY H 216 -41.85 -32.16 64.96
N THR H 217 -41.00 -31.14 65.00
CA THR H 217 -40.84 -30.28 63.83
C THR H 217 -40.38 -31.09 62.62
N GLY H 218 -39.63 -32.16 62.88
CA GLY H 218 -39.13 -33.02 61.83
C GLY H 218 -40.25 -33.52 60.94
N GLY H 219 -41.47 -33.51 61.49
CA GLY H 219 -42.64 -34.01 60.78
C GLY H 219 -43.06 -33.08 59.66
N ILE H 220 -42.84 -31.80 59.86
CA ILE H 220 -43.12 -30.78 58.85
C ILE H 220 -42.27 -31.03 57.62
N TRP H 221 -40.96 -31.15 57.84
CA TRP H 221 -40.03 -31.30 56.73
C TRP H 221 -40.17 -32.64 56.01
N ILE H 222 -40.68 -33.64 56.70
CA ILE H 222 -41.03 -34.89 56.04
C ILE H 222 -42.23 -34.66 55.12
N ALA H 223 -43.24 -33.98 55.64
CA ALA H 223 -44.44 -33.69 54.88
C ALA H 223 -44.15 -32.81 53.66
N VAL H 224 -43.31 -31.80 53.85
CA VAL H 224 -42.93 -30.90 52.77
C VAL H 224 -42.23 -31.69 51.66
N ALA H 225 -41.24 -32.48 52.04
CA ALA H 225 -40.50 -33.31 51.09
C ALA H 225 -41.43 -34.22 50.29
N ASN H 226 -42.46 -34.74 50.94
CA ASN H 226 -43.45 -35.61 50.29
C ASN H 226 -44.24 -34.95 49.15
N THR H 227 -44.21 -33.62 49.09
CA THR H 227 -44.90 -32.90 48.03
C THR H 227 -44.01 -32.82 46.79
N LEU H 228 -42.75 -33.20 46.96
CA LEU H 228 -41.82 -33.24 45.84
C LEU H 228 -42.01 -34.53 45.04
N PRO H 229 -41.62 -34.50 43.76
CA PRO H 229 -41.64 -35.69 42.89
C PRO H 229 -40.51 -36.67 43.26
N LYS H 230 -40.90 -37.86 43.71
CA LYS H 230 -39.97 -38.80 44.33
C LYS H 230 -38.74 -39.09 43.45
N GLU H 231 -38.96 -39.13 42.14
CA GLU H 231 -37.89 -39.49 41.21
C GLU H 231 -36.83 -38.40 41.13
N LYS H 232 -37.15 -37.21 41.63
CA LYS H 232 -36.20 -36.09 41.59
C LYS H 232 -35.43 -35.98 42.90
N THR H 233 -35.76 -36.86 43.86
CA THR H 233 -35.00 -36.91 45.10
C THR H 233 -34.11 -38.14 45.15
N ARG H 234 -33.11 -38.09 46.02
CA ARG H 234 -32.17 -39.19 46.18
C ARG H 234 -31.62 -39.15 47.60
N PHE H 235 -32.39 -39.68 48.55
CA PHE H 235 -32.05 -39.59 49.96
C PHE H 235 -31.47 -40.90 50.49
N GLY H 236 -30.46 -40.79 51.34
CA GLY H 236 -29.85 -41.95 51.93
C GLY H 236 -28.39 -42.07 51.55
N GLU H 237 -27.79 -43.22 51.80
CA GLU H 237 -26.39 -43.43 51.47
C GLU H 237 -26.17 -43.18 49.98
N LYS H 238 -27.21 -43.46 49.19
CA LYS H 238 -27.16 -43.27 47.74
C LYS H 238 -27.05 -41.80 47.34
N GLY H 239 -27.40 -40.90 48.26
CA GLY H 239 -27.40 -39.48 47.99
C GLY H 239 -26.30 -38.69 48.68
N LYS H 240 -25.38 -39.41 49.32
CA LYS H 240 -24.27 -38.75 50.02
C LYS H 240 -23.25 -38.20 49.03
N VAL H 241 -22.99 -36.90 49.10
CA VAL H 241 -22.00 -36.28 48.24
C VAL H 241 -20.61 -36.45 48.84
N THR H 242 -19.67 -36.92 48.02
CA THR H 242 -18.31 -37.16 48.48
C THR H 242 -17.32 -36.25 47.76
N LYS H 243 -17.70 -35.81 46.57
CA LYS H 243 -16.82 -34.97 45.76
C LYS H 243 -17.57 -33.94 44.92
N VAL H 244 -17.06 -32.72 44.92
CA VAL H 244 -17.58 -31.66 44.04
C VAL H 244 -16.49 -31.16 43.11
N ASN H 245 -16.67 -31.41 41.82
CA ASN H 245 -15.73 -30.90 40.82
C ASN H 245 -16.22 -29.60 40.19
N ALA H 246 -15.82 -28.48 40.80
CA ALA H 246 -16.29 -27.18 40.38
C ALA H 246 -15.90 -26.89 38.94
N ASN H 247 -14.65 -27.18 38.60
CA ASN H 247 -14.12 -26.85 37.27
C ASN H 247 -14.93 -27.43 36.11
N ASN H 248 -15.44 -28.65 36.28
CA ASN H 248 -16.31 -29.22 35.24
C ASN H 248 -17.73 -29.53 35.73
N LYS H 249 -18.12 -28.87 36.82
CA LYS H 249 -19.51 -28.89 37.29
C LYS H 249 -20.12 -30.28 37.40
N THR H 250 -19.40 -31.18 38.06
CA THR H 250 -19.91 -32.52 38.30
C THR H 250 -19.72 -32.94 39.75
N VAL H 251 -20.78 -33.47 40.33
CA VAL H 251 -20.74 -33.97 41.70
C VAL H 251 -20.59 -35.48 41.69
N THR H 252 -19.85 -36.00 42.67
CA THR H 252 -19.71 -37.45 42.81
C THR H 252 -20.26 -37.95 44.14
N LEU H 253 -21.11 -38.98 44.05
CA LEU H 253 -21.79 -39.52 45.22
C LEU H 253 -20.99 -40.66 45.86
N GLN H 254 -21.47 -41.15 47.00
CA GLN H 254 -20.81 -42.22 47.74
C GLN H 254 -20.73 -43.46 46.88
N ASP H 255 -21.82 -43.77 46.19
CA ASP H 255 -21.89 -44.97 45.38
C ASP H 255 -21.31 -44.75 43.98
N GLY H 256 -20.44 -43.75 43.85
CA GLY H 256 -19.71 -43.51 42.63
C GLY H 256 -20.49 -42.81 41.52
N THR H 257 -21.79 -42.63 41.73
CA THR H 257 -22.64 -41.92 40.76
C THR H 257 -22.16 -40.50 40.53
N THR H 258 -22.16 -40.08 39.27
CA THR H 258 -21.81 -38.70 38.93
C THR H 258 -23.01 -37.93 38.44
N ILE H 259 -23.13 -36.70 38.92
CA ILE H 259 -24.19 -35.80 38.50
C ILE H 259 -23.57 -34.52 37.96
N GLY H 260 -23.99 -34.13 36.77
CA GLY H 260 -23.55 -32.89 36.17
C GLY H 260 -24.62 -31.82 36.34
N TYR H 261 -24.18 -30.59 36.60
CA TYR H 261 -25.10 -29.49 36.85
C TYR H 261 -24.67 -28.24 36.11
N LYS H 262 -25.64 -27.35 35.88
CA LYS H 262 -25.34 -26.02 35.36
C LYS H 262 -25.19 -25.03 36.52
N LYS H 263 -26.12 -25.11 37.48
CA LYS H 263 -26.06 -24.29 38.70
C LYS H 263 -26.15 -25.20 39.91
N LEU H 264 -25.25 -25.00 40.88
CA LEU H 264 -25.25 -25.78 42.11
C LEU H 264 -25.69 -24.98 43.33
N VAL H 265 -26.71 -25.47 44.02
CA VAL H 265 -27.15 -24.91 45.29
C VAL H 265 -26.71 -25.85 46.40
N SER H 266 -25.66 -25.49 47.12
CA SER H 266 -25.12 -26.34 48.16
C SER H 266 -25.51 -25.84 49.55
N THR H 267 -26.16 -26.71 50.34
CA THR H 267 -26.63 -26.32 51.66
C THR H 267 -25.84 -26.97 52.77
N MET H 268 -24.90 -27.85 52.42
CA MET H 268 -24.03 -28.42 53.43
C MET H 268 -23.17 -27.33 54.03
N ALA H 269 -22.49 -27.64 55.13
CA ALA H 269 -21.65 -26.64 55.80
C ALA H 269 -20.56 -26.20 54.83
N VAL H 270 -20.35 -24.90 54.70
CA VAL H 270 -19.46 -24.37 53.67
C VAL H 270 -18.03 -24.89 53.82
N ASP H 271 -17.58 -25.10 55.05
CA ASP H 271 -16.25 -25.66 55.29
C ASP H 271 -16.12 -27.08 54.72
N PHE H 272 -17.19 -27.88 54.85
CA PHE H 272 -17.21 -29.22 54.27
C PHE H 272 -17.25 -29.15 52.75
N LEU H 273 -17.98 -28.18 52.22
CA LEU H 273 -18.05 -27.98 50.78
C LEU H 273 -16.68 -27.67 50.20
N ALA H 274 -15.97 -26.74 50.83
CA ALA H 274 -14.60 -26.42 50.43
C ALA H 274 -13.79 -27.72 50.40
N GLU H 275 -13.93 -28.51 51.46
CA GLU H 275 -13.25 -29.79 51.56
C GLU H 275 -13.61 -30.70 50.38
N ALA H 276 -14.90 -30.81 50.10
CA ALA H 276 -15.38 -31.69 49.03
C ALA H 276 -14.98 -31.20 47.64
N MET H 277 -14.50 -29.96 47.58
CA MET H 277 -14.04 -29.37 46.32
C MET H 277 -12.55 -29.60 46.16
N ASN H 278 -11.88 -29.80 47.30
CA ASN H 278 -10.42 -29.85 47.35
C ASN H 278 -9.80 -28.50 47.02
N ASP H 279 -10.63 -27.46 47.09
CA ASP H 279 -10.17 -26.10 46.85
C ASP H 279 -9.38 -25.61 48.06
N GLN H 280 -8.06 -25.53 47.90
CA GLN H 280 -7.18 -25.10 48.98
C GLN H 280 -7.51 -23.70 49.48
N GLU H 281 -7.72 -22.77 48.56
CA GLU H 281 -7.99 -21.39 48.94
C GLU H 281 -9.25 -21.31 49.79
N LEU H 282 -10.32 -21.98 49.34
CA LEU H 282 -11.61 -21.92 50.02
C LEU H 282 -11.56 -22.60 51.38
N VAL H 283 -10.86 -23.73 51.44
CA VAL H 283 -10.68 -24.41 52.72
C VAL H 283 -9.99 -23.48 53.72
N GLY H 284 -8.93 -22.83 53.28
CA GLY H 284 -8.20 -21.88 54.13
C GLY H 284 -9.12 -20.77 54.60
N LEU H 285 -9.94 -20.27 53.69
CA LEU H 285 -10.87 -19.21 53.99
C LEU H 285 -11.90 -19.65 55.04
N THR H 286 -12.54 -20.80 54.78
CA THR H 286 -13.57 -21.30 55.68
C THR H 286 -13.04 -21.50 57.09
N LYS H 287 -11.77 -21.87 57.20
CA LYS H 287 -11.19 -22.10 58.52
C LYS H 287 -11.06 -20.80 59.33
N GLN H 288 -11.35 -19.68 58.68
CA GLN H 288 -11.39 -18.40 59.39
C GLN H 288 -12.77 -18.21 60.03
N LEU H 289 -13.71 -19.06 59.65
CA LEU H 289 -15.03 -19.06 60.28
C LEU H 289 -14.95 -19.72 61.64
N PHE H 290 -16.03 -19.60 62.42
CA PHE H 290 -16.07 -20.19 63.76
C PHE H 290 -17.47 -20.74 64.07
N TYR H 291 -17.52 -21.89 64.71
CA TYR H 291 -18.80 -22.48 65.08
C TYR H 291 -18.73 -23.22 66.40
N SER H 292 -19.88 -23.34 67.05
CA SER H 292 -19.96 -24.07 68.30
C SER H 292 -20.77 -25.33 68.08
N SER H 293 -20.37 -26.41 68.75
CA SER H 293 -21.11 -27.65 68.72
C SER H 293 -22.26 -27.60 69.74
N THR H 294 -23.33 -28.33 69.47
CA THR H 294 -24.48 -28.34 70.35
C THR H 294 -24.77 -29.74 70.87
N HIS H 295 -24.88 -29.87 72.19
CA HIS H 295 -25.34 -31.10 72.82
C HIS H 295 -26.82 -30.99 73.15
N VAL H 296 -27.64 -31.84 72.52
CA VAL H 296 -29.05 -31.88 72.86
C VAL H 296 -29.34 -33.01 73.85
N ILE H 297 -29.85 -32.65 75.03
CA ILE H 297 -30.14 -33.62 76.08
C ILE H 297 -31.66 -33.75 76.30
N GLY H 298 -32.14 -34.98 76.33
CA GLY H 298 -33.55 -35.25 76.54
C GLY H 298 -33.79 -36.06 77.80
N VAL H 299 -34.73 -35.60 78.61
CA VAL H 299 -35.08 -36.31 79.84
C VAL H 299 -36.57 -36.62 79.91
N GLY H 300 -36.90 -37.91 79.88
CA GLY H 300 -38.27 -38.36 80.04
C GLY H 300 -38.52 -38.69 81.50
N VAL H 301 -39.52 -38.06 82.08
CA VAL H 301 -39.78 -38.23 83.50
C VAL H 301 -41.24 -38.61 83.77
N ARG H 302 -41.44 -39.49 84.75
CA ARG H 302 -42.78 -39.96 85.10
C ARG H 302 -43.52 -39.01 86.02
N GLY H 303 -44.82 -38.87 85.78
CA GLY H 303 -45.67 -38.07 86.64
C GLY H 303 -46.47 -37.05 85.85
N SER H 304 -47.52 -36.52 86.46
CA SER H 304 -48.25 -35.43 85.86
C SER H 304 -47.33 -34.23 85.79
N ARG H 305 -47.62 -33.29 84.90
CA ARG H 305 -46.80 -32.10 84.77
C ARG H 305 -46.84 -31.30 86.06
N PRO H 306 -45.71 -31.26 86.79
CA PRO H 306 -45.60 -30.55 88.07
C PRO H 306 -46.12 -29.12 87.94
N GLU H 307 -46.86 -28.66 88.95
CA GLU H 307 -47.42 -27.30 88.91
C GLU H 307 -46.28 -26.27 88.87
N ARG H 308 -45.18 -26.61 89.51
CA ARG H 308 -44.00 -25.76 89.53
C ARG H 308 -43.48 -25.50 88.11
N ILE H 309 -43.62 -26.50 87.24
CA ILE H 309 -43.23 -26.36 85.84
C ILE H 309 -44.26 -25.52 85.07
N GLY H 310 -45.54 -25.82 85.26
CA GLY H 310 -46.61 -25.09 84.63
C GLY H 310 -46.59 -25.20 83.12
N ASP H 311 -47.13 -24.18 82.45
CA ASP H 311 -47.14 -24.15 80.98
C ASP H 311 -45.94 -23.38 80.42
N LYS H 312 -44.82 -23.42 81.14
CA LYS H 312 -43.57 -22.85 80.67
C LYS H 312 -43.13 -23.53 79.37
N CYS H 313 -42.66 -22.75 78.41
CA CYS H 313 -42.20 -23.29 77.13
C CYS H 313 -40.69 -23.49 77.10
N TRP H 314 -39.94 -22.40 77.07
CA TRP H 314 -38.48 -22.49 77.20
C TRP H 314 -37.91 -21.54 78.24
N LEU H 315 -36.77 -21.93 78.81
CA LEU H 315 -36.20 -21.25 79.95
C LEU H 315 -34.70 -21.03 79.75
N TYR H 316 -34.22 -19.84 80.08
CA TYR H 316 -32.81 -19.50 79.95
C TYR H 316 -32.06 -19.60 81.27
N PHE H 317 -30.84 -20.15 81.24
CA PHE H 317 -30.08 -20.38 82.45
C PHE H 317 -28.68 -19.77 82.39
N PRO H 318 -28.57 -18.49 82.76
CA PRO H 318 -27.30 -17.74 82.75
C PRO H 318 -26.34 -18.14 83.86
N GLU H 319 -26.87 -18.64 84.97
CA GLU H 319 -26.03 -18.96 86.13
C GLU H 319 -25.19 -20.22 85.93
N ASP H 320 -24.25 -20.47 86.84
CA ASP H 320 -23.29 -21.56 86.67
C ASP H 320 -23.64 -22.82 87.45
N ASN H 321 -24.88 -22.95 87.90
CA ASN H 321 -25.31 -24.13 88.64
C ASN H 321 -25.78 -25.25 87.73
N CYS H 322 -25.70 -25.02 86.42
CA CYS H 322 -26.12 -26.01 85.44
C CYS H 322 -25.39 -25.75 84.13
N PRO H 323 -25.04 -26.83 83.40
CA PRO H 323 -24.22 -26.68 82.19
C PRO H 323 -24.99 -26.13 81.00
N PHE H 324 -26.32 -26.27 81.01
CA PHE H 324 -27.14 -25.89 79.87
C PHE H 324 -27.54 -24.42 79.90
N TYR H 325 -27.67 -23.82 78.71
CA TYR H 325 -28.06 -22.43 78.57
C TYR H 325 -29.57 -22.27 78.38
N ARG H 326 -30.23 -23.36 78.00
CA ARG H 326 -31.68 -23.35 77.77
C ARG H 326 -32.31 -24.73 77.94
N ALA H 327 -33.56 -24.73 78.38
CA ALA H 327 -34.32 -25.97 78.55
C ALA H 327 -35.72 -25.75 78.00
N THR H 328 -36.32 -26.84 77.53
CA THR H 328 -37.67 -26.77 76.97
C THR H 328 -38.56 -27.85 77.56
N ILE H 329 -39.73 -27.45 78.06
CA ILE H 329 -40.70 -28.41 78.53
C ILE H 329 -41.40 -28.97 77.28
N PHE H 330 -40.66 -29.81 76.55
CA PHE H 330 -41.09 -30.30 75.25
C PHE H 330 -42.44 -30.99 75.30
N SER H 331 -42.70 -31.66 76.42
CA SER H 331 -43.98 -32.34 76.63
C SER H 331 -45.17 -31.39 76.51
N ASN H 332 -44.89 -30.09 76.62
CA ASN H 332 -45.96 -29.09 76.57
C ASN H 332 -46.39 -28.72 75.16
N TYR H 333 -45.50 -28.94 74.19
CA TYR H 333 -45.78 -28.58 72.79
C TYR H 333 -46.81 -29.49 72.14
N SER H 334 -46.66 -30.79 72.36
CA SER H 334 -47.62 -31.76 71.85
C SER H 334 -47.74 -32.95 72.79
N PRO H 335 -48.96 -33.46 72.97
CA PRO H 335 -49.17 -34.67 73.78
C PRO H 335 -48.54 -35.91 73.13
N TYR H 336 -48.13 -35.77 71.88
CA TYR H 336 -47.56 -36.91 71.16
C TYR H 336 -46.04 -36.90 71.08
N ASN H 337 -45.40 -36.04 71.88
CA ASN H 337 -43.94 -36.02 71.95
C ASN H 337 -43.43 -37.03 72.97
N GLN H 338 -44.35 -37.64 73.69
CA GLN H 338 -44.04 -38.64 74.70
C GLN H 338 -45.17 -39.66 74.78
N PRO H 339 -44.89 -40.85 75.31
CA PRO H 339 -45.87 -41.94 75.40
C PRO H 339 -47.15 -41.53 76.12
N GLU H 340 -48.23 -42.28 75.88
CA GLU H 340 -49.49 -42.04 76.57
C GLU H 340 -49.35 -42.52 78.01
N ALA H 341 -50.29 -42.10 78.87
CA ALA H 341 -50.27 -42.49 80.27
C ALA H 341 -50.36 -44.01 80.45
N SER H 342 -51.08 -44.67 79.56
CA SER H 342 -51.30 -46.11 79.66
C SER H 342 -50.05 -46.94 79.35
N LYS H 343 -49.08 -46.34 78.66
CA LYS H 343 -47.84 -47.03 78.35
C LYS H 343 -47.03 -47.31 79.62
N LYS H 344 -46.53 -48.53 79.76
CA LYS H 344 -45.75 -48.89 80.95
C LYS H 344 -44.25 -48.85 80.68
N LEU H 345 -43.53 -48.11 81.52
CA LEU H 345 -42.08 -47.99 81.41
C LEU H 345 -41.40 -48.09 82.77
N PRO H 346 -40.25 -48.76 82.83
CA PRO H 346 -39.45 -48.87 84.05
C PRO H 346 -38.65 -47.60 84.30
N THR H 347 -38.56 -47.18 85.56
CA THR H 347 -37.73 -46.05 85.94
C THR H 347 -36.25 -46.41 85.83
N MET H 348 -35.48 -45.55 85.17
CA MET H 348 -34.06 -45.81 84.97
C MET H 348 -33.23 -45.31 86.14
N GLN H 349 -33.58 -44.12 86.62
CA GLN H 349 -32.87 -43.50 87.74
C GLN H 349 -33.72 -42.40 88.33
N LEU H 350 -33.33 -41.94 89.51
CA LEU H 350 -33.95 -40.76 90.10
C LEU H 350 -33.14 -39.54 89.70
N ALA H 351 -33.75 -38.36 89.80
CA ALA H 351 -33.06 -37.13 89.42
C ALA H 351 -31.77 -36.92 90.20
N ASP H 352 -31.72 -37.46 91.42
CA ASP H 352 -30.53 -37.32 92.24
C ASP H 352 -29.43 -38.30 91.80
N GLY H 353 -29.75 -39.10 90.80
CA GLY H 353 -28.77 -40.01 90.21
C GLY H 353 -28.73 -41.40 90.84
N SER H 354 -29.60 -41.64 91.82
CA SER H 354 -29.63 -42.90 92.53
C SER H 354 -30.52 -43.92 91.82
N ARG H 355 -30.42 -45.18 92.21
CA ARG H 355 -31.28 -46.23 91.68
C ARG H 355 -32.70 -46.06 92.20
N PRO H 356 -33.68 -46.43 91.38
CA PRO H 356 -35.10 -46.36 91.76
C PRO H 356 -35.44 -47.48 92.75
N GLN H 357 -36.41 -47.22 93.62
CA GLN H 357 -36.80 -48.22 94.60
C GLN H 357 -37.53 -49.37 93.92
N SER H 358 -37.95 -49.15 92.68
CA SER H 358 -38.68 -50.17 91.91
C SER H 358 -38.32 -50.12 90.43
N THR H 359 -37.88 -51.26 89.90
CA THR H 359 -37.51 -51.34 88.48
C THR H 359 -38.61 -52.00 87.64
N GLU H 360 -39.80 -52.07 88.20
CA GLU H 360 -40.94 -52.61 87.47
C GLU H 360 -41.52 -51.56 86.55
N ALA H 361 -42.07 -51.99 85.42
CA ALA H 361 -42.68 -51.08 84.46
C ALA H 361 -44.03 -50.58 84.97
N LYS H 362 -44.08 -49.30 85.36
CA LYS H 362 -45.30 -48.68 85.82
C LYS H 362 -45.91 -47.82 84.73
N GLU H 363 -47.11 -47.31 85.00
CA GLU H 363 -47.79 -46.44 84.05
C GLU H 363 -47.33 -44.99 84.16
N GLY H 364 -47.75 -44.17 83.22
CA GLY H 364 -47.46 -42.75 83.25
C GLY H 364 -48.40 -42.00 84.18
N PRO H 365 -48.82 -40.79 83.77
CA PRO H 365 -48.43 -40.14 82.52
C PRO H 365 -46.99 -39.63 82.56
N TYR H 366 -46.56 -38.98 81.47
CA TYR H 366 -45.18 -38.53 81.36
C TYR H 366 -45.05 -37.07 80.92
N TRP H 367 -43.93 -36.46 81.28
CA TRP H 367 -43.57 -35.16 80.73
C TRP H 367 -42.10 -35.20 80.30
N SER H 368 -41.66 -34.22 79.52
CA SER H 368 -40.34 -34.27 78.92
C SER H 368 -39.62 -32.93 78.99
N ILE H 369 -38.33 -32.98 79.33
CA ILE H 369 -37.48 -31.79 79.34
C ILE H 369 -36.37 -31.92 78.31
N MET H 370 -36.15 -30.86 77.53
CA MET H 370 -35.06 -30.87 76.56
C MET H 370 -34.03 -29.75 76.81
N LEU H 371 -32.76 -30.14 76.92
CA LEU H 371 -31.69 -29.23 77.27
C LEU H 371 -30.73 -29.01 76.10
N GLU H 372 -29.97 -27.92 76.17
CA GLU H 372 -28.92 -27.65 75.19
C GLU H 372 -27.66 -27.16 75.89
N VAL H 373 -26.53 -27.75 75.51
CA VAL H 373 -25.24 -27.34 76.04
C VAL H 373 -24.28 -27.10 74.88
N SER H 374 -23.57 -25.97 74.91
CA SER H 374 -22.70 -25.59 73.81
C SER H 374 -21.26 -26.04 74.02
N GLU H 375 -20.56 -26.28 72.92
CA GLU H 375 -19.18 -26.70 72.95
C GLU H 375 -18.37 -25.92 71.93
N SER H 376 -17.11 -25.64 72.25
CA SER H 376 -16.20 -24.99 71.32
C SER H 376 -14.76 -25.13 71.79
N SER H 377 -13.82 -24.70 70.97
CA SER H 377 -12.41 -24.73 71.35
C SER H 377 -12.17 -23.86 72.59
N MET H 378 -13.10 -22.94 72.85
CA MET H 378 -13.01 -22.07 74.02
C MET H 378 -13.83 -22.60 75.20
N LYS H 379 -14.72 -23.55 74.93
CA LYS H 379 -15.56 -24.12 75.98
C LYS H 379 -15.78 -25.62 75.76
N PRO H 380 -14.83 -26.44 76.23
CA PRO H 380 -14.93 -27.88 76.07
C PRO H 380 -16.01 -28.47 76.98
N VAL H 381 -16.50 -29.64 76.62
CA VAL H 381 -17.44 -30.37 77.46
C VAL H 381 -17.11 -31.85 77.45
N ASN H 382 -17.29 -32.50 78.60
CA ASN H 382 -17.01 -33.93 78.73
C ASN H 382 -18.25 -34.75 78.44
N GLN H 383 -18.26 -35.43 77.29
CA GLN H 383 -19.44 -36.16 76.84
C GLN H 383 -19.94 -37.23 77.80
N GLU H 384 -19.01 -37.95 78.42
CA GLU H 384 -19.38 -39.07 79.27
C GLU H 384 -19.94 -38.64 80.63
N THR H 385 -19.91 -37.34 80.93
CA THR H 385 -20.48 -36.84 82.18
C THR H 385 -21.60 -35.83 81.96
N ILE H 386 -21.66 -35.27 80.75
CA ILE H 386 -22.60 -34.18 80.47
C ILE H 386 -24.05 -34.55 80.73
N LEU H 387 -24.45 -35.79 80.45
CA LEU H 387 -25.80 -36.22 80.71
C LEU H 387 -26.11 -36.12 82.21
N ALA H 388 -25.23 -36.72 83.01
CA ALA H 388 -25.38 -36.68 84.45
C ALA H 388 -25.38 -35.24 84.95
N ASP H 389 -24.38 -34.47 84.50
CA ASP H 389 -24.28 -33.06 84.89
C ASP H 389 -25.56 -32.31 84.56
N CYS H 390 -26.12 -32.55 83.37
CA CYS H 390 -27.38 -31.92 83.00
C CYS H 390 -28.48 -32.24 83.98
N ILE H 391 -28.64 -33.52 84.29
CA ILE H 391 -29.67 -33.94 85.24
C ILE H 391 -29.47 -33.30 86.61
N GLN H 392 -28.23 -33.29 87.09
CA GLN H 392 -27.90 -32.59 88.33
C GLN H 392 -28.31 -31.12 88.26
N GLY H 393 -28.03 -30.49 87.12
CA GLY H 393 -28.40 -29.12 86.91
C GLY H 393 -29.90 -28.90 87.05
N LEU H 394 -30.67 -29.88 86.59
CA LEU H 394 -32.13 -29.82 86.68
C LEU H 394 -32.57 -29.90 88.14
N VAL H 395 -31.76 -30.54 88.97
CA VAL H 395 -32.02 -30.57 90.40
C VAL H 395 -31.70 -29.21 91.02
N ASN H 396 -30.50 -28.71 90.74
CA ASN H 396 -30.04 -27.43 91.28
C ASN H 396 -30.95 -26.25 90.90
N THR H 397 -31.58 -26.33 89.74
CA THR H 397 -32.47 -25.28 89.28
C THR H 397 -33.91 -25.59 89.68
N GLU H 398 -34.08 -26.64 90.45
CA GLU H 398 -35.41 -27.05 90.91
C GLU H 398 -36.35 -27.29 89.73
N MET H 399 -35.80 -27.84 88.66
CA MET H 399 -36.59 -28.28 87.53
C MET H 399 -37.08 -29.70 87.82
N LEU H 400 -36.28 -30.44 88.58
CA LEU H 400 -36.62 -31.78 89.01
C LEU H 400 -36.36 -31.93 90.51
N LYS H 401 -37.29 -32.58 91.21
CA LYS H 401 -37.06 -32.99 92.58
C LYS H 401 -36.12 -34.19 92.55
N PRO H 402 -35.22 -34.29 93.53
CA PRO H 402 -34.27 -35.41 93.54
C PRO H 402 -34.97 -36.77 93.49
N THR H 403 -36.27 -36.77 93.74
CA THR H 403 -37.05 -38.00 93.79
C THR H 403 -37.75 -38.31 92.47
N ASP H 404 -37.89 -37.29 91.62
CA ASP H 404 -38.52 -37.45 90.31
C ASP H 404 -37.94 -38.65 89.54
N GLU H 405 -38.83 -39.46 88.98
CA GLU H 405 -38.42 -40.69 88.33
C GLU H 405 -38.09 -40.47 86.85
N ILE H 406 -36.84 -40.71 86.48
CA ILE H 406 -36.42 -40.57 85.10
C ILE H 406 -36.63 -41.86 84.30
N VAL H 407 -37.49 -41.76 83.28
CA VAL H 407 -37.91 -42.91 82.50
C VAL H 407 -37.09 -43.12 81.22
N SER H 408 -36.54 -42.02 80.69
CA SER H 408 -35.84 -42.07 79.41
C SER H 408 -34.73 -41.02 79.37
N THR H 409 -33.64 -41.33 78.66
CA THR H 409 -32.58 -40.34 78.43
C THR H 409 -32.22 -40.25 76.96
N TYR H 410 -31.86 -39.03 76.54
CA TYR H 410 -31.43 -38.77 75.17
C TYR H 410 -30.24 -37.82 75.15
N HIS H 411 -29.18 -38.22 74.45
CA HIS H 411 -28.05 -37.33 74.26
C HIS H 411 -27.45 -37.51 72.87
N ARG H 412 -27.33 -36.40 72.14
CA ARG H 412 -26.71 -36.42 70.82
C ARG H 412 -25.92 -35.13 70.57
N ARG H 413 -24.69 -35.28 70.11
CA ARG H 413 -23.84 -34.13 69.85
C ARG H 413 -23.79 -33.78 68.36
N PHE H 414 -24.24 -32.58 68.04
CA PHE H 414 -24.17 -32.08 66.68
C PHE H 414 -22.93 -31.20 66.52
N ASP H 415 -22.01 -31.63 65.66
CA ASP H 415 -20.75 -30.92 65.49
C ASP H 415 -20.98 -29.47 65.09
N HIS H 416 -21.72 -29.28 64.01
CA HIS H 416 -22.11 -27.94 63.57
C HIS H 416 -23.47 -27.56 64.12
N GLY H 417 -23.46 -26.83 65.24
CA GLY H 417 -24.70 -26.41 65.88
C GLY H 417 -25.04 -24.95 65.65
N TYR H 418 -24.10 -24.08 65.97
CA TYR H 418 -24.29 -22.65 65.81
C TYR H 418 -23.16 -22.02 65.00
N PRO H 419 -23.53 -21.27 63.95
CA PRO H 419 -22.57 -20.41 63.23
C PRO H 419 -22.31 -19.14 64.04
N THR H 420 -21.11 -19.03 64.60
CA THR H 420 -20.79 -17.93 65.50
C THR H 420 -20.62 -16.59 64.78
N PRO H 421 -21.41 -15.59 65.17
CA PRO H 421 -21.28 -14.24 64.62
C PRO H 421 -20.02 -13.56 65.14
N THR H 422 -18.86 -14.16 64.86
CA THR H 422 -17.59 -13.60 65.32
C THR H 422 -17.25 -12.29 64.62
N LEU H 423 -16.33 -11.53 65.20
CA LEU H 423 -15.85 -10.31 64.58
C LEU H 423 -15.27 -10.59 63.19
N GLU H 424 -14.68 -11.77 63.03
CA GLU H 424 -14.01 -12.13 61.78
C GLU H 424 -14.96 -12.61 60.68
N ARG H 425 -16.16 -13.02 61.08
CA ARG H 425 -17.08 -13.71 60.17
C ARG H 425 -17.18 -13.07 58.78
N GLU H 426 -17.67 -11.83 58.73
CA GLU H 426 -17.93 -11.17 57.45
C GLU H 426 -16.68 -11.05 56.58
N GLY H 427 -15.54 -10.73 57.20
CA GLY H 427 -14.28 -10.69 56.49
C GLY H 427 -14.03 -11.95 55.68
N ALA H 428 -14.44 -13.08 56.23
CA ALA H 428 -14.29 -14.36 55.54
C ALA H 428 -15.42 -14.61 54.54
N LEU H 429 -16.66 -14.39 54.97
CA LEU H 429 -17.82 -14.64 54.10
C LEU H 429 -17.82 -13.82 52.82
N THR H 430 -17.47 -12.54 52.92
CA THR H 430 -17.44 -11.67 51.75
C THR H 430 -16.36 -12.07 50.75
N GLN H 431 -15.58 -13.08 51.12
CA GLN H 431 -14.64 -13.68 50.17
C GLN H 431 -15.18 -15.03 49.72
N ILE H 432 -15.46 -15.91 50.68
CA ILE H 432 -15.94 -17.25 50.39
C ILE H 432 -17.14 -17.28 49.44
N LEU H 433 -18.22 -16.62 49.82
CA LEU H 433 -19.46 -16.66 49.07
C LEU H 433 -19.33 -16.18 47.62
N PRO H 434 -18.76 -14.98 47.41
CA PRO H 434 -18.56 -14.50 46.04
C PRO H 434 -17.75 -15.49 45.21
N LYS H 435 -16.61 -15.92 45.75
CA LYS H 435 -15.75 -16.86 45.05
C LYS H 435 -16.50 -18.13 44.66
N LEU H 436 -17.35 -18.61 45.56
CA LEU H 436 -18.19 -19.77 45.26
C LEU H 436 -19.19 -19.48 44.14
N GLN H 437 -19.71 -18.25 44.12
CA GLN H 437 -20.72 -17.89 43.13
C GLN H 437 -20.08 -17.71 41.77
N ASP H 438 -18.81 -17.31 41.77
CA ASP H 438 -18.05 -17.19 40.53
C ASP H 438 -17.90 -18.55 39.86
N LYS H 439 -18.21 -19.61 40.60
CA LYS H 439 -18.18 -20.96 40.06
C LYS H 439 -19.59 -21.52 39.84
N ASP H 440 -20.57 -20.62 39.85
CA ASP H 440 -21.98 -21.01 39.71
C ASP H 440 -22.44 -21.93 40.86
N ILE H 441 -21.97 -21.62 42.06
CA ILE H 441 -22.27 -22.39 43.24
C ILE H 441 -22.88 -21.52 44.35
N TRP H 442 -24.18 -21.63 44.53
CA TRP H 442 -24.89 -20.92 45.59
C TRP H 442 -24.79 -21.69 46.92
N SER H 443 -23.80 -21.36 47.74
CA SER H 443 -23.68 -21.92 49.08
C SER H 443 -24.59 -21.14 50.03
N ARG H 444 -25.57 -21.84 50.61
CA ARG H 444 -26.65 -21.17 51.33
C ARG H 444 -27.17 -22.04 52.47
N GLY H 445 -27.46 -21.42 53.61
CA GLY H 445 -28.01 -22.13 54.75
C GLY H 445 -27.39 -21.70 56.07
N ARG H 446 -27.88 -22.29 57.17
CA ARG H 446 -27.34 -22.01 58.49
C ARG H 446 -25.83 -22.15 58.51
N PHE H 447 -25.32 -23.14 57.79
CA PHE H 447 -23.88 -23.31 57.63
C PHE H 447 -23.44 -23.22 56.18
N GLY H 448 -24.43 -23.16 55.28
CA GLY H 448 -24.17 -22.92 53.88
C GLY H 448 -23.69 -21.49 53.67
N SER H 449 -24.32 -20.55 54.36
CA SER H 449 -23.92 -19.15 54.31
C SER H 449 -23.50 -18.61 55.68
N TRP H 450 -23.76 -19.38 56.74
CA TRP H 450 -23.11 -19.15 58.03
C TRP H 450 -23.56 -17.88 58.75
N ARG H 451 -24.78 -17.43 58.50
CA ARG H 451 -25.26 -16.20 59.12
C ARG H 451 -26.45 -16.45 60.04
N TYR H 452 -26.16 -16.40 61.35
CA TYR H 452 -27.14 -16.72 62.38
C TYR H 452 -28.38 -15.84 62.34
N GLU H 453 -28.20 -14.55 62.07
CA GLU H 453 -29.32 -13.60 62.04
C GLU H 453 -30.42 -14.13 61.17
N VAL H 454 -30.05 -15.05 60.30
CA VAL H 454 -30.90 -15.48 59.22
C VAL H 454 -30.78 -17.00 59.14
N GLY H 455 -30.62 -17.62 60.32
CA GLY H 455 -30.40 -19.04 60.45
C GLY H 455 -31.57 -19.85 61.01
N ASN H 456 -32.75 -19.25 61.08
CA ASN H 456 -33.94 -20.00 61.50
C ASN H 456 -34.52 -20.79 60.33
N GLN H 457 -35.41 -21.72 60.63
CA GLN H 457 -35.99 -22.58 59.59
C GLN H 457 -36.62 -21.78 58.44
N ASP H 458 -37.40 -20.77 58.76
CA ASP H 458 -38.03 -19.97 57.71
C ASP H 458 -36.99 -19.18 56.91
N HIS H 459 -36.00 -18.64 57.60
CA HIS H 459 -34.88 -17.99 56.92
C HIS H 459 -34.18 -18.96 55.97
N SER H 460 -33.85 -20.14 56.49
CA SER H 460 -33.12 -21.14 55.70
C SER H 460 -33.93 -21.57 54.49
N PHE H 461 -35.17 -21.99 54.74
CA PHE H 461 -36.08 -22.37 53.68
C PHE H 461 -36.07 -21.30 52.58
N MET H 462 -36.14 -20.04 52.99
CA MET H 462 -36.19 -18.94 52.03
C MET H 462 -34.85 -18.66 51.36
N LEU H 463 -33.76 -18.86 52.09
CA LEU H 463 -32.43 -18.75 51.50
C LEU H 463 -32.35 -19.67 50.28
N GLY H 464 -32.86 -20.89 50.43
CA GLY H 464 -32.91 -21.83 49.33
C GLY H 464 -33.84 -21.35 48.23
N VAL H 465 -35.07 -21.01 48.62
CA VAL H 465 -36.08 -20.50 47.68
C VAL H 465 -35.54 -19.32 46.88
N GLU H 466 -34.92 -18.37 47.57
CA GLU H 466 -34.43 -17.16 46.92
C GLU H 466 -33.22 -17.46 46.03
N ALA H 467 -32.40 -18.43 46.42
CA ALA H 467 -31.26 -18.82 45.61
C ALA H 467 -31.74 -19.32 44.25
N VAL H 468 -32.73 -20.19 44.26
CA VAL H 468 -33.33 -20.68 43.03
C VAL H 468 -33.92 -19.49 42.26
N ASP H 469 -34.65 -18.64 42.97
CA ASP H 469 -35.33 -17.51 42.35
C ASP H 469 -34.33 -16.56 41.71
N ASN H 470 -33.14 -16.48 42.29
CA ASN H 470 -32.04 -15.71 41.71
C ASN H 470 -31.54 -16.40 40.45
N ILE H 471 -31.26 -17.70 40.58
CA ILE H 471 -30.75 -18.50 39.47
C ILE H 471 -31.68 -18.44 38.26
N VAL H 472 -32.98 -18.50 38.51
CA VAL H 472 -33.96 -18.63 37.43
C VAL H 472 -34.58 -17.31 37.00
N ASN H 473 -35.05 -16.53 37.98
CA ASN H 473 -35.81 -15.31 37.69
C ASN H 473 -35.04 -14.01 37.92
N GLY H 474 -33.77 -14.12 38.29
CA GLY H 474 -32.94 -12.95 38.52
C GLY H 474 -33.33 -12.17 39.75
N ALA H 475 -34.04 -12.81 40.68
CA ALA H 475 -34.40 -12.19 41.94
C ALA H 475 -33.18 -11.86 42.80
N VAL H 476 -33.26 -10.76 43.54
CA VAL H 476 -32.18 -10.42 44.47
C VAL H 476 -32.30 -11.25 45.74
N GLU H 477 -31.16 -11.77 46.20
CA GLU H 477 -31.16 -12.62 47.37
C GLU H 477 -31.19 -11.76 48.64
N LEU H 478 -32.40 -11.31 48.98
CA LEU H 478 -32.60 -10.37 50.06
C LEU H 478 -32.22 -10.94 51.43
N THR H 479 -32.72 -12.13 51.73
CA THR H 479 -32.47 -12.78 53.01
C THR H 479 -30.98 -12.97 53.28
N LEU H 480 -30.22 -13.29 52.24
CA LEU H 480 -28.79 -13.57 52.40
C LEU H 480 -27.97 -12.32 52.71
N ASN H 481 -28.31 -11.22 52.04
CA ASN H 481 -27.50 -9.99 52.14
C ASN H 481 -28.11 -8.88 52.98
N TYR H 482 -29.39 -8.98 53.32
CA TYR H 482 -30.07 -7.90 54.03
C TYR H 482 -31.01 -8.42 55.11
N PRO H 483 -30.46 -9.13 56.10
CA PRO H 483 -31.25 -9.73 57.18
C PRO H 483 -32.22 -8.73 57.82
N ASP H 484 -31.75 -7.51 58.09
CA ASP H 484 -32.61 -6.53 58.73
C ASP H 484 -33.81 -6.19 57.84
N PHE H 485 -33.61 -6.26 56.54
CA PHE H 485 -34.66 -5.93 55.58
C PHE H 485 -35.81 -6.93 55.64
N VAL H 486 -35.48 -8.20 55.44
CA VAL H 486 -36.49 -9.25 55.46
C VAL H 486 -37.10 -9.38 56.85
N ASN H 487 -36.28 -9.22 57.89
CA ASN H 487 -36.76 -9.37 59.25
C ASN H 487 -37.70 -8.25 59.69
N GLY H 488 -37.49 -7.06 59.16
CA GLY H 488 -38.27 -5.89 59.56
C GLY H 488 -39.53 -5.66 58.76
N ARG H 489 -39.89 -6.61 57.90
CA ARG H 489 -41.04 -6.43 57.02
C ARG H 489 -41.90 -7.67 56.92
N GLN H 490 -43.12 -7.49 56.41
CA GLN H 490 -43.97 -8.63 56.09
C GLN H 490 -43.75 -9.02 54.63
N ASN H 491 -43.08 -10.14 54.41
CA ASN H 491 -42.80 -10.62 53.07
C ASN H 491 -43.99 -11.41 52.53
N THR H 492 -44.84 -10.72 51.76
CA THR H 492 -46.08 -11.30 51.29
C THR H 492 -46.09 -11.57 49.79
N GLU H 493 -45.08 -11.10 49.07
CA GLU H 493 -45.12 -11.10 47.61
C GLU H 493 -44.93 -12.46 46.96
N ARG H 494 -43.95 -13.23 47.42
CA ARG H 494 -43.69 -14.54 46.83
C ARG H 494 -44.63 -15.59 47.43
N ARG H 495 -45.32 -16.33 46.58
CA ARG H 495 -46.28 -17.33 47.05
C ARG H 495 -46.02 -18.67 46.41
N LEU H 496 -46.58 -19.74 46.99
CA LEU H 496 -46.46 -21.06 46.40
C LEU H 496 -47.19 -21.09 45.06
N VAL H 497 -48.12 -20.15 44.89
CA VAL H 497 -48.78 -19.94 43.61
C VAL H 497 -48.66 -18.48 43.16
N ASP H 498 -47.70 -18.23 42.28
CA ASP H 498 -47.51 -16.89 41.70
C ASP H 498 -48.30 -16.77 40.40
N GLY H 499 -48.48 -15.55 39.94
CA GLY H 499 -49.17 -15.30 38.68
C GLY H 499 -48.71 -16.21 37.55
N ALA H 500 -47.41 -16.48 37.51
CA ALA H 500 -46.83 -17.38 36.51
C ALA H 500 -47.64 -18.66 36.33
N GLN H 501 -47.79 -19.41 37.43
CA GLN H 501 -48.52 -20.68 37.37
C GLN H 501 -49.99 -20.46 37.06
N VAL H 502 -50.56 -19.37 37.58
CA VAL H 502 -51.96 -19.05 37.34
C VAL H 502 -52.25 -18.84 35.86
N PHE H 503 -51.42 -18.03 35.21
CA PHE H 503 -51.58 -17.72 33.78
C PHE H 503 -51.35 -18.95 32.91
N ALA H 504 -50.47 -19.84 33.37
CA ALA H 504 -50.17 -21.07 32.64
C ALA H 504 -51.31 -22.06 32.72
N LYS H 505 -51.97 -22.09 33.87
CA LYS H 505 -53.11 -22.98 34.11
C LYS H 505 -54.29 -22.56 33.25
N SER H 506 -54.52 -21.25 33.17
CA SER H 506 -55.63 -20.72 32.40
C SER H 506 -55.40 -20.87 30.90
N LYS H 507 -54.15 -20.87 30.49
CA LYS H 507 -53.81 -21.05 29.07
C LYS H 507 -53.98 -22.51 28.65
N ALA H 508 -53.81 -23.41 29.62
CA ALA H 508 -53.95 -24.85 29.37
C ALA H 508 -55.43 -25.26 29.41
N GLN H 509 -56.25 -24.44 30.06
CA GLN H 509 -57.68 -24.69 30.15
C GLN H 509 -58.40 -24.36 28.85
N LEU H 510 -57.81 -23.48 28.06
CA LEU H 510 -58.42 -23.03 26.80
C LEU H 510 -58.39 -24.12 25.71
#